data_8HER
#
_entry.id   8HER
#
loop_
_entity.id
_entity.type
_entity.pdbx_description
1 polymer 'Anti-sigma factor'
2 polymer 'Anti-sigma factor'
#
loop_
_entity_poly.entity_id
_entity_poly.type
_entity_poly.pdbx_seq_one_letter_code
_entity_poly.pdbx_strand_id
1 'polypeptide(L)' MYAYVGIDIN A
2 'polypeptide(L)'
;PSIELWINYNNKIAEAKALNGDAETVLEGLELKEKTVAEAVNEIVQKSMELGFISREKENIILISTACDLKAGEGSENKD
VQNKIGQLFDDVNKAVSDLKNSGITTRILNLTLEERESSKEENISMGRYAVYLKAKEQNVNLTIDEIKDADLLELIAKLE
HHHHHH
;
B
#
# COMPACT_ATOMS: atom_id res chain seq x y z
N MET A 1 -0.07 -15.65 -1.85
CA MET A 1 0.02 -16.55 -3.01
C MET A 1 0.61 -15.84 -4.24
N TYR A 2 0.41 -14.52 -4.34
CA TYR A 2 0.88 -13.75 -5.47
C TYR A 2 1.29 -12.36 -4.99
N ALA A 3 0.31 -11.49 -4.69
CA ALA A 3 0.61 -10.17 -4.18
C ALA A 3 -0.53 -9.65 -3.34
N TYR A 4 -0.18 -8.79 -2.42
CA TYR A 4 -1.08 -8.14 -1.50
C TYR A 4 -0.64 -6.68 -1.43
N VAL A 5 -1.52 -5.78 -1.77
CA VAL A 5 -1.20 -4.38 -1.79
C VAL A 5 -1.91 -3.65 -0.65
N GLY A 6 -1.14 -3.00 0.17
CA GLY A 6 -1.65 -2.27 1.27
C GLY A 6 -1.67 -0.82 0.96
N ILE A 7 -2.84 -0.25 1.01
CA ILE A 7 -3.03 1.14 0.73
C ILE A 7 -3.35 1.83 2.02
N ASP A 8 -2.45 2.69 2.43
CA ASP A 8 -2.68 3.50 3.56
C ASP A 8 -2.73 4.93 3.16
N ILE A 9 -3.76 5.54 3.60
CA ILE A 9 -4.01 6.94 3.44
C ILE A 9 -4.39 7.40 4.82
N ASN A 10 -3.68 8.40 5.37
CA ASN A 10 -3.97 8.98 6.71
C ASN A 10 -3.81 7.93 7.84
N PRO B 1 -7.96 5.72 5.56
CA PRO B 1 -8.30 4.50 4.86
C PRO B 1 -7.13 3.51 4.84
N SER B 2 -7.40 2.29 5.31
CA SER B 2 -6.46 1.19 5.30
C SER B 2 -7.11 0.02 4.55
N ILE B 3 -6.53 -0.39 3.41
CA ILE B 3 -7.12 -1.45 2.56
C ILE B 3 -6.01 -2.42 2.14
N GLU B 4 -6.38 -3.67 1.97
CA GLU B 4 -5.51 -4.68 1.43
C GLU B 4 -6.18 -5.25 0.17
N LEU B 5 -5.52 -5.08 -0.94
CA LEU B 5 -5.95 -5.58 -2.22
C LEU B 5 -5.20 -6.85 -2.52
N TRP B 6 -5.91 -7.93 -2.58
CA TRP B 6 -5.33 -9.22 -2.92
C TRP B 6 -5.23 -9.29 -4.41
N ILE B 7 -4.09 -9.62 -4.91
CA ILE B 7 -3.92 -9.71 -6.33
C ILE B 7 -3.72 -11.17 -6.66
N ASN B 8 -4.50 -11.68 -7.60
CA ASN B 8 -4.44 -13.08 -8.01
C ASN B 8 -3.54 -13.26 -9.23
N TYR B 9 -3.47 -14.49 -9.75
CA TYR B 9 -2.55 -14.86 -10.82
C TYR B 9 -2.94 -14.32 -12.20
N ASN B 10 -4.12 -13.73 -12.31
CA ASN B 10 -4.56 -13.14 -13.59
C ASN B 10 -4.18 -11.65 -13.63
N ASN B 11 -3.48 -11.20 -12.56
CA ASN B 11 -3.02 -9.80 -12.36
C ASN B 11 -4.26 -8.92 -12.18
N LYS B 12 -5.20 -9.46 -11.45
CA LYS B 12 -6.46 -8.82 -11.13
C LYS B 12 -6.61 -8.88 -9.63
N ILE B 13 -7.49 -8.10 -9.10
CA ILE B 13 -7.72 -8.08 -7.67
C ILE B 13 -8.71 -9.20 -7.28
N ALA B 14 -8.29 -10.04 -6.38
CA ALA B 14 -9.09 -11.16 -5.96
C ALA B 14 -10.17 -10.70 -5.02
N GLU B 15 -9.79 -9.97 -3.99
CA GLU B 15 -10.69 -9.43 -3.03
C GLU B 15 -10.09 -8.20 -2.39
N ALA B 16 -10.94 -7.29 -2.00
CA ALA B 16 -10.54 -6.08 -1.36
C ALA B 16 -11.03 -6.14 0.07
N LYS B 17 -10.15 -5.95 1.00
CA LYS B 17 -10.52 -5.99 2.37
C LYS B 17 -10.02 -4.78 3.12
N ALA B 18 -10.92 -4.07 3.73
CA ALA B 18 -10.61 -2.90 4.50
C ALA B 18 -10.25 -3.27 5.92
N LEU B 19 -9.33 -2.52 6.46
CA LEU B 19 -8.89 -2.70 7.80
C LEU B 19 -9.34 -1.55 8.67
N ASN B 20 -9.95 -0.57 8.05
CA ASN B 20 -10.43 0.59 8.77
C ASN B 20 -11.84 0.86 8.28
N GLY B 21 -12.70 1.34 9.19
CA GLY B 21 -14.11 1.60 8.90
C GLY B 21 -14.35 2.67 7.85
N ASP B 22 -13.43 3.64 7.76
CA ASP B 22 -13.52 4.71 6.78
C ASP B 22 -13.25 4.18 5.36
N ALA B 23 -12.41 3.16 5.29
CA ALA B 23 -12.04 2.49 4.07
C ALA B 23 -13.17 1.62 3.55
N GLU B 24 -14.01 1.13 4.46
CA GLU B 24 -15.22 0.36 4.13
C GLU B 24 -16.16 1.24 3.31
N THR B 25 -16.30 2.50 3.77
CA THR B 25 -17.13 3.51 3.11
C THR B 25 -16.50 3.97 1.75
N VAL B 26 -15.21 3.73 1.60
CA VAL B 26 -14.54 3.97 0.32
C VAL B 26 -14.85 2.82 -0.66
N LEU B 27 -14.65 1.58 -0.21
CA LEU B 27 -14.81 0.35 -1.05
C LEU B 27 -16.23 0.16 -1.59
N GLU B 28 -17.22 0.51 -0.78
CA GLU B 28 -18.63 0.38 -1.13
C GLU B 28 -18.99 1.15 -2.43
N GLY B 29 -19.39 0.39 -3.43
CA GLY B 29 -19.81 0.97 -4.69
C GLY B 29 -18.76 0.86 -5.77
N LEU B 30 -17.55 0.46 -5.40
CA LEU B 30 -16.47 0.34 -6.35
C LEU B 30 -16.26 -1.09 -6.78
N GLU B 31 -16.15 -1.30 -8.07
CA GLU B 31 -15.75 -2.58 -8.60
C GLU B 31 -14.22 -2.51 -8.66
N LEU B 32 -13.59 -3.41 -7.98
CA LEU B 32 -12.14 -3.41 -7.92
C LEU B 32 -11.56 -4.74 -8.36
N LYS B 33 -12.38 -5.75 -8.56
CA LYS B 33 -11.88 -7.10 -8.80
C LYS B 33 -11.25 -7.31 -10.16
N GLU B 34 -11.77 -6.70 -11.18
CA GLU B 34 -11.13 -6.85 -12.48
C GLU B 34 -10.33 -5.62 -12.86
N LYS B 35 -9.85 -4.97 -11.83
CA LYS B 35 -9.00 -3.84 -11.95
C LYS B 35 -7.56 -4.28 -11.64
N THR B 36 -6.64 -3.42 -11.95
CA THR B 36 -5.26 -3.59 -11.59
C THR B 36 -4.99 -2.77 -10.32
N VAL B 37 -3.74 -2.75 -9.86
CA VAL B 37 -3.38 -2.03 -8.63
C VAL B 37 -3.59 -0.53 -8.80
N ALA B 38 -3.14 0.02 -9.94
CA ALA B 38 -3.25 1.46 -10.23
C ALA B 38 -4.66 1.92 -10.28
N GLU B 39 -5.51 1.06 -10.85
CA GLU B 39 -6.91 1.29 -10.89
C GLU B 39 -7.46 1.39 -9.48
N ALA B 40 -7.17 0.39 -8.63
CA ALA B 40 -7.62 0.38 -7.23
C ALA B 40 -7.14 1.59 -6.45
N VAL B 41 -5.87 1.95 -6.62
CA VAL B 41 -5.27 3.14 -5.97
C VAL B 41 -6.05 4.38 -6.37
N ASN B 42 -6.34 4.51 -7.67
CA ASN B 42 -7.05 5.66 -8.19
C ASN B 42 -8.48 5.71 -7.64
N GLU B 43 -9.18 4.57 -7.66
CA GLU B 43 -10.58 4.46 -7.16
C GLU B 43 -10.66 4.83 -5.68
N ILE B 44 -9.78 4.22 -4.88
CA ILE B 44 -9.71 4.43 -3.45
C ILE B 44 -9.32 5.87 -3.10
N VAL B 45 -8.24 6.40 -3.69
CA VAL B 45 -7.79 7.77 -3.42
C VAL B 45 -8.84 8.80 -3.86
N GLN B 46 -9.47 8.59 -5.01
CA GLN B 46 -10.48 9.50 -5.50
C GLN B 46 -11.75 9.47 -4.67
N LYS B 47 -12.20 8.31 -4.22
CA LYS B 47 -13.34 8.25 -3.32
C LYS B 47 -13.02 8.82 -1.95
N SER B 48 -11.83 8.55 -1.43
CA SER B 48 -11.40 9.11 -0.16
C SER B 48 -11.34 10.65 -0.25
N MET B 49 -11.05 11.15 -1.44
CA MET B 49 -10.94 12.56 -1.72
C MET B 49 -12.32 13.21 -1.64
N GLU B 50 -13.30 12.56 -2.27
CA GLU B 50 -14.68 13.03 -2.30
C GLU B 50 -15.28 13.04 -0.90
N LEU B 51 -15.06 11.95 -0.19
CA LEU B 51 -15.62 11.71 1.13
C LEU B 51 -14.94 12.51 2.24
N GLY B 52 -13.72 12.97 2.01
CA GLY B 52 -13.03 13.81 2.99
C GLY B 52 -12.06 13.05 3.86
N PHE B 53 -11.59 11.93 3.38
CA PHE B 53 -10.63 11.10 4.09
C PHE B 53 -9.20 11.45 3.63
N ILE B 54 -9.13 12.20 2.53
CA ILE B 54 -7.90 12.77 2.05
C ILE B 54 -8.24 14.12 1.41
N SER B 55 -7.39 15.09 1.61
CA SER B 55 -7.57 16.41 1.09
C SER B 55 -6.80 16.61 -0.21
N ARG B 56 -7.41 17.31 -1.14
CA ARG B 56 -6.82 17.60 -2.44
C ARG B 56 -6.06 18.90 -2.36
N GLU B 57 -6.57 19.81 -1.55
CA GLU B 57 -6.01 21.14 -1.36
C GLU B 57 -4.96 21.18 -0.26
N LYS B 58 -4.93 20.15 0.56
CA LYS B 58 -4.00 20.07 1.67
C LYS B 58 -3.00 18.98 1.38
N GLU B 59 -1.88 19.11 1.98
CA GLU B 59 -0.74 18.25 1.77
C GLU B 59 -0.89 16.92 2.50
N ASN B 60 -0.87 15.86 1.74
CA ASN B 60 -1.08 14.53 2.26
C ASN B 60 0.00 13.58 1.84
N ILE B 61 -0.08 12.38 2.33
CA ILE B 61 0.83 11.34 2.05
C ILE B 61 -0.01 10.05 1.82
N ILE B 62 0.39 9.29 0.84
CA ILE B 62 -0.24 8.03 0.47
C ILE B 62 0.88 7.02 0.36
N LEU B 63 0.73 5.87 0.96
CA LEU B 63 1.73 4.86 0.84
C LEU B 63 1.16 3.61 0.25
N ILE B 64 1.78 3.20 -0.83
CA ILE B 64 1.44 2.00 -1.51
C ILE B 64 2.52 0.98 -1.19
N SER B 65 2.17 0.02 -0.41
CA SER B 65 3.10 -1.02 -0.07
C SER B 65 2.63 -2.31 -0.69
N THR B 66 3.50 -2.95 -1.39
CA THR B 66 3.15 -4.17 -2.04
C THR B 66 4.00 -5.31 -1.48
N ALA B 67 3.35 -6.38 -1.11
CA ALA B 67 3.98 -7.54 -0.55
C ALA B 67 3.69 -8.65 -1.49
N CYS B 68 4.68 -9.39 -1.85
CA CYS B 68 4.50 -10.42 -2.81
C CYS B 68 5.26 -11.67 -2.46
N ASP B 69 4.57 -12.77 -2.48
CA ASP B 69 5.17 -14.06 -2.31
C ASP B 69 5.07 -14.82 -3.59
N LEU B 70 6.17 -15.18 -4.12
CA LEU B 70 6.19 -15.91 -5.34
C LEU B 70 6.59 -17.31 -5.08
N LYS B 71 5.59 -18.13 -4.87
CA LYS B 71 5.78 -19.53 -4.55
C LYS B 71 5.13 -20.39 -5.63
N ALA B 72 4.98 -19.79 -6.80
CA ALA B 72 4.38 -20.42 -7.95
C ALA B 72 5.06 -19.90 -9.19
N GLY B 73 4.91 -20.63 -10.27
CA GLY B 73 5.49 -20.26 -11.52
C GLY B 73 4.58 -20.58 -12.67
N GLU B 74 4.23 -21.87 -12.75
CA GLU B 74 3.35 -22.43 -13.79
C GLU B 74 3.97 -22.35 -15.19
N GLY B 75 3.22 -22.82 -16.17
CA GLY B 75 3.70 -22.85 -17.54
C GLY B 75 4.81 -23.86 -17.70
N SER B 76 6.01 -23.36 -17.79
CA SER B 76 7.21 -24.16 -17.85
C SER B 76 8.35 -23.53 -17.00
N GLU B 77 8.09 -22.31 -16.46
CA GLU B 77 9.11 -21.54 -15.76
C GLU B 77 8.45 -20.44 -14.92
N ASN B 78 9.10 -20.06 -13.80
CA ASN B 78 8.58 -19.05 -12.82
C ASN B 78 8.65 -17.63 -13.34
N LYS B 79 9.27 -17.45 -14.49
CA LYS B 79 9.42 -16.14 -15.12
C LYS B 79 8.10 -15.66 -15.68
N ASP B 80 7.19 -16.59 -15.89
CA ASP B 80 5.81 -16.33 -16.31
C ASP B 80 5.13 -15.43 -15.27
N VAL B 81 5.30 -15.79 -13.99
CA VAL B 81 4.75 -15.01 -12.88
C VAL B 81 5.59 -13.74 -12.69
N GLN B 82 6.91 -13.84 -12.88
CA GLN B 82 7.80 -12.68 -12.75
C GLN B 82 7.48 -11.57 -13.75
N ASN B 83 7.07 -11.94 -14.97
CA ASN B 83 6.62 -10.97 -15.97
C ASN B 83 5.35 -10.30 -15.53
N LYS B 84 4.45 -11.07 -14.92
CA LYS B 84 3.21 -10.55 -14.33
C LYS B 84 3.50 -9.58 -13.19
N ILE B 85 4.52 -9.90 -12.39
CA ILE B 85 4.97 -9.07 -11.26
C ILE B 85 5.67 -7.80 -11.78
N GLY B 86 6.30 -7.90 -12.94
CA GLY B 86 6.91 -6.75 -13.58
C GLY B 86 5.85 -5.79 -14.04
N GLN B 87 4.79 -6.34 -14.62
CA GLN B 87 3.62 -5.57 -15.09
C GLN B 87 2.84 -5.02 -13.91
N LEU B 88 2.86 -5.76 -12.80
CA LEU B 88 2.20 -5.39 -11.55
C LEU B 88 2.82 -4.11 -11.01
N PHE B 89 4.14 -4.12 -10.82
CA PHE B 89 4.86 -2.97 -10.31
C PHE B 89 4.93 -1.82 -11.31
N ASP B 90 4.87 -2.16 -12.60
CA ASP B 90 4.77 -1.17 -13.69
C ASP B 90 3.53 -0.32 -13.48
N ASP B 91 2.44 -1.02 -13.26
CA ASP B 91 1.13 -0.46 -13.02
C ASP B 91 1.10 0.35 -11.68
N VAL B 92 1.71 -0.23 -10.61
CA VAL B 92 1.82 0.43 -9.26
C VAL B 92 2.48 1.82 -9.36
N ASN B 93 3.65 1.89 -10.04
CA ASN B 93 4.42 3.15 -10.16
C ASN B 93 3.70 4.21 -11.01
N LYS B 94 2.92 3.76 -11.99
CA LYS B 94 2.11 4.66 -12.83
C LYS B 94 1.02 5.36 -12.01
N ALA B 95 0.47 4.63 -11.02
CA ALA B 95 -0.55 5.18 -10.12
C ALA B 95 0.04 6.24 -9.24
N VAL B 96 1.27 6.02 -8.82
CA VAL B 96 1.99 6.95 -7.98
C VAL B 96 2.14 8.29 -8.69
N SER B 97 2.57 8.24 -9.94
CA SER B 97 2.73 9.42 -10.79
C SER B 97 1.39 10.15 -11.04
N ASP B 98 0.30 9.39 -11.13
CA ASP B 98 -1.02 9.92 -11.43
C ASP B 98 -1.65 10.61 -10.20
N LEU B 99 -1.64 9.93 -9.06
CA LEU B 99 -2.28 10.41 -7.84
C LEU B 99 -1.48 11.46 -7.07
N LYS B 100 -0.16 11.48 -7.22
CA LYS B 100 0.66 12.42 -6.48
C LYS B 100 0.72 13.80 -7.15
N ASN B 101 0.32 13.81 -8.41
CA ASN B 101 0.36 14.96 -9.33
C ASN B 101 -0.44 16.20 -8.80
N SER B 102 -1.37 15.98 -7.89
CA SER B 102 -2.22 17.03 -7.33
C SER B 102 -1.49 17.80 -6.19
N GLY B 103 -0.28 17.38 -5.86
CA GLY B 103 0.48 18.01 -4.81
C GLY B 103 0.46 17.19 -3.55
N ILE B 104 0.28 15.91 -3.72
CA ILE B 104 0.19 14.98 -2.63
C ILE B 104 1.38 14.07 -2.75
N THR B 105 1.97 13.68 -1.67
CA THR B 105 3.11 12.81 -1.75
C THR B 105 2.62 11.35 -1.77
N THR B 106 3.02 10.61 -2.76
CA THR B 106 2.70 9.18 -2.85
C THR B 106 4.03 8.42 -2.98
N ARG B 107 4.20 7.37 -2.19
CA ARG B 107 5.45 6.65 -2.16
C ARG B 107 5.19 5.13 -2.28
N ILE B 108 6.21 4.36 -2.66
CA ILE B 108 6.09 2.91 -2.86
C ILE B 108 7.04 2.23 -1.89
N LEU B 109 6.56 1.22 -1.22
CA LEU B 109 7.38 0.37 -0.39
C LEU B 109 7.14 -1.06 -0.79
N ASN B 110 8.14 -1.89 -0.58
CA ASN B 110 8.05 -3.29 -0.95
C ASN B 110 8.24 -4.14 0.26
N LEU B 111 7.41 -5.11 0.39
CA LEU B 111 7.41 -6.02 1.51
C LEU B 111 7.33 -7.45 1.01
N THR B 112 7.63 -8.35 1.87
CA THR B 112 7.45 -9.75 1.64
C THR B 112 6.17 -10.20 2.34
N LEU B 113 5.72 -11.42 2.08
CA LEU B 113 4.50 -11.96 2.68
C LEU B 113 4.63 -12.13 4.19
N GLU B 114 5.84 -12.42 4.65
CA GLU B 114 6.11 -12.58 6.08
C GLU B 114 5.85 -11.27 6.86
N GLU B 115 6.05 -10.13 6.17
CA GLU B 115 5.79 -8.81 6.70
C GLU B 115 4.28 -8.54 6.72
N ARG B 116 3.60 -9.04 5.69
CA ARG B 116 2.15 -8.94 5.55
C ARG B 116 1.47 -9.68 6.73
N GLU B 117 2.00 -10.86 7.05
CA GLU B 117 1.50 -11.69 8.14
C GLU B 117 1.67 -10.98 9.52
N SER B 118 2.80 -10.27 9.69
CA SER B 118 3.06 -9.51 10.92
C SER B 118 2.04 -8.35 11.08
N SER B 119 1.68 -7.71 9.96
CA SER B 119 0.72 -6.63 10.01
C SER B 119 -0.71 -7.14 10.27
N LYS B 120 -0.99 -8.39 9.89
CA LYS B 120 -2.32 -8.99 10.06
C LYS B 120 -2.63 -9.29 11.49
N GLU B 121 -1.64 -9.80 12.22
CA GLU B 121 -1.82 -10.12 13.64
C GLU B 121 -1.92 -8.86 14.51
N GLU B 122 -1.33 -7.77 14.03
CA GLU B 122 -1.46 -6.46 14.70
C GLU B 122 -2.67 -5.69 14.16
N ASN B 123 -3.38 -6.30 13.21
CA ASN B 123 -4.57 -5.76 12.47
C ASN B 123 -4.35 -4.38 11.83
N ILE B 124 -3.13 -4.15 11.40
CA ILE B 124 -2.76 -2.92 10.77
C ILE B 124 -2.45 -3.17 9.31
N SER B 125 -2.47 -2.15 8.54
CA SER B 125 -2.27 -2.28 7.14
C SER B 125 -0.77 -2.21 6.80
N MET B 126 -0.45 -2.69 5.62
CA MET B 126 0.92 -2.84 5.17
C MET B 126 1.62 -1.56 4.86
N GLY B 127 0.87 -0.48 4.63
CA GLY B 127 1.48 0.81 4.35
C GLY B 127 2.17 1.34 5.57
N ARG B 128 1.43 1.45 6.66
CA ARG B 128 2.00 1.91 7.91
C ARG B 128 3.08 0.94 8.46
N TYR B 129 2.88 -0.36 8.23
CA TYR B 129 3.86 -1.37 8.57
C TYR B 129 5.16 -1.24 7.70
N ALA B 130 5.04 -0.68 6.52
CA ALA B 130 6.19 -0.52 5.64
C ALA B 130 7.06 0.66 6.05
N VAL B 131 6.49 1.58 6.81
CA VAL B 131 7.29 2.66 7.38
C VAL B 131 8.11 2.08 8.56
N TYR B 132 7.51 1.09 9.23
CA TYR B 132 8.14 0.31 10.30
C TYR B 132 9.35 -0.45 9.74
N LEU B 133 9.23 -0.89 8.49
CA LEU B 133 10.28 -1.58 7.76
C LEU B 133 11.47 -0.63 7.57
N LYS B 134 11.19 0.61 7.17
CA LYS B 134 12.23 1.61 6.93
C LYS B 134 12.93 2.00 8.21
N ALA B 135 12.19 1.99 9.33
CA ALA B 135 12.75 2.23 10.65
C ALA B 135 13.80 1.18 10.99
N LYS B 136 13.58 -0.04 10.56
CA LYS B 136 14.49 -1.13 10.82
C LYS B 136 15.71 -1.06 9.90
N GLU B 137 15.51 -0.56 8.69
CA GLU B 137 16.59 -0.39 7.72
C GLU B 137 17.55 0.73 8.15
N GLN B 138 16.98 1.86 8.58
CA GLN B 138 17.75 3.02 9.02
C GLN B 138 18.20 2.91 10.48
N ASN B 139 17.75 1.81 11.13
CA ASN B 139 18.09 1.43 12.53
C ASN B 139 17.59 2.51 13.52
N VAL B 140 16.33 2.85 13.39
CA VAL B 140 15.64 3.80 14.24
C VAL B 140 14.67 2.98 15.06
N ASN B 141 14.52 3.29 16.31
CA ASN B 141 13.66 2.48 17.15
C ASN B 141 12.23 2.96 17.16
N LEU B 142 11.45 2.39 16.28
CA LEU B 142 10.03 2.58 16.27
C LEU B 142 9.38 1.29 16.65
N THR B 143 8.42 1.38 17.48
CA THR B 143 7.72 0.23 17.95
C THR B 143 6.45 0.01 17.14
N ILE B 144 5.86 -1.17 17.26
CA ILE B 144 4.58 -1.50 16.64
C ILE B 144 3.45 -0.62 17.22
N ASP B 145 3.61 -0.27 18.51
CA ASP B 145 2.73 0.65 19.24
C ASP B 145 2.69 2.04 18.57
N GLU B 146 3.88 2.49 18.13
CA GLU B 146 4.06 3.79 17.45
C GLU B 146 3.28 3.75 16.13
N ILE B 147 3.61 2.76 15.32
CA ILE B 147 3.07 2.53 13.97
C ILE B 147 1.53 2.44 13.91
N LYS B 148 0.92 1.79 14.90
CA LYS B 148 -0.51 1.59 14.87
C LYS B 148 -1.30 2.80 15.40
N ASP B 149 -0.67 3.60 16.24
CA ASP B 149 -1.37 4.72 16.86
C ASP B 149 -1.16 6.03 16.10
N ALA B 150 -0.05 6.10 15.37
CA ALA B 150 0.33 7.29 14.65
C ALA B 150 -0.35 7.44 13.30
N ASP B 151 -0.25 8.64 12.78
CA ASP B 151 -0.79 9.01 11.48
C ASP B 151 0.28 8.68 10.44
N LEU B 152 -0.11 8.30 9.23
CA LEU B 152 0.84 7.97 8.17
C LEU B 152 1.66 9.22 7.77
N LEU B 153 1.04 10.42 7.96
CA LEU B 153 1.71 11.71 7.70
C LEU B 153 2.94 11.83 8.58
N GLU B 154 2.78 11.48 9.86
CA GLU B 154 3.86 11.54 10.85
C GLU B 154 4.92 10.49 10.54
N LEU B 155 4.44 9.28 10.22
CA LEU B 155 5.27 8.12 9.96
C LEU B 155 6.26 8.33 8.80
N ILE B 156 5.74 8.66 7.61
CA ILE B 156 6.62 8.90 6.46
C ILE B 156 7.52 10.13 6.67
N ALA B 157 6.95 11.21 7.22
CA ALA B 157 7.72 12.43 7.54
C ALA B 157 8.94 12.15 8.42
N LYS B 158 8.76 11.45 9.54
CA LYS B 158 9.87 11.20 10.48
C LYS B 158 10.98 10.32 9.88
N LEU B 159 10.61 9.37 9.02
CA LEU B 159 11.57 8.46 8.39
C LEU B 159 12.33 9.10 7.26
N GLU B 160 11.64 9.86 6.42
CA GLU B 160 12.28 10.49 5.29
C GLU B 160 13.10 11.71 5.73
N HIS B 161 12.70 12.32 6.84
CA HIS B 161 13.47 13.43 7.41
C HIS B 161 14.69 12.92 8.15
N HIS B 162 14.63 11.66 8.64
CA HIS B 162 15.76 10.99 9.32
C HIS B 162 16.90 10.79 8.33
N HIS B 163 16.53 10.44 7.12
CA HIS B 163 17.48 10.18 6.04
C HIS B 163 17.97 11.51 5.40
N HIS B 164 17.36 12.61 5.81
CA HIS B 164 17.72 13.92 5.28
C HIS B 164 18.65 14.66 6.26
N HIS B 165 18.31 14.67 7.54
CA HIS B 165 19.15 15.39 8.49
C HIS B 165 20.20 14.48 9.04
N HIS B 166 21.35 15.02 9.23
CA HIS B 166 22.39 14.32 9.89
C HIS B 166 22.48 14.93 11.27
N MET A 1 -1.41 -16.29 -2.85
CA MET A 1 -0.08 -16.57 -3.36
C MET A 1 0.12 -15.91 -4.71
N TYR A 2 0.75 -14.74 -4.66
CA TYR A 2 1.13 -13.87 -5.79
C TYR A 2 1.55 -12.52 -5.22
N ALA A 3 0.55 -11.69 -4.82
CA ALA A 3 0.80 -10.37 -4.27
C ALA A 3 -0.40 -9.84 -3.53
N TYR A 4 -0.14 -8.98 -2.57
CA TYR A 4 -1.13 -8.31 -1.78
C TYR A 4 -0.68 -6.86 -1.65
N VAL A 5 -1.52 -5.94 -2.02
CA VAL A 5 -1.16 -4.53 -2.01
C VAL A 5 -1.86 -3.81 -0.84
N GLY A 6 -1.07 -3.18 -0.01
CA GLY A 6 -1.57 -2.46 1.13
C GLY A 6 -1.53 -0.99 0.88
N ILE A 7 -2.67 -0.38 0.96
CA ILE A 7 -2.82 1.04 0.72
C ILE A 7 -3.15 1.73 2.01
N ASP A 8 -2.29 2.60 2.42
CA ASP A 8 -2.56 3.46 3.52
C ASP A 8 -2.59 4.87 3.00
N ILE A 9 -3.55 5.62 3.44
CA ILE A 9 -3.72 7.02 3.02
C ILE A 9 -3.89 7.90 4.25
N ASN A 10 -3.10 9.01 4.30
CA ASN A 10 -3.21 10.09 5.32
C ASN A 10 -2.88 9.61 6.72
N PRO B 1 -7.47 5.76 5.46
CA PRO B 1 -7.95 4.55 4.82
C PRO B 1 -6.83 3.50 4.71
N SER B 2 -7.08 2.31 5.27
CA SER B 2 -6.16 1.17 5.21
C SER B 2 -6.84 0.01 4.44
N ILE B 3 -6.34 -0.32 3.26
CA ILE B 3 -6.96 -1.34 2.39
C ILE B 3 -5.90 -2.39 1.99
N GLU B 4 -6.34 -3.61 1.75
CA GLU B 4 -5.51 -4.69 1.26
C GLU B 4 -6.17 -5.28 0.01
N LEU B 5 -5.49 -5.20 -1.10
CA LEU B 5 -5.95 -5.74 -2.35
C LEU B 5 -5.30 -7.08 -2.56
N TRP B 6 -6.10 -8.11 -2.64
CA TRP B 6 -5.64 -9.46 -2.88
C TRP B 6 -5.42 -9.64 -4.37
N ILE B 7 -4.18 -9.73 -4.79
CA ILE B 7 -3.87 -9.80 -6.20
C ILE B 7 -3.58 -11.25 -6.58
N ASN B 8 -4.29 -11.76 -7.54
CA ASN B 8 -4.10 -13.14 -8.01
C ASN B 8 -3.21 -13.15 -9.24
N TYR B 9 -3.03 -14.33 -9.81
CA TYR B 9 -2.12 -14.59 -10.93
C TYR B 9 -2.44 -13.79 -12.24
N ASN B 10 -3.67 -13.30 -12.37
CA ASN B 10 -4.06 -12.52 -13.55
C ASN B 10 -3.83 -11.03 -13.36
N ASN B 11 -3.21 -10.66 -12.23
CA ASN B 11 -2.93 -9.25 -11.82
C ASN B 11 -4.24 -8.52 -11.48
N LYS B 12 -5.27 -9.32 -11.21
CA LYS B 12 -6.57 -8.79 -10.86
C LYS B 12 -6.76 -8.93 -9.40
N ILE B 13 -7.68 -8.22 -8.88
CA ILE B 13 -7.96 -8.24 -7.49
C ILE B 13 -9.04 -9.31 -7.21
N ALA B 14 -8.81 -10.09 -6.21
CA ALA B 14 -9.72 -11.13 -5.84
C ALA B 14 -10.76 -10.55 -4.89
N GLU B 15 -10.29 -9.79 -3.93
CA GLU B 15 -11.13 -9.13 -2.96
C GLU B 15 -10.37 -8.00 -2.29
N ALA B 16 -11.08 -6.95 -1.96
CA ALA B 16 -10.51 -5.78 -1.34
C ALA B 16 -10.97 -5.74 0.10
N LYS B 17 -10.04 -5.72 1.01
CA LYS B 17 -10.37 -5.72 2.42
C LYS B 17 -9.97 -4.43 3.06
N ALA B 18 -10.77 -4.00 3.97
CA ALA B 18 -10.49 -2.79 4.70
C ALA B 18 -10.06 -3.13 6.09
N LEU B 19 -8.97 -2.56 6.48
CA LEU B 19 -8.36 -2.79 7.76
C LEU B 19 -8.66 -1.65 8.72
N ASN B 20 -9.36 -0.66 8.21
CA ASN B 20 -9.76 0.48 8.99
C ASN B 20 -11.20 0.81 8.58
N GLY B 21 -11.98 1.34 9.51
CA GLY B 21 -13.39 1.64 9.29
C GLY B 21 -13.64 2.74 8.27
N ASP B 22 -12.70 3.68 8.16
CA ASP B 22 -12.82 4.78 7.20
C ASP B 22 -12.66 4.25 5.76
N ALA B 23 -11.86 3.20 5.63
CA ALA B 23 -11.61 2.52 4.37
C ALA B 23 -12.82 1.70 3.95
N GLU B 24 -13.61 1.24 4.92
CA GLU B 24 -14.86 0.52 4.67
C GLU B 24 -15.87 1.44 3.99
N THR B 25 -15.87 2.70 4.41
CA THR B 25 -16.74 3.73 3.85
C THR B 25 -16.23 4.15 2.43
N VAL B 26 -14.97 3.87 2.16
CA VAL B 26 -14.43 4.08 0.84
C VAL B 26 -14.81 2.90 -0.10
N LEU B 27 -14.54 1.66 0.36
CA LEU B 27 -14.80 0.42 -0.42
C LEU B 27 -16.26 0.22 -0.77
N GLU B 28 -17.16 0.67 0.12
CA GLU B 28 -18.59 0.53 -0.10
C GLU B 28 -19.06 1.22 -1.38
N GLY B 29 -19.69 0.47 -2.22
CA GLY B 29 -20.22 0.98 -3.47
C GLY B 29 -19.28 0.80 -4.65
N LEU B 30 -18.02 0.56 -4.36
CA LEU B 30 -17.01 0.41 -5.39
C LEU B 30 -16.71 -1.06 -5.62
N GLU B 31 -16.95 -1.54 -6.82
CA GLU B 31 -16.55 -2.89 -7.18
C GLU B 31 -15.12 -2.79 -7.67
N LEU B 32 -14.23 -3.34 -6.89
CA LEU B 32 -12.81 -3.19 -7.13
C LEU B 32 -12.13 -4.53 -7.32
N LYS B 33 -12.88 -5.57 -7.65
CA LYS B 33 -12.28 -6.88 -7.84
C LYS B 33 -11.65 -6.99 -9.22
N GLU B 34 -12.42 -6.79 -10.25
CA GLU B 34 -11.88 -6.90 -11.58
C GLU B 34 -11.44 -5.63 -12.20
N LYS B 35 -10.72 -4.92 -11.41
CA LYS B 35 -10.07 -3.71 -11.77
C LYS B 35 -8.59 -3.98 -11.75
N THR B 36 -7.83 -3.04 -12.18
CA THR B 36 -6.39 -3.18 -12.11
C THR B 36 -5.95 -2.53 -10.78
N VAL B 37 -4.69 -2.70 -10.38
CA VAL B 37 -4.20 -2.20 -9.08
C VAL B 37 -4.29 -0.68 -9.03
N ALA B 38 -3.72 -0.01 -10.03
CA ALA B 38 -3.72 1.45 -10.12
C ALA B 38 -5.11 2.03 -10.22
N GLU B 39 -5.96 1.33 -10.93
CA GLU B 39 -7.34 1.73 -11.14
C GLU B 39 -8.10 1.71 -9.81
N ALA B 40 -7.91 0.63 -9.06
CA ALA B 40 -8.46 0.49 -7.73
C ALA B 40 -7.92 1.55 -6.77
N VAL B 41 -6.57 1.77 -6.79
CA VAL B 41 -5.90 2.80 -5.96
C VAL B 41 -6.51 4.17 -6.24
N ASN B 42 -6.68 4.50 -7.51
CA ASN B 42 -7.31 5.73 -7.94
C ASN B 42 -8.71 5.88 -7.41
N GLU B 43 -9.54 4.83 -7.48
CA GLU B 43 -10.91 4.89 -6.95
C GLU B 43 -10.94 5.09 -5.45
N ILE B 44 -10.02 4.44 -4.76
CA ILE B 44 -9.88 4.56 -3.32
C ILE B 44 -9.49 6.01 -2.93
N VAL B 45 -8.42 6.52 -3.54
CA VAL B 45 -7.89 7.85 -3.22
C VAL B 45 -8.89 8.96 -3.63
N GLN B 46 -9.49 8.82 -4.80
CA GLN B 46 -10.45 9.81 -5.32
C GLN B 46 -11.73 9.88 -4.52
N LYS B 47 -12.14 8.75 -3.95
CA LYS B 47 -13.31 8.76 -3.11
C LYS B 47 -12.95 9.31 -1.72
N SER B 48 -11.76 8.97 -1.24
CA SER B 48 -11.23 9.51 0.03
C SER B 48 -11.10 11.04 -0.06
N MET B 49 -10.83 11.51 -1.26
CA MET B 49 -10.71 12.92 -1.62
C MET B 49 -12.05 13.63 -1.40
N GLU B 50 -13.14 12.99 -1.86
CA GLU B 50 -14.52 13.52 -1.73
C GLU B 50 -14.91 13.63 -0.26
N LEU B 51 -14.71 12.53 0.43
CA LEU B 51 -15.07 12.40 1.85
C LEU B 51 -14.23 13.29 2.79
N GLY B 52 -13.02 13.63 2.39
CA GLY B 52 -12.21 14.53 3.18
C GLY B 52 -11.10 13.84 3.93
N PHE B 53 -10.70 12.68 3.46
CA PHE B 53 -9.63 11.94 4.08
C PHE B 53 -8.30 12.26 3.41
N ILE B 54 -8.36 12.99 2.29
CA ILE B 54 -7.18 13.41 1.55
C ILE B 54 -7.58 14.57 0.62
N SER B 55 -6.63 15.43 0.29
CA SER B 55 -6.82 16.53 -0.63
C SER B 55 -5.56 16.67 -1.52
N ARG B 56 -5.63 17.48 -2.57
CA ARG B 56 -4.49 17.68 -3.48
C ARG B 56 -3.66 18.84 -3.01
N GLU B 57 -4.35 19.84 -2.50
CA GLU B 57 -3.75 21.13 -2.15
C GLU B 57 -3.08 21.05 -0.79
N LYS B 58 -3.52 20.10 -0.02
CA LYS B 58 -3.09 19.90 1.32
C LYS B 58 -1.97 18.88 1.37
N GLU B 59 -1.25 18.88 2.46
CA GLU B 59 -0.09 18.02 2.66
C GLU B 59 -0.57 16.62 2.97
N ASN B 60 -0.35 15.69 2.06
CA ASN B 60 -0.75 14.31 2.28
C ASN B 60 0.29 13.36 1.76
N ILE B 61 0.17 12.13 2.19
CA ILE B 61 1.05 11.08 1.80
C ILE B 61 0.16 9.85 1.51
N ILE B 62 0.54 9.11 0.51
CA ILE B 62 -0.13 7.88 0.12
C ILE B 62 0.96 6.85 0.03
N LEU B 63 0.75 5.70 0.62
CA LEU B 63 1.71 4.67 0.51
C LEU B 63 1.13 3.44 -0.10
N ILE B 64 1.73 3.04 -1.18
CA ILE B 64 1.38 1.86 -1.86
C ILE B 64 2.46 0.83 -1.56
N SER B 65 2.14 -0.09 -0.71
CA SER B 65 3.07 -1.12 -0.35
C SER B 65 2.65 -2.39 -0.99
N THR B 66 3.52 -3.03 -1.68
CA THR B 66 3.22 -4.26 -2.32
C THR B 66 4.01 -5.35 -1.63
N ALA B 67 3.35 -6.40 -1.25
CA ALA B 67 3.98 -7.54 -0.65
C ALA B 67 3.71 -8.68 -1.54
N CYS B 68 4.71 -9.40 -1.89
CA CYS B 68 4.55 -10.45 -2.85
C CYS B 68 5.24 -11.73 -2.47
N ASP B 69 4.54 -12.83 -2.68
CA ASP B 69 5.08 -14.14 -2.49
C ASP B 69 5.18 -14.82 -3.82
N LEU B 70 6.39 -15.00 -4.25
CA LEU B 70 6.68 -15.56 -5.54
C LEU B 70 6.97 -17.04 -5.42
N LYS B 71 6.28 -17.67 -4.48
CA LYS B 71 6.34 -19.10 -4.24
C LYS B 71 5.53 -19.84 -5.29
N ALA B 72 4.71 -19.09 -6.00
CA ALA B 72 3.94 -19.60 -7.10
C ALA B 72 4.86 -19.80 -8.28
N GLY B 73 5.21 -21.02 -8.53
CA GLY B 73 5.99 -21.38 -9.68
C GLY B 73 5.07 -21.88 -10.73
N GLU B 74 4.21 -21.02 -11.17
CA GLU B 74 3.20 -21.35 -12.11
C GLU B 74 3.61 -20.82 -13.46
N GLY B 75 3.60 -21.68 -14.44
CA GLY B 75 4.02 -21.33 -15.75
C GLY B 75 5.42 -21.85 -16.01
N SER B 76 6.19 -21.10 -16.75
CA SER B 76 7.54 -21.47 -17.06
C SER B 76 8.48 -21.06 -15.91
N GLU B 77 8.81 -22.06 -15.07
CA GLU B 77 9.65 -21.92 -13.87
C GLU B 77 9.04 -20.94 -12.86
N ASN B 78 9.42 -19.68 -12.97
CA ASN B 78 8.90 -18.61 -12.14
C ASN B 78 9.01 -17.30 -12.93
N LYS B 79 9.43 -17.42 -14.19
CA LYS B 79 9.72 -16.26 -15.02
C LYS B 79 8.49 -15.65 -15.62
N ASP B 80 7.48 -16.48 -15.87
CA ASP B 80 6.18 -15.95 -16.32
C ASP B 80 5.53 -15.15 -15.21
N VAL B 81 5.79 -15.59 -13.97
CA VAL B 81 5.32 -14.92 -12.79
C VAL B 81 6.02 -13.57 -12.69
N GLN B 82 7.36 -13.59 -12.77
CA GLN B 82 8.22 -12.39 -12.69
C GLN B 82 7.89 -11.38 -13.78
N ASN B 83 7.57 -11.88 -14.98
CA ASN B 83 7.19 -11.03 -16.12
C ASN B 83 5.87 -10.29 -15.81
N LYS B 84 4.95 -10.97 -15.14
CA LYS B 84 3.71 -10.34 -14.72
C LYS B 84 3.90 -9.44 -13.51
N ILE B 85 4.90 -9.75 -12.70
CA ILE B 85 5.31 -8.94 -11.55
C ILE B 85 5.88 -7.59 -12.02
N GLY B 86 6.52 -7.59 -13.18
CA GLY B 86 7.05 -6.37 -13.76
C GLY B 86 5.92 -5.49 -14.23
N GLN B 87 4.89 -6.12 -14.76
CA GLN B 87 3.69 -5.44 -15.23
C GLN B 87 2.81 -4.98 -14.05
N LEU B 88 2.91 -5.72 -12.95
CA LEU B 88 2.22 -5.41 -11.71
C LEU B 88 2.81 -4.16 -11.10
N PHE B 89 4.13 -4.15 -10.96
CA PHE B 89 4.85 -3.00 -10.43
C PHE B 89 4.78 -1.80 -11.33
N ASP B 90 4.68 -2.05 -12.63
CA ASP B 90 4.50 -0.98 -13.63
C ASP B 90 3.20 -0.25 -13.37
N ASP B 91 2.16 -1.04 -13.11
CA ASP B 91 0.80 -0.56 -12.83
C ASP B 91 0.77 0.17 -11.48
N VAL B 92 1.49 -0.39 -10.49
CA VAL B 92 1.68 0.23 -9.16
C VAL B 92 2.33 1.62 -9.31
N ASN B 93 3.38 1.69 -10.12
CA ASN B 93 4.13 2.94 -10.35
C ASN B 93 3.29 3.96 -11.12
N LYS B 94 2.36 3.48 -11.98
CA LYS B 94 1.41 4.33 -12.70
C LYS B 94 0.50 5.07 -11.72
N ALA B 95 0.04 4.35 -10.68
CA ALA B 95 -0.81 4.92 -9.63
C ALA B 95 -0.06 5.99 -8.87
N VAL B 96 1.20 5.71 -8.56
CA VAL B 96 2.08 6.63 -7.87
C VAL B 96 2.23 7.92 -8.64
N SER B 97 2.54 7.79 -9.91
CA SER B 97 2.75 8.92 -10.81
C SER B 97 1.48 9.76 -10.97
N ASP B 98 0.33 9.10 -10.96
CA ASP B 98 -0.96 9.76 -11.13
C ASP B 98 -1.31 10.61 -9.91
N LEU B 99 -1.11 10.05 -8.73
CA LEU B 99 -1.44 10.74 -7.51
C LEU B 99 -0.40 11.79 -7.07
N LYS B 100 0.89 11.53 -7.34
CA LYS B 100 1.93 12.50 -6.97
C LYS B 100 1.94 13.73 -7.89
N ASN B 101 1.29 13.57 -9.06
CA ASN B 101 1.06 14.62 -10.05
C ASN B 101 0.26 15.78 -9.43
N SER B 102 -0.62 15.42 -8.48
CA SER B 102 -1.50 16.35 -7.84
C SER B 102 -0.81 17.10 -6.67
N GLY B 103 0.50 16.88 -6.52
CA GLY B 103 1.27 17.55 -5.48
C GLY B 103 1.27 16.78 -4.19
N ILE B 104 0.79 15.57 -4.25
CA ILE B 104 0.69 14.73 -3.11
C ILE B 104 1.93 13.85 -3.10
N THR B 105 2.41 13.51 -1.96
CA THR B 105 3.53 12.64 -1.89
C THR B 105 3.01 11.20 -1.94
N THR B 106 3.40 10.47 -2.95
CA THR B 106 3.01 9.10 -3.08
C THR B 106 4.27 8.24 -3.18
N ARG B 107 4.39 7.28 -2.29
CA ARG B 107 5.53 6.39 -2.27
C ARG B 107 5.15 4.95 -2.54
N ILE B 108 6.18 4.16 -2.78
CA ILE B 108 6.09 2.73 -2.93
C ILE B 108 6.99 2.15 -1.85
N LEU B 109 6.58 1.07 -1.26
CA LEU B 109 7.39 0.29 -0.36
C LEU B 109 7.24 -1.17 -0.79
N ASN B 110 8.31 -1.91 -0.83
CA ASN B 110 8.23 -3.30 -1.26
C ASN B 110 8.49 -4.22 -0.13
N LEU B 111 7.58 -5.12 0.04
CA LEU B 111 7.63 -6.08 1.10
C LEU B 111 7.42 -7.45 0.49
N THR B 112 7.73 -8.44 1.22
CA THR B 112 7.38 -9.76 0.86
C THR B 112 6.21 -10.24 1.74
N LEU B 113 5.69 -11.44 1.49
CA LEU B 113 4.50 -11.96 2.21
C LEU B 113 4.75 -12.14 3.71
N GLU B 114 5.99 -12.44 4.08
CA GLU B 114 6.33 -12.61 5.47
C GLU B 114 6.15 -11.33 6.31
N GLU B 115 6.35 -10.14 5.68
CA GLU B 115 6.04 -8.86 6.33
C GLU B 115 4.55 -8.71 6.51
N ARG B 116 3.77 -9.13 5.50
CA ARG B 116 2.31 -9.08 5.55
C ARG B 116 1.75 -9.92 6.70
N GLU B 117 2.27 -11.13 6.85
CA GLU B 117 1.81 -12.04 7.88
C GLU B 117 2.11 -11.49 9.28
N SER B 118 3.23 -10.78 9.41
CA SER B 118 3.60 -10.13 10.63
C SER B 118 2.72 -8.89 10.90
N SER B 119 2.26 -8.19 9.84
CA SER B 119 1.36 -7.04 10.04
C SER B 119 -0.04 -7.49 10.48
N LYS B 120 -0.40 -8.74 10.15
CA LYS B 120 -1.66 -9.34 10.56
C LYS B 120 -1.65 -9.65 12.05
N GLU B 121 -0.47 -10.00 12.56
CA GLU B 121 -0.25 -10.27 13.99
C GLU B 121 -0.45 -8.97 14.79
N GLU B 122 -0.02 -7.87 14.19
CA GLU B 122 -0.03 -6.55 14.81
C GLU B 122 -1.33 -5.79 14.48
N ASN B 123 -2.27 -6.49 13.78
CA ASN B 123 -3.61 -6.02 13.28
C ASN B 123 -3.59 -4.74 12.44
N ILE B 124 -2.51 -4.56 11.69
CA ILE B 124 -2.32 -3.37 10.88
C ILE B 124 -2.14 -3.70 9.42
N SER B 125 -2.16 -2.66 8.62
CA SER B 125 -1.97 -2.75 7.22
C SER B 125 -0.50 -2.70 6.85
N MET B 126 -0.20 -3.19 5.66
CA MET B 126 1.16 -3.30 5.15
C MET B 126 1.80 -1.96 4.86
N GLY B 127 1.00 -0.92 4.61
CA GLY B 127 1.54 0.41 4.34
C GLY B 127 2.24 0.96 5.56
N ARG B 128 1.54 1.02 6.66
CA ARG B 128 2.11 1.50 7.92
C ARG B 128 3.19 0.56 8.48
N TYR B 129 3.03 -0.76 8.22
CA TYR B 129 4.04 -1.73 8.63
C TYR B 129 5.33 -1.57 7.80
N ALA B 130 5.19 -1.07 6.59
CA ALA B 130 6.33 -0.82 5.73
C ALA B 130 7.11 0.39 6.21
N VAL B 131 6.45 1.31 6.89
CA VAL B 131 7.13 2.46 7.46
C VAL B 131 7.81 2.02 8.77
N TYR B 132 7.22 1.02 9.42
CA TYR B 132 7.80 0.37 10.60
C TYR B 132 9.10 -0.36 10.20
N LEU B 133 9.07 -0.95 9.01
CA LEU B 133 10.20 -1.63 8.38
C LEU B 133 11.34 -0.62 8.21
N LYS B 134 10.98 0.56 7.67
CA LYS B 134 11.90 1.69 7.46
C LYS B 134 12.50 2.18 8.79
N ALA B 135 11.66 2.26 9.83
CA ALA B 135 12.06 2.68 11.17
C ALA B 135 13.07 1.72 11.78
N LYS B 136 12.83 0.44 11.69
CA LYS B 136 13.73 -0.54 12.28
C LYS B 136 14.99 -0.77 11.44
N GLU B 137 14.93 -0.39 10.19
CA GLU B 137 16.08 -0.43 9.32
C GLU B 137 17.03 0.72 9.68
N GLN B 138 16.49 1.94 9.78
CA GLN B 138 17.28 3.14 10.06
C GLN B 138 17.56 3.32 11.56
N ASN B 139 17.10 2.35 12.36
CA ASN B 139 17.27 2.29 13.83
C ASN B 139 16.61 3.50 14.52
N VAL B 140 15.34 3.66 14.25
CA VAL B 140 14.52 4.67 14.86
C VAL B 140 13.56 3.92 15.80
N ASN B 141 13.35 4.45 16.97
CA ASN B 141 12.55 3.78 17.98
C ASN B 141 11.08 4.15 17.90
N LEU B 142 10.33 3.33 17.19
CA LEU B 142 8.88 3.44 17.15
C LEU B 142 8.31 2.10 17.49
N THR B 143 7.29 2.08 18.30
CA THR B 143 6.62 0.86 18.67
C THR B 143 5.47 0.57 17.72
N ILE B 144 4.88 -0.61 17.81
CA ILE B 144 3.74 -0.97 16.99
C ILE B 144 2.48 -0.19 17.37
N ASP B 145 2.36 0.14 18.67
CA ASP B 145 1.25 1.00 19.17
C ASP B 145 1.36 2.38 18.59
N GLU B 146 2.60 2.84 18.42
CA GLU B 146 2.88 4.12 17.80
C GLU B 146 2.45 4.06 16.33
N ILE B 147 2.99 3.06 15.59
CA ILE B 147 2.73 2.84 14.15
C ILE B 147 1.23 2.73 13.79
N LYS B 148 0.47 1.99 14.60
CA LYS B 148 -0.92 1.74 14.31
C LYS B 148 -1.81 2.97 14.51
N ASP B 149 -1.51 3.75 15.52
CA ASP B 149 -2.35 4.88 15.85
C ASP B 149 -1.85 6.19 15.29
N ALA B 150 -0.69 6.17 14.68
CA ALA B 150 -0.15 7.35 14.08
C ALA B 150 -0.64 7.50 12.68
N ASP B 151 -0.53 8.70 12.20
CA ASP B 151 -0.89 9.05 10.86
C ASP B 151 0.22 8.58 9.96
N LEU B 152 -0.14 8.05 8.81
CA LEU B 152 0.83 7.57 7.83
C LEU B 152 1.65 8.75 7.32
N LEU B 153 0.96 9.90 7.23
CA LEU B 153 1.50 11.21 6.86
C LEU B 153 2.69 11.50 7.76
N GLU B 154 2.46 11.40 9.06
CA GLU B 154 3.48 11.60 10.06
C GLU B 154 4.60 10.59 9.98
N LEU B 155 4.24 9.31 9.82
CA LEU B 155 5.19 8.21 9.77
C LEU B 155 6.19 8.36 8.63
N ILE B 156 5.70 8.52 7.41
CA ILE B 156 6.58 8.64 6.24
C ILE B 156 7.35 9.96 6.27
N ALA B 157 6.71 11.04 6.75
CA ALA B 157 7.36 12.35 6.82
C ALA B 157 8.59 12.32 7.72
N LYS B 158 8.49 11.70 8.89
CA LYS B 158 9.61 11.66 9.83
C LYS B 158 10.65 10.61 9.42
N LEU B 159 10.24 9.60 8.68
CA LEU B 159 11.15 8.58 8.16
C LEU B 159 11.98 9.10 6.99
N GLU B 160 11.35 9.81 6.08
CA GLU B 160 12.04 10.42 4.94
C GLU B 160 12.91 11.57 5.41
N HIS B 161 12.51 12.18 6.51
CA HIS B 161 13.25 13.27 7.10
C HIS B 161 14.17 12.78 8.22
N HIS B 162 14.43 11.49 8.26
CA HIS B 162 15.37 10.92 9.22
C HIS B 162 16.79 11.03 8.66
N HIS B 163 17.24 12.25 8.67
CA HIS B 163 18.54 12.69 8.27
C HIS B 163 18.80 13.87 9.13
N HIS B 164 19.94 13.96 9.75
CA HIS B 164 20.17 15.03 10.69
C HIS B 164 21.32 15.89 10.23
N HIS B 165 21.06 17.19 10.16
CA HIS B 165 22.10 18.18 9.91
C HIS B 165 22.95 18.22 11.15
N HIS B 166 24.23 17.91 10.98
CA HIS B 166 25.21 17.70 12.06
C HIS B 166 25.02 16.31 12.65
N MET A 1 -0.18 -15.35 -0.62
CA MET A 1 -0.71 -15.89 -1.86
C MET A 1 -0.58 -14.86 -2.95
N TYR A 2 0.52 -14.98 -3.70
CA TYR A 2 0.89 -14.14 -4.85
C TYR A 2 1.26 -12.71 -4.41
N ALA A 3 0.27 -11.80 -4.30
CA ALA A 3 0.57 -10.45 -3.88
C ALA A 3 -0.61 -9.82 -3.16
N TYR A 4 -0.31 -8.88 -2.27
CA TYR A 4 -1.28 -8.11 -1.55
C TYR A 4 -0.80 -6.68 -1.54
N VAL A 5 -1.60 -5.79 -2.04
CA VAL A 5 -1.24 -4.40 -2.11
C VAL A 5 -1.96 -3.63 -1.04
N GLY A 6 -1.21 -3.01 -0.18
CA GLY A 6 -1.77 -2.24 0.86
C GLY A 6 -1.77 -0.80 0.52
N ILE A 7 -2.93 -0.22 0.50
CA ILE A 7 -3.08 1.18 0.23
C ILE A 7 -3.35 1.82 1.55
N ASP A 8 -2.39 2.53 2.01
CA ASP A 8 -2.46 3.14 3.27
C ASP A 8 -2.62 4.61 3.05
N ILE A 9 -3.65 5.14 3.62
CA ILE A 9 -3.99 6.54 3.52
C ILE A 9 -4.35 7.01 4.92
N ASN A 10 -3.66 8.04 5.40
CA ASN A 10 -3.96 8.75 6.69
C ASN A 10 -3.99 7.81 7.91
N PRO B 1 -7.93 5.70 5.58
CA PRO B 1 -8.36 4.52 4.89
C PRO B 1 -7.23 3.51 4.79
N SER B 2 -7.42 2.37 5.42
CA SER B 2 -6.47 1.28 5.31
C SER B 2 -7.10 0.17 4.45
N ILE B 3 -6.55 -0.06 3.26
CA ILE B 3 -7.12 -1.04 2.29
C ILE B 3 -6.05 -2.05 1.90
N GLU B 4 -6.47 -3.24 1.65
CA GLU B 4 -5.66 -4.30 1.16
C GLU B 4 -6.33 -4.91 -0.07
N LEU B 5 -5.61 -4.95 -1.15
CA LEU B 5 -6.08 -5.54 -2.36
C LEU B 5 -5.42 -6.88 -2.55
N TRP B 6 -6.21 -7.91 -2.63
CA TRP B 6 -5.71 -9.27 -2.83
C TRP B 6 -5.44 -9.45 -4.30
N ILE B 7 -4.21 -9.65 -4.64
CA ILE B 7 -3.82 -9.72 -6.02
C ILE B 7 -3.68 -11.17 -6.46
N ASN B 8 -4.52 -11.50 -7.42
CA ASN B 8 -4.63 -12.79 -8.10
C ASN B 8 -3.46 -13.04 -8.98
N TYR B 9 -3.42 -14.25 -9.51
CA TYR B 9 -2.36 -14.71 -10.42
C TYR B 9 -2.64 -14.14 -11.85
N ASN B 10 -3.74 -13.41 -11.99
CA ASN B 10 -4.15 -12.80 -13.22
C ASN B 10 -3.89 -11.26 -13.12
N ASN B 11 -3.22 -10.84 -12.00
CA ASN B 11 -2.92 -9.40 -11.68
C ASN B 11 -4.17 -8.58 -11.32
N LYS B 12 -5.27 -9.28 -11.12
CA LYS B 12 -6.52 -8.63 -10.79
C LYS B 12 -6.79 -8.77 -9.33
N ILE B 13 -7.70 -8.01 -8.84
CA ILE B 13 -7.99 -7.99 -7.45
C ILE B 13 -9.08 -9.01 -7.12
N ALA B 14 -8.78 -9.88 -6.20
CA ALA B 14 -9.70 -10.91 -5.77
C ALA B 14 -10.75 -10.30 -4.87
N GLU B 15 -10.29 -9.59 -3.85
CA GLU B 15 -11.15 -8.91 -2.92
C GLU B 15 -10.39 -7.80 -2.23
N ALA B 16 -11.13 -6.88 -1.66
CA ALA B 16 -10.54 -5.76 -0.96
C ALA B 16 -10.89 -5.83 0.51
N LYS B 17 -9.89 -5.82 1.33
CA LYS B 17 -10.07 -5.86 2.76
C LYS B 17 -9.80 -4.51 3.34
N ALA B 18 -10.78 -3.95 3.96
CA ALA B 18 -10.61 -2.73 4.66
C ALA B 18 -10.28 -3.07 6.08
N LEU B 19 -9.18 -2.54 6.52
CA LEU B 19 -8.70 -2.78 7.87
C LEU B 19 -9.25 -1.74 8.81
N ASN B 20 -9.82 -0.72 8.25
CA ASN B 20 -10.37 0.37 9.00
C ASN B 20 -11.70 0.76 8.35
N GLY B 21 -12.68 1.11 9.18
CA GLY B 21 -14.07 1.41 8.75
C GLY B 21 -14.22 2.56 7.76
N ASP B 22 -13.27 3.49 7.76
CA ASP B 22 -13.28 4.62 6.83
C ASP B 22 -13.06 4.15 5.38
N ALA B 23 -12.27 3.10 5.25
CA ALA B 23 -11.94 2.49 4.00
C ALA B 23 -13.12 1.68 3.48
N GLU B 24 -13.90 1.10 4.41
CA GLU B 24 -15.15 0.37 4.05
C GLU B 24 -16.14 1.29 3.37
N THR B 25 -16.23 2.52 3.89
CA THR B 25 -17.08 3.56 3.35
C THR B 25 -16.65 3.92 1.88
N VAL B 26 -15.34 3.82 1.63
CA VAL B 26 -14.80 4.02 0.29
C VAL B 26 -15.11 2.79 -0.61
N LEU B 27 -14.83 1.58 -0.10
CA LEU B 27 -14.97 0.31 -0.86
C LEU B 27 -16.41 0.04 -1.31
N GLU B 28 -17.39 0.46 -0.53
CA GLU B 28 -18.79 0.26 -0.85
C GLU B 28 -19.20 1.02 -2.08
N GLY B 29 -19.42 0.26 -3.13
CA GLY B 29 -19.84 0.80 -4.38
C GLY B 29 -18.72 0.81 -5.41
N LEU B 30 -17.55 0.37 -5.01
CA LEU B 30 -16.43 0.29 -5.94
C LEU B 30 -16.19 -1.12 -6.40
N GLU B 31 -16.10 -1.30 -7.71
CA GLU B 31 -15.68 -2.55 -8.28
C GLU B 31 -14.18 -2.44 -8.54
N LEU B 32 -13.44 -3.13 -7.73
CA LEU B 32 -12.00 -3.10 -7.83
C LEU B 32 -11.48 -4.44 -8.34
N LYS B 33 -12.38 -5.42 -8.38
CA LYS B 33 -12.08 -6.83 -8.74
C LYS B 33 -11.36 -6.99 -10.08
N GLU B 34 -11.92 -6.45 -11.13
CA GLU B 34 -11.31 -6.57 -12.43
C GLU B 34 -10.54 -5.32 -12.85
N LYS B 35 -9.88 -4.74 -11.87
CA LYS B 35 -9.00 -3.63 -12.07
C LYS B 35 -7.62 -4.09 -11.67
N THR B 36 -6.62 -3.38 -12.08
CA THR B 36 -5.30 -3.59 -11.56
C THR B 36 -5.07 -2.61 -10.42
N VAL B 37 -3.88 -2.59 -9.85
CA VAL B 37 -3.52 -1.75 -8.71
C VAL B 37 -3.79 -0.27 -9.00
N ALA B 38 -3.27 0.24 -10.13
CA ALA B 38 -3.39 1.66 -10.52
C ALA B 38 -4.83 2.13 -10.59
N GLU B 39 -5.68 1.34 -11.22
CA GLU B 39 -7.06 1.68 -11.36
C GLU B 39 -7.79 1.64 -10.03
N ALA B 40 -7.42 0.70 -9.16
CA ALA B 40 -7.99 0.60 -7.83
C ALA B 40 -7.57 1.77 -6.96
N VAL B 41 -6.28 2.16 -7.04
CA VAL B 41 -5.72 3.29 -6.27
C VAL B 41 -6.45 4.58 -6.63
N ASN B 42 -6.77 4.73 -7.93
CA ASN B 42 -7.50 5.90 -8.38
C ASN B 42 -8.92 5.95 -7.78
N GLU B 43 -9.62 4.80 -7.84
CA GLU B 43 -10.99 4.67 -7.30
C GLU B 43 -11.00 4.94 -5.79
N ILE B 44 -10.06 4.32 -5.09
CA ILE B 44 -9.92 4.45 -3.65
C ILE B 44 -9.54 5.88 -3.22
N VAL B 45 -8.39 6.39 -3.70
CA VAL B 45 -7.86 7.69 -3.25
C VAL B 45 -8.79 8.84 -3.61
N GLN B 46 -9.34 8.83 -4.83
CA GLN B 46 -10.21 9.91 -5.26
C GLN B 46 -11.53 9.92 -4.53
N LYS B 47 -12.08 8.75 -4.22
CA LYS B 47 -13.29 8.68 -3.47
C LYS B 47 -13.04 9.03 -1.99
N SER B 48 -11.88 8.63 -1.46
CA SER B 48 -11.47 8.99 -0.10
C SER B 48 -11.33 10.52 0.02
N MET B 49 -10.94 11.15 -1.06
CA MET B 49 -10.75 12.56 -1.15
C MET B 49 -12.10 13.31 -1.21
N GLU B 50 -13.09 12.71 -1.88
CA GLU B 50 -14.45 13.26 -1.95
C GLU B 50 -15.11 13.22 -0.57
N LEU B 51 -14.96 12.07 0.10
CA LEU B 51 -15.54 11.83 1.41
C LEU B 51 -14.75 12.48 2.57
N GLY B 52 -13.59 13.05 2.27
CA GLY B 52 -12.85 13.81 3.27
C GLY B 52 -11.96 12.98 4.17
N PHE B 53 -11.48 11.87 3.67
CA PHE B 53 -10.57 11.02 4.41
C PHE B 53 -9.13 11.38 4.04
N ILE B 54 -8.94 11.86 2.82
CA ILE B 54 -7.66 12.40 2.40
C ILE B 54 -7.90 13.77 1.79
N SER B 55 -7.20 14.71 2.33
CA SER B 55 -7.32 16.08 1.96
C SER B 55 -6.51 16.45 0.74
N ARG B 56 -6.96 17.47 0.05
CA ARG B 56 -6.20 18.14 -0.98
C ARG B 56 -5.47 19.32 -0.35
N GLU B 57 -6.22 19.95 0.55
CA GLU B 57 -5.88 21.22 1.21
C GLU B 57 -4.81 21.05 2.31
N LYS B 58 -4.77 19.88 2.89
CA LYS B 58 -3.84 19.58 3.99
C LYS B 58 -2.69 18.75 3.45
N GLU B 59 -1.69 18.50 4.29
CA GLU B 59 -0.52 17.70 3.90
C GLU B 59 -0.95 16.25 3.71
N ASN B 60 -0.84 15.80 2.50
CA ASN B 60 -1.31 14.50 2.09
C ASN B 60 -0.18 13.56 1.73
N ILE B 61 -0.34 12.31 2.13
CA ILE B 61 0.62 11.29 1.88
C ILE B 61 -0.16 10.00 1.53
N ILE B 62 0.33 9.27 0.57
CA ILE B 62 -0.25 8.01 0.13
C ILE B 62 0.87 6.99 0.09
N LEU B 63 0.63 5.81 0.57
CA LEU B 63 1.62 4.78 0.52
C LEU B 63 1.07 3.53 -0.13
N ILE B 64 1.73 3.12 -1.16
CA ILE B 64 1.40 1.94 -1.86
C ILE B 64 2.45 0.88 -1.51
N SER B 65 2.05 -0.04 -0.71
CA SER B 65 2.89 -1.11 -0.29
C SER B 65 2.49 -2.36 -1.02
N THR B 66 3.41 -3.17 -1.35
CA THR B 66 3.13 -4.39 -2.03
C THR B 66 3.89 -5.49 -1.32
N ALA B 67 3.21 -6.54 -0.95
CA ALA B 67 3.82 -7.69 -0.32
C ALA B 67 3.58 -8.83 -1.22
N CYS B 68 4.61 -9.55 -1.54
CA CYS B 68 4.47 -10.59 -2.53
C CYS B 68 5.32 -11.81 -2.23
N ASP B 69 4.72 -12.95 -2.44
CA ASP B 69 5.37 -14.23 -2.39
C ASP B 69 5.36 -14.79 -3.80
N LEU B 70 6.53 -14.88 -4.38
CA LEU B 70 6.65 -15.33 -5.76
C LEU B 70 6.97 -16.81 -5.80
N LYS B 71 6.41 -17.50 -4.83
CA LYS B 71 6.58 -18.91 -4.65
C LYS B 71 5.39 -19.67 -5.25
N ALA B 72 4.59 -18.95 -6.02
CA ALA B 72 3.43 -19.48 -6.67
C ALA B 72 3.81 -20.18 -7.99
N GLY B 73 4.19 -21.44 -7.86
CA GLY B 73 4.55 -22.23 -9.01
C GLY B 73 6.05 -22.24 -9.26
N GLU B 74 6.84 -22.48 -8.21
CA GLU B 74 8.31 -22.52 -8.29
C GLU B 74 8.79 -23.71 -9.11
N GLY B 75 9.38 -23.42 -10.25
CA GLY B 75 9.91 -24.43 -11.09
C GLY B 75 10.06 -23.95 -12.49
N SER B 76 11.13 -24.39 -13.18
CA SER B 76 11.45 -24.05 -14.59
C SER B 76 11.64 -22.54 -14.80
N GLU B 77 12.03 -21.83 -13.71
CA GLU B 77 12.10 -20.36 -13.60
C GLU B 77 10.67 -19.77 -13.58
N ASN B 78 10.48 -18.76 -12.80
CA ASN B 78 9.12 -18.25 -12.55
C ASN B 78 8.98 -16.99 -13.33
N LYS B 79 9.43 -17.06 -14.56
CA LYS B 79 9.57 -15.93 -15.44
C LYS B 79 8.21 -15.36 -15.87
N ASP B 80 7.23 -16.24 -15.98
CA ASP B 80 5.83 -15.88 -16.29
C ASP B 80 5.23 -15.07 -15.14
N VAL B 81 5.58 -15.49 -13.92
CA VAL B 81 5.18 -14.81 -12.69
C VAL B 81 5.87 -13.45 -12.66
N GLN B 82 7.18 -13.47 -12.92
CA GLN B 82 8.04 -12.27 -12.91
C GLN B 82 7.64 -11.25 -13.97
N ASN B 83 7.14 -11.72 -15.10
CA ASN B 83 6.61 -10.85 -16.17
C ASN B 83 5.40 -10.11 -15.66
N LYS B 84 4.49 -10.83 -15.02
CA LYS B 84 3.30 -10.23 -14.42
C LYS B 84 3.63 -9.33 -13.24
N ILE B 85 4.66 -9.68 -12.50
CA ILE B 85 5.14 -8.88 -11.38
C ILE B 85 5.85 -7.61 -11.89
N GLY B 86 6.41 -7.71 -13.09
CA GLY B 86 7.05 -6.58 -13.72
C GLY B 86 6.02 -5.59 -14.15
N GLN B 87 4.93 -6.13 -14.69
CA GLN B 87 3.77 -5.36 -15.12
C GLN B 87 2.98 -4.85 -13.91
N LEU B 88 3.07 -5.58 -12.80
CA LEU B 88 2.39 -5.21 -11.56
C LEU B 88 3.07 -4.01 -10.95
N PHE B 89 4.40 -4.03 -10.87
CA PHE B 89 5.15 -2.88 -10.35
C PHE B 89 5.13 -1.70 -11.29
N ASP B 90 5.01 -2.00 -12.58
CA ASP B 90 4.80 -0.99 -13.63
C ASP B 90 3.52 -0.21 -13.33
N ASP B 91 2.47 -0.98 -13.09
CA ASP B 91 1.13 -0.51 -12.76
C ASP B 91 1.12 0.22 -11.39
N VAL B 92 1.83 -0.34 -10.39
CA VAL B 92 2.03 0.29 -9.05
C VAL B 92 2.64 1.69 -9.19
N ASN B 93 3.70 1.80 -10.00
CA ASN B 93 4.39 3.08 -10.19
C ASN B 93 3.55 4.07 -11.00
N LYS B 94 2.70 3.57 -11.91
CA LYS B 94 1.75 4.41 -12.67
C LYS B 94 0.72 5.02 -11.74
N ALA B 95 0.30 4.24 -10.73
CA ALA B 95 -0.63 4.69 -9.70
C ALA B 95 -0.02 5.85 -8.92
N VAL B 96 1.26 5.68 -8.61
CA VAL B 96 2.05 6.68 -7.91
C VAL B 96 2.13 7.96 -8.74
N SER B 97 2.44 7.81 -10.03
CA SER B 97 2.56 8.94 -10.96
C SER B 97 1.25 9.75 -11.11
N ASP B 98 0.14 9.04 -11.18
CA ASP B 98 -1.18 9.62 -11.36
C ASP B 98 -1.64 10.43 -10.12
N LEU B 99 -1.36 9.92 -8.94
CA LEU B 99 -1.75 10.60 -7.72
C LEU B 99 -0.74 11.68 -7.28
N LYS B 100 0.56 11.48 -7.58
CA LYS B 100 1.62 12.46 -7.23
C LYS B 100 1.51 13.71 -8.11
N ASN B 101 0.80 13.56 -9.22
CA ASN B 101 0.52 14.61 -10.20
C ASN B 101 -0.21 15.80 -9.54
N SER B 102 -1.00 15.51 -8.51
CA SER B 102 -1.74 16.52 -7.77
C SER B 102 -0.88 17.17 -6.65
N GLY B 103 0.41 16.84 -6.61
CA GLY B 103 1.32 17.38 -5.61
C GLY B 103 1.25 16.60 -4.32
N ILE B 104 0.94 15.32 -4.45
CA ILE B 104 0.78 14.47 -3.30
C ILE B 104 1.96 13.54 -3.20
N THR B 105 2.55 13.49 -2.04
CA THR B 105 3.64 12.59 -1.80
C THR B 105 3.10 11.15 -1.79
N THR B 106 3.51 10.39 -2.78
CA THR B 106 3.09 9.02 -2.90
C THR B 106 4.35 8.15 -2.93
N ARG B 107 4.44 7.21 -2.02
CA ARG B 107 5.63 6.39 -1.87
C ARG B 107 5.30 4.93 -2.20
N ILE B 108 6.34 4.13 -2.42
CA ILE B 108 6.21 2.70 -2.73
C ILE B 108 7.09 1.94 -1.76
N LEU B 109 6.54 0.96 -1.12
CA LEU B 109 7.29 0.10 -0.24
C LEU B 109 7.02 -1.36 -0.60
N ASN B 110 8.03 -2.19 -0.51
CA ASN B 110 7.88 -3.60 -0.88
C ASN B 110 8.22 -4.50 0.28
N LEU B 111 7.35 -5.44 0.53
CA LEU B 111 7.51 -6.36 1.62
C LEU B 111 7.37 -7.77 1.10
N THR B 112 7.77 -8.70 1.89
CA THR B 112 7.58 -10.09 1.63
C THR B 112 6.26 -10.55 2.29
N LEU B 113 5.84 -11.79 2.05
CA LEU B 113 4.57 -12.31 2.60
C LEU B 113 4.63 -12.42 4.12
N GLU B 114 5.79 -12.76 4.62
CA GLU B 114 6.06 -12.90 6.04
C GLU B 114 5.80 -11.58 6.83
N GLU B 115 6.07 -10.43 6.17
CA GLU B 115 5.82 -9.12 6.76
C GLU B 115 4.33 -8.82 6.77
N ARG B 116 3.66 -9.27 5.71
CA ARG B 116 2.20 -9.16 5.54
C ARG B 116 1.46 -9.94 6.64
N GLU B 117 1.96 -11.09 6.98
CA GLU B 117 1.40 -11.90 8.01
C GLU B 117 1.60 -11.25 9.39
N SER B 118 2.77 -10.64 9.57
CA SER B 118 3.14 -9.98 10.82
C SER B 118 2.33 -8.68 11.06
N SER B 119 1.99 -7.97 9.96
CA SER B 119 1.19 -6.77 10.08
C SER B 119 -0.24 -7.13 10.49
N LYS B 120 -0.70 -8.31 10.11
CA LYS B 120 -2.03 -8.77 10.48
C LYS B 120 -2.12 -9.21 11.93
N GLU B 121 -0.98 -9.63 12.51
CA GLU B 121 -0.91 -9.96 13.93
C GLU B 121 -1.04 -8.69 14.78
N GLU B 122 -0.60 -7.56 14.22
CA GLU B 122 -0.75 -6.27 14.87
C GLU B 122 -1.98 -5.52 14.36
N ASN B 123 -2.78 -6.22 13.52
CA ASN B 123 -4.03 -5.74 12.85
C ASN B 123 -3.86 -4.41 12.10
N ILE B 124 -2.67 -4.18 11.58
CA ILE B 124 -2.35 -2.98 10.87
C ILE B 124 -2.11 -3.27 9.41
N SER B 125 -2.12 -2.23 8.63
CA SER B 125 -1.92 -2.33 7.22
C SER B 125 -0.43 -2.40 6.89
N MET B 126 -0.12 -3.00 5.75
CA MET B 126 1.27 -3.21 5.29
C MET B 126 1.97 -1.91 4.98
N GLY B 127 1.22 -0.84 4.72
CA GLY B 127 1.80 0.47 4.45
C GLY B 127 2.57 0.98 5.64
N ARG B 128 1.87 1.18 6.71
CA ARG B 128 2.47 1.63 7.96
C ARG B 128 3.51 0.64 8.53
N TYR B 129 3.28 -0.67 8.31
CA TYR B 129 4.26 -1.69 8.72
C TYR B 129 5.55 -1.60 7.87
N ALA B 130 5.43 -1.11 6.66
CA ALA B 130 6.57 -0.94 5.78
C ALA B 130 7.37 0.31 6.15
N VAL B 131 6.73 1.23 6.84
CA VAL B 131 7.41 2.39 7.36
C VAL B 131 8.24 1.94 8.58
N TYR B 132 7.70 0.95 9.30
CA TYR B 132 8.38 0.29 10.43
C TYR B 132 9.63 -0.47 9.94
N LEU B 133 9.52 -1.03 8.72
CA LEU B 133 10.62 -1.73 8.07
C LEU B 133 11.78 -0.75 7.83
N LYS B 134 11.46 0.47 7.34
CA LYS B 134 12.46 1.50 7.09
C LYS B 134 12.95 2.16 8.36
N ALA B 135 12.10 2.18 9.38
CA ALA B 135 12.45 2.72 10.70
C ALA B 135 13.58 1.92 11.28
N LYS B 136 13.48 0.61 11.22
CA LYS B 136 14.52 -0.25 11.77
C LYS B 136 15.74 -0.34 10.85
N GLU B 137 15.54 0.05 9.60
CA GLU B 137 16.58 0.10 8.59
C GLU B 137 17.50 1.31 8.85
N GLN B 138 16.89 2.49 9.04
CA GLN B 138 17.60 3.75 9.30
C GLN B 138 17.90 3.95 10.79
N ASN B 139 17.50 2.97 11.61
CA ASN B 139 17.70 2.94 13.09
C ASN B 139 16.90 4.04 13.81
N VAL B 140 15.75 4.36 13.25
CA VAL B 140 14.85 5.36 13.80
C VAL B 140 14.01 4.61 14.84
N ASN B 141 13.81 5.22 15.98
CA ASN B 141 13.17 4.53 17.07
C ASN B 141 11.65 4.70 17.05
N LEU B 142 11.00 3.83 16.31
CA LEU B 142 9.54 3.75 16.26
C LEU B 142 9.14 2.38 16.74
N THR B 143 8.18 2.33 17.61
CA THR B 143 7.66 1.07 18.08
C THR B 143 6.47 0.68 17.21
N ILE B 144 5.96 -0.53 17.40
CA ILE B 144 4.75 -0.97 16.74
C ILE B 144 3.52 -0.17 17.30
N ASP B 145 3.65 0.30 18.56
CA ASP B 145 2.67 1.19 19.21
C ASP B 145 2.51 2.47 18.42
N GLU B 146 3.65 3.00 17.98
CA GLU B 146 3.72 4.19 17.14
C GLU B 146 3.03 3.94 15.81
N ILE B 147 3.39 2.83 15.18
CA ILE B 147 2.90 2.42 13.85
C ILE B 147 1.35 2.25 13.81
N LYS B 148 0.79 1.70 14.87
CA LYS B 148 -0.62 1.41 14.91
C LYS B 148 -1.49 2.60 15.32
N ASP B 149 -0.92 3.57 16.02
CA ASP B 149 -1.75 4.65 16.56
C ASP B 149 -1.50 6.00 15.88
N ALA B 150 -0.31 6.20 15.34
CA ALA B 150 0.01 7.45 14.69
C ALA B 150 -0.44 7.43 13.25
N ASP B 151 -0.73 8.60 12.72
CA ASP B 151 -1.14 8.76 11.33
C ASP B 151 0.00 8.41 10.42
N LEU B 152 -0.31 8.04 9.20
CA LEU B 152 0.68 7.71 8.17
C LEU B 152 1.46 9.00 7.80
N LEU B 153 0.81 10.15 8.05
CA LEU B 153 1.38 11.48 7.86
C LEU B 153 2.60 11.64 8.78
N GLU B 154 2.46 11.14 10.01
CA GLU B 154 3.54 11.13 10.99
C GLU B 154 4.65 10.22 10.54
N LEU B 155 4.27 8.97 10.33
CA LEU B 155 5.16 7.86 10.03
C LEU B 155 6.08 8.12 8.83
N ILE B 156 5.50 8.45 7.67
CA ILE B 156 6.30 8.66 6.47
C ILE B 156 7.14 9.95 6.54
N ALA B 157 6.57 11.04 7.10
CA ALA B 157 7.31 12.31 7.22
C ALA B 157 8.58 12.14 8.09
N LYS B 158 8.45 11.44 9.22
CA LYS B 158 9.59 11.26 10.11
C LYS B 158 10.65 10.29 9.54
N LEU B 159 10.27 9.49 8.56
CA LEU B 159 11.18 8.60 7.86
C LEU B 159 11.88 9.27 6.69
N GLU B 160 11.13 9.99 5.85
CA GLU B 160 11.70 10.65 4.66
C GLU B 160 12.56 11.85 5.03
N HIS B 161 12.27 12.44 6.18
CA HIS B 161 13.02 13.60 6.65
C HIS B 161 14.11 13.16 7.64
N HIS B 162 14.26 11.85 7.82
CA HIS B 162 15.31 11.31 8.67
C HIS B 162 16.55 11.08 7.81
N HIS B 163 17.44 12.02 7.81
CA HIS B 163 18.64 11.87 7.04
C HIS B 163 19.81 11.48 7.86
N HIS B 164 19.78 10.23 8.23
CA HIS B 164 20.81 9.54 8.92
C HIS B 164 20.80 8.17 8.33
N HIS B 165 21.32 8.10 7.14
CA HIS B 165 21.43 6.87 6.42
C HIS B 165 22.80 6.31 6.77
N HIS B 166 22.80 5.10 7.32
CA HIS B 166 23.96 4.36 7.91
C HIS B 166 24.08 4.69 9.38
N MET A 1 -1.84 -17.38 -2.86
CA MET A 1 -0.91 -16.30 -2.54
C MET A 1 -0.22 -15.81 -3.81
N TYR A 2 -0.14 -14.51 -3.97
CA TYR A 2 0.53 -13.91 -5.11
C TYR A 2 1.03 -12.54 -4.69
N ALA A 3 0.14 -11.54 -4.73
CA ALA A 3 0.50 -10.20 -4.35
C ALA A 3 -0.63 -9.57 -3.60
N TYR A 4 -0.30 -8.74 -2.66
CA TYR A 4 -1.24 -8.05 -1.84
C TYR A 4 -0.75 -6.61 -1.73
N VAL A 5 -1.56 -5.69 -2.14
CA VAL A 5 -1.18 -4.29 -2.15
C VAL A 5 -1.81 -3.57 -0.96
N GLY A 6 -0.98 -3.03 -0.12
CA GLY A 6 -1.42 -2.34 1.04
C GLY A 6 -1.41 -0.87 0.79
N ILE A 7 -2.55 -0.28 0.93
CA ILE A 7 -2.75 1.12 0.70
C ILE A 7 -3.08 1.78 2.00
N ASP A 8 -2.26 2.69 2.39
CA ASP A 8 -2.54 3.53 3.51
C ASP A 8 -2.60 4.95 3.01
N ILE A 9 -3.62 5.64 3.42
CA ILE A 9 -3.83 7.05 3.07
C ILE A 9 -4.13 7.79 4.37
N ASN A 10 -3.54 8.98 4.54
CA ASN A 10 -3.70 9.87 5.72
C ASN A 10 -2.87 9.36 6.87
N PRO B 1 -7.44 5.62 5.51
CA PRO B 1 -7.94 4.37 4.95
C PRO B 1 -6.84 3.33 4.85
N SER B 2 -6.98 2.24 5.59
CA SER B 2 -6.05 1.12 5.54
C SER B 2 -6.71 -0.03 4.76
N ILE B 3 -6.17 -0.35 3.58
CA ILE B 3 -6.78 -1.31 2.65
C ILE B 3 -5.73 -2.31 2.11
N GLU B 4 -6.16 -3.52 1.80
CA GLU B 4 -5.35 -4.57 1.22
C GLU B 4 -6.06 -5.13 -0.04
N LEU B 5 -5.41 -4.98 -1.18
CA LEU B 5 -5.91 -5.49 -2.45
C LEU B 5 -5.29 -6.83 -2.73
N TRP B 6 -6.10 -7.86 -2.77
CA TRP B 6 -5.64 -9.21 -3.03
C TRP B 6 -5.50 -9.39 -4.53
N ILE B 7 -4.31 -9.62 -4.98
CA ILE B 7 -4.04 -9.74 -6.40
C ILE B 7 -3.90 -11.22 -6.74
N ASN B 8 -4.66 -11.64 -7.75
CA ASN B 8 -4.67 -13.01 -8.22
C ASN B 8 -3.66 -13.20 -9.35
N TYR B 9 -3.63 -14.40 -9.94
CA TYR B 9 -2.66 -14.78 -10.98
C TYR B 9 -2.92 -14.16 -12.37
N ASN B 10 -3.90 -13.30 -12.48
CA ASN B 10 -4.16 -12.55 -13.71
C ASN B 10 -3.85 -11.06 -13.52
N ASN B 11 -3.28 -10.71 -12.35
CA ASN B 11 -2.99 -9.30 -11.93
C ASN B 11 -4.28 -8.51 -11.65
N LYS B 12 -5.37 -9.24 -11.49
CA LYS B 12 -6.67 -8.69 -11.20
C LYS B 12 -6.88 -8.78 -9.70
N ILE B 13 -7.77 -7.99 -9.19
CA ILE B 13 -8.02 -7.97 -7.77
C ILE B 13 -9.12 -8.98 -7.44
N ALA B 14 -8.83 -9.82 -6.50
CA ALA B 14 -9.75 -10.82 -6.09
C ALA B 14 -10.76 -10.24 -5.12
N GLU B 15 -10.25 -9.60 -4.08
CA GLU B 15 -11.05 -9.05 -3.02
C GLU B 15 -10.27 -7.96 -2.29
N ALA B 16 -10.96 -6.95 -1.83
CA ALA B 16 -10.32 -5.85 -1.13
C ALA B 16 -10.75 -5.85 0.31
N LYS B 17 -9.79 -5.85 1.19
CA LYS B 17 -10.07 -5.88 2.61
C LYS B 17 -9.77 -4.56 3.22
N ALA B 18 -10.68 -4.05 3.98
CA ALA B 18 -10.46 -2.87 4.72
C ALA B 18 -10.09 -3.25 6.13
N LEU B 19 -8.96 -2.79 6.54
CA LEU B 19 -8.39 -3.13 7.82
C LEU B 19 -8.79 -2.14 8.89
N ASN B 20 -9.37 -1.05 8.47
CA ASN B 20 -9.85 -0.04 9.38
C ASN B 20 -11.23 0.40 8.89
N GLY B 21 -12.08 0.89 9.81
CA GLY B 21 -13.48 1.23 9.50
C GLY B 21 -13.67 2.37 8.52
N ASP B 22 -12.72 3.28 8.48
CA ASP B 22 -12.75 4.44 7.59
C ASP B 22 -12.58 3.99 6.14
N ALA B 23 -11.83 2.93 5.98
CA ALA B 23 -11.51 2.33 4.73
C ALA B 23 -12.66 1.51 4.21
N GLU B 24 -13.47 0.98 5.15
CA GLU B 24 -14.65 0.19 4.80
C GLU B 24 -15.64 1.07 4.05
N THR B 25 -15.79 2.32 4.53
CA THR B 25 -16.67 3.31 3.93
C THR B 25 -16.16 3.70 2.51
N VAL B 26 -14.83 3.74 2.34
CA VAL B 26 -14.24 4.04 1.03
C VAL B 26 -14.56 2.91 0.03
N LEU B 27 -14.30 1.67 0.45
CA LEU B 27 -14.52 0.48 -0.38
C LEU B 27 -15.96 0.28 -0.81
N GLU B 28 -16.89 0.71 0.01
CA GLU B 28 -18.29 0.60 -0.29
C GLU B 28 -18.69 1.58 -1.35
N GLY B 29 -19.05 1.03 -2.49
CA GLY B 29 -19.39 1.83 -3.62
C GLY B 29 -18.31 1.81 -4.68
N LEU B 30 -17.21 1.13 -4.39
CA LEU B 30 -16.14 0.97 -5.33
C LEU B 30 -16.02 -0.48 -5.74
N GLU B 31 -16.16 -0.73 -7.02
CA GLU B 31 -15.92 -2.04 -7.54
C GLU B 31 -14.47 -2.10 -7.96
N LEU B 32 -13.75 -3.05 -7.41
CA LEU B 32 -12.32 -3.10 -7.57
C LEU B 32 -11.84 -4.44 -8.13
N LYS B 33 -12.76 -5.38 -8.37
CA LYS B 33 -12.39 -6.77 -8.75
C LYS B 33 -11.69 -6.87 -10.13
N GLU B 34 -12.30 -6.39 -11.19
CA GLU B 34 -11.61 -6.45 -12.46
C GLU B 34 -11.00 -5.14 -12.86
N LYS B 35 -10.41 -4.54 -11.88
CA LYS B 35 -9.71 -3.32 -11.97
C LYS B 35 -8.27 -3.66 -11.70
N THR B 36 -7.39 -2.91 -12.24
CA THR B 36 -5.98 -3.10 -12.01
C THR B 36 -5.57 -2.42 -10.70
N VAL B 37 -4.30 -2.50 -10.33
CA VAL B 37 -3.82 -1.92 -9.07
C VAL B 37 -3.90 -0.41 -9.13
N ALA B 38 -3.49 0.14 -10.26
CA ALA B 38 -3.54 1.58 -10.49
C ALA B 38 -4.95 2.10 -10.50
N GLU B 39 -5.88 1.30 -11.03
CA GLU B 39 -7.26 1.65 -11.01
C GLU B 39 -7.79 1.66 -9.62
N ALA B 40 -7.47 0.62 -8.84
CA ALA B 40 -7.86 0.51 -7.43
C ALA B 40 -7.36 1.68 -6.63
N VAL B 41 -6.06 2.03 -6.80
CA VAL B 41 -5.44 3.19 -6.14
C VAL B 41 -6.21 4.45 -6.49
N ASN B 42 -6.48 4.64 -7.77
CA ASN B 42 -7.20 5.79 -8.29
C ASN B 42 -8.63 5.87 -7.69
N GLU B 43 -9.36 4.72 -7.70
CA GLU B 43 -10.73 4.63 -7.13
C GLU B 43 -10.73 5.01 -5.66
N ILE B 44 -9.83 4.37 -4.90
CA ILE B 44 -9.69 4.59 -3.47
C ILE B 44 -9.33 6.05 -3.16
N VAL B 45 -8.31 6.59 -3.83
CA VAL B 45 -7.85 7.97 -3.61
C VAL B 45 -8.93 9.01 -3.98
N GLN B 46 -9.58 8.82 -5.13
CA GLN B 46 -10.60 9.78 -5.58
C GLN B 46 -11.84 9.77 -4.70
N LYS B 47 -12.20 8.60 -4.20
CA LYS B 47 -13.36 8.48 -3.36
C LYS B 47 -13.02 8.95 -1.92
N SER B 48 -11.78 8.72 -1.48
CA SER B 48 -11.28 9.21 -0.18
C SER B 48 -11.19 10.75 -0.20
N MET B 49 -10.95 11.29 -1.39
CA MET B 49 -10.83 12.72 -1.62
C MET B 49 -12.17 13.41 -1.36
N GLU B 50 -13.25 12.76 -1.82
CA GLU B 50 -14.62 13.24 -1.66
C GLU B 50 -15.05 13.24 -0.20
N LEU B 51 -14.65 12.21 0.49
CA LEU B 51 -15.00 12.01 1.88
C LEU B 51 -14.09 12.80 2.85
N GLY B 52 -13.07 13.43 2.32
CA GLY B 52 -12.22 14.29 3.13
C GLY B 52 -11.08 13.59 3.84
N PHE B 53 -10.78 12.36 3.43
CA PHE B 53 -9.67 11.61 4.00
C PHE B 53 -8.35 12.10 3.42
N ILE B 54 -8.39 12.47 2.16
CA ILE B 54 -7.24 13.00 1.50
C ILE B 54 -7.66 14.28 0.76
N SER B 55 -6.76 15.22 0.69
CA SER B 55 -6.94 16.47 0.03
C SER B 55 -5.95 16.63 -1.13
N ARG B 56 -6.20 17.56 -2.04
CA ARG B 56 -5.25 17.87 -3.11
C ARG B 56 -4.32 19.05 -2.73
N GLU B 57 -4.89 20.01 -2.01
CA GLU B 57 -4.19 21.26 -1.65
C GLU B 57 -3.58 21.20 -0.25
N LYS B 58 -4.09 20.30 0.58
CA LYS B 58 -3.58 20.14 1.94
C LYS B 58 -2.56 19.01 1.92
N GLU B 59 -1.89 18.78 3.06
CA GLU B 59 -0.86 17.73 3.17
C GLU B 59 -1.43 16.35 2.91
N ASN B 60 -1.01 15.80 1.83
CA ASN B 60 -1.49 14.55 1.35
C ASN B 60 -0.37 13.55 1.23
N ILE B 61 -0.69 12.32 1.53
CA ILE B 61 0.26 11.28 1.57
C ILE B 61 -0.46 9.96 1.14
N ILE B 62 0.20 9.20 0.30
CA ILE B 62 -0.29 7.92 -0.20
C ILE B 62 0.88 6.94 -0.16
N LEU B 63 0.70 5.83 0.46
CA LEU B 63 1.71 4.83 0.46
C LEU B 63 1.19 3.58 -0.18
N ILE B 64 1.90 3.15 -1.18
CA ILE B 64 1.59 1.96 -1.86
C ILE B 64 2.67 0.94 -1.55
N SER B 65 2.35 0.02 -0.71
CA SER B 65 3.25 -1.04 -0.37
C SER B 65 2.76 -2.31 -0.98
N THR B 66 3.60 -2.97 -1.69
CA THR B 66 3.20 -4.19 -2.31
C THR B 66 3.97 -5.35 -1.68
N ALA B 67 3.25 -6.36 -1.28
CA ALA B 67 3.85 -7.52 -0.70
C ALA B 67 3.52 -8.65 -1.58
N CYS B 68 4.50 -9.38 -1.94
CA CYS B 68 4.36 -10.45 -2.88
C CYS B 68 5.45 -11.42 -2.67
N ASP B 69 5.09 -12.66 -2.60
CA ASP B 69 6.05 -13.70 -2.47
C ASP B 69 6.01 -14.48 -3.75
N LEU B 70 7.14 -14.73 -4.31
CA LEU B 70 7.18 -15.47 -5.52
C LEU B 70 7.81 -16.81 -5.28
N LYS B 71 7.03 -17.64 -4.64
CA LYS B 71 7.41 -18.99 -4.29
C LYS B 71 6.56 -19.98 -5.08
N ALA B 72 5.61 -19.45 -5.85
CA ALA B 72 4.75 -20.22 -6.71
C ALA B 72 5.48 -20.52 -8.00
N GLY B 73 5.17 -21.65 -8.60
CA GLY B 73 5.82 -22.05 -9.80
C GLY B 73 6.94 -23.01 -9.49
N GLU B 74 6.58 -24.16 -8.97
CA GLU B 74 7.52 -25.18 -8.56
C GLU B 74 7.58 -26.31 -9.55
N GLY B 75 6.42 -26.63 -10.14
CA GLY B 75 6.32 -27.66 -11.17
C GLY B 75 6.25 -27.02 -12.53
N SER B 76 6.68 -25.80 -12.57
CA SER B 76 6.79 -24.95 -13.71
C SER B 76 7.86 -23.94 -13.33
N GLU B 77 8.10 -22.95 -14.15
CA GLU B 77 9.01 -21.88 -13.78
C GLU B 77 8.30 -20.81 -12.96
N ASN B 78 9.06 -19.79 -12.61
CA ASN B 78 8.56 -18.62 -11.91
C ASN B 78 8.66 -17.45 -12.91
N LYS B 79 8.85 -17.83 -14.19
CA LYS B 79 9.13 -16.94 -15.31
C LYS B 79 7.91 -16.10 -15.66
N ASP B 80 6.79 -16.78 -15.90
CA ASP B 80 5.50 -16.15 -16.26
C ASP B 80 4.98 -15.31 -15.11
N VAL B 81 5.30 -15.77 -13.91
CA VAL B 81 4.94 -15.13 -12.67
C VAL B 81 5.68 -13.79 -12.58
N GLN B 82 7.02 -13.81 -12.76
CA GLN B 82 7.87 -12.61 -12.75
C GLN B 82 7.50 -11.62 -13.82
N ASN B 83 7.14 -12.12 -15.00
CA ASN B 83 6.71 -11.28 -16.13
C ASN B 83 5.49 -10.48 -15.76
N LYS B 84 4.54 -11.12 -15.11
CA LYS B 84 3.35 -10.44 -14.65
C LYS B 84 3.65 -9.50 -13.49
N ILE B 85 4.63 -9.86 -12.67
CA ILE B 85 5.09 -9.01 -11.54
C ILE B 85 5.71 -7.69 -12.07
N GLY B 86 6.39 -7.76 -13.22
CA GLY B 86 6.99 -6.58 -13.81
C GLY B 86 5.92 -5.65 -14.31
N GLN B 87 4.86 -6.22 -14.84
CA GLN B 87 3.71 -5.49 -15.35
C GLN B 87 2.84 -4.98 -14.20
N LEU B 88 2.84 -5.71 -13.09
CA LEU B 88 2.10 -5.36 -11.89
C LEU B 88 2.73 -4.14 -11.24
N PHE B 89 4.05 -4.18 -11.10
CA PHE B 89 4.85 -3.09 -10.53
C PHE B 89 4.86 -1.89 -11.44
N ASP B 90 4.79 -2.15 -12.74
CA ASP B 90 4.64 -1.11 -13.78
C ASP B 90 3.38 -0.31 -13.52
N ASP B 91 2.29 -1.04 -13.30
CA ASP B 91 0.97 -0.50 -13.05
C ASP B 91 0.94 0.27 -11.71
N VAL B 92 1.62 -0.29 -10.69
CA VAL B 92 1.80 0.35 -9.35
C VAL B 92 2.49 1.72 -9.49
N ASN B 93 3.62 1.75 -10.19
CA ASN B 93 4.40 2.98 -10.35
C ASN B 93 3.69 4.03 -11.23
N LYS B 94 2.85 3.57 -12.16
CA LYS B 94 2.02 4.44 -12.97
C LYS B 94 0.96 5.13 -12.14
N ALA B 95 0.40 4.41 -11.15
CA ALA B 95 -0.58 4.96 -10.21
C ALA B 95 0.05 6.07 -9.40
N VAL B 96 1.30 5.82 -8.97
CA VAL B 96 2.10 6.77 -8.22
C VAL B 96 2.26 8.05 -9.01
N SER B 97 2.73 7.92 -10.25
CA SER B 97 2.99 9.05 -11.15
C SER B 97 1.71 9.87 -11.44
N ASP B 98 0.58 9.18 -11.56
CA ASP B 98 -0.71 9.80 -11.86
C ASP B 98 -1.24 10.62 -10.67
N LEU B 99 -1.19 10.06 -9.48
CA LEU B 99 -1.70 10.71 -8.30
C LEU B 99 -0.74 11.79 -7.73
N LYS B 100 0.58 11.56 -7.80
CA LYS B 100 1.59 12.50 -7.22
C LYS B 100 1.62 13.85 -7.94
N ASN B 101 1.06 13.89 -9.17
CA ASN B 101 0.99 15.11 -9.98
C ASN B 101 0.15 16.22 -9.32
N SER B 102 -0.74 15.86 -8.38
CA SER B 102 -1.54 16.84 -7.65
C SER B 102 -0.76 17.41 -6.41
N GLY B 103 0.54 17.09 -6.33
CA GLY B 103 1.37 17.56 -5.23
C GLY B 103 1.32 16.61 -4.07
N ILE B 104 1.03 15.35 -4.37
CA ILE B 104 0.83 14.35 -3.35
C ILE B 104 2.12 13.59 -3.10
N THR B 105 2.47 13.41 -1.84
CA THR B 105 3.62 12.65 -1.47
C THR B 105 3.25 11.15 -1.56
N THR B 106 3.68 10.50 -2.61
CA THR B 106 3.39 9.10 -2.84
C THR B 106 4.69 8.30 -2.85
N ARG B 107 4.73 7.24 -2.07
CA ARG B 107 5.93 6.44 -1.95
C ARG B 107 5.59 4.96 -2.25
N ILE B 108 6.59 4.19 -2.71
CA ILE B 108 6.41 2.75 -2.99
C ILE B 108 7.35 1.97 -2.09
N LEU B 109 6.81 1.08 -1.30
CA LEU B 109 7.61 0.20 -0.46
C LEU B 109 7.25 -1.22 -0.79
N ASN B 110 8.17 -2.13 -0.61
CA ASN B 110 7.89 -3.53 -0.92
C ASN B 110 8.26 -4.46 0.18
N LEU B 111 7.44 -5.45 0.34
CA LEU B 111 7.55 -6.44 1.40
C LEU B 111 7.31 -7.79 0.77
N THR B 112 7.65 -8.86 1.45
CA THR B 112 7.24 -10.18 1.01
C THR B 112 6.02 -10.62 1.84
N LEU B 113 5.57 -11.85 1.68
CA LEU B 113 4.36 -12.32 2.35
C LEU B 113 4.57 -12.47 3.87
N GLU B 114 5.80 -12.78 4.29
CA GLU B 114 6.10 -12.94 5.71
C GLU B 114 5.96 -11.61 6.50
N GLU B 115 6.18 -10.48 5.81
CA GLU B 115 5.94 -9.15 6.39
C GLU B 115 4.45 -8.89 6.52
N ARG B 116 3.68 -9.33 5.52
CA ARG B 116 2.21 -9.20 5.52
C ARG B 116 1.60 -9.94 6.70
N GLU B 117 2.04 -11.16 6.91
CA GLU B 117 1.53 -12.00 7.97
C GLU B 117 1.88 -11.39 9.34
N SER B 118 3.06 -10.76 9.42
CA SER B 118 3.52 -10.08 10.60
C SER B 118 2.69 -8.80 10.90
N SER B 119 2.23 -8.10 9.83
CA SER B 119 1.40 -6.91 10.04
C SER B 119 0.00 -7.28 10.52
N LYS B 120 -0.42 -8.51 10.24
CA LYS B 120 -1.71 -8.99 10.69
C LYS B 120 -1.66 -9.38 12.15
N GLU B 121 -0.45 -9.78 12.63
CA GLU B 121 -0.21 -10.11 14.04
C GLU B 121 -0.37 -8.85 14.88
N GLU B 122 0.13 -7.74 14.33
CA GLU B 122 0.11 -6.44 14.99
C GLU B 122 -1.21 -5.70 14.68
N ASN B 123 -2.05 -6.36 13.87
CA ASN B 123 -3.35 -5.88 13.38
C ASN B 123 -3.34 -4.47 12.79
N ILE B 124 -2.46 -4.32 11.82
CA ILE B 124 -2.25 -3.10 11.08
C ILE B 124 -2.12 -3.45 9.61
N SER B 125 -2.07 -2.45 8.77
CA SER B 125 -1.92 -2.64 7.36
C SER B 125 -0.46 -2.66 6.94
N MET B 126 -0.21 -3.18 5.73
CA MET B 126 1.13 -3.34 5.19
C MET B 126 1.81 -2.04 4.85
N GLY B 127 1.01 -0.98 4.60
CA GLY B 127 1.57 0.32 4.29
C GLY B 127 2.30 0.85 5.50
N ARG B 128 1.59 1.00 6.60
CA ARG B 128 2.18 1.48 7.84
C ARG B 128 3.24 0.50 8.42
N TYR B 129 3.11 -0.80 8.11
CA TYR B 129 4.11 -1.78 8.50
C TYR B 129 5.40 -1.62 7.67
N ALA B 130 5.29 -1.10 6.45
CA ALA B 130 6.43 -0.82 5.61
C ALA B 130 7.18 0.42 6.12
N VAL B 131 6.48 1.25 6.87
CA VAL B 131 7.07 2.39 7.52
C VAL B 131 7.80 1.90 8.79
N TYR B 132 7.26 0.84 9.42
CA TYR B 132 7.88 0.13 10.56
C TYR B 132 9.17 -0.57 10.09
N LEU B 133 9.11 -1.08 8.86
CA LEU B 133 10.24 -1.70 8.19
C LEU B 133 11.34 -0.66 8.09
N LYS B 134 10.99 0.51 7.51
CA LYS B 134 11.92 1.63 7.33
C LYS B 134 12.47 2.15 8.63
N ALA B 135 11.65 2.14 9.70
CA ALA B 135 12.06 2.58 11.03
C ALA B 135 13.23 1.79 11.54
N LYS B 136 13.14 0.47 11.42
CA LYS B 136 14.18 -0.41 11.88
C LYS B 136 15.37 -0.46 10.91
N GLU B 137 15.13 -0.10 9.64
CA GLU B 137 16.21 0.06 8.64
C GLU B 137 17.07 1.26 9.01
N GLN B 138 16.40 2.32 9.48
CA GLN B 138 17.03 3.55 9.96
C GLN B 138 17.49 3.40 11.43
N ASN B 139 17.25 2.20 12.00
CA ASN B 139 17.68 1.76 13.36
C ASN B 139 16.99 2.58 14.49
N VAL B 140 15.89 3.22 14.16
CA VAL B 140 15.13 4.00 15.10
C VAL B 140 13.95 3.15 15.55
N ASN B 141 13.74 3.05 16.83
CA ASN B 141 12.70 2.20 17.34
C ASN B 141 11.34 2.85 17.38
N LEU B 142 10.63 2.76 16.29
CA LEU B 142 9.24 3.09 16.32
C LEU B 142 8.52 1.83 16.61
N THR B 143 7.82 1.81 17.70
CA THR B 143 7.10 0.65 18.13
C THR B 143 5.81 0.54 17.35
N ILE B 144 5.18 -0.62 17.44
CA ILE B 144 3.90 -0.86 16.81
C ILE B 144 2.83 0.08 17.36
N ASP B 145 3.02 0.51 18.62
CA ASP B 145 2.14 1.48 19.30
C ASP B 145 2.08 2.78 18.50
N GLU B 146 3.24 3.22 18.05
CA GLU B 146 3.41 4.44 17.26
C GLU B 146 2.78 4.24 15.87
N ILE B 147 3.11 3.10 15.26
CA ILE B 147 2.67 2.73 13.91
C ILE B 147 1.11 2.62 13.79
N LYS B 148 0.48 2.12 14.83
CA LYS B 148 -0.97 1.91 14.81
C LYS B 148 -1.75 3.19 15.19
N ASP B 149 -1.19 4.00 16.08
CA ASP B 149 -1.95 5.14 16.64
C ASP B 149 -1.73 6.41 15.84
N ALA B 150 -0.59 6.53 15.20
CA ALA B 150 -0.31 7.67 14.40
C ALA B 150 -0.78 7.44 12.98
N ASP B 151 -0.95 8.50 12.26
CA ASP B 151 -1.39 8.43 10.88
C ASP B 151 -0.19 8.24 9.99
N LEU B 152 -0.43 7.97 8.72
CA LEU B 152 0.64 7.72 7.77
C LEU B 152 1.42 9.01 7.47
N LEU B 153 0.72 10.14 7.54
CA LEU B 153 1.28 11.48 7.37
C LEU B 153 2.33 11.70 8.46
N GLU B 154 1.96 11.34 9.70
CA GLU B 154 2.87 11.38 10.85
C GLU B 154 4.06 10.46 10.62
N LEU B 155 3.75 9.18 10.39
CA LEU B 155 4.75 8.12 10.26
C LEU B 155 5.76 8.38 9.15
N ILE B 156 5.28 8.68 7.95
CA ILE B 156 6.17 8.93 6.83
C ILE B 156 7.00 10.20 6.99
N ALA B 157 6.39 11.30 7.43
CA ALA B 157 7.15 12.54 7.62
C ALA B 157 8.28 12.38 8.66
N LYS B 158 8.03 11.66 9.75
CA LYS B 158 9.06 11.46 10.76
C LYS B 158 10.17 10.50 10.27
N LEU B 159 9.81 9.59 9.36
CA LEU B 159 10.75 8.66 8.75
C LEU B 159 11.62 9.33 7.69
N GLU B 160 11.03 10.22 6.92
CA GLU B 160 11.75 10.91 5.85
C GLU B 160 12.69 11.97 6.40
N HIS B 161 12.37 12.50 7.56
CA HIS B 161 13.17 13.59 8.14
C HIS B 161 14.05 13.07 9.29
N HIS B 162 14.10 11.74 9.47
CA HIS B 162 14.95 11.08 10.50
C HIS B 162 16.41 11.31 10.20
N HIS B 163 16.77 10.89 9.03
CA HIS B 163 18.10 10.91 8.55
C HIS B 163 17.98 11.46 7.15
N HIS B 164 18.94 12.23 6.72
CA HIS B 164 18.84 12.89 5.44
C HIS B 164 19.20 11.94 4.29
N HIS B 165 18.20 11.29 3.80
CA HIS B 165 18.30 10.43 2.65
C HIS B 165 18.00 11.19 1.39
N HIS B 166 18.28 10.60 0.27
CA HIS B 166 17.81 11.14 -0.98
C HIS B 166 16.45 10.53 -1.22
N MET A 1 -2.12 -15.48 -2.47
CA MET A 1 -1.01 -16.20 -3.07
C MET A 1 -0.66 -15.63 -4.44
N TYR A 2 0.24 -14.63 -4.42
CA TYR A 2 0.80 -13.88 -5.59
C TYR A 2 1.33 -12.55 -5.06
N ALA A 3 0.40 -11.61 -4.80
CA ALA A 3 0.74 -10.31 -4.29
C ALA A 3 -0.45 -9.70 -3.57
N TYR A 4 -0.15 -8.87 -2.62
CA TYR A 4 -1.12 -8.15 -1.85
C TYR A 4 -0.67 -6.72 -1.82
N VAL A 5 -1.50 -5.84 -2.27
CA VAL A 5 -1.16 -4.45 -2.33
C VAL A 5 -1.92 -3.69 -1.27
N GLY A 6 -1.20 -3.14 -0.35
CA GLY A 6 -1.76 -2.39 0.72
C GLY A 6 -1.75 -0.94 0.41
N ILE A 7 -2.90 -0.34 0.40
CA ILE A 7 -3.05 1.06 0.15
C ILE A 7 -3.32 1.70 1.48
N ASP A 8 -2.37 2.41 1.92
CA ASP A 8 -2.44 3.04 3.18
C ASP A 8 -2.54 4.54 2.91
N ILE A 9 -3.51 5.15 3.50
CA ILE A 9 -3.76 6.59 3.37
C ILE A 9 -4.01 7.12 4.77
N ASN A 10 -3.58 8.36 5.03
CA ASN A 10 -3.82 9.12 6.29
C ASN A 10 -2.90 8.68 7.40
N PRO B 1 -7.28 5.55 5.61
CA PRO B 1 -7.89 4.27 5.30
C PRO B 1 -6.82 3.22 5.14
N SER B 2 -7.14 2.03 5.58
CA SER B 2 -6.24 0.89 5.54
C SER B 2 -6.89 -0.19 4.65
N ILE B 3 -6.32 -0.43 3.47
CA ILE B 3 -6.91 -1.37 2.48
C ILE B 3 -5.85 -2.35 1.99
N GLU B 4 -6.27 -3.57 1.71
CA GLU B 4 -5.45 -4.61 1.17
C GLU B 4 -6.13 -5.19 -0.07
N LEU B 5 -5.48 -5.09 -1.20
CA LEU B 5 -5.99 -5.64 -2.44
C LEU B 5 -5.29 -6.94 -2.71
N TRP B 6 -6.05 -7.99 -2.80
CA TRP B 6 -5.54 -9.31 -3.09
C TRP B 6 -5.35 -9.42 -4.57
N ILE B 7 -4.13 -9.56 -5.01
CA ILE B 7 -3.87 -9.66 -6.42
C ILE B 7 -3.67 -11.13 -6.74
N ASN B 8 -4.44 -11.62 -7.67
CA ASN B 8 -4.40 -13.01 -8.09
C ASN B 8 -3.39 -13.21 -9.23
N TYR B 9 -3.29 -14.43 -9.74
CA TYR B 9 -2.32 -14.75 -10.81
C TYR B 9 -2.77 -14.26 -12.18
N ASN B 10 -3.91 -13.58 -12.24
CA ASN B 10 -4.45 -13.07 -13.48
C ASN B 10 -4.11 -11.60 -13.60
N ASN B 11 -3.35 -11.10 -12.57
CA ASN B 11 -2.87 -9.69 -12.45
C ASN B 11 -4.08 -8.75 -12.24
N LYS B 12 -5.10 -9.30 -11.60
CA LYS B 12 -6.32 -8.60 -11.28
C LYS B 12 -6.54 -8.75 -9.79
N ILE B 13 -7.47 -8.02 -9.27
CA ILE B 13 -7.77 -8.09 -7.87
C ILE B 13 -8.82 -9.19 -7.63
N ALA B 14 -8.57 -10.00 -6.65
CA ALA B 14 -9.45 -11.08 -6.31
C ALA B 14 -10.51 -10.60 -5.34
N GLU B 15 -10.08 -9.89 -4.31
CA GLU B 15 -10.94 -9.37 -3.26
C GLU B 15 -10.24 -8.26 -2.52
N ALA B 16 -11.01 -7.32 -2.03
CA ALA B 16 -10.49 -6.20 -1.29
C ALA B 16 -10.82 -6.33 0.18
N LYS B 17 -9.87 -6.03 1.02
CA LYS B 17 -10.06 -6.09 2.45
C LYS B 17 -9.90 -4.72 3.02
N ALA B 18 -10.77 -4.36 3.90
CA ALA B 18 -10.63 -3.16 4.64
C ALA B 18 -10.20 -3.52 6.03
N LEU B 19 -9.18 -2.89 6.48
CA LEU B 19 -8.63 -3.16 7.79
C LEU B 19 -9.14 -2.17 8.81
N ASN B 20 -9.75 -1.08 8.34
CA ASN B 20 -10.29 -0.08 9.25
C ASN B 20 -11.64 0.42 8.72
N GLY B 21 -12.36 1.15 9.56
CA GLY B 21 -13.71 1.65 9.24
C GLY B 21 -13.76 2.65 8.09
N ASP B 22 -12.70 3.48 7.95
CA ASP B 22 -12.60 4.49 6.85
C ASP B 22 -12.67 3.79 5.53
N ALA B 23 -11.86 2.72 5.45
CA ALA B 23 -11.67 1.91 4.28
C ALA B 23 -12.92 1.17 3.87
N GLU B 24 -13.72 0.74 4.85
CA GLU B 24 -14.99 0.06 4.61
C GLU B 24 -15.92 0.94 3.82
N THR B 25 -16.01 2.20 4.24
CA THR B 25 -16.84 3.20 3.61
C THR B 25 -16.34 3.53 2.18
N VAL B 26 -15.03 3.43 1.96
CA VAL B 26 -14.46 3.66 0.64
C VAL B 26 -14.81 2.49 -0.31
N LEU B 27 -14.64 1.24 0.18
CA LEU B 27 -14.90 0.02 -0.63
C LEU B 27 -16.35 -0.12 -1.09
N GLU B 28 -17.30 0.41 -0.31
CA GLU B 28 -18.73 0.33 -0.62
C GLU B 28 -19.08 1.07 -1.91
N GLY B 29 -19.35 0.32 -2.93
CA GLY B 29 -19.78 0.89 -4.17
C GLY B 29 -18.70 0.87 -5.20
N LEU B 30 -17.52 0.51 -4.79
CA LEU B 30 -16.41 0.40 -5.68
C LEU B 30 -16.05 -1.03 -5.88
N GLU B 31 -16.30 -1.54 -7.06
CA GLU B 31 -15.81 -2.83 -7.39
C GLU B 31 -14.43 -2.64 -7.95
N LEU B 32 -13.50 -3.37 -7.42
CA LEU B 32 -12.12 -3.16 -7.72
C LEU B 32 -11.50 -4.42 -8.31
N LYS B 33 -12.25 -5.54 -8.31
CA LYS B 33 -11.75 -6.86 -8.77
C LYS B 33 -11.14 -6.88 -10.16
N GLU B 34 -11.81 -6.33 -11.09
CA GLU B 34 -11.39 -6.50 -12.44
C GLU B 34 -10.65 -5.25 -12.95
N LYS B 35 -9.97 -4.62 -12.03
CA LYS B 35 -9.18 -3.46 -12.28
C LYS B 35 -7.75 -3.77 -11.84
N THR B 36 -6.82 -2.97 -12.28
CA THR B 36 -5.44 -3.12 -11.88
C THR B 36 -5.19 -2.29 -10.62
N VAL B 37 -3.95 -2.27 -10.16
CA VAL B 37 -3.58 -1.57 -8.93
C VAL B 37 -3.80 -0.07 -9.06
N ALA B 38 -3.25 0.54 -10.11
CA ALA B 38 -3.35 1.99 -10.34
C ALA B 38 -4.78 2.45 -10.57
N GLU B 39 -5.57 1.56 -11.11
CA GLU B 39 -6.95 1.85 -11.38
C GLU B 39 -7.72 1.84 -10.05
N ALA B 40 -7.47 0.80 -9.25
CA ALA B 40 -8.09 0.67 -7.93
C ALA B 40 -7.65 1.78 -6.97
N VAL B 41 -6.35 2.17 -7.03
CA VAL B 41 -5.79 3.27 -6.22
C VAL B 41 -6.53 4.55 -6.53
N ASN B 42 -6.80 4.78 -7.82
CA ASN B 42 -7.51 5.97 -8.26
C ASN B 42 -8.93 6.00 -7.71
N GLU B 43 -9.61 4.84 -7.73
CA GLU B 43 -10.97 4.70 -7.19
C GLU B 43 -11.00 5.01 -5.69
N ILE B 44 -10.08 4.37 -4.96
CA ILE B 44 -9.93 4.53 -3.52
C ILE B 44 -9.63 5.99 -3.15
N VAL B 45 -8.60 6.56 -3.75
CA VAL B 45 -8.14 7.90 -3.45
C VAL B 45 -9.15 8.97 -3.87
N GLN B 46 -9.79 8.81 -5.02
CA GLN B 46 -10.79 9.78 -5.48
C GLN B 46 -12.06 9.75 -4.67
N LYS B 47 -12.48 8.57 -4.19
CA LYS B 47 -13.63 8.52 -3.33
C LYS B 47 -13.29 9.07 -1.93
N SER B 48 -12.09 8.74 -1.45
CA SER B 48 -11.59 9.26 -0.18
C SER B 48 -11.43 10.80 -0.24
N MET B 49 -11.19 11.31 -1.43
CA MET B 49 -11.01 12.72 -1.69
C MET B 49 -12.34 13.46 -1.51
N GLU B 50 -13.43 12.85 -2.00
CA GLU B 50 -14.78 13.41 -1.90
C GLU B 50 -15.24 13.51 -0.44
N LEU B 51 -15.03 12.42 0.28
CA LEU B 51 -15.45 12.30 1.67
C LEU B 51 -14.55 13.08 2.65
N GLY B 52 -13.30 13.26 2.28
CA GLY B 52 -12.40 14.05 3.11
C GLY B 52 -11.42 13.21 3.92
N PHE B 53 -11.06 12.04 3.40
CA PHE B 53 -10.06 11.19 4.05
C PHE B 53 -8.67 11.52 3.49
N ILE B 54 -8.66 12.30 2.42
CA ILE B 54 -7.46 12.78 1.79
C ILE B 54 -7.79 14.10 1.07
N SER B 55 -6.85 15.00 1.01
CA SER B 55 -6.97 16.27 0.34
C SER B 55 -5.98 16.32 -0.84
N ARG B 56 -6.36 16.99 -1.91
CA ARG B 56 -5.54 17.04 -3.10
C ARG B 56 -4.62 18.26 -3.07
N GLU B 57 -5.14 19.35 -2.56
CA GLU B 57 -4.39 20.60 -2.50
C GLU B 57 -3.55 20.68 -1.23
N LYS B 58 -3.92 19.93 -0.25
CA LYS B 58 -3.18 19.82 0.96
C LYS B 58 -2.27 18.61 0.87
N GLU B 59 -1.24 18.66 1.66
CA GLU B 59 -0.18 17.66 1.66
C GLU B 59 -0.64 16.40 2.34
N ASN B 60 -0.63 15.33 1.59
CA ASN B 60 -1.07 14.04 2.07
C ASN B 60 -0.12 12.96 1.70
N ILE B 61 -0.42 11.76 2.09
CA ILE B 61 0.46 10.67 1.88
C ILE B 61 -0.40 9.45 1.44
N ILE B 62 0.12 8.71 0.50
CA ILE B 62 -0.44 7.48 -0.01
C ILE B 62 0.71 6.50 -0.12
N LEU B 63 0.70 5.46 0.65
CA LEU B 63 1.75 4.49 0.55
C LEU B 63 1.23 3.21 -0.02
N ILE B 64 1.79 2.86 -1.14
CA ILE B 64 1.45 1.68 -1.84
C ILE B 64 2.50 0.63 -1.51
N SER B 65 2.16 -0.29 -0.68
CA SER B 65 3.07 -1.31 -0.29
C SER B 65 2.64 -2.60 -0.93
N THR B 66 3.55 -3.24 -1.58
CA THR B 66 3.27 -4.45 -2.26
C THR B 66 4.02 -5.57 -1.54
N ALA B 67 3.31 -6.62 -1.19
CA ALA B 67 3.88 -7.77 -0.57
C ALA B 67 3.63 -8.91 -1.48
N CYS B 68 4.63 -9.67 -1.77
CA CYS B 68 4.47 -10.72 -2.72
C CYS B 68 5.10 -12.01 -2.24
N ASP B 69 4.36 -13.08 -2.41
CA ASP B 69 4.83 -14.40 -2.14
C ASP B 69 4.94 -15.14 -3.44
N LEU B 70 6.09 -15.66 -3.74
CA LEU B 70 6.23 -16.41 -4.95
C LEU B 70 6.33 -17.90 -4.63
N LYS B 71 7.55 -18.49 -4.76
CA LYS B 71 7.83 -19.94 -4.42
C LYS B 71 6.87 -20.90 -5.16
N ALA B 72 6.45 -20.47 -6.32
CA ALA B 72 5.50 -21.20 -7.13
C ALA B 72 5.87 -21.09 -8.59
N GLY B 73 5.84 -22.21 -9.28
CA GLY B 73 6.11 -22.23 -10.70
C GLY B 73 5.87 -23.60 -11.29
N GLU B 74 4.89 -24.32 -10.73
CA GLU B 74 4.60 -25.69 -11.12
C GLU B 74 3.65 -25.73 -12.31
N GLY B 75 2.47 -25.10 -12.14
CA GLY B 75 1.45 -25.07 -13.19
C GLY B 75 1.92 -24.27 -14.37
N SER B 76 2.09 -23.02 -14.15
CA SER B 76 2.72 -22.14 -15.08
C SER B 76 4.05 -21.79 -14.43
N GLU B 77 5.09 -21.65 -15.24
CA GLU B 77 6.44 -21.41 -14.73
C GLU B 77 6.57 -20.11 -13.96
N ASN B 78 7.61 -20.04 -13.15
CA ASN B 78 7.88 -18.86 -12.31
C ASN B 78 8.19 -17.63 -13.15
N LYS B 79 8.73 -17.86 -14.37
CA LYS B 79 9.00 -16.80 -15.36
C LYS B 79 7.71 -16.12 -15.80
N ASP B 80 6.64 -16.93 -15.94
CA ASP B 80 5.31 -16.47 -16.34
C ASP B 80 4.71 -15.58 -15.24
N VAL B 81 4.97 -15.97 -14.00
CA VAL B 81 4.54 -15.24 -12.83
C VAL B 81 5.32 -13.90 -12.75
N GLN B 82 6.67 -13.98 -12.89
CA GLN B 82 7.55 -12.79 -12.86
C GLN B 82 7.29 -11.81 -13.99
N ASN B 83 6.81 -12.34 -15.12
CA ASN B 83 6.40 -11.54 -16.29
C ASN B 83 5.28 -10.59 -15.84
N LYS B 84 4.31 -11.15 -15.13
CA LYS B 84 3.21 -10.39 -14.60
C LYS B 84 3.60 -9.55 -13.37
N ILE B 85 4.60 -10.01 -12.60
CA ILE B 85 5.13 -9.24 -11.44
C ILE B 85 5.71 -7.89 -11.90
N GLY B 86 6.40 -7.91 -13.04
CA GLY B 86 6.98 -6.69 -13.59
C GLY B 86 5.90 -5.77 -14.11
N GLN B 87 4.86 -6.35 -14.71
CA GLN B 87 3.73 -5.58 -15.24
C GLN B 87 2.84 -5.05 -14.11
N LEU B 88 2.90 -5.74 -12.97
CA LEU B 88 2.19 -5.33 -11.78
C LEU B 88 2.86 -4.09 -11.21
N PHE B 89 4.19 -4.16 -11.06
CA PHE B 89 4.99 -3.05 -10.56
C PHE B 89 4.98 -1.86 -11.50
N ASP B 90 4.89 -2.14 -12.79
CA ASP B 90 4.73 -1.11 -13.83
C ASP B 90 3.49 -0.27 -13.56
N ASP B 91 2.42 -0.95 -13.21
CA ASP B 91 1.13 -0.36 -12.93
C ASP B 91 1.14 0.34 -11.55
N VAL B 92 1.82 -0.27 -10.57
CA VAL B 92 2.02 0.31 -9.22
C VAL B 92 2.74 1.69 -9.33
N ASN B 93 3.79 1.75 -10.15
CA ASN B 93 4.55 3.00 -10.37
C ASN B 93 3.71 4.08 -11.08
N LYS B 94 2.73 3.66 -11.91
CA LYS B 94 1.82 4.59 -12.59
C LYS B 94 0.95 5.30 -11.56
N ALA B 95 0.43 4.52 -10.61
CA ALA B 95 -0.41 5.02 -9.52
C ALA B 95 0.30 6.07 -8.71
N VAL B 96 1.55 5.78 -8.40
CA VAL B 96 2.42 6.65 -7.63
C VAL B 96 2.59 7.98 -8.33
N SER B 97 2.97 7.92 -9.58
CA SER B 97 3.24 9.09 -10.38
C SER B 97 1.99 9.96 -10.57
N ASP B 98 0.87 9.32 -10.90
CA ASP B 98 -0.40 10.00 -11.18
C ASP B 98 -0.96 10.74 -9.95
N LEU B 99 -0.97 10.06 -8.81
CA LEU B 99 -1.56 10.61 -7.59
C LEU B 99 -0.66 11.63 -6.87
N LYS B 100 0.66 11.56 -7.06
CA LYS B 100 1.55 12.46 -6.33
C LYS B 100 1.63 13.88 -6.90
N ASN B 101 1.18 14.06 -8.18
CA ASN B 101 1.25 15.38 -8.93
C ASN B 101 0.71 16.60 -8.18
N SER B 102 -0.21 16.40 -7.25
CA SER B 102 -0.87 17.49 -6.59
C SER B 102 -0.13 17.95 -5.31
N GLY B 103 0.99 17.33 -5.01
CA GLY B 103 1.73 17.70 -3.81
C GLY B 103 1.51 16.70 -2.72
N ILE B 104 1.24 15.49 -3.13
CA ILE B 104 1.01 14.39 -2.25
C ILE B 104 2.22 13.47 -2.30
N THR B 105 2.61 12.94 -1.18
CA THR B 105 3.70 12.01 -1.13
C THR B 105 3.16 10.60 -1.37
N THR B 106 3.38 10.08 -2.55
CA THR B 106 3.01 8.73 -2.87
C THR B 106 4.29 7.94 -3.10
N ARG B 107 4.40 6.79 -2.48
CA ARG B 107 5.62 6.00 -2.50
C ARG B 107 5.27 4.51 -2.63
N ILE B 108 6.23 3.69 -3.06
CA ILE B 108 6.09 2.24 -3.09
C ILE B 108 7.02 1.66 -2.05
N LEU B 109 6.55 0.73 -1.29
CA LEU B 109 7.36 -0.03 -0.38
C LEU B 109 7.19 -1.51 -0.72
N ASN B 110 8.25 -2.26 -0.62
CA ASN B 110 8.19 -3.66 -0.98
C ASN B 110 8.40 -4.51 0.23
N LEU B 111 7.51 -5.43 0.42
CA LEU B 111 7.51 -6.34 1.54
C LEU B 111 7.23 -7.72 0.96
N THR B 112 7.46 -8.76 1.71
CA THR B 112 7.02 -10.05 1.29
C THR B 112 5.81 -10.45 2.14
N LEU B 113 5.28 -11.66 1.93
CA LEU B 113 4.05 -12.10 2.60
C LEU B 113 4.20 -12.20 4.12
N GLU B 114 5.38 -12.53 4.57
CA GLU B 114 5.65 -12.68 5.98
C GLU B 114 5.59 -11.34 6.75
N GLU B 115 5.88 -10.24 6.05
CA GLU B 115 5.71 -8.90 6.60
C GLU B 115 4.23 -8.56 6.69
N ARG B 116 3.46 -9.05 5.70
CA ARG B 116 2.02 -8.84 5.65
C ARG B 116 1.34 -9.49 6.84
N GLU B 117 1.72 -10.74 7.13
CA GLU B 117 1.15 -11.51 8.25
C GLU B 117 1.38 -10.80 9.57
N SER B 118 2.54 -10.17 9.70
CA SER B 118 2.92 -9.41 10.87
C SER B 118 2.05 -8.11 10.99
N SER B 119 1.78 -7.44 9.86
CA SER B 119 0.92 -6.26 9.89
C SER B 119 -0.56 -6.63 10.15
N LYS B 120 -0.98 -7.76 9.59
CA LYS B 120 -2.34 -8.27 9.69
C LYS B 120 -2.69 -8.75 11.09
N GLU B 121 -1.70 -9.27 11.83
CA GLU B 121 -1.94 -9.70 13.21
C GLU B 121 -2.08 -8.49 14.13
N GLU B 122 -1.41 -7.38 13.78
CA GLU B 122 -1.55 -6.12 14.50
C GLU B 122 -2.68 -5.26 13.89
N ASN B 123 -3.42 -5.85 12.94
CA ASN B 123 -4.55 -5.28 12.14
C ASN B 123 -4.28 -3.91 11.52
N ILE B 124 -3.04 -3.69 11.17
CA ILE B 124 -2.61 -2.45 10.56
C ILE B 124 -2.26 -2.73 9.13
N SER B 125 -2.29 -1.72 8.33
CA SER B 125 -2.02 -1.87 6.95
C SER B 125 -0.53 -1.93 6.68
N MET B 126 -0.19 -2.54 5.56
CA MET B 126 1.20 -2.75 5.13
C MET B 126 1.96 -1.47 4.91
N GLY B 127 1.25 -0.35 4.67
CA GLY B 127 1.90 0.93 4.47
C GLY B 127 2.61 1.39 5.72
N ARG B 128 1.87 1.57 6.79
CA ARG B 128 2.43 1.98 8.07
C ARG B 128 3.43 0.98 8.63
N TYR B 129 3.19 -0.30 8.38
CA TYR B 129 4.14 -1.35 8.76
C TYR B 129 5.45 -1.27 7.92
N ALA B 130 5.36 -0.79 6.70
CA ALA B 130 6.52 -0.64 5.86
C ALA B 130 7.36 0.56 6.27
N VAL B 131 6.72 1.53 6.93
CA VAL B 131 7.45 2.67 7.48
C VAL B 131 8.13 2.24 8.79
N TYR B 132 7.60 1.17 9.40
CA TYR B 132 8.24 0.51 10.53
C TYR B 132 9.56 -0.13 10.06
N LEU B 133 9.55 -0.68 8.83
CA LEU B 133 10.78 -1.19 8.20
C LEU B 133 11.76 -0.05 7.91
N LYS B 134 11.21 1.12 7.49
CA LYS B 134 12.03 2.32 7.22
C LYS B 134 12.73 2.79 8.49
N ALA B 135 11.98 2.77 9.59
CA ALA B 135 12.47 3.09 10.92
C ALA B 135 13.61 2.17 11.31
N LYS B 136 13.42 0.87 11.14
CA LYS B 136 14.41 -0.11 11.52
C LYS B 136 15.66 -0.10 10.63
N GLU B 137 15.53 0.30 9.35
CA GLU B 137 16.69 0.44 8.47
C GLU B 137 17.57 1.61 8.91
N GLN B 138 16.93 2.65 9.41
CA GLN B 138 17.63 3.84 9.90
C GLN B 138 18.02 3.69 11.38
N ASN B 139 17.66 2.52 11.95
CA ASN B 139 17.94 2.08 13.36
C ASN B 139 17.19 2.96 14.39
N VAL B 140 16.12 3.59 13.95
CA VAL B 140 15.30 4.39 14.81
C VAL B 140 14.24 3.45 15.34
N ASN B 141 14.24 3.25 16.63
CA ASN B 141 13.35 2.27 17.19
C ASN B 141 11.97 2.84 17.51
N LEU B 142 11.08 2.68 16.56
CA LEU B 142 9.69 2.94 16.81
C LEU B 142 9.04 1.61 16.99
N THR B 143 8.43 1.42 18.12
CA THR B 143 7.74 0.20 18.45
C THR B 143 6.45 0.10 17.58
N ILE B 144 5.97 -1.13 17.35
CA ILE B 144 4.72 -1.42 16.62
C ILE B 144 3.50 -0.61 17.17
N ASP B 145 3.51 -0.40 18.49
CA ASP B 145 2.49 0.41 19.20
C ASP B 145 2.52 1.87 18.75
N GLU B 146 3.73 2.37 18.58
CA GLU B 146 3.97 3.74 18.14
C GLU B 146 3.50 3.90 16.69
N ILE B 147 3.84 2.89 15.88
CA ILE B 147 3.49 2.79 14.45
C ILE B 147 1.97 2.76 14.21
N LYS B 148 1.25 1.98 15.01
CA LYS B 148 -0.19 1.79 14.82
C LYS B 148 -1.00 3.01 15.24
N ASP B 149 -0.53 3.73 16.25
CA ASP B 149 -1.27 4.89 16.78
C ASP B 149 -0.95 6.14 15.97
N ALA B 150 0.20 6.14 15.32
CA ALA B 150 0.60 7.24 14.48
C ALA B 150 -0.03 7.09 13.11
N ASP B 151 -0.27 8.21 12.49
CA ASP B 151 -0.80 8.25 11.13
C ASP B 151 0.32 7.95 10.16
N LEU B 152 -0.02 7.65 8.94
CA LEU B 152 0.96 7.39 7.89
C LEU B 152 1.66 8.72 7.52
N LEU B 153 0.87 9.82 7.65
CA LEU B 153 1.35 11.22 7.51
C LEU B 153 2.51 11.42 8.46
N GLU B 154 2.25 11.07 9.72
CA GLU B 154 3.22 11.16 10.79
C GLU B 154 4.44 10.33 10.53
N LEU B 155 4.23 9.07 10.20
CA LEU B 155 5.29 8.11 10.00
C LEU B 155 6.25 8.48 8.88
N ILE B 156 5.73 8.71 7.67
CA ILE B 156 6.60 9.10 6.56
C ILE B 156 7.26 10.46 6.76
N ALA B 157 6.51 11.47 7.24
CA ALA B 157 7.07 12.81 7.47
C ALA B 157 8.25 12.79 8.47
N LYS B 158 8.13 12.02 9.56
CA LYS B 158 9.20 11.96 10.54
C LYS B 158 10.37 11.12 10.05
N LEU B 159 10.11 10.16 9.15
CA LEU B 159 11.15 9.32 8.55
C LEU B 159 11.92 10.07 7.48
N GLU B 160 11.25 10.98 6.77
CA GLU B 160 11.89 11.89 5.82
C GLU B 160 12.78 12.83 6.54
N HIS B 161 12.38 13.18 7.75
CA HIS B 161 13.11 14.10 8.59
C HIS B 161 13.94 13.33 9.61
N HIS B 162 14.30 12.10 9.25
CA HIS B 162 15.17 11.25 10.05
C HIS B 162 16.56 11.17 9.46
N HIS B 163 16.78 11.81 8.32
CA HIS B 163 18.11 11.83 7.72
C HIS B 163 18.92 12.95 8.37
N HIS B 164 18.22 13.97 8.74
CA HIS B 164 18.75 15.11 9.42
C HIS B 164 17.80 15.33 10.58
N HIS B 165 18.31 15.22 11.81
CA HIS B 165 17.49 15.31 13.06
C HIS B 165 16.65 16.58 13.14
N HIS B 166 15.41 16.40 13.53
CA HIS B 166 14.48 17.50 13.68
C HIS B 166 14.54 18.09 15.10
N MET A 1 0.05 -18.35 -3.92
CA MET A 1 -0.31 -16.99 -3.54
C MET A 1 0.51 -16.04 -4.35
N TYR A 2 0.10 -14.81 -4.43
CA TYR A 2 0.72 -13.90 -5.35
C TYR A 2 1.16 -12.59 -4.64
N ALA A 3 0.29 -11.57 -4.64
CA ALA A 3 0.64 -10.29 -4.09
C ALA A 3 -0.53 -9.67 -3.36
N TYR A 4 -0.23 -8.83 -2.41
CA TYR A 4 -1.21 -8.13 -1.61
C TYR A 4 -0.75 -6.70 -1.53
N VAL A 5 -1.57 -5.81 -2.01
CA VAL A 5 -1.24 -4.41 -2.06
C VAL A 5 -1.96 -3.66 -0.95
N GLY A 6 -1.20 -3.01 -0.12
CA GLY A 6 -1.75 -2.25 0.94
C GLY A 6 -1.77 -0.79 0.59
N ILE A 7 -2.94 -0.24 0.58
CA ILE A 7 -3.14 1.17 0.32
C ILE A 7 -3.42 1.81 1.63
N ASP A 8 -2.47 2.55 2.05
CA ASP A 8 -2.55 3.17 3.31
C ASP A 8 -2.61 4.66 3.06
N ILE A 9 -3.64 5.26 3.58
CA ILE A 9 -3.86 6.70 3.46
C ILE A 9 -4.06 7.26 4.84
N ASN A 10 -3.09 8.05 5.30
CA ASN A 10 -3.15 8.79 6.59
C ASN A 10 -3.50 7.95 7.83
N PRO B 1 -7.62 5.82 5.98
CA PRO B 1 -8.19 4.53 5.60
C PRO B 1 -7.09 3.54 5.30
N SER B 2 -7.32 2.28 5.63
CA SER B 2 -6.35 1.22 5.43
C SER B 2 -7.02 0.07 4.66
N ILE B 3 -6.56 -0.17 3.42
CA ILE B 3 -7.17 -1.16 2.52
C ILE B 3 -6.12 -2.13 2.00
N GLU B 4 -6.51 -3.37 1.83
CA GLU B 4 -5.71 -4.42 1.28
C GLU B 4 -6.37 -4.97 0.02
N LEU B 5 -5.66 -4.94 -1.05
CA LEU B 5 -6.10 -5.48 -2.31
C LEU B 5 -5.40 -6.80 -2.53
N TRP B 6 -6.17 -7.84 -2.61
CA TRP B 6 -5.65 -9.16 -2.87
C TRP B 6 -5.45 -9.28 -4.35
N ILE B 7 -4.24 -9.43 -4.75
CA ILE B 7 -3.91 -9.48 -6.14
C ILE B 7 -3.75 -10.93 -6.55
N ASN B 8 -4.52 -11.32 -7.53
CA ASN B 8 -4.51 -12.65 -8.05
C ASN B 8 -3.45 -12.79 -9.12
N TYR B 9 -3.40 -13.96 -9.72
CA TYR B 9 -2.36 -14.38 -10.64
C TYR B 9 -2.50 -13.68 -12.05
N ASN B 10 -3.56 -12.92 -12.23
CA ASN B 10 -3.82 -12.19 -13.49
C ASN B 10 -3.48 -10.68 -13.28
N ASN B 11 -3.04 -10.33 -12.05
CA ASN B 11 -2.75 -8.91 -11.61
C ASN B 11 -4.05 -8.14 -11.36
N LYS B 12 -5.13 -8.89 -11.24
CA LYS B 12 -6.42 -8.33 -10.97
C LYS B 12 -6.69 -8.46 -9.48
N ILE B 13 -7.66 -7.78 -9.01
CA ILE B 13 -8.00 -7.80 -7.63
C ILE B 13 -9.02 -8.92 -7.34
N ALA B 14 -8.64 -9.82 -6.50
CA ALA B 14 -9.48 -10.93 -6.13
C ALA B 14 -10.54 -10.46 -5.16
N GLU B 15 -10.12 -9.70 -4.17
CA GLU B 15 -10.98 -9.21 -3.12
C GLU B 15 -10.33 -8.01 -2.43
N ALA B 16 -11.13 -7.04 -2.10
CA ALA B 16 -10.67 -5.84 -1.43
C ALA B 16 -11.16 -5.87 -0.02
N LYS B 17 -10.24 -5.81 0.90
CA LYS B 17 -10.55 -5.87 2.31
C LYS B 17 -10.13 -4.60 3.00
N ALA B 18 -10.94 -4.17 3.90
CA ALA B 18 -10.68 -3.00 4.67
C ALA B 18 -10.22 -3.42 6.04
N LEU B 19 -9.26 -2.70 6.55
CA LEU B 19 -8.72 -2.97 7.87
C LEU B 19 -9.34 -2.07 8.92
N ASN B 20 -9.91 -0.97 8.48
CA ASN B 20 -10.63 -0.09 9.36
C ASN B 20 -11.98 0.28 8.77
N GLY B 21 -12.90 0.77 9.61
CA GLY B 21 -14.27 1.09 9.19
C GLY B 21 -14.35 2.24 8.21
N ASP B 22 -13.37 3.13 8.25
CA ASP B 22 -13.26 4.29 7.34
C ASP B 22 -13.07 3.79 5.92
N ALA B 23 -12.28 2.73 5.79
CA ALA B 23 -11.96 2.13 4.53
C ALA B 23 -13.14 1.35 3.98
N GLU B 24 -13.99 0.83 4.86
CA GLU B 24 -15.24 0.16 4.48
C GLU B 24 -16.16 1.13 3.77
N THR B 25 -16.20 2.36 4.28
CA THR B 25 -16.96 3.44 3.73
C THR B 25 -16.41 3.84 2.34
N VAL B 26 -15.12 3.63 2.12
CA VAL B 26 -14.50 3.92 0.83
C VAL B 26 -14.83 2.80 -0.19
N LEU B 27 -14.71 1.53 0.23
CA LEU B 27 -14.89 0.34 -0.64
C LEU B 27 -16.28 0.23 -1.26
N GLU B 28 -17.30 0.66 -0.52
CA GLU B 28 -18.68 0.59 -0.99
C GLU B 28 -18.91 1.43 -2.25
N GLY B 29 -19.31 0.77 -3.31
CA GLY B 29 -19.65 1.46 -4.53
C GLY B 29 -18.54 1.42 -5.55
N LEU B 30 -17.38 0.99 -5.11
CA LEU B 30 -16.24 0.89 -5.97
C LEU B 30 -15.99 -0.54 -6.39
N GLU B 31 -16.12 -0.81 -7.67
CA GLU B 31 -15.80 -2.10 -8.19
C GLU B 31 -14.34 -2.07 -8.57
N LEU B 32 -13.59 -3.00 -8.03
CA LEU B 32 -12.16 -2.97 -8.16
C LEU B 32 -11.63 -4.31 -8.71
N LYS B 33 -12.47 -5.34 -8.71
CA LYS B 33 -12.06 -6.75 -8.98
C LYS B 33 -11.32 -7.02 -10.30
N GLU B 34 -11.81 -6.55 -11.39
CA GLU B 34 -11.10 -6.80 -12.63
C GLU B 34 -10.33 -5.62 -13.13
N LYS B 35 -9.98 -4.75 -12.21
CA LYS B 35 -9.14 -3.63 -12.48
C LYS B 35 -7.77 -3.94 -11.90
N THR B 36 -6.79 -3.16 -12.27
CA THR B 36 -5.48 -3.35 -11.73
C THR B 36 -5.27 -2.44 -10.52
N VAL B 37 -4.07 -2.47 -9.96
CA VAL B 37 -3.71 -1.71 -8.76
C VAL B 37 -3.90 -0.22 -8.98
N ALA B 38 -3.34 0.30 -10.08
CA ALA B 38 -3.39 1.73 -10.43
C ALA B 38 -4.79 2.29 -10.48
N GLU B 39 -5.69 1.51 -11.04
CA GLU B 39 -7.06 1.91 -11.17
C GLU B 39 -7.73 1.94 -9.82
N ALA B 40 -7.47 0.90 -9.01
CA ALA B 40 -8.01 0.80 -7.66
C ALA B 40 -7.51 1.91 -6.75
N VAL B 41 -6.20 2.23 -6.82
CA VAL B 41 -5.61 3.32 -6.02
C VAL B 41 -6.30 4.62 -6.36
N ASN B 42 -6.54 4.82 -7.66
CA ASN B 42 -7.22 5.99 -8.14
C ASN B 42 -8.63 6.04 -7.57
N GLU B 43 -9.42 4.96 -7.76
CA GLU B 43 -10.83 4.82 -7.26
C GLU B 43 -10.93 5.13 -5.76
N ILE B 44 -10.07 4.47 -4.97
CA ILE B 44 -9.99 4.63 -3.53
C ILE B 44 -9.69 6.10 -3.15
N VAL B 45 -8.65 6.67 -3.73
CA VAL B 45 -8.24 8.04 -3.45
C VAL B 45 -9.30 9.07 -3.92
N GLN B 46 -9.98 8.79 -5.03
CA GLN B 46 -11.02 9.68 -5.56
C GLN B 46 -12.21 9.75 -4.63
N LYS B 47 -12.66 8.59 -4.13
CA LYS B 47 -13.80 8.58 -3.24
C LYS B 47 -13.39 9.12 -1.86
N SER B 48 -12.17 8.80 -1.43
CA SER B 48 -11.64 9.29 -0.16
C SER B 48 -11.50 10.83 -0.18
N MET B 49 -11.22 11.37 -1.37
CA MET B 49 -11.07 12.80 -1.60
C MET B 49 -12.40 13.51 -1.42
N GLU B 50 -13.46 12.86 -1.90
CA GLU B 50 -14.81 13.40 -1.82
C GLU B 50 -15.32 13.45 -0.39
N LEU B 51 -15.10 12.39 0.35
CA LEU B 51 -15.59 12.29 1.70
C LEU B 51 -14.72 13.01 2.73
N GLY B 52 -13.47 13.24 2.40
CA GLY B 52 -12.60 14.00 3.29
C GLY B 52 -11.63 13.16 4.09
N PHE B 53 -11.23 12.02 3.54
CA PHE B 53 -10.21 11.17 4.16
C PHE B 53 -8.85 11.57 3.59
N ILE B 54 -8.89 12.24 2.45
CA ILE B 54 -7.73 12.75 1.77
C ILE B 54 -8.19 13.98 0.96
N SER B 55 -7.28 14.84 0.61
CA SER B 55 -7.58 16.01 -0.16
C SER B 55 -6.55 16.15 -1.26
N ARG B 56 -6.97 16.68 -2.40
CA ARG B 56 -6.08 16.89 -3.53
C ARG B 56 -5.44 18.27 -3.42
N GLU B 57 -6.11 19.13 -2.68
CA GLU B 57 -5.71 20.50 -2.47
C GLU B 57 -4.61 20.58 -1.42
N LYS B 58 -4.71 19.68 -0.46
CA LYS B 58 -3.84 19.70 0.71
C LYS B 58 -2.82 18.59 0.63
N GLU B 59 -1.81 18.68 1.48
CA GLU B 59 -0.79 17.68 1.53
C GLU B 59 -1.21 16.54 2.39
N ASN B 60 -1.23 15.39 1.78
CA ASN B 60 -1.64 14.17 2.39
C ASN B 60 -0.63 13.12 2.02
N ILE B 61 -0.82 11.91 2.46
CA ILE B 61 0.12 10.88 2.22
C ILE B 61 -0.62 9.65 1.63
N ILE B 62 -0.02 9.04 0.64
CA ILE B 62 -0.52 7.83 0.02
C ILE B 62 0.63 6.84 0.00
N LEU B 63 0.45 5.71 0.55
CA LEU B 63 1.46 4.72 0.52
C LEU B 63 0.97 3.46 -0.10
N ILE B 64 1.65 3.09 -1.15
CA ILE B 64 1.34 1.91 -1.87
C ILE B 64 2.42 0.88 -1.53
N SER B 65 2.02 -0.11 -0.84
CA SER B 65 2.89 -1.16 -0.46
C SER B 65 2.49 -2.42 -1.19
N THR B 66 3.43 -3.17 -1.60
CA THR B 66 3.15 -4.40 -2.26
C THR B 66 3.91 -5.48 -1.52
N ALA B 67 3.23 -6.52 -1.12
CA ALA B 67 3.85 -7.63 -0.45
C ALA B 67 3.61 -8.84 -1.30
N CYS B 68 4.65 -9.56 -1.61
CA CYS B 68 4.50 -10.69 -2.51
C CYS B 68 5.51 -11.80 -2.24
N ASP B 69 4.99 -12.99 -2.11
CA ASP B 69 5.81 -14.18 -2.08
C ASP B 69 5.41 -15.00 -3.27
N LEU B 70 6.33 -15.50 -4.03
CA LEU B 70 5.95 -16.18 -5.23
C LEU B 70 5.89 -17.70 -5.12
N LYS B 71 6.92 -18.41 -5.65
CA LYS B 71 6.96 -19.91 -5.73
C LYS B 71 5.83 -20.46 -6.66
N ALA B 72 5.19 -19.57 -7.40
CA ALA B 72 4.06 -19.89 -8.22
C ALA B 72 4.50 -20.20 -9.64
N GLY B 73 3.62 -20.86 -10.36
CA GLY B 73 3.87 -21.25 -11.71
C GLY B 73 3.28 -22.60 -11.98
N GLU B 74 3.78 -23.59 -11.24
CA GLU B 74 3.42 -25.01 -11.30
C GLU B 74 3.59 -25.63 -12.71
N GLY B 75 2.59 -25.44 -13.57
CA GLY B 75 2.68 -25.90 -14.94
C GLY B 75 3.42 -24.91 -15.81
N SER B 76 3.43 -23.68 -15.38
CA SER B 76 4.14 -22.63 -16.04
C SER B 76 5.50 -22.45 -15.35
N GLU B 77 6.46 -21.94 -16.07
CA GLU B 77 7.77 -21.71 -15.55
C GLU B 77 7.72 -20.36 -14.83
N ASN B 78 8.50 -20.23 -13.75
CA ASN B 78 8.47 -19.04 -12.87
C ASN B 78 8.70 -17.71 -13.57
N LYS B 79 9.44 -17.73 -14.67
CA LYS B 79 9.74 -16.53 -15.46
C LYS B 79 8.45 -15.89 -16.02
N ASP B 80 7.45 -16.72 -16.32
CA ASP B 80 6.12 -16.27 -16.77
C ASP B 80 5.40 -15.49 -15.66
N VAL B 81 5.59 -15.94 -14.44
CA VAL B 81 5.02 -15.33 -13.25
C VAL B 81 5.77 -14.03 -12.93
N GLN B 82 7.09 -14.05 -13.09
CA GLN B 82 7.95 -12.89 -12.81
C GLN B 82 7.71 -11.78 -13.83
N ASN B 83 7.34 -12.18 -15.06
CA ASN B 83 6.97 -11.27 -16.15
C ASN B 83 5.73 -10.49 -15.72
N LYS B 84 4.72 -11.20 -15.21
CA LYS B 84 3.50 -10.58 -14.70
C LYS B 84 3.76 -9.71 -13.45
N ILE B 85 4.69 -10.14 -12.59
CA ILE B 85 5.09 -9.38 -11.40
C ILE B 85 5.74 -8.03 -11.77
N GLY B 86 6.55 -8.03 -12.83
CA GLY B 86 7.20 -6.80 -13.27
C GLY B 86 6.20 -5.79 -13.81
N GLN B 87 5.15 -6.32 -14.43
CA GLN B 87 4.06 -5.51 -14.98
C GLN B 87 3.15 -5.00 -13.86
N LEU B 88 3.04 -5.79 -12.79
CA LEU B 88 2.27 -5.43 -11.60
C LEU B 88 2.95 -4.25 -10.91
N PHE B 89 4.25 -4.36 -10.73
CA PHE B 89 5.06 -3.30 -10.14
C PHE B 89 5.13 -2.06 -11.00
N ASP B 90 5.01 -2.24 -12.31
CA ASP B 90 4.96 -1.11 -13.23
C ASP B 90 3.66 -0.34 -13.02
N ASP B 91 2.56 -1.10 -12.92
CA ASP B 91 1.20 -0.57 -12.68
C ASP B 91 1.15 0.15 -11.31
N VAL B 92 1.86 -0.40 -10.32
CA VAL B 92 2.03 0.21 -8.98
C VAL B 92 2.71 1.60 -9.11
N ASN B 93 3.79 1.66 -9.88
CA ASN B 93 4.54 2.91 -10.06
C ASN B 93 3.78 3.93 -10.93
N LYS B 94 2.93 3.44 -11.82
CA LYS B 94 2.02 4.28 -12.62
C LYS B 94 1.00 4.95 -11.71
N ALA B 95 0.46 4.17 -10.75
CA ALA B 95 -0.50 4.65 -9.75
C ALA B 95 0.08 5.78 -8.95
N VAL B 96 1.34 5.59 -8.56
CA VAL B 96 2.09 6.58 -7.80
C VAL B 96 2.20 7.89 -8.56
N SER B 97 2.63 7.80 -9.82
CA SER B 97 2.81 8.96 -10.70
C SER B 97 1.49 9.73 -10.91
N ASP B 98 0.41 8.97 -11.02
CA ASP B 98 -0.94 9.50 -11.25
C ASP B 98 -1.45 10.30 -10.03
N LEU B 99 -1.32 9.72 -8.86
CA LEU B 99 -1.85 10.33 -7.65
C LEU B 99 -0.91 11.38 -7.00
N LYS B 100 0.42 11.19 -7.12
CA LYS B 100 1.38 12.12 -6.50
C LYS B 100 1.49 13.44 -7.24
N ASN B 101 1.01 13.45 -8.50
CA ASN B 101 1.00 14.60 -9.41
C ASN B 101 0.31 15.83 -8.74
N SER B 102 -0.62 15.57 -7.83
CA SER B 102 -1.38 16.59 -7.15
C SER B 102 -0.60 17.25 -5.98
N GLY B 103 0.65 16.86 -5.79
CA GLY B 103 1.46 17.38 -4.70
C GLY B 103 1.22 16.59 -3.44
N ILE B 104 1.06 15.29 -3.61
CA ILE B 104 0.78 14.40 -2.51
C ILE B 104 1.96 13.43 -2.39
N THR B 105 2.46 13.24 -1.18
CA THR B 105 3.58 12.36 -0.95
C THR B 105 3.13 10.89 -1.12
N THR B 106 3.51 10.28 -2.23
CA THR B 106 3.21 8.91 -2.50
C THR B 106 4.51 8.11 -2.61
N ARG B 107 4.58 7.02 -1.87
CA ARG B 107 5.76 6.16 -1.84
C ARG B 107 5.40 4.73 -2.24
N ILE B 108 6.43 3.92 -2.54
CA ILE B 108 6.27 2.51 -2.90
C ILE B 108 7.17 1.71 -1.98
N LEU B 109 6.60 0.95 -1.12
CA LEU B 109 7.36 0.09 -0.26
C LEU B 109 7.07 -1.35 -0.62
N ASN B 110 8.08 -2.17 -0.61
CA ASN B 110 7.96 -3.54 -1.07
C ASN B 110 8.31 -4.52 0.02
N LEU B 111 7.40 -5.37 0.34
CA LEU B 111 7.55 -6.33 1.40
C LEU B 111 7.34 -7.72 0.84
N THR B 112 7.74 -8.72 1.58
CA THR B 112 7.46 -10.07 1.25
C THR B 112 6.14 -10.51 1.97
N LEU B 113 5.67 -11.73 1.72
CA LEU B 113 4.38 -12.19 2.30
C LEU B 113 4.48 -12.34 3.82
N GLU B 114 5.62 -12.76 4.29
CA GLU B 114 5.90 -12.95 5.71
C GLU B 114 5.74 -11.62 6.51
N GLU B 115 6.04 -10.48 5.84
CA GLU B 115 5.93 -9.16 6.43
C GLU B 115 4.45 -8.74 6.51
N ARG B 116 3.68 -9.21 5.52
CA ARG B 116 2.23 -8.97 5.47
C ARG B 116 1.55 -9.68 6.65
N GLU B 117 1.97 -10.91 6.90
CA GLU B 117 1.37 -11.73 7.96
C GLU B 117 1.58 -11.07 9.33
N SER B 118 2.74 -10.45 9.52
CA SER B 118 3.08 -9.72 10.73
C SER B 118 2.20 -8.44 10.91
N SER B 119 1.94 -7.74 9.82
CA SER B 119 1.15 -6.54 9.89
C SER B 119 -0.34 -6.84 10.07
N LYS B 120 -0.81 -7.91 9.44
CA LYS B 120 -2.20 -8.29 9.50
C LYS B 120 -2.62 -8.79 10.87
N GLU B 121 -1.70 -9.42 11.61
CA GLU B 121 -2.00 -9.84 12.99
C GLU B 121 -2.00 -8.63 13.95
N GLU B 122 -1.27 -7.55 13.57
CA GLU B 122 -1.28 -6.29 14.33
C GLU B 122 -2.40 -5.36 13.85
N ASN B 123 -3.22 -5.89 12.92
CA ASN B 123 -4.36 -5.22 12.23
C ASN B 123 -3.99 -3.91 11.54
N ILE B 124 -2.75 -3.82 11.13
CA ILE B 124 -2.26 -2.66 10.47
C ILE B 124 -1.96 -3.00 9.05
N SER B 125 -2.01 -2.02 8.23
CA SER B 125 -1.76 -2.18 6.85
C SER B 125 -0.28 -2.28 6.57
N MET B 126 0.05 -2.94 5.48
CA MET B 126 1.43 -3.15 5.05
C MET B 126 2.16 -1.85 4.76
N GLY B 127 1.40 -0.78 4.51
CA GLY B 127 1.96 0.52 4.28
C GLY B 127 2.67 1.04 5.51
N ARG B 128 1.93 1.24 6.59
CA ARG B 128 2.52 1.72 7.84
C ARG B 128 3.55 0.75 8.44
N TYR B 129 3.36 -0.55 8.19
CA TYR B 129 4.33 -1.58 8.60
C TYR B 129 5.65 -1.45 7.78
N ALA B 130 5.55 -0.90 6.59
CA ALA B 130 6.70 -0.70 5.76
C ALA B 130 7.46 0.57 6.14
N VAL B 131 6.80 1.46 6.85
CA VAL B 131 7.47 2.65 7.39
C VAL B 131 8.22 2.20 8.64
N TYR B 132 7.62 1.22 9.33
CA TYR B 132 8.22 0.52 10.47
C TYR B 132 9.48 -0.21 9.99
N LEU B 133 9.39 -0.78 8.79
CA LEU B 133 10.49 -1.48 8.14
C LEU B 133 11.65 -0.49 7.88
N LYS B 134 11.30 0.71 7.37
CA LYS B 134 12.29 1.77 7.09
C LYS B 134 12.94 2.30 8.37
N ALA B 135 12.14 2.38 9.43
CA ALA B 135 12.63 2.78 10.74
C ALA B 135 13.70 1.83 11.23
N LYS B 136 13.49 0.54 11.02
CA LYS B 136 14.43 -0.49 11.43
C LYS B 136 15.70 -0.46 10.58
N GLU B 137 15.54 -0.06 9.30
CA GLU B 137 16.65 0.11 8.36
C GLU B 137 17.56 1.23 8.84
N GLN B 138 16.95 2.36 9.19
CA GLN B 138 17.67 3.55 9.64
C GLN B 138 18.03 3.50 11.14
N ASN B 139 17.67 2.38 11.79
CA ASN B 139 17.99 2.08 13.22
C ASN B 139 17.32 3.05 14.19
N VAL B 140 16.15 3.49 13.83
CA VAL B 140 15.34 4.36 14.66
C VAL B 140 14.33 3.44 15.31
N ASN B 141 14.12 3.54 16.60
CA ASN B 141 13.24 2.60 17.24
C ASN B 141 11.81 3.11 17.30
N LEU B 142 11.09 2.91 16.22
CA LEU B 142 9.67 3.12 16.19
C LEU B 142 9.04 1.82 16.58
N THR B 143 8.06 1.87 17.43
CA THR B 143 7.42 0.69 17.92
C THR B 143 6.15 0.40 17.12
N ILE B 144 5.59 -0.77 17.33
CA ILE B 144 4.33 -1.16 16.71
C ILE B 144 3.16 -0.25 17.18
N ASP B 145 3.23 0.20 18.45
CA ASP B 145 2.24 1.13 19.02
C ASP B 145 2.26 2.44 18.24
N GLU B 146 3.48 2.95 18.00
CA GLU B 146 3.73 4.16 17.19
C GLU B 146 3.07 4.05 15.81
N ILE B 147 3.29 2.93 15.16
CA ILE B 147 2.82 2.64 13.82
C ILE B 147 1.27 2.59 13.71
N LYS B 148 0.63 1.98 14.69
CA LYS B 148 -0.83 1.82 14.66
C LYS B 148 -1.57 3.05 15.21
N ASP B 149 -0.89 3.86 16.00
CA ASP B 149 -1.54 4.99 16.67
C ASP B 149 -1.19 6.34 16.01
N ALA B 150 -0.06 6.45 15.35
CA ALA B 150 0.31 7.70 14.69
C ALA B 150 -0.22 7.72 13.28
N ASP B 151 -0.25 8.91 12.71
CA ASP B 151 -0.74 9.10 11.36
C ASP B 151 0.37 8.68 10.40
N LEU B 152 0.01 8.18 9.25
CA LEU B 152 0.96 7.73 8.24
C LEU B 152 1.79 8.90 7.70
N LEU B 153 1.21 10.12 7.72
CA LEU B 153 1.92 11.29 7.27
C LEU B 153 3.01 11.60 8.27
N GLU B 154 2.71 11.43 9.57
CA GLU B 154 3.71 11.63 10.64
C GLU B 154 4.83 10.62 10.52
N LEU B 155 4.45 9.36 10.29
CA LEU B 155 5.38 8.25 10.16
C LEU B 155 6.35 8.47 8.98
N ILE B 156 5.81 8.71 7.80
CA ILE B 156 6.63 8.95 6.64
C ILE B 156 7.43 10.23 6.73
N ALA B 157 6.85 11.31 7.27
CA ALA B 157 7.54 12.58 7.46
C ALA B 157 8.78 12.45 8.34
N LYS B 158 8.70 11.67 9.43
CA LYS B 158 9.86 11.52 10.33
C LYS B 158 10.97 10.64 9.71
N LEU B 159 10.61 9.84 8.71
CA LEU B 159 11.58 9.04 7.95
C LEU B 159 12.18 9.85 6.79
N GLU B 160 11.37 10.72 6.17
CA GLU B 160 11.82 11.57 5.04
C GLU B 160 12.64 12.77 5.55
N HIS B 161 12.35 13.18 6.75
CA HIS B 161 13.02 14.33 7.36
C HIS B 161 13.94 13.84 8.45
N HIS B 162 14.48 12.64 8.28
CA HIS B 162 15.36 12.03 9.26
C HIS B 162 16.80 12.57 9.11
N HIS B 163 17.08 13.15 7.94
CA HIS B 163 18.38 13.78 7.67
C HIS B 163 18.53 15.04 8.54
N HIS B 164 17.41 15.70 8.75
CA HIS B 164 17.33 16.81 9.67
C HIS B 164 17.02 16.22 11.05
N HIS B 165 18.03 16.18 11.90
CA HIS B 165 17.99 15.54 13.21
C HIS B 165 16.83 16.06 14.09
N HIS B 166 16.04 15.13 14.58
CA HIS B 166 14.94 15.40 15.48
C HIS B 166 15.47 15.35 16.89
N MET A 1 -0.14 -15.86 -1.68
CA MET A 1 -0.03 -16.23 -3.08
C MET A 1 -0.03 -15.01 -3.95
N TYR A 2 0.96 -14.96 -4.84
CA TYR A 2 1.09 -13.98 -5.92
C TYR A 2 1.46 -12.59 -5.41
N ALA A 3 0.46 -11.72 -5.14
CA ALA A 3 0.74 -10.38 -4.66
C ALA A 3 -0.42 -9.84 -3.84
N TYR A 4 -0.09 -8.91 -2.97
CA TYR A 4 -1.02 -8.22 -2.11
C TYR A 4 -0.60 -6.77 -2.08
N VAL A 5 -1.47 -5.90 -2.50
CA VAL A 5 -1.15 -4.49 -2.54
C VAL A 5 -1.91 -3.78 -1.45
N GLY A 6 -1.20 -3.16 -0.57
CA GLY A 6 -1.79 -2.43 0.49
C GLY A 6 -1.74 -0.97 0.19
N ILE A 7 -2.87 -0.36 0.15
CA ILE A 7 -2.99 1.04 -0.11
C ILE A 7 -3.29 1.68 1.20
N ASP A 8 -2.32 2.37 1.69
CA ASP A 8 -2.42 3.01 2.94
C ASP A 8 -2.35 4.48 2.68
N ILE A 9 -3.30 5.20 3.16
CA ILE A 9 -3.43 6.62 2.97
C ILE A 9 -3.75 7.23 4.32
N ASN A 10 -3.10 8.35 4.63
CA ASN A 10 -3.37 9.18 5.83
C ASN A 10 -2.98 8.50 7.13
N PRO B 1 -7.38 5.88 5.07
CA PRO B 1 -7.88 4.62 4.55
C PRO B 1 -6.75 3.61 4.40
N SER B 2 -6.92 2.45 4.99
CA SER B 2 -5.96 1.38 4.87
C SER B 2 -6.68 0.16 4.29
N ILE B 3 -6.33 -0.22 3.08
CA ILE B 3 -6.98 -1.31 2.35
C ILE B 3 -5.92 -2.27 1.81
N GLU B 4 -6.28 -3.50 1.67
CA GLU B 4 -5.44 -4.54 1.18
C GLU B 4 -6.14 -5.23 0.01
N LEU B 5 -5.53 -5.14 -1.13
CA LEU B 5 -6.02 -5.71 -2.36
C LEU B 5 -5.28 -7.00 -2.63
N TRP B 6 -5.99 -8.08 -2.62
CA TRP B 6 -5.41 -9.39 -2.90
C TRP B 6 -5.33 -9.55 -4.42
N ILE B 7 -4.15 -9.77 -4.93
CA ILE B 7 -3.94 -9.83 -6.37
C ILE B 7 -3.73 -11.27 -6.82
N ASN B 8 -4.53 -11.69 -7.78
CA ASN B 8 -4.48 -13.04 -8.34
C ASN B 8 -3.67 -13.06 -9.66
N TYR B 9 -3.57 -14.25 -10.30
CA TYR B 9 -2.77 -14.48 -11.54
C TYR B 9 -3.22 -13.66 -12.78
N ASN B 10 -4.36 -12.99 -12.73
CA ASN B 10 -4.79 -12.17 -13.84
C ASN B 10 -4.48 -10.70 -13.63
N ASN B 11 -3.73 -10.41 -12.55
CA ASN B 11 -3.37 -9.02 -12.13
C ASN B 11 -4.59 -8.23 -11.69
N LYS B 12 -5.66 -8.97 -11.37
CA LYS B 12 -6.90 -8.41 -10.93
C LYS B 12 -6.99 -8.63 -9.45
N ILE B 13 -7.92 -7.97 -8.84
CA ILE B 13 -8.12 -8.06 -7.44
C ILE B 13 -9.12 -9.20 -7.11
N ALA B 14 -8.75 -10.03 -6.17
CA ALA B 14 -9.57 -11.14 -5.74
C ALA B 14 -10.59 -10.64 -4.73
N GLU B 15 -10.10 -9.93 -3.73
CA GLU B 15 -10.92 -9.34 -2.71
C GLU B 15 -10.21 -8.13 -2.12
N ALA B 16 -10.98 -7.12 -1.80
CA ALA B 16 -10.48 -5.90 -1.23
C ALA B 16 -10.98 -5.81 0.19
N LYS B 17 -10.07 -5.71 1.12
CA LYS B 17 -10.44 -5.63 2.49
C LYS B 17 -9.83 -4.43 3.16
N ALA B 18 -10.66 -3.72 3.85
CA ALA B 18 -10.27 -2.56 4.56
C ALA B 18 -9.97 -2.92 5.97
N LEU B 19 -8.90 -2.38 6.45
CA LEU B 19 -8.41 -2.63 7.77
C LEU B 19 -9.02 -1.65 8.77
N ASN B 20 -9.43 -0.50 8.27
CA ASN B 20 -10.08 0.50 9.09
C ASN B 20 -11.44 0.90 8.53
N GLY B 21 -12.31 1.44 9.41
CA GLY B 21 -13.71 1.72 9.10
C GLY B 21 -13.94 2.82 8.07
N ASP B 22 -13.02 3.76 8.01
CA ASP B 22 -13.10 4.86 7.07
C ASP B 22 -12.86 4.37 5.64
N ALA B 23 -12.04 3.33 5.52
CA ALA B 23 -11.71 2.74 4.25
C ALA B 23 -12.83 1.82 3.78
N GLU B 24 -13.63 1.32 4.73
CA GLU B 24 -14.81 0.48 4.43
C GLU B 24 -15.82 1.29 3.65
N THR B 25 -16.03 2.52 4.09
CA THR B 25 -16.93 3.47 3.45
C THR B 25 -16.39 3.86 2.03
N VAL B 26 -15.05 3.88 1.89
CA VAL B 26 -14.41 4.12 0.61
C VAL B 26 -14.72 2.96 -0.36
N LEU B 27 -14.57 1.73 0.13
CA LEU B 27 -14.81 0.49 -0.65
C LEU B 27 -16.25 0.31 -1.10
N GLU B 28 -17.18 0.81 -0.30
CA GLU B 28 -18.60 0.71 -0.57
C GLU B 28 -19.02 1.32 -1.89
N GLY B 29 -19.33 0.46 -2.83
CA GLY B 29 -19.78 0.88 -4.12
C GLY B 29 -18.72 0.70 -5.18
N LEU B 30 -17.54 0.27 -4.77
CA LEU B 30 -16.45 0.06 -5.69
C LEU B 30 -16.33 -1.40 -6.10
N GLU B 31 -16.48 -1.68 -7.37
CA GLU B 31 -16.23 -2.99 -7.92
C GLU B 31 -14.77 -3.02 -8.33
N LEU B 32 -13.97 -3.56 -7.45
CA LEU B 32 -12.54 -3.56 -7.60
C LEU B 32 -11.99 -4.89 -8.08
N LYS B 33 -12.83 -5.93 -8.15
CA LYS B 33 -12.36 -7.28 -8.56
C LYS B 33 -11.80 -7.29 -9.97
N GLU B 34 -12.37 -6.50 -10.81
CA GLU B 34 -11.93 -6.46 -12.16
C GLU B 34 -11.25 -5.14 -12.48
N LYS B 35 -10.61 -4.60 -11.47
CA LYS B 35 -9.77 -3.46 -11.60
C LYS B 35 -8.35 -3.94 -11.44
N THR B 36 -7.45 -3.22 -11.98
CA THR B 36 -6.06 -3.47 -11.78
C THR B 36 -5.57 -2.58 -10.61
N VAL B 37 -4.28 -2.64 -10.31
CA VAL B 37 -3.73 -1.91 -9.16
C VAL B 37 -3.87 -0.40 -9.33
N ALA B 38 -3.44 0.13 -10.48
CA ALA B 38 -3.49 1.57 -10.75
C ALA B 38 -4.90 2.14 -10.73
N GLU B 39 -5.86 1.32 -11.14
CA GLU B 39 -7.24 1.71 -11.13
C GLU B 39 -7.77 1.75 -9.72
N ALA B 40 -7.45 0.71 -8.94
CA ALA B 40 -7.87 0.61 -7.54
C ALA B 40 -7.34 1.75 -6.70
N VAL B 41 -6.05 2.11 -6.92
CA VAL B 41 -5.41 3.24 -6.24
C VAL B 41 -6.21 4.52 -6.51
N ASN B 42 -6.56 4.72 -7.76
CA ASN B 42 -7.30 5.90 -8.17
C ASN B 42 -8.71 5.92 -7.55
N GLU B 43 -9.42 4.77 -7.60
CA GLU B 43 -10.78 4.62 -7.02
C GLU B 43 -10.80 4.98 -5.53
N ILE B 44 -9.83 4.42 -4.80
CA ILE B 44 -9.67 4.64 -3.36
C ILE B 44 -9.34 6.12 -3.08
N VAL B 45 -8.32 6.67 -3.76
CA VAL B 45 -7.89 8.06 -3.55
C VAL B 45 -9.00 9.08 -3.85
N GLN B 46 -9.76 8.85 -4.91
CA GLN B 46 -10.84 9.74 -5.31
C GLN B 46 -11.98 9.76 -4.31
N LYS B 47 -12.37 8.60 -3.81
CA LYS B 47 -13.41 8.54 -2.79
C LYS B 47 -12.94 9.04 -1.44
N SER B 48 -11.67 8.81 -1.14
CA SER B 48 -11.08 9.32 0.09
C SER B 48 -10.99 10.86 0.05
N MET B 49 -10.95 11.41 -1.15
CA MET B 49 -10.87 12.83 -1.37
C MET B 49 -12.27 13.45 -1.19
N GLU B 50 -13.30 12.70 -1.61
CA GLU B 50 -14.71 13.10 -1.45
C GLU B 50 -15.06 13.19 0.03
N LEU B 51 -14.68 12.14 0.76
CA LEU B 51 -14.95 12.03 2.17
C LEU B 51 -14.05 12.90 3.04
N GLY B 52 -12.89 13.26 2.53
CA GLY B 52 -12.05 14.21 3.24
C GLY B 52 -10.91 13.58 4.01
N PHE B 53 -10.43 12.44 3.57
CA PHE B 53 -9.31 11.78 4.21
C PHE B 53 -8.00 12.13 3.50
N ILE B 54 -8.12 12.64 2.28
CA ILE B 54 -6.98 13.06 1.49
C ILE B 54 -7.37 14.32 0.70
N SER B 55 -6.41 15.19 0.48
CA SER B 55 -6.63 16.45 -0.16
C SER B 55 -5.56 16.66 -1.25
N ARG B 56 -5.89 17.45 -2.25
CA ARG B 56 -4.96 17.81 -3.31
C ARG B 56 -4.17 19.04 -2.89
N GLU B 57 -4.83 19.82 -2.04
CA GLU B 57 -4.37 21.13 -1.62
C GLU B 57 -3.43 21.03 -0.42
N LYS B 58 -3.65 20.04 0.42
CA LYS B 58 -2.83 19.84 1.61
C LYS B 58 -1.77 18.79 1.35
N GLU B 59 -0.80 18.70 2.25
CA GLU B 59 0.23 17.68 2.16
C GLU B 59 -0.35 16.34 2.63
N ASN B 60 -0.27 15.35 1.78
CA ASN B 60 -0.80 14.03 2.10
C ASN B 60 0.16 12.97 1.68
N ILE B 61 -0.11 11.77 2.08
CA ILE B 61 0.77 10.70 1.82
C ILE B 61 -0.08 9.47 1.38
N ILE B 62 0.39 8.81 0.37
CA ILE B 62 -0.19 7.61 -0.16
C ILE B 62 0.95 6.60 -0.21
N LEU B 63 0.83 5.54 0.49
CA LEU B 63 1.84 4.53 0.45
C LEU B 63 1.30 3.28 -0.15
N ILE B 64 1.85 2.96 -1.28
CA ILE B 64 1.50 1.78 -1.99
C ILE B 64 2.54 0.73 -1.63
N SER B 65 2.12 -0.19 -0.82
CA SER B 65 2.96 -1.23 -0.39
C SER B 65 2.57 -2.49 -1.13
N THR B 66 3.53 -3.16 -1.65
CA THR B 66 3.27 -4.36 -2.36
C THR B 66 4.03 -5.47 -1.68
N ALA B 67 3.34 -6.54 -1.40
CA ALA B 67 3.92 -7.71 -0.83
C ALA B 67 3.70 -8.78 -1.82
N CYS B 68 4.73 -9.47 -2.14
CA CYS B 68 4.64 -10.46 -3.15
C CYS B 68 5.40 -11.69 -2.74
N ASP B 69 4.76 -12.81 -2.87
CA ASP B 69 5.38 -14.05 -2.63
C ASP B 69 5.49 -14.78 -3.93
N LEU B 70 6.69 -14.92 -4.38
CA LEU B 70 6.92 -15.56 -5.64
C LEU B 70 7.24 -17.03 -5.44
N LYS B 71 6.34 -17.64 -4.71
CA LYS B 71 6.27 -19.05 -4.51
C LYS B 71 5.17 -19.56 -5.40
N ALA B 72 4.31 -18.62 -5.79
CA ALA B 72 3.24 -18.85 -6.68
C ALA B 72 3.76 -18.76 -8.10
N GLY B 73 4.11 -19.90 -8.61
CA GLY B 73 4.54 -20.06 -9.96
C GLY B 73 4.07 -21.40 -10.42
N GLU B 74 2.89 -21.74 -9.95
CA GLU B 74 2.33 -23.02 -10.12
C GLU B 74 1.11 -22.89 -11.04
N GLY B 75 1.29 -23.35 -12.24
CA GLY B 75 0.29 -23.31 -13.23
C GLY B 75 0.89 -23.51 -14.58
N SER B 76 1.51 -22.49 -15.09
CA SER B 76 2.17 -22.55 -16.37
C SER B 76 3.69 -22.66 -16.15
N GLU B 77 4.25 -21.66 -15.46
CA GLU B 77 5.69 -21.54 -15.19
C GLU B 77 5.89 -20.32 -14.26
N ASN B 78 7.02 -20.25 -13.55
CA ASN B 78 7.33 -19.08 -12.70
C ASN B 78 7.63 -17.87 -13.56
N LYS B 79 8.24 -18.12 -14.72
CA LYS B 79 8.57 -17.09 -15.73
C LYS B 79 7.31 -16.34 -16.18
N ASP B 80 6.23 -17.11 -16.40
CA ASP B 80 4.89 -16.61 -16.77
C ASP B 80 4.39 -15.60 -15.71
N VAL B 81 4.59 -15.97 -14.46
CA VAL B 81 4.22 -15.14 -13.32
C VAL B 81 5.08 -13.88 -13.26
N GLN B 82 6.42 -14.06 -13.35
CA GLN B 82 7.41 -12.95 -13.28
C GLN B 82 7.17 -11.89 -14.35
N ASN B 83 6.75 -12.34 -15.53
CA ASN B 83 6.38 -11.48 -16.66
C ASN B 83 5.24 -10.54 -16.23
N LYS B 84 4.24 -11.10 -15.58
CA LYS B 84 3.11 -10.32 -15.08
C LYS B 84 3.44 -9.52 -13.84
N ILE B 85 4.42 -9.97 -13.08
CA ILE B 85 4.88 -9.27 -11.87
C ILE B 85 5.61 -7.97 -12.26
N GLY B 86 6.27 -7.97 -13.42
CA GLY B 86 6.95 -6.78 -13.90
C GLY B 86 5.95 -5.76 -14.37
N GLN B 87 4.87 -6.25 -14.97
CA GLN B 87 3.76 -5.43 -15.43
C GLN B 87 2.93 -4.94 -14.24
N LEU B 88 2.93 -5.71 -13.17
CA LEU B 88 2.22 -5.39 -11.95
C LEU B 88 2.92 -4.26 -11.22
N PHE B 89 4.26 -4.36 -11.13
CA PHE B 89 5.07 -3.29 -10.54
C PHE B 89 5.11 -2.06 -11.42
N ASP B 90 4.93 -2.25 -12.73
CA ASP B 90 4.76 -1.14 -13.68
C ASP B 90 3.52 -0.39 -13.32
N ASP B 91 2.41 -1.14 -13.21
CA ASP B 91 1.08 -0.63 -12.91
C ASP B 91 1.05 0.10 -11.55
N VAL B 92 1.81 -0.46 -10.57
CA VAL B 92 2.03 0.15 -9.25
C VAL B 92 2.66 1.56 -9.41
N ASN B 93 3.75 1.64 -10.15
CA ASN B 93 4.49 2.90 -10.32
C ASN B 93 3.74 3.92 -11.20
N LYS B 94 2.94 3.41 -12.15
CA LYS B 94 2.06 4.24 -12.98
C LYS B 94 1.00 4.91 -12.12
N ALA B 95 0.47 4.14 -11.17
CA ALA B 95 -0.51 4.64 -10.18
C ALA B 95 0.11 5.74 -9.35
N VAL B 96 1.35 5.51 -8.93
CA VAL B 96 2.14 6.48 -8.15
C VAL B 96 2.25 7.79 -8.92
N SER B 97 2.73 7.70 -10.16
CA SER B 97 2.96 8.84 -11.03
C SER B 97 1.67 9.65 -11.30
N ASP B 98 0.55 8.95 -11.47
CA ASP B 98 -0.75 9.56 -11.73
C ASP B 98 -1.28 10.34 -10.51
N LEU B 99 -1.17 9.75 -9.34
CA LEU B 99 -1.68 10.37 -8.13
C LEU B 99 -0.73 11.41 -7.50
N LYS B 100 0.59 11.23 -7.66
CA LYS B 100 1.58 12.17 -7.12
C LYS B 100 1.62 13.47 -7.91
N ASN B 101 1.06 13.42 -9.13
CA ASN B 101 0.94 14.55 -10.07
C ASN B 101 0.13 15.71 -9.43
N SER B 102 -0.71 15.38 -8.44
CA SER B 102 -1.52 16.36 -7.76
C SER B 102 -0.73 17.04 -6.59
N GLY B 103 0.58 16.78 -6.50
CA GLY B 103 1.40 17.34 -5.46
C GLY B 103 1.29 16.55 -4.18
N ILE B 104 1.06 15.27 -4.31
CA ILE B 104 0.87 14.39 -3.18
C ILE B 104 2.03 13.41 -3.11
N THR B 105 2.58 13.21 -1.92
CA THR B 105 3.67 12.31 -1.71
C THR B 105 3.18 10.84 -1.78
N THR B 106 3.45 10.19 -2.89
CA THR B 106 3.13 8.81 -3.06
C THR B 106 4.42 8.01 -3.06
N ARG B 107 4.49 7.01 -2.21
CA ARG B 107 5.68 6.21 -2.01
C ARG B 107 5.37 4.75 -2.34
N ILE B 108 6.40 3.95 -2.56
CA ILE B 108 6.26 2.52 -2.84
C ILE B 108 7.14 1.75 -1.85
N LEU B 109 6.54 0.90 -1.08
CA LEU B 109 7.28 0.05 -0.18
C LEU B 109 7.06 -1.39 -0.56
N ASN B 110 8.12 -2.15 -0.60
CA ASN B 110 8.03 -3.54 -1.01
C ASN B 110 8.37 -4.45 0.12
N LEU B 111 7.50 -5.39 0.35
CA LEU B 111 7.59 -6.35 1.42
C LEU B 111 7.26 -7.71 0.81
N THR B 112 7.54 -8.77 1.50
CA THR B 112 7.11 -10.08 1.06
C THR B 112 5.84 -10.49 1.83
N LEU B 113 5.30 -11.68 1.57
CA LEU B 113 4.07 -12.14 2.23
C LEU B 113 4.26 -12.35 3.72
N GLU B 114 5.40 -12.89 4.10
CA GLU B 114 5.78 -13.13 5.49
C GLU B 114 5.82 -11.82 6.32
N GLU B 115 6.15 -10.71 5.65
CA GLU B 115 6.15 -9.39 6.27
C GLU B 115 4.71 -8.91 6.48
N ARG B 116 3.83 -9.23 5.49
CA ARG B 116 2.41 -8.89 5.60
C ARG B 116 1.79 -9.63 6.77
N GLU B 117 2.17 -10.90 6.93
CA GLU B 117 1.66 -11.77 8.00
C GLU B 117 1.95 -11.15 9.38
N SER B 118 3.12 -10.55 9.51
CA SER B 118 3.53 -9.88 10.73
C SER B 118 2.66 -8.62 11.00
N SER B 119 2.25 -7.90 9.93
CA SER B 119 1.40 -6.73 10.09
C SER B 119 -0.07 -7.12 10.37
N LYS B 120 -0.48 -8.29 9.86
CA LYS B 120 -1.86 -8.81 10.06
C LYS B 120 -2.06 -9.16 11.52
N GLU B 121 -1.03 -9.72 12.13
CA GLU B 121 -1.04 -10.06 13.56
C GLU B 121 -1.08 -8.80 14.41
N GLU B 122 -0.45 -7.73 13.93
CA GLU B 122 -0.45 -6.45 14.64
C GLU B 122 -1.69 -5.61 14.30
N ASN B 123 -2.55 -6.16 13.42
CA ASN B 123 -3.82 -5.55 12.89
C ASN B 123 -3.62 -4.17 12.25
N ILE B 124 -2.44 -3.96 11.70
CA ILE B 124 -2.11 -2.74 11.02
C ILE B 124 -1.86 -3.03 9.56
N SER B 125 -1.87 -2.00 8.77
CA SER B 125 -1.67 -2.12 7.37
C SER B 125 -0.20 -2.17 7.02
N MET B 126 0.09 -2.78 5.86
CA MET B 126 1.45 -2.93 5.34
C MET B 126 2.14 -1.61 5.11
N GLY B 127 1.36 -0.55 4.84
CA GLY B 127 1.93 0.75 4.61
C GLY B 127 2.65 1.28 5.83
N ARG B 128 1.92 1.48 6.89
CA ARG B 128 2.47 1.96 8.14
C ARG B 128 3.46 0.97 8.79
N TYR B 129 3.24 -0.33 8.60
CA TYR B 129 4.19 -1.37 9.02
C TYR B 129 5.52 -1.29 8.22
N ALA B 130 5.46 -0.86 6.98
CA ALA B 130 6.65 -0.72 6.16
C ALA B 130 7.47 0.48 6.59
N VAL B 131 6.80 1.45 7.19
CA VAL B 131 7.46 2.62 7.75
C VAL B 131 8.13 2.23 9.09
N TYR B 132 7.58 1.19 9.73
CA TYR B 132 8.18 0.56 10.91
C TYR B 132 9.53 -0.08 10.51
N LEU B 133 9.55 -0.70 9.31
CA LEU B 133 10.78 -1.23 8.73
C LEU B 133 11.80 -0.10 8.48
N LYS B 134 11.32 1.02 7.89
CA LYS B 134 12.14 2.21 7.58
C LYS B 134 12.73 2.84 8.84
N ALA B 135 11.91 2.91 9.88
CA ALA B 135 12.29 3.45 11.19
C ALA B 135 13.45 2.68 11.79
N LYS B 136 13.37 1.36 11.77
CA LYS B 136 14.40 0.51 12.32
C LYS B 136 15.70 0.59 11.53
N GLU B 137 15.59 0.80 10.21
CA GLU B 137 16.75 1.01 9.33
C GLU B 137 17.48 2.30 9.71
N GLN B 138 16.73 3.35 9.96
CA GLN B 138 17.28 4.66 10.34
C GLN B 138 17.58 4.75 11.86
N ASN B 139 17.41 3.61 12.57
CA ASN B 139 17.74 3.44 14.03
C ASN B 139 16.79 4.18 14.96
N VAL B 140 15.60 4.45 14.49
CA VAL B 140 14.59 5.11 15.29
C VAL B 140 13.63 4.02 15.74
N ASN B 141 13.50 3.80 17.03
CA ASN B 141 12.64 2.74 17.49
C ASN B 141 11.24 3.25 17.78
N LEU B 142 10.42 3.17 16.79
CA LEU B 142 9.02 3.40 16.96
C LEU B 142 8.42 2.04 17.13
N THR B 143 7.75 1.82 18.21
CA THR B 143 7.19 0.52 18.51
C THR B 143 5.90 0.32 17.72
N ILE B 144 5.38 -0.90 17.74
CA ILE B 144 4.10 -1.20 17.07
C ILE B 144 2.95 -0.38 17.69
N ASP B 145 3.04 -0.10 18.98
CA ASP B 145 2.05 0.73 19.69
C ASP B 145 2.06 2.16 19.17
N GLU B 146 3.25 2.65 18.88
CA GLU B 146 3.43 3.95 18.25
C GLU B 146 2.84 3.93 16.81
N ILE B 147 3.27 2.94 16.01
CA ILE B 147 2.85 2.76 14.58
C ILE B 147 1.31 2.63 14.42
N LYS B 148 0.68 1.81 15.28
CA LYS B 148 -0.76 1.51 15.20
C LYS B 148 -1.62 2.73 15.53
N ASP B 149 -1.12 3.58 16.44
CA ASP B 149 -1.89 4.71 16.90
C ASP B 149 -1.64 5.94 16.02
N ALA B 150 -0.48 5.96 15.39
CA ALA B 150 -0.08 7.07 14.56
C ALA B 150 -0.67 6.96 13.18
N ASP B 151 -0.58 8.03 12.48
CA ASP B 151 -1.01 8.11 11.12
C ASP B 151 0.18 7.75 10.26
N LEU B 152 -0.08 7.37 9.04
CA LEU B 152 0.94 7.09 8.05
C LEU B 152 1.63 8.41 7.69
N LEU B 153 0.80 9.48 7.72
CA LEU B 153 1.19 10.87 7.53
C LEU B 153 2.26 11.18 8.58
N GLU B 154 1.93 10.91 9.85
CA GLU B 154 2.83 11.08 10.98
C GLU B 154 4.13 10.32 10.84
N LEU B 155 4.03 9.07 10.44
CA LEU B 155 5.15 8.19 10.31
C LEU B 155 6.13 8.63 9.22
N ILE B 156 5.66 8.68 7.96
CA ILE B 156 6.53 9.07 6.85
C ILE B 156 7.07 10.49 6.99
N ALA B 157 6.25 11.43 7.49
CA ALA B 157 6.70 12.79 7.76
C ALA B 157 7.89 12.82 8.72
N LYS B 158 7.85 12.11 9.86
CA LYS B 158 8.98 12.16 10.81
C LYS B 158 10.20 11.34 10.34
N LEU B 159 9.97 10.38 9.44
CA LEU B 159 11.05 9.63 8.81
C LEU B 159 11.79 10.52 7.81
N GLU B 160 11.05 11.36 7.11
CA GLU B 160 11.61 12.34 6.18
C GLU B 160 12.20 13.52 6.93
N HIS B 161 11.74 13.72 8.15
CA HIS B 161 12.22 14.80 9.00
C HIS B 161 13.13 14.22 10.06
N HIS B 162 13.90 13.18 9.67
CA HIS B 162 14.89 12.50 10.53
C HIS B 162 16.18 13.37 10.64
N HIS B 163 16.16 14.49 9.98
CA HIS B 163 17.24 15.46 10.09
C HIS B 163 16.93 16.48 11.19
N HIS B 164 15.92 16.17 12.03
CA HIS B 164 15.52 17.00 13.19
C HIS B 164 16.72 17.06 14.14
N HIS B 165 17.08 15.93 14.68
CA HIS B 165 18.32 15.80 15.40
C HIS B 165 19.38 15.33 14.44
N HIS B 166 20.62 15.75 14.68
CA HIS B 166 21.80 15.45 13.83
C HIS B 166 21.70 16.18 12.49
N MET A 1 1.49 -17.72 -2.39
CA MET A 1 0.45 -16.77 -2.78
C MET A 1 0.97 -16.00 -3.99
N TYR A 2 0.41 -14.85 -4.29
CA TYR A 2 0.89 -14.06 -5.39
C TYR A 2 1.37 -12.70 -4.87
N ALA A 3 0.44 -11.75 -4.71
CA ALA A 3 0.80 -10.43 -4.25
C ALA A 3 -0.34 -9.80 -3.49
N TYR A 4 -0.01 -8.95 -2.57
CA TYR A 4 -0.95 -8.21 -1.77
C TYR A 4 -0.50 -6.78 -1.71
N VAL A 5 -1.32 -5.91 -2.19
CA VAL A 5 -1.02 -4.49 -2.23
C VAL A 5 -1.71 -3.79 -1.08
N GLY A 6 -0.93 -3.14 -0.26
CA GLY A 6 -1.49 -2.43 0.84
C GLY A 6 -1.55 -0.97 0.54
N ILE A 7 -2.72 -0.45 0.57
CA ILE A 7 -2.93 0.96 0.33
C ILE A 7 -3.21 1.59 1.64
N ASP A 8 -2.37 2.47 2.03
CA ASP A 8 -2.59 3.18 3.23
C ASP A 8 -2.50 4.64 2.93
N ILE A 9 -3.49 5.36 3.37
CA ILE A 9 -3.61 6.78 3.18
C ILE A 9 -3.95 7.39 4.52
N ASN A 10 -2.98 8.06 5.13
CA ASN A 10 -3.15 8.84 6.39
C ASN A 10 -3.71 8.04 7.58
N PRO B 1 -7.42 5.69 5.59
CA PRO B 1 -7.79 4.45 4.95
C PRO B 1 -6.65 3.44 4.90
N SER B 2 -6.93 2.20 5.31
CA SER B 2 -5.99 1.08 5.26
C SER B 2 -6.69 -0.09 4.57
N ILE B 3 -6.19 -0.50 3.40
CA ILE B 3 -6.81 -1.57 2.59
C ILE B 3 -5.73 -2.57 2.16
N GLU B 4 -6.10 -3.82 2.06
CA GLU B 4 -5.29 -4.89 1.54
C GLU B 4 -5.98 -5.42 0.27
N LEU B 5 -5.34 -5.23 -0.84
CA LEU B 5 -5.82 -5.71 -2.12
C LEU B 5 -5.18 -7.04 -2.41
N TRP B 6 -5.99 -8.05 -2.48
CA TRP B 6 -5.54 -9.38 -2.79
C TRP B 6 -5.37 -9.52 -4.26
N ILE B 7 -4.17 -9.66 -4.71
CA ILE B 7 -3.89 -9.75 -6.11
C ILE B 7 -3.71 -11.21 -6.48
N ASN B 8 -4.54 -11.65 -7.39
CA ASN B 8 -4.52 -13.01 -7.87
C ASN B 8 -3.59 -13.13 -9.08
N TYR B 9 -3.49 -14.32 -9.64
CA TYR B 9 -2.55 -14.66 -10.71
C TYR B 9 -2.85 -14.06 -12.11
N ASN B 10 -3.83 -13.21 -12.20
CA ASN B 10 -4.14 -12.52 -13.43
C ASN B 10 -3.89 -11.02 -13.29
N ASN B 11 -3.34 -10.62 -12.11
CA ASN B 11 -3.16 -9.20 -11.69
C ASN B 11 -4.49 -8.53 -11.40
N LYS B 12 -5.49 -9.35 -11.16
CA LYS B 12 -6.81 -8.91 -10.81
C LYS B 12 -6.93 -8.95 -9.32
N ILE B 13 -7.83 -8.20 -8.81
CA ILE B 13 -8.05 -8.16 -7.41
C ILE B 13 -9.09 -9.23 -7.04
N ALA B 14 -8.70 -10.08 -6.14
CA ALA B 14 -9.54 -11.15 -5.67
C ALA B 14 -10.57 -10.60 -4.72
N GLU B 15 -10.10 -9.88 -3.74
CA GLU B 15 -10.92 -9.29 -2.74
C GLU B 15 -10.19 -8.10 -2.14
N ALA B 16 -10.93 -7.07 -1.87
CA ALA B 16 -10.40 -5.88 -1.28
C ALA B 16 -10.92 -5.79 0.13
N LYS B 17 -10.05 -5.90 1.08
CA LYS B 17 -10.46 -5.86 2.46
C LYS B 17 -9.84 -4.71 3.19
N ALA B 18 -10.63 -4.03 3.97
CA ALA B 18 -10.17 -2.90 4.69
C ALA B 18 -9.83 -3.28 6.09
N LEU B 19 -8.85 -2.62 6.58
CA LEU B 19 -8.33 -2.85 7.89
C LEU B 19 -8.66 -1.68 8.81
N ASN B 20 -9.28 -0.65 8.27
CA ASN B 20 -9.66 0.50 9.05
C ASN B 20 -11.07 0.91 8.65
N GLY B 21 -11.85 1.39 9.62
CA GLY B 21 -13.29 1.70 9.45
C GLY B 21 -13.61 2.70 8.35
N ASP B 22 -12.79 3.71 8.21
CA ASP B 22 -12.92 4.72 7.16
C ASP B 22 -12.74 4.13 5.76
N ALA B 23 -11.84 3.16 5.67
CA ALA B 23 -11.53 2.46 4.43
C ALA B 23 -12.65 1.50 4.05
N GLU B 24 -13.36 1.00 5.07
CA GLU B 24 -14.53 0.13 4.88
C GLU B 24 -15.60 0.88 4.12
N THR B 25 -15.79 2.14 4.52
CA THR B 25 -16.72 3.04 3.88
C THR B 25 -16.26 3.34 2.42
N VAL B 26 -14.95 3.46 2.21
CA VAL B 26 -14.39 3.71 0.88
C VAL B 26 -14.70 2.53 -0.07
N LEU B 27 -14.45 1.30 0.39
CA LEU B 27 -14.64 0.08 -0.42
C LEU B 27 -16.09 -0.17 -0.83
N GLU B 28 -17.03 0.20 0.02
CA GLU B 28 -18.44 0.03 -0.26
C GLU B 28 -18.87 0.91 -1.44
N GLY B 29 -19.22 0.27 -2.52
CA GLY B 29 -19.66 0.97 -3.70
C GLY B 29 -18.62 0.95 -4.79
N LEU B 30 -17.43 0.51 -4.45
CA LEU B 30 -16.37 0.37 -5.42
C LEU B 30 -16.14 -1.10 -5.70
N GLU B 31 -16.51 -1.52 -6.89
CA GLU B 31 -16.23 -2.85 -7.31
C GLU B 31 -14.85 -2.84 -7.97
N LEU B 32 -13.90 -3.39 -7.24
CA LEU B 32 -12.50 -3.29 -7.58
C LEU B 32 -11.90 -4.60 -8.08
N LYS B 33 -12.70 -5.69 -8.07
CA LYS B 33 -12.18 -7.05 -8.42
C LYS B 33 -11.54 -7.17 -9.80
N GLU B 34 -12.16 -6.64 -10.82
CA GLU B 34 -11.53 -6.72 -12.12
C GLU B 34 -10.89 -5.42 -12.55
N LYS B 35 -10.32 -4.76 -11.59
CA LYS B 35 -9.54 -3.59 -11.82
C LYS B 35 -8.10 -3.96 -11.58
N THR B 36 -7.21 -3.12 -12.02
CA THR B 36 -5.83 -3.31 -11.74
C THR B 36 -5.52 -2.56 -10.45
N VAL B 37 -4.28 -2.62 -10.00
CA VAL B 37 -3.85 -1.96 -8.80
C VAL B 37 -4.00 -0.45 -8.95
N ALA B 38 -3.50 0.08 -10.06
CA ALA B 38 -3.52 1.50 -10.37
C ALA B 38 -4.90 2.09 -10.43
N GLU B 39 -5.82 1.35 -11.01
CA GLU B 39 -7.18 1.81 -11.16
C GLU B 39 -7.88 1.79 -9.81
N ALA B 40 -7.61 0.74 -9.04
CA ALA B 40 -8.13 0.62 -7.67
C ALA B 40 -7.57 1.71 -6.75
N VAL B 41 -6.27 2.03 -6.91
CA VAL B 41 -5.60 3.11 -6.17
C VAL B 41 -6.33 4.40 -6.43
N ASN B 42 -6.62 4.66 -7.71
CA ASN B 42 -7.33 5.87 -8.12
C ASN B 42 -8.71 5.94 -7.46
N GLU B 43 -9.45 4.83 -7.51
CA GLU B 43 -10.79 4.74 -6.92
C GLU B 43 -10.78 5.03 -5.42
N ILE B 44 -9.84 4.40 -4.71
CA ILE B 44 -9.66 4.59 -3.28
C ILE B 44 -9.26 6.04 -2.94
N VAL B 45 -8.23 6.55 -3.63
CA VAL B 45 -7.73 7.93 -3.42
C VAL B 45 -8.80 8.98 -3.73
N GLN B 46 -9.53 8.80 -4.83
CA GLN B 46 -10.55 9.75 -5.23
C GLN B 46 -11.76 9.75 -4.33
N LYS B 47 -12.16 8.58 -3.84
CA LYS B 47 -13.28 8.52 -2.93
C LYS B 47 -12.87 9.03 -1.54
N SER B 48 -11.62 8.79 -1.17
CA SER B 48 -11.08 9.31 0.08
C SER B 48 -10.94 10.85 0.00
N MET B 49 -10.81 11.37 -1.22
CA MET B 49 -10.69 12.80 -1.48
C MET B 49 -12.06 13.45 -1.26
N GLU B 50 -13.12 12.76 -1.71
CA GLU B 50 -14.51 13.19 -1.53
C GLU B 50 -14.87 13.26 -0.06
N LEU B 51 -14.47 12.22 0.66
CA LEU B 51 -14.77 12.07 2.07
C LEU B 51 -13.77 12.83 2.99
N GLY B 52 -12.77 13.46 2.39
CA GLY B 52 -11.87 14.34 3.13
C GLY B 52 -10.79 13.63 3.93
N PHE B 53 -10.47 12.40 3.57
CA PHE B 53 -9.42 11.64 4.25
C PHE B 53 -8.07 12.01 3.66
N ILE B 54 -8.11 12.46 2.42
CA ILE B 54 -6.95 12.95 1.72
C ILE B 54 -7.37 14.29 1.08
N SER B 55 -6.46 15.23 1.01
CA SER B 55 -6.74 16.53 0.53
C SER B 55 -5.87 16.95 -0.67
N ARG B 56 -6.40 17.86 -1.45
CA ARG B 56 -5.70 18.45 -2.58
C ARG B 56 -4.95 19.71 -2.18
N GLU B 57 -5.61 20.53 -1.35
CA GLU B 57 -5.08 21.85 -0.93
C GLU B 57 -4.07 21.71 0.20
N LYS B 58 -4.07 20.55 0.83
CA LYS B 58 -3.21 20.30 1.98
C LYS B 58 -2.16 19.26 1.62
N GLU B 59 -1.24 19.05 2.53
CA GLU B 59 -0.16 18.09 2.36
C GLU B 59 -0.57 16.74 2.85
N ASN B 60 -0.27 15.71 2.09
CA ASN B 60 -0.69 14.33 2.37
C ASN B 60 0.37 13.37 1.95
N ILE B 61 0.15 12.11 2.26
CA ILE B 61 1.03 11.08 1.86
C ILE B 61 0.18 9.86 1.45
N ILE B 62 0.59 9.20 0.40
CA ILE B 62 -0.03 7.99 -0.09
C ILE B 62 1.04 6.94 -0.09
N LEU B 63 0.81 5.84 0.54
CA LEU B 63 1.79 4.80 0.55
C LEU B 63 1.24 3.56 -0.08
N ILE B 64 1.90 3.11 -1.09
CA ILE B 64 1.55 1.93 -1.78
C ILE B 64 2.61 0.89 -1.46
N SER B 65 2.20 -0.13 -0.78
CA SER B 65 3.07 -1.20 -0.43
C SER B 65 2.66 -2.42 -1.22
N THR B 66 3.57 -3.27 -1.52
CA THR B 66 3.28 -4.49 -2.20
C THR B 66 4.11 -5.57 -1.58
N ALA B 67 3.48 -6.65 -1.20
CA ALA B 67 4.14 -7.78 -0.62
C ALA B 67 3.87 -8.96 -1.51
N CYS B 68 4.89 -9.68 -1.90
CA CYS B 68 4.71 -10.78 -2.82
C CYS B 68 5.70 -11.91 -2.58
N ASP B 69 5.24 -13.14 -2.73
CA ASP B 69 6.11 -14.30 -2.72
C ASP B 69 6.07 -14.95 -4.11
N LEU B 70 7.21 -15.28 -4.67
CA LEU B 70 7.23 -15.94 -5.96
C LEU B 70 8.00 -17.25 -5.91
N LYS B 71 7.26 -18.34 -5.75
CA LYS B 71 7.80 -19.69 -5.80
C LYS B 71 6.94 -20.56 -6.72
N ALA B 72 6.01 -19.92 -7.40
CA ALA B 72 5.09 -20.60 -8.28
C ALA B 72 5.31 -20.14 -9.70
N GLY B 73 5.03 -20.99 -10.63
CA GLY B 73 5.23 -20.68 -12.00
C GLY B 73 4.55 -21.64 -12.92
N GLU B 74 3.23 -21.53 -12.99
CA GLU B 74 2.43 -22.31 -13.91
C GLU B 74 2.69 -21.87 -15.35
N GLY B 75 3.40 -22.70 -16.07
CA GLY B 75 3.76 -22.42 -17.41
C GLY B 75 4.99 -23.20 -17.80
N SER B 76 5.95 -22.53 -18.39
CA SER B 76 7.15 -23.17 -18.85
C SER B 76 8.32 -22.97 -17.87
N GLU B 77 8.84 -21.75 -17.78
CA GLU B 77 9.96 -21.47 -16.87
C GLU B 77 9.67 -20.16 -16.09
N ASN B 78 8.44 -20.10 -15.59
CA ASN B 78 7.92 -19.02 -14.69
C ASN B 78 7.93 -17.61 -15.31
N LYS B 79 8.20 -17.52 -16.61
CA LYS B 79 8.38 -16.25 -17.29
C LYS B 79 7.06 -15.53 -17.43
N ASP B 80 5.98 -16.32 -17.55
CA ASP B 80 4.61 -15.77 -17.62
C ASP B 80 4.28 -15.03 -16.32
N VAL B 81 4.73 -15.60 -15.21
CA VAL B 81 4.49 -15.06 -13.88
C VAL B 81 5.39 -13.86 -13.61
N GLN B 82 6.65 -13.95 -14.00
CA GLN B 82 7.62 -12.87 -13.80
C GLN B 82 7.32 -11.65 -14.64
N ASN B 83 6.80 -11.86 -15.85
CA ASN B 83 6.35 -10.76 -16.72
C ASN B 83 5.06 -10.15 -16.21
N LYS B 84 4.26 -10.96 -15.55
CA LYS B 84 3.00 -10.54 -14.98
C LYS B 84 3.28 -9.71 -13.73
N ILE B 85 4.32 -10.11 -12.99
CA ILE B 85 4.85 -9.34 -11.85
C ILE B 85 5.47 -8.02 -12.36
N GLY B 86 6.00 -8.05 -13.57
CA GLY B 86 6.57 -6.88 -14.19
C GLY B 86 5.53 -5.87 -14.54
N GLN B 87 4.38 -6.37 -14.99
CA GLN B 87 3.24 -5.54 -15.33
C GLN B 87 2.52 -5.09 -14.07
N LEU B 88 2.57 -5.91 -13.03
CA LEU B 88 1.95 -5.63 -11.74
C LEU B 88 2.65 -4.47 -11.05
N PHE B 89 3.97 -4.58 -10.92
CA PHE B 89 4.78 -3.54 -10.31
C PHE B 89 4.87 -2.31 -11.19
N ASP B 90 4.66 -2.52 -12.49
CA ASP B 90 4.56 -1.42 -13.44
C ASP B 90 3.32 -0.62 -13.12
N ASP B 91 2.20 -1.32 -13.02
CA ASP B 91 0.87 -0.77 -12.73
C ASP B 91 0.87 -0.04 -11.37
N VAL B 92 1.56 -0.63 -10.37
CA VAL B 92 1.80 -0.01 -9.05
C VAL B 92 2.50 1.36 -9.21
N ASN B 93 3.59 1.38 -9.96
CA ASN B 93 4.37 2.61 -10.14
C ASN B 93 3.69 3.64 -11.04
N LYS B 94 2.83 3.17 -11.96
CA LYS B 94 1.97 4.04 -12.79
C LYS B 94 1.04 4.84 -11.89
N ALA B 95 0.43 4.13 -10.93
CA ALA B 95 -0.46 4.70 -9.92
C ALA B 95 0.23 5.77 -9.08
N VAL B 96 1.48 5.48 -8.75
CA VAL B 96 2.30 6.34 -7.95
C VAL B 96 2.57 7.63 -8.69
N SER B 97 3.04 7.52 -9.92
CA SER B 97 3.39 8.65 -10.75
C SER B 97 2.18 9.53 -11.08
N ASP B 98 1.05 8.89 -11.34
CA ASP B 98 -0.17 9.59 -11.68
C ASP B 98 -0.73 10.36 -10.47
N LEU B 99 -0.89 9.67 -9.35
CA LEU B 99 -1.47 10.27 -8.15
C LEU B 99 -0.57 11.30 -7.46
N LYS B 100 0.77 11.20 -7.64
CA LYS B 100 1.67 12.19 -7.05
C LYS B 100 1.63 13.52 -7.76
N ASN B 101 1.12 13.52 -8.98
CA ASN B 101 0.95 14.74 -9.79
C ASN B 101 -0.20 15.62 -9.30
N SER B 102 -0.85 15.19 -8.21
CA SER B 102 -1.87 15.96 -7.56
C SER B 102 -1.23 16.89 -6.49
N GLY B 103 0.12 16.86 -6.43
CA GLY B 103 0.88 17.64 -5.47
C GLY B 103 1.01 16.89 -4.17
N ILE B 104 0.88 15.57 -4.27
CA ILE B 104 0.84 14.71 -3.13
C ILE B 104 2.03 13.80 -3.16
N THR B 105 2.64 13.59 -2.02
CA THR B 105 3.76 12.71 -1.90
C THR B 105 3.25 11.25 -1.93
N THR B 106 3.71 10.49 -2.89
CA THR B 106 3.35 9.08 -3.01
C THR B 106 4.65 8.24 -3.00
N ARG B 107 4.69 7.24 -2.15
CA ARG B 107 5.88 6.46 -1.93
C ARG B 107 5.54 4.96 -2.07
N ILE B 108 6.54 4.15 -2.44
CA ILE B 108 6.35 2.69 -2.59
C ILE B 108 7.27 1.98 -1.64
N LEU B 109 6.75 1.03 -0.93
CA LEU B 109 7.55 0.16 -0.12
C LEU B 109 7.25 -1.28 -0.52
N ASN B 110 8.27 -1.97 -0.91
CA ASN B 110 8.11 -3.34 -1.36
C ASN B 110 8.57 -4.26 -0.28
N LEU B 111 7.75 -5.21 0.02
CA LEU B 111 7.94 -6.15 1.12
C LEU B 111 7.68 -7.54 0.58
N THR B 112 8.07 -8.56 1.32
CA THR B 112 7.71 -9.89 0.93
C THR B 112 6.49 -10.35 1.76
N LEU B 113 6.03 -11.58 1.51
CA LEU B 113 4.82 -12.13 2.11
C LEU B 113 4.92 -12.20 3.65
N GLU B 114 6.10 -12.52 4.16
CA GLU B 114 6.31 -12.65 5.61
C GLU B 114 6.15 -11.32 6.38
N GLU B 115 6.39 -10.18 5.70
CA GLU B 115 6.16 -8.86 6.31
C GLU B 115 4.68 -8.61 6.40
N ARG B 116 3.93 -9.10 5.38
CA ARG B 116 2.47 -9.00 5.38
C ARG B 116 1.89 -9.76 6.55
N GLU B 117 2.39 -10.99 6.77
CA GLU B 117 1.92 -11.85 7.85
C GLU B 117 2.06 -11.17 9.20
N SER B 118 3.21 -10.54 9.39
CA SER B 118 3.52 -9.83 10.60
C SER B 118 2.61 -8.57 10.80
N SER B 119 2.25 -7.87 9.70
CA SER B 119 1.37 -6.71 9.80
C SER B 119 -0.07 -7.11 10.10
N LYS B 120 -0.48 -8.28 9.60
CA LYS B 120 -1.82 -8.78 9.80
C LYS B 120 -2.01 -9.26 11.25
N GLU B 121 -0.91 -9.66 11.90
CA GLU B 121 -0.92 -10.00 13.32
C GLU B 121 -1.06 -8.74 14.18
N GLU B 122 -0.51 -7.63 13.70
CA GLU B 122 -0.64 -6.33 14.39
C GLU B 122 -1.95 -5.62 13.99
N ASN B 123 -2.69 -6.29 13.09
CA ASN B 123 -3.98 -5.88 12.48
C ASN B 123 -3.94 -4.55 11.75
N ILE B 124 -2.77 -4.24 11.21
CA ILE B 124 -2.54 -3.01 10.47
C ILE B 124 -2.12 -3.31 9.06
N SER B 125 -2.14 -2.30 8.22
CA SER B 125 -1.80 -2.44 6.84
C SER B 125 -0.30 -2.54 6.68
N MET B 126 0.10 -3.21 5.61
CA MET B 126 1.50 -3.40 5.25
C MET B 126 2.14 -2.07 4.91
N GLY B 127 1.31 -1.07 4.57
CA GLY B 127 1.77 0.27 4.32
C GLY B 127 2.41 0.85 5.56
N ARG B 128 1.65 1.00 6.62
CA ARG B 128 2.18 1.55 7.85
C ARG B 128 3.21 0.64 8.54
N TYR B 129 3.07 -0.66 8.33
CA TYR B 129 4.05 -1.64 8.84
C TYR B 129 5.40 -1.51 8.08
N ALA B 130 5.37 -1.05 6.84
CA ALA B 130 6.58 -0.82 6.06
C ALA B 130 7.33 0.40 6.60
N VAL B 131 6.57 1.32 7.19
CA VAL B 131 7.15 2.48 7.83
C VAL B 131 7.75 2.06 9.19
N TYR B 132 7.21 0.97 9.76
CA TYR B 132 7.75 0.33 10.96
C TYR B 132 9.12 -0.31 10.62
N LEU B 133 9.20 -0.94 9.43
CA LEU B 133 10.49 -1.48 8.92
C LEU B 133 11.49 -0.35 8.79
N LYS B 134 11.03 0.77 8.21
CA LYS B 134 11.84 1.99 8.03
C LYS B 134 12.31 2.57 9.35
N ALA B 135 11.43 2.61 10.33
CA ALA B 135 11.71 3.12 11.66
C ALA B 135 12.86 2.36 12.28
N LYS B 136 12.74 1.06 12.34
CA LYS B 136 13.75 0.23 12.96
C LYS B 136 15.03 0.11 12.10
N GLU B 137 14.90 0.41 10.80
CA GLU B 137 16.01 0.43 9.85
C GLU B 137 16.91 1.63 10.16
N GLN B 138 16.28 2.79 10.37
CA GLN B 138 16.98 4.03 10.67
C GLN B 138 17.28 4.15 12.19
N ASN B 139 16.92 3.10 12.95
CA ASN B 139 17.12 3.00 14.42
C ASN B 139 16.30 4.08 15.17
N VAL B 140 15.06 4.22 14.78
CA VAL B 140 14.13 5.07 15.45
C VAL B 140 13.14 4.15 16.12
N ASN B 141 12.93 4.29 17.40
CA ASN B 141 12.00 3.41 18.07
C ASN B 141 10.57 3.90 17.96
N LEU B 142 9.92 3.44 16.92
CA LEU B 142 8.51 3.61 16.75
C LEU B 142 7.87 2.29 17.07
N THR B 143 7.18 2.24 18.19
CA THR B 143 6.45 1.09 18.62
C THR B 143 5.22 0.93 17.70
N ILE B 144 4.65 -0.28 17.63
CA ILE B 144 3.46 -0.54 16.81
C ILE B 144 2.26 0.36 17.21
N ASP B 145 2.18 0.72 18.49
CA ASP B 145 1.17 1.70 19.00
C ASP B 145 1.28 3.05 18.32
N GLU B 146 2.51 3.48 18.03
CA GLU B 146 2.76 4.73 17.30
C GLU B 146 2.26 4.56 15.86
N ILE B 147 2.69 3.46 15.26
CA ILE B 147 2.41 3.10 13.87
C ILE B 147 0.88 3.03 13.57
N LYS B 148 0.12 2.45 14.49
CA LYS B 148 -1.30 2.28 14.29
C LYS B 148 -2.14 3.51 14.68
N ASP B 149 -1.64 4.33 15.60
CA ASP B 149 -2.46 5.43 16.14
C ASP B 149 -2.15 6.78 15.48
N ALA B 150 -0.95 6.94 14.99
CA ALA B 150 -0.59 8.16 14.32
C ALA B 150 -0.92 8.07 12.86
N ASP B 151 -1.04 9.20 12.23
CA ASP B 151 -1.31 9.28 10.81
C ASP B 151 -0.10 8.83 10.05
N LEU B 152 -0.33 8.21 8.91
CA LEU B 152 0.72 7.73 8.01
C LEU B 152 1.52 8.91 7.48
N LEU B 153 0.85 10.07 7.38
CA LEU B 153 1.44 11.35 7.01
C LEU B 153 2.59 11.63 7.97
N GLU B 154 2.28 11.59 9.26
CA GLU B 154 3.23 11.82 10.35
C GLU B 154 4.33 10.76 10.39
N LEU B 155 3.95 9.50 10.14
CA LEU B 155 4.87 8.36 10.15
C LEU B 155 5.95 8.50 9.07
N ILE B 156 5.54 8.71 7.81
CA ILE B 156 6.50 8.88 6.72
C ILE B 156 7.29 10.17 6.87
N ALA B 157 6.61 11.26 7.29
CA ALA B 157 7.24 12.55 7.51
C ALA B 157 8.38 12.47 8.52
N LYS B 158 8.17 11.82 9.68
CA LYS B 158 9.23 11.73 10.70
C LYS B 158 10.37 10.80 10.28
N LEU B 159 10.12 9.92 9.36
CA LEU B 159 11.14 9.04 8.79
C LEU B 159 12.01 9.79 7.79
N GLU B 160 11.38 10.68 7.05
CA GLU B 160 12.06 11.52 6.08
C GLU B 160 12.82 12.66 6.77
N HIS B 161 12.31 13.11 7.89
CA HIS B 161 12.93 14.19 8.67
C HIS B 161 13.97 13.64 9.62
N HIS B 162 14.17 12.31 9.60
CA HIS B 162 15.14 11.65 10.47
C HIS B 162 16.51 11.61 9.76
N HIS B 163 16.63 12.26 8.61
CA HIS B 163 17.88 12.31 7.87
C HIS B 163 18.87 13.28 8.59
N HIS B 164 18.31 14.07 9.51
CA HIS B 164 19.02 14.89 10.47
C HIS B 164 18.40 14.55 11.82
N HIS B 165 19.18 14.48 12.87
CA HIS B 165 18.60 14.23 14.19
C HIS B 165 17.97 15.51 14.74
N HIS B 166 16.79 15.40 15.28
CA HIS B 166 16.10 16.53 15.82
C HIS B 166 15.36 16.11 17.07
N MET A 1 -0.02 -16.48 -2.52
CA MET A 1 -0.75 -16.45 -3.77
C MET A 1 0.05 -15.78 -4.85
N TYR A 2 0.28 -14.48 -4.69
CA TYR A 2 0.90 -13.69 -5.72
C TYR A 2 1.33 -12.35 -5.13
N ALA A 3 0.35 -11.48 -4.86
CA ALA A 3 0.65 -10.18 -4.28
C ALA A 3 -0.50 -9.70 -3.45
N TYR A 4 -0.16 -8.93 -2.44
CA TYR A 4 -1.09 -8.33 -1.53
C TYR A 4 -0.65 -6.89 -1.38
N VAL A 5 -1.50 -5.99 -1.76
CA VAL A 5 -1.15 -4.58 -1.78
C VAL A 5 -1.83 -3.86 -0.63
N GLY A 6 -1.03 -3.21 0.17
CA GLY A 6 -1.55 -2.45 1.25
C GLY A 6 -1.58 -1.01 0.89
N ILE A 7 -2.75 -0.45 0.91
CA ILE A 7 -2.95 0.93 0.61
C ILE A 7 -3.22 1.66 1.89
N ASP A 8 -2.29 2.47 2.26
CA ASP A 8 -2.47 3.32 3.39
C ASP A 8 -2.54 4.72 2.95
N ILE A 9 -3.59 5.35 3.36
CA ILE A 9 -3.82 6.73 3.15
C ILE A 9 -4.08 7.31 4.51
N ASN A 10 -3.11 8.07 5.01
CA ASN A 10 -3.18 8.82 6.29
C ASN A 10 -3.54 7.93 7.49
N PRO B 1 -7.75 5.77 5.39
CA PRO B 1 -8.16 4.53 4.76
C PRO B 1 -7.01 3.52 4.73
N SER B 2 -7.28 2.31 5.20
CA SER B 2 -6.33 1.20 5.16
C SER B 2 -7.01 0.01 4.46
N ILE B 3 -6.49 -0.39 3.31
CA ILE B 3 -7.10 -1.46 2.52
C ILE B 3 -6.02 -2.48 2.12
N GLU B 4 -6.42 -3.72 1.98
CA GLU B 4 -5.61 -4.79 1.50
C GLU B 4 -6.26 -5.35 0.24
N LEU B 5 -5.54 -5.25 -0.84
CA LEU B 5 -5.97 -5.75 -2.12
C LEU B 5 -5.29 -7.08 -2.36
N TRP B 6 -6.07 -8.13 -2.45
CA TRP B 6 -5.54 -9.44 -2.79
C TRP B 6 -5.39 -9.49 -4.28
N ILE B 7 -4.20 -9.55 -4.74
CA ILE B 7 -3.93 -9.54 -6.14
C ILE B 7 -3.71 -10.96 -6.61
N ASN B 8 -4.47 -11.32 -7.62
CA ASN B 8 -4.38 -12.62 -8.22
C ASN B 8 -3.34 -12.60 -9.32
N TYR B 9 -3.20 -13.73 -10.02
CA TYR B 9 -2.12 -13.95 -11.01
C TYR B 9 -2.30 -13.06 -12.25
N ASN B 10 -3.48 -12.55 -12.43
CA ASN B 10 -3.87 -11.76 -13.59
C ASN B 10 -3.72 -10.28 -13.30
N ASN B 11 -3.14 -9.95 -12.13
CA ASN B 11 -2.94 -8.57 -11.62
C ASN B 11 -4.25 -7.89 -11.22
N LYS B 12 -5.32 -8.69 -11.18
CA LYS B 12 -6.62 -8.20 -10.80
C LYS B 12 -6.81 -8.41 -9.32
N ILE B 13 -7.77 -7.76 -8.78
CA ILE B 13 -8.06 -7.84 -7.39
C ILE B 13 -9.07 -8.97 -7.13
N ALA B 14 -8.69 -9.91 -6.32
CA ALA B 14 -9.53 -11.02 -5.96
C ALA B 14 -10.57 -10.54 -4.95
N GLU B 15 -10.08 -9.90 -3.91
CA GLU B 15 -10.92 -9.37 -2.86
C GLU B 15 -10.22 -8.21 -2.19
N ALA B 16 -10.98 -7.20 -1.86
CA ALA B 16 -10.48 -6.01 -1.22
C ALA B 16 -11.13 -5.89 0.13
N LYS B 17 -10.33 -5.89 1.16
CA LYS B 17 -10.87 -5.74 2.50
C LYS B 17 -10.23 -4.59 3.18
N ALA B 18 -11.00 -3.89 3.95
CA ALA B 18 -10.52 -2.76 4.66
C ALA B 18 -10.17 -3.11 6.06
N LEU B 19 -9.05 -2.57 6.47
CA LEU B 19 -8.49 -2.78 7.79
C LEU B 19 -8.82 -1.60 8.68
N ASN B 20 -9.53 -0.65 8.13
CA ASN B 20 -9.97 0.50 8.84
C ASN B 20 -11.41 0.78 8.39
N GLY B 21 -12.25 1.20 9.31
CA GLY B 21 -13.67 1.44 9.07
C GLY B 21 -13.96 2.55 8.08
N ASP B 22 -13.06 3.52 8.00
CA ASP B 22 -13.20 4.64 7.07
C ASP B 22 -13.08 4.14 5.62
N ALA B 23 -12.23 3.15 5.44
CA ALA B 23 -11.99 2.52 4.18
C ALA B 23 -13.11 1.58 3.78
N GLU B 24 -13.86 1.07 4.77
CA GLU B 24 -15.07 0.24 4.51
C GLU B 24 -16.11 1.07 3.77
N THR B 25 -16.23 2.32 4.20
CA THR B 25 -17.13 3.29 3.61
C THR B 25 -16.58 3.75 2.21
N VAL B 26 -15.28 3.60 1.98
CA VAL B 26 -14.72 3.87 0.68
C VAL B 26 -15.05 2.70 -0.30
N LEU B 27 -14.75 1.47 0.14
CA LEU B 27 -14.91 0.25 -0.68
C LEU B 27 -16.35 -0.01 -1.14
N GLU B 28 -17.31 0.37 -0.30
CA GLU B 28 -18.74 0.16 -0.58
C GLU B 28 -19.21 0.91 -1.84
N GLY B 29 -19.44 0.16 -2.89
CA GLY B 29 -19.91 0.74 -4.12
C GLY B 29 -18.81 0.86 -5.15
N LEU B 30 -17.62 0.45 -4.79
CA LEU B 30 -16.52 0.47 -5.73
C LEU B 30 -16.29 -0.90 -6.29
N GLU B 31 -16.26 -0.96 -7.60
CA GLU B 31 -15.88 -2.16 -8.29
C GLU B 31 -14.38 -2.05 -8.42
N LEU B 32 -13.68 -2.98 -7.87
CA LEU B 32 -12.22 -2.97 -7.93
C LEU B 32 -11.70 -4.28 -8.51
N LYS B 33 -12.49 -5.35 -8.32
CA LYS B 33 -12.11 -6.74 -8.63
C LYS B 33 -11.51 -6.98 -10.01
N GLU B 34 -12.11 -6.49 -11.05
CA GLU B 34 -11.57 -6.80 -12.36
C GLU B 34 -10.66 -5.79 -12.96
N LYS B 35 -10.15 -4.95 -12.12
CA LYS B 35 -9.20 -3.98 -12.52
C LYS B 35 -7.90 -4.23 -11.77
N THR B 36 -6.90 -3.50 -12.12
CA THR B 36 -5.61 -3.64 -11.53
C THR B 36 -5.43 -2.63 -10.38
N VAL B 37 -4.24 -2.60 -9.79
CA VAL B 37 -3.93 -1.76 -8.62
C VAL B 37 -4.11 -0.28 -8.95
N ALA B 38 -3.65 0.16 -10.12
CA ALA B 38 -3.76 1.58 -10.54
C ALA B 38 -5.20 2.07 -10.59
N GLU B 39 -6.10 1.24 -11.06
CA GLU B 39 -7.50 1.59 -11.12
C GLU B 39 -8.11 1.59 -9.73
N ALA B 40 -7.59 0.73 -8.85
CA ALA B 40 -8.05 0.67 -7.48
C ALA B 40 -7.60 1.87 -6.70
N VAL B 41 -6.32 2.27 -6.89
CA VAL B 41 -5.76 3.44 -6.22
C VAL B 41 -6.55 4.68 -6.61
N ASN B 42 -6.83 4.83 -7.91
CA ASN B 42 -7.62 5.94 -8.38
C ASN B 42 -9.04 5.95 -7.83
N GLU B 43 -9.72 4.80 -7.79
CA GLU B 43 -11.08 4.70 -7.22
C GLU B 43 -11.10 5.01 -5.72
N ILE B 44 -10.21 4.34 -4.98
CA ILE B 44 -10.08 4.50 -3.54
C ILE B 44 -9.72 5.94 -3.16
N VAL B 45 -8.67 6.48 -3.78
CA VAL B 45 -8.19 7.83 -3.48
C VAL B 45 -9.21 8.90 -3.85
N GLN B 46 -9.82 8.79 -5.03
CA GLN B 46 -10.82 9.76 -5.47
C GLN B 46 -12.06 9.77 -4.60
N LYS B 47 -12.52 8.59 -4.20
CA LYS B 47 -13.67 8.51 -3.34
C LYS B 47 -13.33 8.98 -1.90
N SER B 48 -12.12 8.66 -1.43
CA SER B 48 -11.65 9.13 -0.12
C SER B 48 -11.52 10.66 -0.11
N MET B 49 -11.28 11.22 -1.28
CA MET B 49 -11.11 12.64 -1.47
C MET B 49 -12.48 13.34 -1.47
N GLU B 50 -13.51 12.63 -1.96
CA GLU B 50 -14.90 13.12 -1.94
C GLU B 50 -15.39 13.22 -0.50
N LEU B 51 -15.10 12.17 0.27
CA LEU B 51 -15.53 12.06 1.65
C LEU B 51 -14.69 12.93 2.62
N GLY B 52 -13.45 13.21 2.25
CA GLY B 52 -12.64 14.09 3.06
C GLY B 52 -11.56 13.40 3.88
N PHE B 53 -11.07 12.27 3.41
CA PHE B 53 -10.00 11.57 4.10
C PHE B 53 -8.65 11.94 3.48
N ILE B 54 -8.69 12.45 2.25
CA ILE B 54 -7.50 12.89 1.54
C ILE B 54 -7.91 14.14 0.72
N SER B 55 -6.95 15.01 0.42
CA SER B 55 -7.21 16.29 -0.17
C SER B 55 -6.26 16.60 -1.34
N ARG B 56 -6.69 17.44 -2.25
CA ARG B 56 -5.79 18.04 -3.25
C ARG B 56 -5.29 19.36 -2.71
N GLU B 57 -6.16 20.00 -1.92
CA GLU B 57 -5.95 21.30 -1.27
C GLU B 57 -4.83 21.20 -0.25
N LYS B 58 -4.75 20.05 0.37
CA LYS B 58 -3.76 19.78 1.37
C LYS B 58 -2.80 18.80 0.82
N GLU B 59 -1.68 18.79 1.41
CA GLU B 59 -0.59 17.93 1.09
C GLU B 59 -0.85 16.60 1.79
N ASN B 60 -0.71 15.53 1.05
CA ASN B 60 -1.05 14.21 1.57
C ASN B 60 0.04 13.23 1.32
N ILE B 61 -0.19 12.03 1.77
CA ILE B 61 0.75 10.97 1.65
C ILE B 61 -0.06 9.72 1.18
N ILE B 62 0.52 8.95 0.32
CA ILE B 62 -0.04 7.69 -0.14
C ILE B 62 1.10 6.71 -0.15
N LEU B 63 0.98 5.68 0.61
CA LEU B 63 1.99 4.68 0.61
C LEU B 63 1.42 3.41 0.10
N ILE B 64 1.92 3.02 -1.03
CA ILE B 64 1.52 1.81 -1.65
C ILE B 64 2.60 0.81 -1.38
N SER B 65 2.33 -0.09 -0.50
CA SER B 65 3.26 -1.11 -0.19
C SER B 65 2.79 -2.39 -0.78
N THR B 66 3.64 -3.00 -1.48
CA THR B 66 3.35 -4.19 -2.18
C THR B 66 4.08 -5.33 -1.52
N ALA B 67 3.36 -6.37 -1.20
CA ALA B 67 3.93 -7.53 -0.60
C ALA B 67 3.67 -8.66 -1.53
N CYS B 68 4.68 -9.40 -1.85
CA CYS B 68 4.51 -10.46 -2.82
C CYS B 68 5.23 -11.73 -2.43
N ASP B 69 4.52 -12.82 -2.58
CA ASP B 69 5.07 -14.13 -2.45
C ASP B 69 4.98 -14.76 -3.82
N LEU B 70 5.96 -15.47 -4.20
CA LEU B 70 5.95 -16.06 -5.52
C LEU B 70 5.80 -17.56 -5.39
N LYS B 71 4.97 -17.96 -4.43
CA LYS B 71 4.71 -19.34 -4.12
C LYS B 71 3.62 -19.89 -5.02
N ALA B 72 4.01 -20.03 -6.25
CA ALA B 72 3.27 -20.55 -7.35
C ALA B 72 4.27 -21.32 -8.18
N GLY B 73 3.82 -22.07 -9.15
CA GLY B 73 4.75 -22.83 -9.93
C GLY B 73 4.36 -22.95 -11.36
N GLU B 74 4.47 -21.86 -12.11
CA GLU B 74 4.23 -21.89 -13.53
C GLU B 74 5.49 -22.40 -14.22
N GLY B 75 5.60 -23.73 -14.25
CA GLY B 75 6.79 -24.39 -14.70
C GLY B 75 7.82 -24.40 -13.58
N SER B 76 9.00 -24.92 -13.85
CA SER B 76 10.06 -24.92 -12.86
C SER B 76 10.73 -23.53 -12.86
N GLU B 77 10.57 -22.83 -13.97
CA GLU B 77 11.09 -21.52 -14.22
C GLU B 77 10.41 -20.50 -13.31
N ASN B 78 9.06 -20.47 -13.40
CA ASN B 78 8.14 -19.55 -12.67
C ASN B 78 8.42 -18.07 -13.07
N LYS B 79 9.02 -17.91 -14.25
CA LYS B 79 9.48 -16.63 -14.77
C LYS B 79 8.35 -15.79 -15.30
N ASP B 80 7.27 -16.45 -15.72
CA ASP B 80 6.09 -15.73 -16.21
C ASP B 80 5.37 -15.06 -15.04
N VAL B 81 5.47 -15.64 -13.83
CA VAL B 81 4.93 -15.00 -12.61
C VAL B 81 5.71 -13.70 -12.38
N GLN B 82 7.04 -13.79 -12.45
CA GLN B 82 7.94 -12.64 -12.30
C GLN B 82 7.69 -11.57 -13.36
N ASN B 83 7.43 -12.02 -14.59
CA ASN B 83 7.10 -11.15 -15.73
C ASN B 83 5.85 -10.32 -15.42
N LYS B 84 4.82 -10.99 -14.92
CA LYS B 84 3.57 -10.34 -14.59
C LYS B 84 3.70 -9.47 -13.33
N ILE B 85 4.61 -9.86 -12.42
CA ILE B 85 4.94 -9.08 -11.22
C ILE B 85 5.61 -7.73 -11.60
N GLY B 86 6.42 -7.75 -12.66
CA GLY B 86 7.06 -6.55 -13.14
C GLY B 86 6.05 -5.61 -13.78
N GLN B 87 5.07 -6.20 -14.45
CA GLN B 87 3.97 -5.45 -15.07
C GLN B 87 3.03 -4.92 -14.00
N LEU B 88 2.96 -5.61 -12.86
CA LEU B 88 2.20 -5.19 -11.71
C LEU B 88 2.83 -3.94 -11.13
N PHE B 89 4.16 -3.98 -10.92
CA PHE B 89 4.91 -2.81 -10.43
C PHE B 89 4.84 -1.64 -11.38
N ASP B 90 4.77 -1.93 -12.68
CA ASP B 90 4.55 -0.90 -13.70
C ASP B 90 3.23 -0.18 -13.44
N ASP B 91 2.16 -0.98 -13.29
CA ASP B 91 0.78 -0.52 -13.02
C ASP B 91 0.71 0.29 -11.72
N VAL B 92 1.30 -0.26 -10.65
CA VAL B 92 1.38 0.36 -9.33
C VAL B 92 2.08 1.74 -9.41
N ASN B 93 3.17 1.82 -10.15
CA ASN B 93 3.93 3.05 -10.27
C ASN B 93 3.29 4.06 -11.21
N LYS B 94 2.36 3.61 -12.06
CA LYS B 94 1.59 4.53 -12.90
C LYS B 94 0.55 5.24 -12.06
N ALA B 95 0.06 4.55 -11.03
CA ALA B 95 -0.85 5.12 -10.05
C ALA B 95 -0.13 6.19 -9.24
N VAL B 96 1.12 5.90 -8.92
CA VAL B 96 2.00 6.84 -8.21
C VAL B 96 2.18 8.09 -9.05
N SER B 97 2.43 7.89 -10.33
CA SER B 97 2.64 8.96 -11.27
C SER B 97 1.39 9.81 -11.51
N ASP B 98 0.23 9.23 -11.33
CA ASP B 98 -1.03 9.94 -11.45
C ASP B 98 -1.31 10.76 -10.19
N LEU B 99 -1.32 10.10 -9.05
CA LEU B 99 -1.73 10.69 -7.78
C LEU B 99 -0.75 11.71 -7.20
N LYS B 100 0.55 11.55 -7.46
CA LYS B 100 1.53 12.48 -6.91
C LYS B 100 1.46 13.87 -7.55
N ASN B 101 0.80 13.96 -8.72
CA ASN B 101 0.59 15.22 -9.46
C ASN B 101 -0.29 16.22 -8.68
N SER B 102 -1.04 15.74 -7.68
CA SER B 102 -1.92 16.61 -6.89
C SER B 102 -1.16 17.27 -5.70
N GLY B 103 0.15 17.01 -5.60
CA GLY B 103 0.94 17.53 -4.49
C GLY B 103 0.90 16.55 -3.33
N ILE B 104 0.75 15.30 -3.67
CA ILE B 104 0.62 14.24 -2.73
C ILE B 104 1.86 13.36 -2.80
N THR B 105 2.50 13.17 -1.68
CA THR B 105 3.71 12.40 -1.60
C THR B 105 3.38 10.91 -1.64
N THR B 106 3.62 10.30 -2.75
CA THR B 106 3.35 8.92 -2.95
C THR B 106 4.68 8.14 -3.02
N ARG B 107 4.78 7.09 -2.23
CA ARG B 107 5.99 6.27 -2.16
C ARG B 107 5.62 4.78 -2.38
N ILE B 108 6.58 3.98 -2.86
CA ILE B 108 6.44 2.54 -3.03
C ILE B 108 7.36 1.81 -2.06
N LEU B 109 6.81 0.86 -1.35
CA LEU B 109 7.58 0.03 -0.47
C LEU B 109 7.39 -1.42 -0.89
N ASN B 110 8.41 -2.21 -0.80
CA ASN B 110 8.36 -3.60 -1.23
C ASN B 110 8.60 -4.52 -0.07
N LEU B 111 7.65 -5.38 0.16
CA LEU B 111 7.65 -6.34 1.25
C LEU B 111 7.34 -7.71 0.67
N THR B 112 7.58 -8.74 1.42
CA THR B 112 7.14 -10.05 1.01
C THR B 112 5.92 -10.47 1.83
N LEU B 113 5.44 -11.68 1.66
CA LEU B 113 4.21 -12.13 2.32
C LEU B 113 4.41 -12.37 3.82
N GLU B 114 5.63 -12.68 4.24
CA GLU B 114 5.91 -12.89 5.65
C GLU B 114 5.74 -11.58 6.47
N GLU B 115 6.06 -10.43 5.85
CA GLU B 115 5.80 -9.11 6.45
C GLU B 115 4.31 -8.86 6.53
N ARG B 116 3.60 -9.27 5.48
CA ARG B 116 2.15 -9.13 5.36
C ARG B 116 1.44 -9.89 6.48
N GLU B 117 1.85 -11.11 6.76
CA GLU B 117 1.22 -11.92 7.82
C GLU B 117 1.49 -11.35 9.22
N SER B 118 2.64 -10.69 9.38
CA SER B 118 2.98 -10.02 10.62
C SER B 118 2.17 -8.73 10.81
N SER B 119 1.85 -8.03 9.71
CA SER B 119 1.01 -6.87 9.82
C SER B 119 -0.43 -7.27 10.10
N LYS B 120 -0.85 -8.43 9.57
CA LYS B 120 -2.20 -8.97 9.78
C LYS B 120 -2.46 -9.30 11.24
N GLU B 121 -1.46 -9.84 11.93
CA GLU B 121 -1.61 -10.19 13.34
C GLU B 121 -1.63 -8.95 14.24
N GLU B 122 -1.00 -7.87 13.78
CA GLU B 122 -1.04 -6.58 14.48
C GLU B 122 -2.22 -5.72 13.99
N ASN B 123 -3.02 -6.34 13.09
CA ASN B 123 -4.24 -5.83 12.40
C ASN B 123 -4.03 -4.53 11.64
N ILE B 124 -2.82 -4.32 11.20
CA ILE B 124 -2.46 -3.14 10.48
C ILE B 124 -2.12 -3.48 9.05
N SER B 125 -2.21 -2.52 8.23
CA SER B 125 -1.96 -2.65 6.84
C SER B 125 -0.46 -2.53 6.53
N MET B 126 -0.07 -3.10 5.39
CA MET B 126 1.32 -3.19 4.95
C MET B 126 1.99 -1.87 4.68
N GLY B 127 1.20 -0.83 4.43
CA GLY B 127 1.77 0.51 4.20
C GLY B 127 2.45 1.03 5.43
N ARG B 128 1.70 1.17 6.50
CA ARG B 128 2.27 1.61 7.78
C ARG B 128 3.31 0.63 8.36
N TYR B 129 3.12 -0.66 8.10
CA TYR B 129 4.07 -1.69 8.53
C TYR B 129 5.41 -1.58 7.74
N ALA B 130 5.34 -1.04 6.54
CA ALA B 130 6.53 -0.86 5.74
C ALA B 130 7.38 0.30 6.25
N VAL B 131 6.71 1.27 6.91
CA VAL B 131 7.43 2.38 7.55
C VAL B 131 8.14 1.85 8.82
N TYR B 132 7.58 0.77 9.37
CA TYR B 132 8.17 0.07 10.50
C TYR B 132 9.50 -0.58 10.07
N LEU B 133 9.54 -1.10 8.83
CA LEU B 133 10.78 -1.63 8.27
C LEU B 133 11.80 -0.52 8.02
N LYS B 134 11.32 0.67 7.60
CA LYS B 134 12.18 1.87 7.37
C LYS B 134 12.87 2.28 8.68
N ALA B 135 12.11 2.26 9.76
CA ALA B 135 12.58 2.58 11.10
C ALA B 135 13.68 1.65 11.55
N LYS B 136 13.59 0.38 11.17
CA LYS B 136 14.57 -0.62 11.58
C LYS B 136 15.86 -0.55 10.75
N GLU B 137 15.78 0.08 9.57
CA GLU B 137 16.96 0.28 8.73
C GLU B 137 17.76 1.49 9.22
N GLN B 138 17.02 2.53 9.60
CA GLN B 138 17.62 3.78 10.08
C GLN B 138 17.91 3.72 11.59
N ASN B 139 17.57 2.58 12.20
CA ASN B 139 17.79 2.27 13.63
C ASN B 139 17.08 3.25 14.56
N VAL B 140 15.83 3.46 14.28
CA VAL B 140 14.97 4.31 15.08
C VAL B 140 14.04 3.38 15.78
N ASN B 141 13.90 3.50 17.07
CA ASN B 141 13.07 2.60 17.84
C ASN B 141 11.61 3.01 17.79
N LEU B 142 10.94 2.64 16.72
CA LEU B 142 9.51 2.79 16.61
C LEU B 142 8.88 1.49 16.95
N THR B 143 7.94 1.53 17.83
CA THR B 143 7.20 0.39 18.22
C THR B 143 6.01 0.23 17.23
N ILE B 144 5.41 -0.95 17.20
CA ILE B 144 4.17 -1.19 16.42
C ILE B 144 3.04 -0.26 16.92
N ASP B 145 3.08 0.09 18.22
CA ASP B 145 2.16 1.05 18.85
C ASP B 145 2.20 2.42 18.16
N GLU B 146 3.42 2.86 17.82
CA GLU B 146 3.68 4.14 17.16
C GLU B 146 3.05 4.09 15.76
N ILE B 147 3.38 3.01 15.06
CA ILE B 147 2.96 2.71 13.69
C ILE B 147 1.41 2.68 13.50
N LYS B 148 0.72 2.11 14.47
CA LYS B 148 -0.71 1.93 14.37
C LYS B 148 -1.50 3.18 14.80
N ASP B 149 -0.96 3.96 15.74
CA ASP B 149 -1.72 5.08 16.27
C ASP B 149 -1.41 6.40 15.55
N ALA B 150 -0.25 6.49 14.95
CA ALA B 150 0.12 7.69 14.25
C ALA B 150 -0.32 7.66 12.81
N ASP B 151 -0.53 8.84 12.28
CA ASP B 151 -0.93 9.09 10.90
C ASP B 151 0.24 8.74 9.97
N LEU B 152 -0.05 8.22 8.78
CA LEU B 152 0.95 7.77 7.81
C LEU B 152 1.90 8.90 7.36
N LEU B 153 1.40 10.14 7.30
CA LEU B 153 2.24 11.25 6.87
C LEU B 153 3.22 11.51 7.98
N GLU B 154 2.77 11.46 9.22
CA GLU B 154 3.62 11.71 10.39
C GLU B 154 4.65 10.57 10.59
N LEU B 155 4.32 9.39 10.07
CA LEU B 155 5.20 8.24 10.07
C LEU B 155 6.37 8.48 9.10
N ILE B 156 6.07 8.71 7.81
CA ILE B 156 7.11 8.98 6.80
C ILE B 156 7.88 10.30 7.07
N ALA B 157 7.15 11.33 7.54
CA ALA B 157 7.73 12.62 7.91
C ALA B 157 8.81 12.49 8.97
N LYS B 158 8.58 11.71 10.04
CA LYS B 158 9.58 11.57 11.11
C LYS B 158 10.78 10.71 10.67
N LEU B 159 10.57 9.88 9.66
CA LEU B 159 11.63 9.08 9.06
C LEU B 159 12.52 9.94 8.17
N GLU B 160 11.91 10.90 7.48
CA GLU B 160 12.66 11.86 6.66
C GLU B 160 13.34 12.91 7.52
N HIS B 161 12.69 13.27 8.63
CA HIS B 161 13.22 14.26 9.59
C HIS B 161 14.18 13.59 10.58
N HIS B 162 14.42 12.30 10.37
CA HIS B 162 15.39 11.53 11.13
C HIS B 162 16.80 11.85 10.59
N HIS B 163 16.82 12.61 9.47
CA HIS B 163 18.00 13.04 8.72
C HIS B 163 18.48 11.88 7.88
N HIS B 164 18.32 12.01 6.57
CA HIS B 164 18.66 10.91 5.61
C HIS B 164 20.16 10.86 5.26
N HIS B 165 20.92 11.53 6.08
CA HIS B 165 22.36 11.60 6.07
C HIS B 165 22.86 10.46 6.98
N HIS B 166 23.80 9.65 6.52
CA HIS B 166 24.33 8.56 7.34
C HIS B 166 25.56 9.03 8.08
N MET A 1 -0.52 -16.15 -2.21
CA MET A 1 -1.09 -16.22 -3.54
C MET A 1 -0.73 -14.94 -4.29
N TYR A 2 0.32 -15.05 -5.13
CA TYR A 2 0.79 -14.01 -6.07
C TYR A 2 1.25 -12.69 -5.36
N ALA A 3 0.31 -11.77 -5.07
CA ALA A 3 0.65 -10.49 -4.47
C ALA A 3 -0.50 -9.93 -3.67
N TYR A 4 -0.18 -9.01 -2.80
CA TYR A 4 -1.10 -8.34 -1.89
C TYR A 4 -0.64 -6.89 -1.77
N VAL A 5 -1.47 -5.97 -2.15
CA VAL A 5 -1.11 -4.55 -2.11
C VAL A 5 -1.85 -3.86 -0.99
N GLY A 6 -1.13 -3.14 -0.17
CA GLY A 6 -1.72 -2.43 0.91
C GLY A 6 -1.70 -0.97 0.61
N ILE A 7 -2.86 -0.39 0.58
CA ILE A 7 -3.02 1.01 0.33
C ILE A 7 -3.36 1.69 1.63
N ASP A 8 -2.44 2.46 2.08
CA ASP A 8 -2.65 3.24 3.25
C ASP A 8 -2.70 4.66 2.90
N ILE A 9 -3.71 5.29 3.38
CA ILE A 9 -3.95 6.68 3.26
C ILE A 9 -4.35 7.11 4.66
N ASN A 10 -3.72 8.16 5.17
CA ASN A 10 -4.05 8.76 6.50
C ASN A 10 -3.93 7.75 7.67
N PRO B 1 -7.87 5.52 5.62
CA PRO B 1 -8.23 4.35 4.85
C PRO B 1 -7.06 3.37 4.72
N SER B 2 -7.27 2.16 5.16
CA SER B 2 -6.29 1.08 5.05
C SER B 2 -6.98 -0.08 4.32
N ILE B 3 -6.53 -0.36 3.11
CA ILE B 3 -7.17 -1.38 2.26
C ILE B 3 -6.13 -2.39 1.72
N GLU B 4 -6.47 -3.64 1.79
CA GLU B 4 -5.66 -4.72 1.32
C GLU B 4 -6.28 -5.29 0.04
N LEU B 5 -5.57 -5.15 -1.04
CA LEU B 5 -6.00 -5.65 -2.32
C LEU B 5 -5.23 -6.92 -2.62
N TRP B 6 -5.91 -8.02 -2.70
CA TRP B 6 -5.28 -9.29 -3.06
C TRP B 6 -5.17 -9.31 -4.54
N ILE B 7 -4.04 -9.61 -5.06
CA ILE B 7 -3.85 -9.61 -6.48
C ILE B 7 -3.69 -11.06 -6.92
N ASN B 8 -4.46 -11.45 -7.88
CA ASN B 8 -4.47 -12.81 -8.39
C ASN B 8 -3.63 -12.92 -9.68
N TYR B 9 -3.66 -14.09 -10.32
CA TYR B 9 -2.83 -14.38 -11.51
C TYR B 9 -3.37 -13.73 -12.80
N ASN B 10 -4.48 -13.01 -12.69
CA ASN B 10 -5.03 -12.26 -13.81
C ASN B 10 -4.44 -10.87 -13.81
N ASN B 11 -3.62 -10.57 -12.76
CA ASN B 11 -3.00 -9.24 -12.51
C ASN B 11 -4.15 -8.25 -12.18
N LYS B 12 -5.16 -8.81 -11.54
CA LYS B 12 -6.40 -8.15 -11.13
C LYS B 12 -6.59 -8.41 -9.66
N ILE B 13 -7.51 -7.75 -9.06
CA ILE B 13 -7.75 -7.87 -7.65
C ILE B 13 -8.76 -9.00 -7.34
N ALA B 14 -8.40 -9.86 -6.44
CA ALA B 14 -9.20 -11.00 -6.04
C ALA B 14 -10.25 -10.59 -5.03
N GLU B 15 -9.82 -9.87 -3.99
CA GLU B 15 -10.68 -9.42 -2.91
C GLU B 15 -10.02 -8.26 -2.17
N ALA B 16 -10.83 -7.38 -1.60
CA ALA B 16 -10.34 -6.19 -0.94
C ALA B 16 -10.85 -6.11 0.49
N LYS B 17 -9.93 -5.92 1.40
CA LYS B 17 -10.23 -5.84 2.82
C LYS B 17 -10.03 -4.45 3.30
N ALA B 18 -10.91 -4.00 4.10
CA ALA B 18 -10.79 -2.73 4.71
C ALA B 18 -10.46 -2.93 6.16
N LEU B 19 -9.27 -2.52 6.51
CA LEU B 19 -8.75 -2.72 7.85
C LEU B 19 -9.15 -1.58 8.76
N ASN B 20 -9.68 -0.55 8.18
CA ASN B 20 -10.15 0.59 8.90
C ASN B 20 -11.60 0.80 8.48
N GLY B 21 -12.41 1.37 9.38
CA GLY B 21 -13.84 1.57 9.13
C GLY B 21 -14.13 2.58 8.04
N ASP B 22 -13.26 3.57 7.92
CA ASP B 22 -13.38 4.60 6.91
C ASP B 22 -13.10 4.03 5.51
N ALA B 23 -12.27 2.99 5.48
CA ALA B 23 -11.92 2.28 4.29
C ALA B 23 -13.06 1.38 3.83
N GLU B 24 -13.90 0.92 4.80
CA GLU B 24 -15.08 0.11 4.51
C GLU B 24 -16.04 0.93 3.67
N THR B 25 -16.17 2.19 4.05
CA THR B 25 -16.98 3.16 3.35
C THR B 25 -16.44 3.39 1.92
N VAL B 26 -15.10 3.38 1.77
CA VAL B 26 -14.44 3.59 0.48
C VAL B 26 -14.70 2.40 -0.48
N LEU B 27 -14.68 1.16 0.06
CA LEU B 27 -14.94 -0.04 -0.76
C LEU B 27 -16.38 -0.07 -1.31
N GLU B 28 -17.27 0.54 -0.57
CA GLU B 28 -18.66 0.64 -0.95
C GLU B 28 -18.86 1.62 -2.09
N GLY B 29 -19.30 1.10 -3.21
CA GLY B 29 -19.56 1.93 -4.37
C GLY B 29 -18.51 1.78 -5.43
N LEU B 30 -17.43 1.09 -5.12
CA LEU B 30 -16.36 0.87 -6.08
C LEU B 30 -16.29 -0.60 -6.44
N GLU B 31 -16.14 -0.89 -7.72
CA GLU B 31 -15.91 -2.25 -8.18
C GLU B 31 -14.42 -2.36 -8.30
N LEU B 32 -13.81 -3.10 -7.43
CA LEU B 32 -12.37 -3.14 -7.40
C LEU B 32 -11.79 -4.48 -7.80
N LYS B 33 -12.63 -5.45 -8.15
CA LYS B 33 -12.12 -6.78 -8.49
C LYS B 33 -11.49 -6.82 -9.87
N GLU B 34 -12.12 -6.19 -10.84
CA GLU B 34 -11.47 -6.12 -12.13
C GLU B 34 -10.76 -4.83 -12.41
N LYS B 35 -10.02 -4.41 -11.42
CA LYS B 35 -9.17 -3.27 -11.51
C LYS B 35 -7.75 -3.74 -11.34
N THR B 36 -6.83 -2.96 -11.82
CA THR B 36 -5.43 -3.18 -11.59
C THR B 36 -5.06 -2.40 -10.30
N VAL B 37 -3.80 -2.38 -9.91
CA VAL B 37 -3.39 -1.67 -8.70
C VAL B 37 -3.58 -0.17 -8.89
N ALA B 38 -3.11 0.35 -10.01
CA ALA B 38 -3.20 1.78 -10.36
C ALA B 38 -4.64 2.25 -10.43
N GLU B 39 -5.49 1.39 -10.96
CA GLU B 39 -6.89 1.66 -11.09
C GLU B 39 -7.56 1.70 -9.75
N ALA B 40 -7.19 0.77 -8.86
CA ALA B 40 -7.72 0.72 -7.50
C ALA B 40 -7.26 1.93 -6.70
N VAL B 41 -5.96 2.29 -6.82
CA VAL B 41 -5.39 3.46 -6.13
C VAL B 41 -6.15 4.72 -6.52
N ASN B 42 -6.42 4.86 -7.81
CA ASN B 42 -7.14 6.01 -8.36
C ASN B 42 -8.56 6.09 -7.76
N GLU B 43 -9.28 4.95 -7.79
CA GLU B 43 -10.65 4.86 -7.24
C GLU B 43 -10.69 5.16 -5.74
N ILE B 44 -9.80 4.49 -4.98
CA ILE B 44 -9.69 4.64 -3.52
C ILE B 44 -9.37 6.08 -3.13
N VAL B 45 -8.37 6.68 -3.79
CA VAL B 45 -7.96 8.06 -3.52
C VAL B 45 -9.07 9.06 -3.87
N GLN B 46 -9.75 8.85 -4.99
CA GLN B 46 -10.83 9.75 -5.42
C GLN B 46 -12.04 9.70 -4.53
N LYS B 47 -12.37 8.53 -4.04
CA LYS B 47 -13.50 8.42 -3.14
C LYS B 47 -13.13 8.94 -1.73
N SER B 48 -11.90 8.69 -1.31
CA SER B 48 -11.40 9.19 -0.03
C SER B 48 -11.30 10.73 -0.08
N MET B 49 -11.09 11.27 -1.27
CA MET B 49 -10.97 12.69 -1.51
C MET B 49 -12.32 13.37 -1.29
N GLU B 50 -13.40 12.70 -1.70
CA GLU B 50 -14.77 13.19 -1.53
C GLU B 50 -15.15 13.28 -0.07
N LEU B 51 -14.94 12.19 0.67
CA LEU B 51 -15.30 12.13 2.09
C LEU B 51 -14.30 12.84 3.01
N GLY B 52 -13.22 13.36 2.43
CA GLY B 52 -12.28 14.18 3.20
C GLY B 52 -11.25 13.41 3.97
N PHE B 53 -11.01 12.17 3.58
CA PHE B 53 -10.01 11.33 4.23
C PHE B 53 -8.64 11.64 3.65
N ILE B 54 -8.63 12.19 2.46
CA ILE B 54 -7.45 12.66 1.82
C ILE B 54 -7.80 13.99 1.15
N SER B 55 -6.84 14.88 1.05
CA SER B 55 -7.05 16.18 0.55
C SER B 55 -5.94 16.62 -0.41
N ARG B 56 -6.34 17.25 -1.50
CA ARG B 56 -5.41 17.94 -2.41
C ARG B 56 -5.19 19.32 -1.85
N GLU B 57 -6.15 19.75 -1.02
CA GLU B 57 -6.11 21.03 -0.31
C GLU B 57 -5.13 20.99 0.85
N LYS B 58 -4.65 19.80 1.18
CA LYS B 58 -3.75 19.62 2.29
C LYS B 58 -2.58 18.76 1.88
N GLU B 59 -1.65 18.66 2.76
CA GLU B 59 -0.46 17.86 2.59
C GLU B 59 -0.78 16.45 3.04
N ASN B 60 -0.83 15.53 2.11
CA ASN B 60 -1.15 14.16 2.43
C ASN B 60 -0.13 13.23 1.91
N ILE B 61 -0.30 11.97 2.22
CA ILE B 61 0.62 10.97 1.87
C ILE B 61 -0.20 9.71 1.49
N ILE B 62 0.23 9.05 0.45
CA ILE B 62 -0.37 7.83 -0.05
C ILE B 62 0.74 6.81 -0.08
N LEU B 63 0.56 5.70 0.54
CA LEU B 63 1.57 4.69 0.49
C LEU B 63 1.04 3.44 -0.14
N ILE B 64 1.71 3.04 -1.17
CA ILE B 64 1.42 1.85 -1.86
C ILE B 64 2.49 0.84 -1.49
N SER B 65 2.15 -0.09 -0.66
CA SER B 65 3.07 -1.12 -0.28
C SER B 65 2.65 -2.39 -0.95
N THR B 66 3.55 -3.02 -1.62
CA THR B 66 3.24 -4.23 -2.32
C THR B 66 4.00 -5.38 -1.68
N ALA B 67 3.28 -6.42 -1.37
CA ALA B 67 3.83 -7.61 -0.78
C ALA B 67 3.54 -8.72 -1.72
N CYS B 68 4.44 -9.62 -1.84
CA CYS B 68 4.26 -10.72 -2.74
C CYS B 68 4.98 -11.94 -2.24
N ASP B 69 4.38 -13.08 -2.43
CA ASP B 69 5.05 -14.31 -2.18
C ASP B 69 5.18 -14.95 -3.52
N LEU B 70 6.32 -15.46 -3.81
CA LEU B 70 6.51 -15.98 -5.12
C LEU B 70 6.61 -17.49 -5.11
N LYS B 71 5.77 -18.10 -4.30
CA LYS B 71 5.66 -19.54 -4.30
C LYS B 71 4.53 -19.90 -5.24
N ALA B 72 4.84 -19.72 -6.48
CA ALA B 72 3.94 -19.93 -7.59
C ALA B 72 4.73 -20.55 -8.72
N GLY B 73 5.63 -21.45 -8.33
CA GLY B 73 6.52 -22.11 -9.23
C GLY B 73 5.92 -23.37 -9.72
N GLU B 74 4.87 -23.21 -10.50
CA GLU B 74 4.09 -24.25 -11.13
C GLU B 74 4.99 -25.13 -11.96
N GLY B 75 5.06 -26.37 -11.55
CA GLY B 75 5.94 -27.32 -12.15
C GLY B 75 7.32 -27.15 -11.58
N SER B 76 8.09 -26.27 -12.21
CA SER B 76 9.44 -25.93 -11.79
C SER B 76 9.87 -24.58 -12.39
N GLU B 77 8.92 -23.81 -12.89
CA GLU B 77 9.20 -22.53 -13.51
C GLU B 77 8.29 -21.49 -12.89
N ASN B 78 8.77 -20.28 -12.79
CA ASN B 78 8.02 -19.22 -12.14
C ASN B 78 8.02 -17.96 -13.02
N LYS B 79 8.71 -18.02 -14.19
CA LYS B 79 8.87 -16.84 -15.08
C LYS B 79 7.58 -16.19 -15.54
N ASP B 80 6.57 -16.99 -15.80
CA ASP B 80 5.25 -16.49 -16.23
C ASP B 80 4.62 -15.59 -15.15
N VAL B 81 4.77 -16.01 -13.91
CA VAL B 81 4.28 -15.27 -12.76
C VAL B 81 5.15 -14.04 -12.52
N GLN B 82 6.48 -14.22 -12.59
CA GLN B 82 7.47 -13.13 -12.36
C GLN B 82 7.31 -12.00 -13.38
N ASN B 83 7.00 -12.40 -14.62
CA ASN B 83 6.69 -11.50 -15.75
C ASN B 83 5.55 -10.55 -15.34
N LYS B 84 4.48 -11.14 -14.85
CA LYS B 84 3.32 -10.39 -14.39
C LYS B 84 3.59 -9.57 -13.10
N ILE B 85 4.50 -10.06 -12.27
CA ILE B 85 4.92 -9.35 -11.05
C ILE B 85 5.64 -8.04 -11.39
N GLY B 86 6.48 -8.07 -12.45
CA GLY B 86 7.19 -6.89 -12.89
C GLY B 86 6.23 -5.85 -13.44
N GLN B 87 5.26 -6.33 -14.21
CA GLN B 87 4.22 -5.48 -14.81
C GLN B 87 3.29 -4.91 -13.75
N LEU B 88 3.17 -5.61 -12.64
CA LEU B 88 2.36 -5.18 -11.51
C LEU B 88 3.02 -3.97 -10.86
N PHE B 89 4.35 -4.06 -10.65
CA PHE B 89 5.14 -2.96 -10.09
C PHE B 89 5.20 -1.75 -11.02
N ASP B 90 5.15 -2.02 -12.33
CA ASP B 90 5.10 -0.98 -13.35
C ASP B 90 3.82 -0.16 -13.17
N ASP B 91 2.72 -0.89 -13.03
CA ASP B 91 1.37 -0.34 -12.82
C ASP B 91 1.30 0.45 -11.50
N VAL B 92 1.90 -0.12 -10.43
CA VAL B 92 2.04 0.54 -9.11
C VAL B 92 2.70 1.93 -9.25
N ASN B 93 3.82 1.97 -9.94
CA ASN B 93 4.59 3.20 -10.09
C ASN B 93 3.95 4.22 -11.03
N LYS B 94 3.12 3.75 -11.98
CA LYS B 94 2.33 4.64 -12.84
C LYS B 94 1.30 5.41 -12.01
N ALA B 95 0.68 4.69 -11.07
CA ALA B 95 -0.33 5.23 -10.14
C ALA B 95 0.26 6.33 -9.29
N VAL B 96 1.49 6.09 -8.86
CA VAL B 96 2.24 7.00 -8.02
C VAL B 96 2.38 8.36 -8.69
N SER B 97 2.82 8.37 -9.96
CA SER B 97 3.08 9.62 -10.71
C SER B 97 1.78 10.43 -10.89
N ASP B 98 0.67 9.71 -11.01
CA ASP B 98 -0.63 10.32 -11.26
C ASP B 98 -1.24 10.91 -9.97
N LEU B 99 -1.16 10.17 -8.89
CA LEU B 99 -1.76 10.56 -7.63
C LEU B 99 -0.89 11.51 -6.79
N LYS B 100 0.43 11.49 -6.99
CA LYS B 100 1.33 12.40 -6.26
C LYS B 100 1.33 13.79 -6.89
N ASN B 101 0.85 13.84 -8.11
CA ASN B 101 0.90 14.99 -8.99
C ASN B 101 0.02 16.18 -8.53
N SER B 102 -0.72 16.01 -7.44
CA SER B 102 -1.51 17.09 -6.87
C SER B 102 -0.73 17.81 -5.76
N GLY B 103 0.48 17.32 -5.48
CA GLY B 103 1.29 17.85 -4.38
C GLY B 103 1.26 16.92 -3.19
N ILE B 104 0.75 15.73 -3.40
CA ILE B 104 0.62 14.72 -2.36
C ILE B 104 1.86 13.81 -2.42
N THR B 105 2.36 13.41 -1.28
CA THR B 105 3.53 12.56 -1.23
C THR B 105 3.12 11.08 -1.36
N THR B 106 3.37 10.50 -2.51
CA THR B 106 3.10 9.09 -2.68
C THR B 106 4.43 8.32 -2.67
N ARG B 107 4.48 7.26 -1.89
CA ARG B 107 5.69 6.44 -1.76
C ARG B 107 5.36 4.99 -2.12
N ILE B 108 6.40 4.18 -2.36
CA ILE B 108 6.25 2.76 -2.69
C ILE B 108 7.18 1.96 -1.79
N LEU B 109 6.64 1.06 -1.04
CA LEU B 109 7.46 0.16 -0.25
C LEU B 109 7.24 -1.26 -0.71
N ASN B 110 8.28 -2.04 -0.69
CA ASN B 110 8.20 -3.42 -1.14
C ASN B 110 8.37 -4.34 0.03
N LEU B 111 7.46 -5.26 0.16
CA LEU B 111 7.41 -6.22 1.24
C LEU B 111 7.17 -7.61 0.65
N THR B 112 7.40 -8.63 1.40
CA THR B 112 7.00 -9.96 1.00
C THR B 112 5.78 -10.39 1.82
N LEU B 113 5.32 -11.63 1.64
CA LEU B 113 4.13 -12.10 2.35
C LEU B 113 4.38 -12.29 3.85
N GLU B 114 5.63 -12.54 4.22
CA GLU B 114 5.95 -12.70 5.62
C GLU B 114 5.88 -11.36 6.41
N GLU B 115 5.96 -10.24 5.68
CA GLU B 115 5.73 -8.91 6.27
C GLU B 115 4.24 -8.68 6.48
N ARG B 116 3.44 -9.17 5.52
CA ARG B 116 1.98 -9.11 5.58
C ARG B 116 1.42 -9.87 6.78
N GLU B 117 1.95 -11.03 7.04
CA GLU B 117 1.47 -11.85 8.14
C GLU B 117 1.81 -11.23 9.50
N SER B 118 2.98 -10.59 9.59
CA SER B 118 3.40 -9.90 10.81
C SER B 118 2.56 -8.63 11.06
N SER B 119 2.14 -7.96 10.01
CA SER B 119 1.29 -6.80 10.16
C SER B 119 -0.15 -7.17 10.49
N LYS B 120 -0.60 -8.34 10.02
CA LYS B 120 -1.94 -8.85 10.34
C LYS B 120 -2.07 -9.26 11.79
N GLU B 121 -0.99 -9.76 12.38
CA GLU B 121 -1.01 -10.13 13.79
C GLU B 121 -0.93 -8.88 14.69
N GLU B 122 -0.48 -7.75 14.11
CA GLU B 122 -0.52 -6.46 14.82
C GLU B 122 -1.83 -5.70 14.47
N ASN B 123 -2.67 -6.37 13.64
CA ASN B 123 -3.99 -5.91 13.08
C ASN B 123 -3.93 -4.58 12.30
N ILE B 124 -2.79 -4.31 11.72
CA ILE B 124 -2.59 -3.09 10.96
C ILE B 124 -2.40 -3.41 9.50
N SER B 125 -2.42 -2.41 8.67
CA SER B 125 -2.23 -2.60 7.28
C SER B 125 -0.74 -2.53 6.91
N MET B 126 -0.43 -2.91 5.68
CA MET B 126 0.93 -3.04 5.20
C MET B 126 1.64 -1.76 4.97
N GLY B 127 0.91 -0.68 4.71
CA GLY B 127 1.53 0.60 4.47
C GLY B 127 2.22 1.12 5.70
N ARG B 128 1.50 1.15 6.80
CA ARG B 128 2.06 1.63 8.08
C ARG B 128 3.21 0.73 8.53
N TYR B 129 3.03 -0.58 8.31
CA TYR B 129 4.07 -1.57 8.62
C TYR B 129 5.31 -1.43 7.70
N ALA B 130 5.13 -0.89 6.52
CA ALA B 130 6.22 -0.67 5.59
C ALA B 130 7.06 0.53 6.01
N VAL B 131 6.46 1.41 6.78
CA VAL B 131 7.15 2.53 7.36
C VAL B 131 7.98 2.02 8.56
N TYR B 132 7.51 0.92 9.17
CA TYR B 132 8.21 0.21 10.24
C TYR B 132 9.44 -0.52 9.66
N LEU B 133 9.30 -0.99 8.43
CA LEU B 133 10.36 -1.64 7.69
C LEU B 133 11.48 -0.60 7.46
N LYS B 134 11.05 0.57 6.95
CA LYS B 134 11.91 1.74 6.69
C LYS B 134 12.59 2.21 7.98
N ALA B 135 11.85 2.15 9.09
CA ALA B 135 12.33 2.49 10.42
C ALA B 135 13.51 1.64 10.83
N LYS B 136 13.40 0.36 10.64
CA LYS B 136 14.46 -0.52 11.07
C LYS B 136 15.67 -0.52 10.11
N GLU B 137 15.46 -0.04 8.88
CA GLU B 137 16.56 0.16 7.93
C GLU B 137 17.41 1.36 8.34
N GLN B 138 16.73 2.44 8.78
CA GLN B 138 17.40 3.71 9.06
C GLN B 138 17.84 3.85 10.53
N ASN B 139 17.60 2.81 11.34
CA ASN B 139 17.87 2.82 12.80
C ASN B 139 16.97 3.85 13.51
N VAL B 140 15.69 3.61 13.40
CA VAL B 140 14.67 4.45 13.95
C VAL B 140 14.03 3.71 15.13
N ASN B 141 13.90 4.42 16.22
CA ASN B 141 13.44 3.91 17.52
C ASN B 141 11.88 3.88 17.65
N LEU B 142 11.22 3.63 16.55
CA LEU B 142 9.78 3.58 16.51
C LEU B 142 9.30 2.14 16.59
N THR B 143 8.35 1.92 17.45
CA THR B 143 7.74 0.62 17.65
C THR B 143 6.47 0.51 16.83
N ILE B 144 5.84 -0.68 16.84
CA ILE B 144 4.55 -0.91 16.17
C ILE B 144 3.44 -0.05 16.83
N ASP B 145 3.64 0.29 18.11
CA ASP B 145 2.73 1.17 18.85
C ASP B 145 2.60 2.54 18.19
N GLU B 146 3.72 3.10 17.74
CA GLU B 146 3.70 4.37 16.99
C GLU B 146 3.02 4.15 15.63
N ILE B 147 3.41 3.08 14.96
CA ILE B 147 2.94 2.68 13.63
C ILE B 147 1.38 2.57 13.55
N LYS B 148 0.78 2.01 14.58
CA LYS B 148 -0.65 1.84 14.60
C LYS B 148 -1.40 3.09 15.10
N ASP B 149 -0.83 3.79 16.08
CA ASP B 149 -1.53 4.89 16.76
C ASP B 149 -1.36 6.22 16.02
N ALA B 150 -0.30 6.36 15.29
CA ALA B 150 -0.05 7.53 14.51
C ALA B 150 -0.62 7.42 13.12
N ASP B 151 -0.70 8.53 12.44
CA ASP B 151 -1.15 8.57 11.07
C ASP B 151 0.02 8.32 10.17
N LEU B 152 -0.26 7.93 8.95
CA LEU B 152 0.75 7.69 7.91
C LEU B 152 1.44 9.00 7.57
N LEU B 153 0.70 10.10 7.76
CA LEU B 153 1.18 11.47 7.56
C LEU B 153 2.33 11.75 8.51
N GLU B 154 2.17 11.33 9.77
CA GLU B 154 3.21 11.47 10.77
C GLU B 154 4.36 10.52 10.46
N LEU B 155 4.00 9.23 10.29
CA LEU B 155 4.95 8.12 10.08
C LEU B 155 5.94 8.40 8.98
N ILE B 156 5.45 8.61 7.76
CA ILE B 156 6.34 8.85 6.63
C ILE B 156 7.11 10.16 6.73
N ALA B 157 6.46 11.25 7.16
CA ALA B 157 7.16 12.52 7.34
C ALA B 157 8.39 12.41 8.27
N LYS B 158 8.24 11.79 9.44
CA LYS B 158 9.35 11.67 10.39
C LYS B 158 10.43 10.64 9.94
N LEU B 159 10.04 9.74 9.04
CA LEU B 159 10.95 8.76 8.45
C LEU B 159 11.71 9.34 7.25
N GLU B 160 11.07 10.25 6.54
CA GLU B 160 11.67 10.92 5.40
C GLU B 160 12.56 12.06 5.83
N HIS B 161 12.18 12.71 6.92
CA HIS B 161 12.93 13.85 7.48
C HIS B 161 13.81 13.33 8.61
N HIS B 162 14.39 12.16 8.38
CA HIS B 162 15.24 11.49 9.30
C HIS B 162 16.69 11.80 8.94
N HIS B 163 17.49 12.05 9.97
CA HIS B 163 18.93 12.24 9.86
C HIS B 163 19.53 10.92 9.36
N HIS B 164 20.06 10.93 8.13
CA HIS B 164 20.47 9.74 7.38
C HIS B 164 19.27 9.02 6.85
N HIS B 165 18.79 9.54 5.75
CA HIS B 165 17.65 9.02 5.06
C HIS B 165 18.08 8.00 4.02
N HIS B 166 17.41 6.86 4.03
CA HIS B 166 17.63 5.80 3.05
C HIS B 166 16.72 6.03 1.85
N MET A 1 -1.99 -16.73 -1.93
CA MET A 1 -2.11 -15.64 -2.91
C MET A 1 -0.80 -15.35 -3.57
N TYR A 2 -0.81 -14.36 -4.43
CA TYR A 2 0.30 -13.97 -5.25
C TYR A 2 1.00 -12.77 -4.60
N ALA A 3 0.22 -11.69 -4.49
CA ALA A 3 0.66 -10.44 -3.96
C ALA A 3 -0.47 -9.79 -3.19
N TYR A 4 -0.15 -8.77 -2.44
CA TYR A 4 -1.12 -7.93 -1.74
C TYR A 4 -0.57 -6.53 -1.80
N VAL A 5 -1.43 -5.57 -1.96
CA VAL A 5 -1.01 -4.18 -2.03
C VAL A 5 -1.67 -3.39 -0.89
N GLY A 6 -0.87 -2.82 -0.04
CA GLY A 6 -1.38 -2.05 1.06
C GLY A 6 -1.38 -0.60 0.73
N ILE A 7 -2.53 -0.01 0.77
CA ILE A 7 -2.70 1.39 0.50
C ILE A 7 -3.08 2.07 1.78
N ASP A 8 -2.17 2.85 2.27
CA ASP A 8 -2.43 3.65 3.40
C ASP A 8 -2.49 5.08 3.01
N ILE A 9 -3.49 5.72 3.49
CA ILE A 9 -3.68 7.14 3.31
C ILE A 9 -4.04 7.66 4.69
N ASN A 10 -3.08 8.32 5.33
CA ASN A 10 -3.25 8.94 6.69
C ASN A 10 -3.75 7.92 7.74
N PRO B 1 -7.59 6.09 5.27
CA PRO B 1 -8.07 4.75 4.98
C PRO B 1 -6.90 3.76 4.87
N SER B 2 -7.11 2.56 5.39
CA SER B 2 -6.15 1.48 5.31
C SER B 2 -6.81 0.33 4.56
N ILE B 3 -6.32 0.03 3.36
CA ILE B 3 -6.91 -1.00 2.49
C ILE B 3 -5.82 -1.93 1.91
N GLU B 4 -6.11 -3.20 1.89
CA GLU B 4 -5.24 -4.22 1.38
C GLU B 4 -5.91 -4.89 0.16
N LEU B 5 -5.30 -4.73 -0.98
CA LEU B 5 -5.78 -5.32 -2.21
C LEU B 5 -5.15 -6.67 -2.40
N TRP B 6 -5.96 -7.69 -2.38
CA TRP B 6 -5.50 -9.07 -2.53
C TRP B 6 -5.30 -9.35 -4.01
N ILE B 7 -4.12 -9.71 -4.43
CA ILE B 7 -3.84 -9.92 -5.85
C ILE B 7 -3.71 -11.42 -6.15
N ASN B 8 -4.39 -11.86 -7.19
CA ASN B 8 -4.39 -13.28 -7.62
C ASN B 8 -3.34 -13.50 -8.72
N TYR B 9 -3.35 -14.71 -9.28
CA TYR B 9 -2.44 -15.11 -10.38
C TYR B 9 -2.95 -14.59 -11.72
N ASN B 10 -4.10 -13.92 -11.70
CA ASN B 10 -4.72 -13.38 -12.90
C ASN B 10 -4.32 -11.90 -13.04
N ASN B 11 -3.63 -11.39 -11.98
CA ASN B 11 -3.19 -9.98 -11.83
C ASN B 11 -4.44 -9.08 -11.66
N LYS B 12 -5.42 -9.67 -11.03
CA LYS B 12 -6.68 -9.05 -10.66
C LYS B 12 -6.79 -9.11 -9.17
N ILE B 13 -7.65 -8.31 -8.64
CA ILE B 13 -7.84 -8.21 -7.22
C ILE B 13 -8.93 -9.21 -6.76
N ALA B 14 -8.64 -9.93 -5.73
CA ALA B 14 -9.56 -10.92 -5.19
C ALA B 14 -10.61 -10.23 -4.37
N GLU B 15 -10.15 -9.44 -3.44
CA GLU B 15 -10.99 -8.66 -2.60
C GLU B 15 -10.18 -7.51 -2.05
N ALA B 16 -10.86 -6.47 -1.71
CA ALA B 16 -10.26 -5.31 -1.14
C ALA B 16 -10.64 -5.30 0.30
N LYS B 17 -9.66 -5.45 1.14
CA LYS B 17 -9.87 -5.56 2.53
C LYS B 17 -9.63 -4.25 3.20
N ALA B 18 -10.59 -3.81 3.92
CA ALA B 18 -10.48 -2.59 4.68
C ALA B 18 -10.13 -2.91 6.10
N LEU B 19 -9.09 -2.29 6.55
CA LEU B 19 -8.58 -2.47 7.89
C LEU B 19 -8.99 -1.30 8.76
N ASN B 20 -9.58 -0.35 8.11
CA ASN B 20 -10.05 0.85 8.70
C ASN B 20 -11.55 0.96 8.40
N GLY B 21 -12.32 1.46 9.36
CA GLY B 21 -13.79 1.53 9.22
C GLY B 21 -14.25 2.58 8.24
N ASP B 22 -13.49 3.66 8.15
CA ASP B 22 -13.76 4.75 7.21
C ASP B 22 -13.43 4.27 5.80
N ALA B 23 -12.45 3.36 5.72
CA ALA B 23 -12.03 2.71 4.48
C ALA B 23 -13.08 1.76 3.95
N GLU B 24 -13.83 1.15 4.88
CA GLU B 24 -14.99 0.28 4.54
C GLU B 24 -16.01 1.07 3.77
N THR B 25 -16.23 2.31 4.23
CA THR B 25 -17.15 3.25 3.61
C THR B 25 -16.62 3.70 2.21
N VAL B 26 -15.28 3.81 2.07
CA VAL B 26 -14.65 4.15 0.78
C VAL B 26 -14.88 3.01 -0.23
N LEU B 27 -14.70 1.76 0.21
CA LEU B 27 -14.89 0.56 -0.64
C LEU B 27 -16.31 0.39 -1.16
N GLU B 28 -17.28 0.91 -0.42
CA GLU B 28 -18.66 0.83 -0.80
C GLU B 28 -18.95 1.63 -2.08
N GLY B 29 -19.23 0.90 -3.14
CA GLY B 29 -19.56 1.51 -4.41
C GLY B 29 -18.44 1.37 -5.42
N LEU B 30 -17.34 0.76 -5.03
CA LEU B 30 -16.20 0.62 -5.91
C LEU B 30 -15.98 -0.84 -6.30
N GLU B 31 -16.15 -1.16 -7.59
CA GLU B 31 -15.80 -2.49 -8.07
C GLU B 31 -14.29 -2.45 -8.33
N LEU B 32 -13.56 -3.30 -7.66
CA LEU B 32 -12.12 -3.26 -7.72
C LEU B 32 -11.55 -4.63 -8.09
N LYS B 33 -12.39 -5.66 -8.11
CA LYS B 33 -11.93 -7.04 -8.28
C LYS B 33 -11.34 -7.31 -9.65
N GLU B 34 -11.91 -6.72 -10.67
CA GLU B 34 -11.35 -6.93 -11.98
C GLU B 34 -10.48 -5.81 -12.47
N LYS B 35 -9.99 -5.04 -11.54
CA LYS B 35 -9.09 -3.97 -11.84
C LYS B 35 -7.67 -4.43 -11.53
N THR B 36 -6.74 -3.60 -11.87
CA THR B 36 -5.38 -3.74 -11.49
C THR B 36 -5.13 -2.83 -10.28
N VAL B 37 -3.90 -2.78 -9.83
CA VAL B 37 -3.49 -2.01 -8.67
C VAL B 37 -3.75 -0.51 -8.88
N ALA B 38 -3.34 0.01 -10.04
CA ALA B 38 -3.44 1.44 -10.37
C ALA B 38 -4.86 1.97 -10.32
N GLU B 39 -5.82 1.21 -10.83
CA GLU B 39 -7.19 1.62 -10.78
C GLU B 39 -7.75 1.54 -9.39
N ALA B 40 -7.31 0.54 -8.62
CA ALA B 40 -7.72 0.40 -7.23
C ALA B 40 -7.26 1.59 -6.41
N VAL B 41 -5.97 1.98 -6.56
CA VAL B 41 -5.39 3.14 -5.86
C VAL B 41 -6.17 4.40 -6.24
N ASN B 42 -6.43 4.53 -7.54
CA ASN B 42 -7.16 5.69 -8.08
C ASN B 42 -8.55 5.80 -7.47
N GLU B 43 -9.33 4.70 -7.52
CA GLU B 43 -10.70 4.66 -6.96
C GLU B 43 -10.73 4.99 -5.47
N ILE B 44 -9.81 4.38 -4.70
CA ILE B 44 -9.71 4.62 -3.26
C ILE B 44 -9.36 6.09 -2.96
N VAL B 45 -8.29 6.61 -3.60
CA VAL B 45 -7.83 7.99 -3.35
C VAL B 45 -8.87 9.02 -3.79
N GLN B 46 -9.50 8.80 -4.94
CA GLN B 46 -10.51 9.72 -5.46
C GLN B 46 -11.78 9.71 -4.63
N LYS B 47 -12.15 8.57 -4.08
CA LYS B 47 -13.31 8.51 -3.24
C LYS B 47 -13.01 9.04 -1.81
N SER B 48 -11.78 8.83 -1.36
CA SER B 48 -11.32 9.39 -0.07
C SER B 48 -11.18 10.92 -0.18
N MET B 49 -11.01 11.39 -1.41
CA MET B 49 -10.92 12.80 -1.74
C MET B 49 -12.29 13.45 -1.55
N GLU B 50 -13.36 12.70 -1.89
CA GLU B 50 -14.75 13.16 -1.73
C GLU B 50 -15.08 13.24 -0.25
N LEU B 51 -14.82 12.11 0.43
CA LEU B 51 -15.11 11.96 1.86
C LEU B 51 -14.25 12.86 2.78
N GLY B 52 -13.15 13.39 2.24
CA GLY B 52 -12.36 14.37 2.96
C GLY B 52 -11.19 13.80 3.73
N PHE B 53 -10.80 12.57 3.42
CA PHE B 53 -9.68 11.94 4.12
C PHE B 53 -8.36 12.32 3.45
N ILE B 54 -8.45 12.84 2.24
CA ILE B 54 -7.32 13.32 1.51
C ILE B 54 -7.78 14.51 0.67
N SER B 55 -6.89 15.44 0.42
CA SER B 55 -7.17 16.59 -0.38
C SER B 55 -5.97 16.90 -1.25
N ARG B 56 -6.21 17.52 -2.39
CA ARG B 56 -5.14 17.94 -3.28
C ARG B 56 -4.64 19.32 -2.88
N GLU B 57 -5.46 20.02 -2.13
CA GLU B 57 -5.15 21.37 -1.66
C GLU B 57 -4.48 21.32 -0.27
N LYS B 58 -4.25 20.12 0.20
CA LYS B 58 -3.59 19.89 1.48
C LYS B 58 -2.41 18.96 1.28
N GLU B 59 -1.50 19.00 2.22
CA GLU B 59 -0.30 18.21 2.19
C GLU B 59 -0.59 16.83 2.76
N ASN B 60 -0.57 15.83 1.91
CA ASN B 60 -0.90 14.47 2.31
C ASN B 60 0.17 13.52 1.87
N ILE B 61 0.11 12.32 2.38
CA ILE B 61 1.05 11.31 2.08
C ILE B 61 0.27 10.00 1.75
N ILE B 62 0.73 9.31 0.74
CA ILE B 62 0.15 8.05 0.30
C ILE B 62 1.29 7.05 0.23
N LEU B 63 1.07 5.88 0.75
CA LEU B 63 2.06 4.87 0.67
C LEU B 63 1.49 3.63 0.04
N ILE B 64 2.10 3.23 -1.03
CA ILE B 64 1.75 2.06 -1.75
C ILE B 64 2.79 1.00 -1.44
N SER B 65 2.39 -0.01 -0.77
CA SER B 65 3.26 -1.08 -0.43
C SER B 65 2.83 -2.32 -1.16
N THR B 66 3.75 -3.02 -1.73
CA THR B 66 3.42 -4.22 -2.43
C THR B 66 4.17 -5.36 -1.76
N ALA B 67 3.46 -6.40 -1.43
CA ALA B 67 4.05 -7.56 -0.83
C ALA B 67 3.77 -8.71 -1.73
N CYS B 68 4.79 -9.44 -2.07
CA CYS B 68 4.66 -10.57 -2.96
C CYS B 68 5.76 -11.55 -2.72
N ASP B 69 5.41 -12.82 -2.62
CA ASP B 69 6.45 -13.84 -2.42
C ASP B 69 6.55 -14.74 -3.59
N LEU B 70 7.63 -14.61 -4.32
CA LEU B 70 7.81 -15.38 -5.53
C LEU B 70 8.58 -16.64 -5.25
N LYS B 71 7.92 -17.50 -4.52
CA LYS B 71 8.37 -18.82 -4.14
C LYS B 71 7.26 -19.79 -4.51
N ALA B 72 6.40 -19.32 -5.37
CA ALA B 72 5.29 -20.06 -5.87
C ALA B 72 5.64 -20.55 -7.25
N GLY B 73 5.72 -21.86 -7.39
CA GLY B 73 6.09 -22.46 -8.65
C GLY B 73 4.87 -22.82 -9.47
N GLU B 74 3.85 -22.01 -9.35
CA GLU B 74 2.60 -22.20 -10.02
C GLU B 74 2.57 -21.33 -11.29
N GLY B 75 3.47 -21.68 -12.19
CA GLY B 75 3.65 -20.99 -13.44
C GLY B 75 4.89 -21.53 -14.12
N SER B 76 4.80 -21.81 -15.41
CA SER B 76 5.84 -22.43 -16.23
C SER B 76 7.21 -21.70 -16.18
N GLU B 77 8.22 -22.41 -15.57
CA GLU B 77 9.65 -21.99 -15.41
C GLU B 77 9.75 -20.72 -14.50
N ASN B 78 8.61 -20.40 -13.84
CA ASN B 78 8.39 -19.17 -13.02
C ASN B 78 8.36 -17.90 -13.95
N LYS B 79 8.58 -18.12 -15.27
CA LYS B 79 8.65 -17.05 -16.29
C LYS B 79 7.30 -16.39 -16.44
N ASP B 80 6.26 -17.21 -16.36
CA ASP B 80 4.87 -16.76 -16.42
C ASP B 80 4.53 -15.82 -15.24
N VAL B 81 5.08 -16.14 -14.09
CA VAL B 81 4.89 -15.39 -12.87
C VAL B 81 5.71 -14.09 -12.92
N GLN B 82 6.97 -14.18 -13.37
CA GLN B 82 7.88 -13.01 -13.48
C GLN B 82 7.36 -12.01 -14.51
N ASN B 83 6.69 -12.54 -15.54
CA ASN B 83 6.06 -11.78 -16.62
C ASN B 83 4.99 -10.85 -16.05
N LYS B 84 4.14 -11.40 -15.19
CA LYS B 84 3.10 -10.65 -14.54
C LYS B 84 3.65 -9.74 -13.43
N ILE B 85 4.78 -10.12 -12.84
CA ILE B 85 5.45 -9.29 -11.81
C ILE B 85 5.98 -7.98 -12.40
N GLY B 86 6.53 -8.04 -13.61
CA GLY B 86 7.05 -6.85 -14.27
C GLY B 86 5.93 -5.90 -14.62
N GLN B 87 4.79 -6.47 -14.96
CA GLN B 87 3.61 -5.70 -15.29
C GLN B 87 2.89 -5.19 -14.02
N LEU B 88 2.96 -5.97 -12.93
CA LEU B 88 2.37 -5.63 -11.63
C LEU B 88 3.05 -4.39 -11.07
N PHE B 89 4.38 -4.44 -11.00
CA PHE B 89 5.16 -3.32 -10.49
C PHE B 89 5.15 -2.13 -11.42
N ASP B 90 4.90 -2.37 -12.71
CA ASP B 90 4.71 -1.30 -13.67
C ASP B 90 3.48 -0.51 -13.28
N ASP B 91 2.38 -1.24 -13.13
CA ASP B 91 1.06 -0.71 -12.80
C ASP B 91 1.05 0.00 -11.43
N VAL B 92 1.84 -0.55 -10.48
CA VAL B 92 2.05 0.07 -9.15
C VAL B 92 2.66 1.48 -9.30
N ASN B 93 3.75 1.58 -10.05
CA ASN B 93 4.45 2.85 -10.24
C ASN B 93 3.66 3.83 -11.14
N LYS B 94 2.81 3.30 -12.03
CA LYS B 94 1.89 4.11 -12.84
C LYS B 94 0.90 4.82 -11.94
N ALA B 95 0.38 4.07 -10.94
CA ALA B 95 -0.52 4.59 -9.92
C ALA B 95 0.12 5.73 -9.16
N VAL B 96 1.38 5.54 -8.81
CA VAL B 96 2.17 6.52 -8.09
C VAL B 96 2.22 7.84 -8.84
N SER B 97 2.57 7.76 -10.14
CA SER B 97 2.69 8.93 -11.02
C SER B 97 1.38 9.71 -11.09
N ASP B 98 0.28 8.97 -11.20
CA ASP B 98 -1.06 9.55 -11.31
C ASP B 98 -1.52 10.25 -10.03
N LEU B 99 -1.28 9.63 -8.90
CA LEU B 99 -1.72 10.19 -7.64
C LEU B 99 -0.77 11.26 -7.06
N LYS B 100 0.55 11.12 -7.32
CA LYS B 100 1.54 12.11 -6.85
C LYS B 100 1.47 13.39 -7.68
N ASN B 101 0.83 13.29 -8.85
CA ASN B 101 0.69 14.36 -9.84
C ASN B 101 -0.06 15.58 -9.26
N SER B 102 -0.82 15.35 -8.20
CA SER B 102 -1.58 16.38 -7.56
C SER B 102 -0.75 17.12 -6.47
N GLY B 103 0.57 16.84 -6.43
CA GLY B 103 1.46 17.46 -5.45
C GLY B 103 1.50 16.67 -4.16
N ILE B 104 0.93 15.49 -4.19
CA ILE B 104 0.81 14.65 -3.04
C ILE B 104 1.98 13.69 -3.01
N THR B 105 2.58 13.52 -1.87
CA THR B 105 3.72 12.65 -1.75
C THR B 105 3.26 11.19 -1.75
N THR B 106 3.63 10.47 -2.79
CA THR B 106 3.32 9.07 -2.90
C THR B 106 4.63 8.27 -2.95
N ARG B 107 4.79 7.34 -2.03
CA ARG B 107 6.01 6.55 -1.93
C ARG B 107 5.64 5.06 -2.19
N ILE B 108 6.61 4.25 -2.60
CA ILE B 108 6.40 2.82 -2.84
C ILE B 108 7.35 2.06 -1.95
N LEU B 109 6.86 1.08 -1.25
CA LEU B 109 7.70 0.18 -0.49
C LEU B 109 7.45 -1.24 -0.92
N ASN B 110 8.47 -2.05 -0.91
CA ASN B 110 8.35 -3.43 -1.35
C ASN B 110 8.59 -4.34 -0.18
N LEU B 111 7.70 -5.27 -0.02
CA LEU B 111 7.70 -6.20 1.05
C LEU B 111 7.46 -7.58 0.47
N THR B 112 7.72 -8.59 1.22
CA THR B 112 7.36 -9.92 0.83
C THR B 112 6.08 -10.35 1.58
N LEU B 113 5.60 -11.55 1.32
CA LEU B 113 4.36 -12.07 1.92
C LEU B 113 4.54 -12.30 3.41
N GLU B 114 5.76 -12.55 3.82
CA GLU B 114 6.08 -12.72 5.23
C GLU B 114 5.90 -11.40 6.05
N GLU B 115 6.04 -10.24 5.39
CA GLU B 115 5.75 -8.96 6.03
C GLU B 115 4.24 -8.76 6.14
N ARG B 116 3.53 -9.32 5.15
CA ARG B 116 2.07 -9.30 5.14
C ARG B 116 1.55 -10.15 6.30
N GLU B 117 2.19 -11.31 6.53
CA GLU B 117 1.83 -12.21 7.64
C GLU B 117 2.00 -11.51 8.98
N SER B 118 3.13 -10.85 9.16
CA SER B 118 3.45 -10.16 10.38
C SER B 118 2.60 -8.90 10.63
N SER B 119 2.13 -8.26 9.57
CA SER B 119 1.23 -7.16 9.73
C SER B 119 -0.17 -7.66 10.09
N LYS B 120 -0.48 -8.91 9.74
CA LYS B 120 -1.77 -9.53 10.11
C LYS B 120 -1.72 -9.99 11.55
N GLU B 121 -0.52 -10.29 12.04
CA GLU B 121 -0.28 -10.63 13.43
C GLU B 121 -0.61 -9.41 14.34
N GLU B 122 -0.41 -8.20 13.80
CA GLU B 122 -0.81 -6.97 14.47
C GLU B 122 -2.10 -6.38 13.91
N ASN B 123 -2.71 -7.11 12.98
CA ASN B 123 -3.97 -6.73 12.24
C ASN B 123 -3.93 -5.31 11.60
N ILE B 124 -2.74 -4.89 11.20
CA ILE B 124 -2.54 -3.57 10.61
C ILE B 124 -2.18 -3.70 9.14
N SER B 125 -2.23 -2.59 8.45
CA SER B 125 -1.98 -2.56 7.05
C SER B 125 -0.48 -2.52 6.74
N MET B 126 -0.15 -2.93 5.53
CA MET B 126 1.24 -3.04 5.10
C MET B 126 1.89 -1.72 4.82
N GLY B 127 1.10 -0.67 4.57
CA GLY B 127 1.67 0.64 4.33
C GLY B 127 2.33 1.15 5.58
N ARG B 128 1.57 1.21 6.64
CA ARG B 128 2.09 1.62 7.93
C ARG B 128 3.19 0.66 8.47
N TYR B 129 3.07 -0.64 8.16
CA TYR B 129 4.07 -1.64 8.52
C TYR B 129 5.39 -1.44 7.70
N ALA B 130 5.27 -0.85 6.51
CA ALA B 130 6.42 -0.57 5.67
C ALA B 130 7.21 0.63 6.18
N VAL B 131 6.53 1.49 6.95
CA VAL B 131 7.19 2.61 7.57
C VAL B 131 7.95 2.10 8.81
N TYR B 132 7.37 1.06 9.46
CA TYR B 132 7.98 0.36 10.60
C TYR B 132 9.28 -0.31 10.15
N LEU B 133 9.25 -0.85 8.94
CA LEU B 133 10.37 -1.50 8.28
C LEU B 133 11.54 -0.49 8.16
N LYS B 134 11.22 0.71 7.64
CA LYS B 134 12.21 1.76 7.41
C LYS B 134 12.69 2.42 8.69
N ALA B 135 11.81 2.46 9.69
CA ALA B 135 12.14 2.95 11.02
C ALA B 135 13.25 2.14 11.62
N LYS B 136 13.19 0.83 11.45
CA LYS B 136 14.18 -0.05 12.01
C LYS B 136 15.48 -0.04 11.19
N GLU B 137 15.40 0.34 9.90
CA GLU B 137 16.58 0.50 9.05
C GLU B 137 17.38 1.70 9.54
N GLN B 138 16.67 2.83 9.73
CA GLN B 138 17.26 4.10 10.17
C GLN B 138 17.47 4.16 11.71
N ASN B 139 17.13 3.04 12.39
CA ASN B 139 17.30 2.84 13.87
C ASN B 139 16.45 3.81 14.72
N VAL B 140 15.30 4.19 14.18
CA VAL B 140 14.39 5.13 14.83
C VAL B 140 13.44 4.33 15.73
N ASN B 141 13.04 4.91 16.84
CA ASN B 141 12.17 4.23 17.77
C ASN B 141 10.68 4.38 17.43
N LEU B 142 10.23 3.55 16.52
CA LEU B 142 8.82 3.43 16.23
C LEU B 142 8.40 2.03 16.55
N THR B 143 7.68 1.90 17.63
CA THR B 143 7.11 0.66 18.02
C THR B 143 5.78 0.50 17.22
N ILE B 144 5.24 -0.71 17.14
CA ILE B 144 3.97 -0.97 16.41
C ILE B 144 2.78 -0.11 16.95
N ASP B 145 2.85 0.27 18.22
CA ASP B 145 1.85 1.17 18.86
C ASP B 145 1.76 2.52 18.12
N GLU B 146 2.92 3.06 17.76
CA GLU B 146 3.06 4.31 16.99
C GLU B 146 2.50 4.10 15.57
N ILE B 147 2.87 2.99 15.00
CA ILE B 147 2.50 2.56 13.64
C ILE B 147 0.96 2.39 13.47
N LYS B 148 0.31 1.83 14.48
CA LYS B 148 -1.09 1.54 14.41
C LYS B 148 -1.96 2.76 14.75
N ASP B 149 -1.49 3.61 15.66
CA ASP B 149 -2.34 4.68 16.19
C ASP B 149 -2.11 6.03 15.52
N ALA B 150 -0.91 6.25 15.01
CA ALA B 150 -0.63 7.50 14.35
C ALA B 150 -0.97 7.40 12.89
N ASP B 151 -1.15 8.55 12.27
CA ASP B 151 -1.45 8.64 10.85
C ASP B 151 -0.21 8.28 10.07
N LEU B 152 -0.40 7.82 8.85
CA LEU B 152 0.67 7.54 7.91
C LEU B 152 1.40 8.85 7.60
N LEU B 153 0.62 9.96 7.66
CA LEU B 153 1.12 11.32 7.49
C LEU B 153 2.21 11.58 8.54
N GLU B 154 1.92 11.19 9.78
CA GLU B 154 2.85 11.32 10.91
C GLU B 154 4.02 10.35 10.81
N LEU B 155 3.72 9.14 10.36
CA LEU B 155 4.72 8.07 10.24
C LEU B 155 5.80 8.41 9.20
N ILE B 156 5.37 8.71 7.96
CA ILE B 156 6.32 9.06 6.92
C ILE B 156 7.02 10.39 7.19
N ALA B 157 6.29 11.39 7.73
CA ALA B 157 6.90 12.69 8.15
C ALA B 157 8.09 12.51 9.08
N LYS B 158 7.97 11.65 10.10
CA LYS B 158 9.09 11.46 11.04
C LYS B 158 10.25 10.66 10.44
N LEU B 159 9.99 9.91 9.37
CA LEU B 159 11.04 9.19 8.64
C LEU B 159 11.75 10.13 7.66
N GLU B 160 10.98 10.98 6.97
CA GLU B 160 11.53 11.97 6.02
C GLU B 160 12.30 13.05 6.76
N HIS B 161 11.86 13.37 7.96
CA HIS B 161 12.48 14.42 8.76
C HIS B 161 13.36 13.82 9.86
N HIS B 162 13.79 12.58 9.64
CA HIS B 162 14.66 11.91 10.57
C HIS B 162 16.09 12.37 10.38
N HIS B 163 16.66 12.78 11.46
CA HIS B 163 18.04 13.16 11.51
C HIS B 163 18.84 11.91 11.84
N HIS B 164 19.69 11.50 10.94
CA HIS B 164 20.56 10.36 11.16
C HIS B 164 21.64 10.84 12.12
N HIS B 165 21.97 10.02 13.08
CA HIS B 165 22.99 10.38 14.05
C HIS B 165 24.36 10.30 13.39
N HIS B 166 25.02 11.41 13.33
CA HIS B 166 26.35 11.50 12.77
C HIS B 166 27.24 11.98 13.85
N MET A 1 -1.53 -17.21 -3.93
CA MET A 1 -0.36 -16.86 -3.14
C MET A 1 0.59 -16.13 -4.06
N TYR A 2 0.37 -14.84 -4.20
CA TYR A 2 1.09 -14.05 -5.17
C TYR A 2 1.50 -12.70 -4.56
N ALA A 3 0.56 -11.74 -4.53
CA ALA A 3 0.86 -10.40 -4.06
C ALA A 3 -0.32 -9.82 -3.33
N TYR A 4 -0.04 -8.95 -2.40
CA TYR A 4 -1.03 -8.23 -1.64
C TYR A 4 -0.55 -6.79 -1.54
N VAL A 5 -1.41 -5.85 -1.84
CA VAL A 5 -1.04 -4.44 -1.85
C VAL A 5 -1.70 -3.70 -0.70
N GLY A 6 -0.90 -3.04 0.10
CA GLY A 6 -1.38 -2.29 1.22
C GLY A 6 -1.42 -0.84 0.88
N ILE A 7 -2.58 -0.28 0.96
CA ILE A 7 -2.79 1.12 0.69
C ILE A 7 -3.10 1.81 1.98
N ASP A 8 -2.24 2.70 2.36
CA ASP A 8 -2.46 3.51 3.52
C ASP A 8 -2.47 4.94 3.12
N ILE A 9 -3.50 5.62 3.51
CA ILE A 9 -3.65 7.04 3.29
C ILE A 9 -4.09 7.63 4.62
N ASN A 10 -3.26 8.52 5.18
CA ASN A 10 -3.52 9.24 6.45
C ASN A 10 -3.85 8.25 7.61
N PRO B 1 -7.59 5.73 5.41
CA PRO B 1 -7.97 4.46 4.84
C PRO B 1 -6.80 3.49 4.79
N SER B 2 -7.04 2.27 5.27
CA SER B 2 -6.08 1.18 5.22
C SER B 2 -6.72 -0.02 4.49
N ILE B 3 -6.18 -0.37 3.32
CA ILE B 3 -6.77 -1.41 2.46
C ILE B 3 -5.70 -2.44 2.05
N GLU B 4 -6.09 -3.69 1.95
CA GLU B 4 -5.26 -4.75 1.43
C GLU B 4 -5.94 -5.30 0.17
N LEU B 5 -5.30 -5.13 -0.95
CA LEU B 5 -5.78 -5.65 -2.20
C LEU B 5 -5.17 -6.99 -2.43
N TRP B 6 -6.00 -7.98 -2.56
CA TRP B 6 -5.58 -9.34 -2.83
C TRP B 6 -5.31 -9.47 -4.30
N ILE B 7 -4.07 -9.60 -4.66
CA ILE B 7 -3.71 -9.66 -6.05
C ILE B 7 -3.53 -11.10 -6.49
N ASN B 8 -4.31 -11.47 -7.49
CA ASN B 8 -4.32 -12.79 -8.06
C ASN B 8 -3.26 -12.90 -9.18
N TYR B 9 -3.26 -14.01 -9.88
CA TYR B 9 -2.22 -14.32 -10.88
C TYR B 9 -2.48 -13.64 -12.22
N ASN B 10 -3.48 -12.83 -12.29
CA ASN B 10 -3.83 -12.12 -13.52
C ASN B 10 -3.49 -10.63 -13.35
N ASN B 11 -3.02 -10.26 -12.12
CA ASN B 11 -2.70 -8.86 -11.66
C ASN B 11 -3.95 -8.09 -11.30
N LYS B 12 -5.03 -8.82 -11.12
CA LYS B 12 -6.32 -8.26 -10.77
C LYS B 12 -6.58 -8.52 -9.31
N ILE B 13 -7.55 -7.88 -8.80
CA ILE B 13 -7.87 -7.98 -7.42
C ILE B 13 -8.89 -9.13 -7.16
N ALA B 14 -8.59 -9.98 -6.22
CA ALA B 14 -9.47 -11.05 -5.84
C ALA B 14 -10.59 -10.48 -4.98
N GLU B 15 -10.19 -9.63 -4.03
CA GLU B 15 -11.08 -8.90 -3.18
C GLU B 15 -10.29 -7.82 -2.45
N ALA B 16 -10.97 -6.81 -2.00
CA ALA B 16 -10.36 -5.74 -1.27
C ALA B 16 -10.76 -5.86 0.18
N LYS B 17 -9.79 -5.84 1.03
CA LYS B 17 -9.99 -5.93 2.46
C LYS B 17 -9.75 -4.59 3.08
N ALA B 18 -10.66 -4.13 3.85
CA ALA B 18 -10.45 -2.90 4.58
C ALA B 18 -10.02 -3.24 5.97
N LEU B 19 -8.94 -2.66 6.37
CA LEU B 19 -8.33 -2.92 7.66
C LEU B 19 -8.69 -1.89 8.68
N ASN B 20 -9.33 -0.85 8.25
CA ASN B 20 -9.78 0.19 9.11
C ASN B 20 -11.16 0.61 8.63
N GLY B 21 -12.02 1.06 9.55
CA GLY B 21 -13.43 1.40 9.25
C GLY B 21 -13.62 2.49 8.22
N ASP B 22 -12.67 3.39 8.14
CA ASP B 22 -12.69 4.50 7.20
C ASP B 22 -12.55 3.99 5.75
N ALA B 23 -11.80 2.92 5.59
CA ALA B 23 -11.55 2.28 4.33
C ALA B 23 -12.71 1.46 3.88
N GLU B 24 -13.51 0.98 4.84
CA GLU B 24 -14.74 0.23 4.56
C GLU B 24 -15.74 1.11 3.85
N THR B 25 -15.78 2.37 4.27
CA THR B 25 -16.63 3.38 3.69
C THR B 25 -16.06 3.83 2.31
N VAL B 26 -14.77 3.64 2.11
CA VAL B 26 -14.16 3.91 0.82
C VAL B 26 -14.49 2.76 -0.17
N LEU B 27 -14.30 1.51 0.27
CA LEU B 27 -14.51 0.32 -0.58
C LEU B 27 -15.97 0.08 -0.95
N GLU B 28 -16.90 0.57 -0.12
CA GLU B 28 -18.31 0.34 -0.35
C GLU B 28 -18.81 0.92 -1.67
N GLY B 29 -19.35 0.05 -2.45
CA GLY B 29 -19.90 0.42 -3.74
C GLY B 29 -18.90 0.24 -4.87
N LEU B 30 -17.62 0.20 -4.53
CA LEU B 30 -16.56 0.07 -5.50
C LEU B 30 -16.35 -1.36 -5.93
N GLU B 31 -16.63 -1.61 -7.17
CA GLU B 31 -16.34 -2.89 -7.75
C GLU B 31 -14.91 -2.83 -8.25
N LEU B 32 -14.04 -3.57 -7.57
CA LEU B 32 -12.62 -3.47 -7.78
C LEU B 32 -11.97 -4.78 -8.16
N LYS B 33 -12.74 -5.83 -8.43
CA LYS B 33 -12.13 -7.15 -8.70
C LYS B 33 -11.32 -7.18 -9.99
N GLU B 34 -11.84 -6.67 -11.06
CA GLU B 34 -11.07 -6.70 -12.28
C GLU B 34 -10.39 -5.41 -12.61
N LYS B 35 -10.13 -4.69 -11.54
CA LYS B 35 -9.34 -3.52 -11.55
C LYS B 35 -7.93 -3.96 -11.24
N THR B 36 -6.98 -3.22 -11.70
CA THR B 36 -5.61 -3.46 -11.36
C THR B 36 -5.27 -2.63 -10.11
N VAL B 37 -4.01 -2.67 -9.68
CA VAL B 37 -3.58 -1.92 -8.49
C VAL B 37 -3.76 -0.42 -8.70
N ALA B 38 -3.35 0.05 -9.88
CA ALA B 38 -3.44 1.46 -10.26
C ALA B 38 -4.86 1.96 -10.25
N GLU B 39 -5.75 1.12 -10.74
CA GLU B 39 -7.16 1.39 -10.78
C GLU B 39 -7.73 1.49 -9.38
N ALA B 40 -7.33 0.57 -8.50
CA ALA B 40 -7.76 0.57 -7.11
C ALA B 40 -7.32 1.83 -6.41
N VAL B 41 -6.04 2.21 -6.61
CA VAL B 41 -5.46 3.42 -6.00
C VAL B 41 -6.28 4.65 -6.44
N ASN B 42 -6.59 4.73 -7.74
CA ASN B 42 -7.42 5.82 -8.28
C ASN B 42 -8.79 5.90 -7.62
N GLU B 43 -9.52 4.78 -7.57
CA GLU B 43 -10.88 4.73 -7.00
C GLU B 43 -10.87 5.04 -5.49
N ILE B 44 -9.90 4.45 -4.77
CA ILE B 44 -9.72 4.66 -3.34
C ILE B 44 -9.40 6.13 -3.01
N VAL B 45 -8.41 6.69 -3.71
CA VAL B 45 -7.97 8.08 -3.47
C VAL B 45 -9.08 9.08 -3.83
N GLN B 46 -9.82 8.82 -4.90
CA GLN B 46 -10.91 9.70 -5.31
C GLN B 46 -12.06 9.71 -4.31
N LYS B 47 -12.39 8.56 -3.73
CA LYS B 47 -13.40 8.51 -2.69
C LYS B 47 -12.90 9.07 -1.37
N SER B 48 -11.62 8.91 -1.10
CA SER B 48 -11.01 9.48 0.08
C SER B 48 -10.99 11.02 -0.04
N MET B 49 -10.92 11.51 -1.27
CA MET B 49 -10.92 12.93 -1.59
C MET B 49 -12.33 13.48 -1.30
N GLU B 50 -13.37 12.73 -1.75
CA GLU B 50 -14.80 13.07 -1.51
C GLU B 50 -15.10 13.20 -0.02
N LEU B 51 -14.64 12.24 0.77
CA LEU B 51 -14.91 12.19 2.19
C LEU B 51 -13.95 13.04 3.04
N GLY B 52 -12.91 13.57 2.44
CA GLY B 52 -12.02 14.48 3.15
C GLY B 52 -10.93 13.78 3.93
N PHE B 53 -10.50 12.64 3.45
CA PHE B 53 -9.38 11.93 4.05
C PHE B 53 -8.09 12.32 3.34
N ILE B 54 -8.24 12.97 2.18
CA ILE B 54 -7.11 13.43 1.42
C ILE B 54 -7.53 14.70 0.64
N SER B 55 -6.57 15.58 0.41
CA SER B 55 -6.75 16.84 -0.26
C SER B 55 -5.68 17.02 -1.33
N ARG B 56 -6.04 17.63 -2.45
CA ARG B 56 -5.08 17.91 -3.51
C ARG B 56 -4.30 19.17 -3.19
N GLU B 57 -5.01 20.15 -2.64
CA GLU B 57 -4.47 21.47 -2.31
C GLU B 57 -3.64 21.45 -1.03
N LYS B 58 -3.70 20.35 -0.31
CA LYS B 58 -2.96 20.22 0.92
C LYS B 58 -1.93 19.13 0.80
N GLU B 59 -1.07 19.09 1.77
CA GLU B 59 0.04 18.13 1.80
C GLU B 59 -0.49 16.82 2.28
N ASN B 60 -0.37 15.80 1.48
CA ASN B 60 -0.90 14.49 1.82
C ASN B 60 0.07 13.42 1.47
N ILE B 61 -0.27 12.22 1.86
CA ILE B 61 0.57 11.10 1.69
C ILE B 61 -0.29 9.92 1.14
N ILE B 62 0.27 9.18 0.23
CA ILE B 62 -0.33 7.96 -0.31
C ILE B 62 0.75 6.93 -0.30
N LEU B 63 0.53 5.87 0.38
CA LEU B 63 1.51 4.86 0.46
C LEU B 63 1.01 3.58 -0.14
N ILE B 64 1.76 3.12 -1.11
CA ILE B 64 1.46 1.93 -1.80
C ILE B 64 2.57 0.94 -1.51
N SER B 65 2.30 -0.01 -0.68
CA SER B 65 3.26 -1.00 -0.37
C SER B 65 2.81 -2.31 -0.96
N THR B 66 3.64 -2.93 -1.71
CA THR B 66 3.31 -4.17 -2.33
C THR B 66 4.12 -5.26 -1.66
N ALA B 67 3.47 -6.31 -1.23
CA ALA B 67 4.12 -7.40 -0.60
C ALA B 67 3.86 -8.60 -1.41
N CYS B 68 4.88 -9.31 -1.74
CA CYS B 68 4.76 -10.44 -2.61
C CYS B 68 5.91 -11.39 -2.41
N ASP B 69 5.62 -12.66 -2.40
CA ASP B 69 6.68 -13.64 -2.44
C ASP B 69 6.54 -14.34 -3.75
N LEU B 70 7.57 -14.30 -4.55
CA LEU B 70 7.47 -14.67 -5.93
C LEU B 70 7.78 -16.12 -6.25
N LYS B 71 7.83 -16.96 -5.23
CA LYS B 71 7.90 -18.40 -5.48
C LYS B 71 6.48 -18.93 -5.74
N ALA B 72 5.46 -18.10 -5.33
CA ALA B 72 4.01 -18.39 -5.45
C ALA B 72 3.67 -19.70 -4.73
N GLY B 73 4.35 -19.90 -3.65
CA GLY B 73 4.31 -21.07 -2.88
C GLY B 73 5.64 -21.70 -3.00
N GLU B 74 5.81 -22.42 -4.08
CA GLU B 74 7.02 -23.09 -4.48
C GLU B 74 6.75 -23.83 -5.78
N GLY B 75 7.71 -23.87 -6.63
CA GLY B 75 7.60 -24.59 -7.84
C GLY B 75 8.89 -24.55 -8.55
N SER B 76 8.82 -24.70 -9.84
CA SER B 76 9.96 -24.58 -10.69
C SER B 76 10.15 -23.06 -11.01
N GLU B 77 11.05 -22.71 -11.96
CA GLU B 77 11.31 -21.30 -12.31
C GLU B 77 10.02 -20.59 -12.72
N ASN B 78 9.65 -19.61 -11.94
CA ASN B 78 8.40 -18.90 -12.10
C ASN B 78 8.53 -17.74 -13.06
N LYS B 79 8.77 -18.07 -14.32
CA LYS B 79 8.90 -17.08 -15.40
C LYS B 79 7.55 -16.46 -15.65
N ASP B 80 6.51 -17.27 -15.52
CA ASP B 80 5.11 -16.86 -15.57
C ASP B 80 4.83 -15.74 -14.56
N VAL B 81 5.23 -15.98 -13.31
CA VAL B 81 5.06 -15.03 -12.22
C VAL B 81 5.85 -13.74 -12.49
N GLN B 82 7.14 -13.88 -12.85
CA GLN B 82 8.03 -12.72 -13.10
C GLN B 82 7.57 -11.82 -14.26
N ASN B 83 7.00 -12.45 -15.29
CA ASN B 83 6.44 -11.76 -16.47
C ASN B 83 5.31 -10.82 -16.03
N LYS B 84 4.40 -11.37 -15.25
CA LYS B 84 3.24 -10.67 -14.79
C LYS B 84 3.61 -9.69 -13.66
N ILE B 85 4.66 -10.00 -12.91
CA ILE B 85 5.18 -9.14 -11.85
C ILE B 85 5.77 -7.85 -12.38
N GLY B 86 6.42 -7.92 -13.55
CA GLY B 86 6.96 -6.74 -14.18
C GLY B 86 5.84 -5.80 -14.58
N GLN B 87 4.76 -6.39 -15.04
CA GLN B 87 3.56 -5.65 -15.43
C GLN B 87 2.77 -5.14 -14.21
N LEU B 88 2.81 -5.89 -13.11
CA LEU B 88 2.13 -5.54 -11.86
C LEU B 88 2.76 -4.31 -11.23
N PHE B 89 4.08 -4.35 -11.10
CA PHE B 89 4.83 -3.24 -10.52
C PHE B 89 4.83 -2.02 -11.40
N ASP B 90 4.71 -2.25 -12.72
CA ASP B 90 4.57 -1.18 -13.69
C ASP B 90 3.30 -0.42 -13.37
N ASP B 91 2.20 -1.19 -13.26
CA ASP B 91 0.85 -0.70 -12.95
C ASP B 91 0.82 0.11 -11.65
N VAL B 92 1.47 -0.42 -10.59
CA VAL B 92 1.62 0.27 -9.28
C VAL B 92 2.19 1.70 -9.46
N ASN B 93 3.29 1.78 -10.18
CA ASN B 93 4.00 3.05 -10.38
C ASN B 93 3.26 4.01 -11.31
N LYS B 94 2.31 3.50 -12.11
CA LYS B 94 1.50 4.36 -13.00
C LYS B 94 0.54 5.20 -12.17
N ALA B 95 0.00 4.58 -11.11
CA ALA B 95 -0.89 5.25 -10.17
C ALA B 95 -0.13 6.28 -9.38
N VAL B 96 1.09 5.95 -9.00
CA VAL B 96 1.98 6.85 -8.26
C VAL B 96 2.15 8.15 -9.03
N SER B 97 2.52 8.00 -10.29
CA SER B 97 2.78 9.11 -11.21
C SER B 97 1.51 9.94 -11.50
N ASP B 98 0.34 9.34 -11.31
CA ASP B 98 -0.95 10.01 -11.55
C ASP B 98 -1.39 10.83 -10.32
N LEU B 99 -1.33 10.23 -9.15
CA LEU B 99 -1.85 10.85 -7.93
C LEU B 99 -0.89 11.87 -7.28
N LYS B 100 0.40 11.76 -7.55
CA LYS B 100 1.40 12.58 -6.86
C LYS B 100 1.46 14.05 -7.31
N ASN B 101 0.93 14.38 -8.50
CA ASN B 101 1.13 15.72 -9.15
C ASN B 101 0.46 16.88 -8.42
N SER B 102 -0.36 16.59 -7.43
CA SER B 102 -1.04 17.62 -6.66
C SER B 102 -0.14 18.14 -5.52
N GLY B 103 1.02 17.52 -5.35
CA GLY B 103 1.87 17.83 -4.24
C GLY B 103 1.73 16.80 -3.15
N ILE B 104 1.06 15.72 -3.51
CA ILE B 104 0.81 14.63 -2.64
C ILE B 104 1.95 13.65 -2.78
N THR B 105 2.58 13.37 -1.70
CA THR B 105 3.70 12.51 -1.67
C THR B 105 3.25 11.05 -1.72
N THR B 106 3.47 10.41 -2.84
CA THR B 106 3.16 9.02 -2.98
C THR B 106 4.48 8.24 -2.90
N ARG B 107 4.48 7.24 -2.07
CA ARG B 107 5.67 6.50 -1.74
C ARG B 107 5.41 5.02 -2.04
N ILE B 108 6.40 4.31 -2.58
CA ILE B 108 6.27 2.88 -2.85
C ILE B 108 7.26 2.15 -1.98
N LEU B 109 6.79 1.14 -1.28
CA LEU B 109 7.65 0.25 -0.54
C LEU B 109 7.37 -1.16 -0.98
N ASN B 110 8.39 -1.96 -1.08
CA ASN B 110 8.23 -3.33 -1.51
C ASN B 110 8.61 -4.25 -0.39
N LEU B 111 7.72 -5.14 -0.08
CA LEU B 111 7.84 -6.06 1.01
C LEU B 111 7.64 -7.46 0.45
N THR B 112 7.99 -8.46 1.20
CA THR B 112 7.68 -9.81 0.80
C THR B 112 6.44 -10.30 1.57
N LEU B 113 6.02 -11.53 1.32
CA LEU B 113 4.77 -12.07 1.91
C LEU B 113 4.86 -12.28 3.43
N GLU B 114 6.05 -12.51 3.90
CA GLU B 114 6.29 -12.69 5.32
C GLU B 114 6.09 -11.37 6.10
N GLU B 115 6.36 -10.23 5.45
CA GLU B 115 6.09 -8.89 6.03
C GLU B 115 4.59 -8.67 6.15
N ARG B 116 3.86 -9.17 5.15
CA ARG B 116 2.40 -9.10 5.09
C ARG B 116 1.79 -9.79 6.30
N GLU B 117 2.30 -10.96 6.64
CA GLU B 117 1.77 -11.73 7.76
C GLU B 117 2.06 -11.05 9.09
N SER B 118 3.25 -10.43 9.19
CA SER B 118 3.63 -9.68 10.38
C SER B 118 2.70 -8.46 10.60
N SER B 119 2.33 -7.76 9.51
CA SER B 119 1.45 -6.60 9.63
C SER B 119 0.04 -6.98 10.05
N LYS B 120 -0.42 -8.11 9.54
CA LYS B 120 -1.77 -8.56 9.75
C LYS B 120 -2.01 -9.09 11.16
N GLU B 121 -0.98 -9.67 11.79
CA GLU B 121 -1.10 -10.14 13.17
C GLU B 121 -0.98 -8.99 14.17
N GLU B 122 -0.41 -7.87 13.71
CA GLU B 122 -0.35 -6.64 14.49
C GLU B 122 -1.57 -5.77 14.16
N ASN B 123 -2.51 -6.37 13.37
CA ASN B 123 -3.80 -5.80 12.89
C ASN B 123 -3.68 -4.49 12.13
N ILE B 124 -2.54 -4.29 11.49
CA ILE B 124 -2.27 -3.09 10.73
C ILE B 124 -2.07 -3.44 9.27
N SER B 125 -2.07 -2.43 8.44
CA SER B 125 -1.87 -2.59 7.04
C SER B 125 -0.37 -2.58 6.69
N MET B 126 -0.05 -3.18 5.55
CA MET B 126 1.32 -3.32 5.03
C MET B 126 1.99 -2.01 4.75
N GLY B 127 1.20 -0.98 4.44
CA GLY B 127 1.72 0.32 4.17
C GLY B 127 2.39 0.90 5.39
N ARG B 128 1.62 1.06 6.45
CA ARG B 128 2.18 1.60 7.68
C ARG B 128 3.22 0.66 8.33
N TYR B 129 3.09 -0.64 8.07
CA TYR B 129 4.09 -1.62 8.47
C TYR B 129 5.42 -1.42 7.71
N ALA B 130 5.36 -0.92 6.49
CA ALA B 130 6.56 -0.65 5.70
C ALA B 130 7.33 0.53 6.29
N VAL B 131 6.60 1.42 6.95
CA VAL B 131 7.21 2.55 7.64
C VAL B 131 7.85 2.02 8.96
N TYR B 132 7.17 1.04 9.57
CA TYR B 132 7.66 0.32 10.78
C TYR B 132 8.95 -0.43 10.46
N LEU B 133 8.97 -1.02 9.26
CA LEU B 133 10.09 -1.75 8.68
C LEU B 133 11.29 -0.82 8.56
N LYS B 134 11.05 0.37 8.00
CA LYS B 134 12.09 1.37 7.82
C LYS B 134 12.58 1.94 9.15
N ALA B 135 11.71 1.96 10.15
CA ALA B 135 12.11 2.36 11.50
C ALA B 135 13.10 1.36 12.11
N LYS B 136 13.00 0.09 11.74
CA LYS B 136 13.92 -0.95 12.23
C LYS B 136 15.21 -0.92 11.41
N GLU B 137 15.06 -0.55 10.15
CA GLU B 137 16.15 -0.33 9.20
C GLU B 137 17.04 0.84 9.70
N GLN B 138 16.37 1.87 10.20
CA GLN B 138 17.02 3.04 10.76
C GLN B 138 17.43 2.84 12.24
N ASN B 139 16.93 1.75 12.86
CA ASN B 139 17.20 1.39 14.28
C ASN B 139 16.66 2.49 15.24
N VAL B 140 15.52 3.06 14.85
CA VAL B 140 14.85 4.13 15.58
C VAL B 140 13.63 3.52 16.27
N ASN B 141 13.33 3.99 17.47
CA ASN B 141 12.29 3.41 18.28
C ASN B 141 10.88 3.85 17.88
N LEU B 142 10.24 3.03 17.08
CA LEU B 142 8.84 3.15 16.72
C LEU B 142 8.23 1.79 16.83
N THR B 143 7.44 1.60 17.84
CA THR B 143 6.74 0.34 18.04
C THR B 143 5.45 0.34 17.23
N ILE B 144 4.75 -0.79 17.25
CA ILE B 144 3.44 -0.93 16.59
C ILE B 144 2.44 0.09 17.16
N ASP B 145 2.56 0.43 18.46
CA ASP B 145 1.69 1.41 19.17
C ASP B 145 1.67 2.76 18.42
N GLU B 146 2.85 3.19 18.00
CA GLU B 146 3.05 4.38 17.20
C GLU B 146 2.38 4.23 15.83
N ILE B 147 2.75 3.17 15.15
CA ILE B 147 2.33 2.87 13.77
C ILE B 147 0.79 2.74 13.60
N LYS B 148 0.16 2.07 14.54
CA LYS B 148 -1.27 1.78 14.46
C LYS B 148 -2.14 2.98 14.78
N ASP B 149 -1.75 3.79 15.75
CA ASP B 149 -2.63 4.87 16.18
C ASP B 149 -2.27 6.24 15.64
N ALA B 150 -1.08 6.37 15.09
CA ALA B 150 -0.66 7.63 14.52
C ALA B 150 -1.05 7.76 13.07
N ASP B 151 -0.97 8.96 12.62
CA ASP B 151 -1.27 9.37 11.27
C ASP B 151 -0.11 8.94 10.36
N LEU B 152 -0.41 8.41 9.17
CA LEU B 152 0.63 7.93 8.24
C LEU B 152 1.48 9.06 7.68
N LEU B 153 0.93 10.25 7.62
CA LEU B 153 1.64 11.41 7.09
C LEU B 153 2.71 11.78 8.11
N GLU B 154 2.37 11.63 9.41
CA GLU B 154 3.32 11.81 10.52
C GLU B 154 4.41 10.75 10.44
N LEU B 155 3.98 9.49 10.27
CA LEU B 155 4.86 8.32 10.20
C LEU B 155 5.92 8.46 9.11
N ILE B 156 5.48 8.71 7.88
CA ILE B 156 6.41 8.91 6.78
C ILE B 156 7.25 10.18 6.92
N ALA B 157 6.66 11.28 7.41
CA ALA B 157 7.41 12.53 7.66
C ALA B 157 8.59 12.31 8.62
N LYS B 158 8.36 11.60 9.73
CA LYS B 158 9.43 11.38 10.72
C LYS B 158 10.49 10.38 10.25
N LEU B 159 10.15 9.55 9.25
CA LEU B 159 11.09 8.59 8.65
C LEU B 159 11.89 9.21 7.51
N GLU B 160 11.24 10.08 6.72
CA GLU B 160 11.90 10.76 5.60
C GLU B 160 12.77 11.87 6.08
N HIS B 161 12.37 12.54 7.15
CA HIS B 161 13.13 13.70 7.67
C HIS B 161 14.18 13.22 8.65
N HIS B 162 14.21 11.93 8.84
CA HIS B 162 15.23 11.28 9.57
C HIS B 162 16.24 10.93 8.51
N HIS B 163 17.37 11.58 8.54
CA HIS B 163 18.36 11.43 7.47
C HIS B 163 19.17 10.15 7.61
N HIS B 164 18.69 9.12 6.95
CA HIS B 164 19.32 7.82 6.91
C HIS B 164 20.17 7.73 5.66
N HIS B 165 19.68 8.30 4.57
CA HIS B 165 20.43 8.33 3.34
C HIS B 165 21.47 9.43 3.49
N HIS B 166 22.71 9.06 3.43
CA HIS B 166 23.78 10.01 3.56
C HIS B 166 24.58 9.97 2.30
N MET A 1 -0.81 -17.33 -2.67
CA MET A 1 -1.40 -16.36 -3.57
C MET A 1 -0.32 -15.39 -4.02
N TYR A 2 -0.49 -14.94 -5.25
CA TYR A 2 0.37 -14.03 -6.00
C TYR A 2 0.83 -12.76 -5.16
N ALA A 3 -0.04 -11.75 -5.05
CA ALA A 3 0.33 -10.51 -4.42
C ALA A 3 -0.79 -9.95 -3.58
N TYR A 4 -0.42 -9.05 -2.70
CA TYR A 4 -1.30 -8.35 -1.80
C TYR A 4 -0.79 -6.91 -1.74
N VAL A 5 -1.65 -5.97 -1.97
CA VAL A 5 -1.25 -4.57 -1.96
C VAL A 5 -1.86 -3.86 -0.76
N GLY A 6 -1.03 -3.23 0.01
CA GLY A 6 -1.47 -2.52 1.17
C GLY A 6 -1.51 -1.06 0.87
N ILE A 7 -2.67 -0.49 1.01
CA ILE A 7 -2.87 0.91 0.76
C ILE A 7 -3.19 1.59 2.04
N ASP A 8 -2.29 2.41 2.46
CA ASP A 8 -2.51 3.24 3.61
C ASP A 8 -2.48 4.66 3.15
N ILE A 9 -3.51 5.37 3.47
CA ILE A 9 -3.65 6.78 3.11
C ILE A 9 -4.01 7.54 4.39
N ASN A 10 -3.35 8.70 4.60
CA ASN A 10 -3.60 9.66 5.70
C ASN A 10 -3.31 9.08 7.06
N PRO B 1 -7.49 5.66 5.64
CA PRO B 1 -7.86 4.40 5.04
C PRO B 1 -6.72 3.37 5.11
N SER B 2 -7.04 2.15 5.55
CA SER B 2 -6.11 1.01 5.54
C SER B 2 -6.79 -0.15 4.79
N ILE B 3 -6.25 -0.51 3.63
CA ILE B 3 -6.85 -1.51 2.73
C ILE B 3 -5.79 -2.53 2.28
N GLU B 4 -6.25 -3.73 1.97
CA GLU B 4 -5.45 -4.79 1.44
C GLU B 4 -6.16 -5.36 0.20
N LEU B 5 -5.50 -5.24 -0.91
CA LEU B 5 -6.00 -5.73 -2.17
C LEU B 5 -5.40 -7.08 -2.42
N TRP B 6 -6.23 -8.07 -2.48
CA TRP B 6 -5.81 -9.43 -2.79
C TRP B 6 -5.70 -9.53 -4.29
N ILE B 7 -4.51 -9.76 -4.77
CA ILE B 7 -4.25 -9.74 -6.19
C ILE B 7 -4.09 -11.16 -6.72
N ASN B 8 -4.89 -11.47 -7.73
CA ASN B 8 -4.88 -12.75 -8.38
C ASN B 8 -3.85 -12.78 -9.51
N TYR B 9 -3.80 -13.88 -10.26
CA TYR B 9 -2.80 -14.06 -11.31
C TYR B 9 -3.20 -13.38 -12.63
N ASN B 10 -4.31 -12.64 -12.63
CA ASN B 10 -4.75 -11.86 -13.77
C ASN B 10 -4.31 -10.41 -13.60
N ASN B 11 -3.65 -10.15 -12.43
CA ASN B 11 -3.17 -8.82 -11.96
C ASN B 11 -4.35 -7.96 -11.54
N LYS B 12 -5.47 -8.62 -11.27
CA LYS B 12 -6.68 -7.95 -10.87
C LYS B 12 -6.91 -8.19 -9.41
N ILE B 13 -7.83 -7.49 -8.85
CA ILE B 13 -8.15 -7.58 -7.47
C ILE B 13 -9.24 -8.65 -7.25
N ALA B 14 -8.90 -9.66 -6.50
CA ALA B 14 -9.80 -10.75 -6.21
C ALA B 14 -10.82 -10.28 -5.20
N GLU B 15 -10.33 -9.56 -4.19
CA GLU B 15 -11.16 -8.96 -3.19
C GLU B 15 -10.38 -7.85 -2.48
N ALA B 16 -11.05 -6.78 -2.21
CA ALA B 16 -10.47 -5.66 -1.51
C ALA B 16 -11.05 -5.60 -0.13
N LYS B 17 -10.21 -5.76 0.85
CA LYS B 17 -10.68 -5.73 2.21
C LYS B 17 -10.01 -4.66 3.00
N ALA B 18 -10.75 -4.05 3.86
CA ALA B 18 -10.25 -3.00 4.67
C ALA B 18 -9.89 -3.51 6.02
N LEU B 19 -8.93 -2.88 6.59
CA LEU B 19 -8.47 -3.18 7.92
C LEU B 19 -8.94 -2.11 8.87
N ASN B 20 -9.51 -1.06 8.32
CA ASN B 20 -9.97 0.07 9.08
C ASN B 20 -11.36 0.44 8.53
N GLY B 21 -12.27 0.86 9.40
CA GLY B 21 -13.66 1.16 9.05
C GLY B 21 -13.81 2.38 8.15
N ASP B 22 -12.84 3.29 8.18
CA ASP B 22 -12.85 4.47 7.33
C ASP B 22 -12.67 4.06 5.85
N ALA B 23 -11.88 3.01 5.66
CA ALA B 23 -11.59 2.45 4.39
C ALA B 23 -12.73 1.61 3.87
N GLU B 24 -13.49 1.00 4.79
CA GLU B 24 -14.70 0.23 4.45
C GLU B 24 -15.74 1.13 3.79
N THR B 25 -15.81 2.36 4.30
CA THR B 25 -16.69 3.38 3.79
C THR B 25 -16.21 3.81 2.37
N VAL B 26 -14.89 3.82 2.16
CA VAL B 26 -14.33 4.15 0.86
C VAL B 26 -14.63 3.02 -0.17
N LEU B 27 -14.39 1.76 0.23
CA LEU B 27 -14.57 0.56 -0.63
C LEU B 27 -16.00 0.38 -1.13
N GLU B 28 -16.97 0.74 -0.30
CA GLU B 28 -18.37 0.64 -0.63
C GLU B 28 -18.77 1.48 -1.83
N GLY B 29 -19.26 0.82 -2.84
CA GLY B 29 -19.69 1.49 -4.03
C GLY B 29 -18.64 1.51 -5.12
N LEU B 30 -17.42 1.14 -4.79
CA LEU B 30 -16.33 1.14 -5.76
C LEU B 30 -16.20 -0.22 -6.44
N GLU B 31 -15.99 -0.18 -7.73
CA GLU B 31 -15.68 -1.37 -8.51
C GLU B 31 -14.16 -1.45 -8.56
N LEU B 32 -13.61 -2.41 -7.88
CA LEU B 32 -12.17 -2.55 -7.83
C LEU B 32 -11.73 -3.90 -8.40
N LYS B 33 -12.66 -4.84 -8.38
CA LYS B 33 -12.43 -6.27 -8.73
C LYS B 33 -11.73 -6.53 -10.07
N GLU B 34 -12.25 -6.00 -11.14
CA GLU B 34 -11.68 -6.32 -12.43
C GLU B 34 -10.75 -5.25 -12.98
N LYS B 35 -10.21 -4.46 -12.10
CA LYS B 35 -9.27 -3.49 -12.49
C LYS B 35 -7.98 -3.72 -11.75
N THR B 36 -6.89 -3.15 -12.22
CA THR B 36 -5.60 -3.37 -11.62
C THR B 36 -5.38 -2.45 -10.41
N VAL B 37 -4.18 -2.54 -9.83
CA VAL B 37 -3.80 -1.78 -8.64
C VAL B 37 -3.92 -0.28 -8.89
N ALA B 38 -3.35 0.19 -10.00
CA ALA B 38 -3.36 1.62 -10.37
C ALA B 38 -4.74 2.17 -10.54
N GLU B 39 -5.59 1.39 -11.17
CA GLU B 39 -6.94 1.78 -11.44
C GLU B 39 -7.74 1.88 -10.12
N ALA B 40 -7.46 0.96 -9.20
CA ALA B 40 -8.08 0.95 -7.88
C ALA B 40 -7.58 2.07 -7.01
N VAL B 41 -6.27 2.40 -7.11
CA VAL B 41 -5.67 3.51 -6.34
C VAL B 41 -6.39 4.80 -6.64
N ASN B 42 -6.70 5.03 -7.93
CA ASN B 42 -7.49 6.19 -8.34
C ASN B 42 -8.86 6.20 -7.70
N GLU B 43 -9.57 5.06 -7.74
CA GLU B 43 -10.93 4.94 -7.16
C GLU B 43 -10.93 5.27 -5.66
N ILE B 44 -9.98 4.66 -4.94
CA ILE B 44 -9.80 4.86 -3.50
C ILE B 44 -9.47 6.33 -3.20
N VAL B 45 -8.47 6.89 -3.89
CA VAL B 45 -8.04 8.28 -3.71
C VAL B 45 -9.15 9.29 -4.08
N GLN B 46 -9.86 9.05 -5.16
CA GLN B 46 -10.94 9.94 -5.62
C GLN B 46 -12.10 9.99 -4.64
N LYS B 47 -12.45 8.85 -4.05
CA LYS B 47 -13.52 8.86 -3.09
C LYS B 47 -13.03 9.41 -1.74
N SER B 48 -11.79 9.11 -1.37
CA SER B 48 -11.18 9.64 -0.14
C SER B 48 -10.97 11.18 -0.24
N MET B 49 -10.88 11.67 -1.47
CA MET B 49 -10.72 13.09 -1.79
C MET B 49 -12.01 13.84 -1.44
N GLU B 50 -13.14 13.22 -1.80
CA GLU B 50 -14.46 13.75 -1.53
C GLU B 50 -14.78 13.73 -0.04
N LEU B 51 -14.38 12.65 0.60
CA LEU B 51 -14.60 12.48 2.02
C LEU B 51 -13.60 13.24 2.91
N GLY B 52 -12.59 13.85 2.29
CA GLY B 52 -11.66 14.70 3.02
C GLY B 52 -10.56 13.97 3.75
N PHE B 53 -10.21 12.79 3.29
CA PHE B 53 -9.09 12.04 3.85
C PHE B 53 -7.82 12.40 3.10
N ILE B 54 -7.98 12.82 1.87
CA ILE B 54 -6.88 13.19 1.04
C ILE B 54 -7.27 14.43 0.22
N SER B 55 -6.28 15.22 -0.16
CA SER B 55 -6.47 16.43 -0.89
C SER B 55 -5.35 16.58 -1.95
N ARG B 56 -5.68 17.19 -3.07
CA ARG B 56 -4.69 17.49 -4.14
C ARG B 56 -4.00 18.80 -3.79
N GLU B 57 -4.66 19.56 -2.96
CA GLU B 57 -4.30 20.89 -2.59
C GLU B 57 -3.33 20.91 -1.40
N LYS B 58 -3.43 19.93 -0.55
CA LYS B 58 -2.59 19.88 0.66
C LYS B 58 -1.57 18.75 0.59
N GLU B 59 -0.62 18.75 1.54
CA GLU B 59 0.35 17.68 1.69
C GLU B 59 -0.33 16.42 2.15
N ASN B 60 -0.29 15.43 1.33
CA ASN B 60 -0.95 14.17 1.63
C ASN B 60 -0.04 13.04 1.40
N ILE B 61 -0.47 11.85 1.75
CA ILE B 61 0.36 10.71 1.67
C ILE B 61 -0.49 9.51 1.13
N ILE B 62 0.10 8.81 0.20
CA ILE B 62 -0.44 7.59 -0.38
C ILE B 62 0.67 6.60 -0.28
N LEU B 63 0.44 5.54 0.36
CA LEU B 63 1.43 4.57 0.53
C LEU B 63 1.00 3.28 -0.11
N ILE B 64 1.76 2.88 -1.10
CA ILE B 64 1.49 1.70 -1.82
C ILE B 64 2.59 0.69 -1.51
N SER B 65 2.27 -0.25 -0.70
CA SER B 65 3.20 -1.29 -0.37
C SER B 65 2.70 -2.58 -0.97
N THR B 66 3.53 -3.24 -1.69
CA THR B 66 3.14 -4.45 -2.32
C THR B 66 3.92 -5.59 -1.71
N ALA B 67 3.22 -6.63 -1.34
CA ALA B 67 3.81 -7.81 -0.79
C ALA B 67 3.46 -8.92 -1.70
N CYS B 68 4.42 -9.67 -2.11
CA CYS B 68 4.17 -10.77 -2.98
C CYS B 68 5.16 -11.85 -2.73
N ASP B 69 4.66 -13.03 -2.51
CA ASP B 69 5.50 -14.20 -2.35
C ASP B 69 5.22 -15.14 -3.45
N LEU B 70 6.12 -15.31 -4.34
CA LEU B 70 5.85 -16.11 -5.50
C LEU B 70 6.45 -17.49 -5.39
N LYS B 71 5.82 -18.31 -4.60
CA LYS B 71 6.18 -19.70 -4.51
C LYS B 71 5.10 -20.49 -5.18
N ALA B 72 4.97 -20.23 -6.44
CA ALA B 72 3.92 -20.75 -7.25
C ALA B 72 4.41 -20.88 -8.67
N GLY B 73 3.66 -21.62 -9.44
CA GLY B 73 3.99 -21.87 -10.81
C GLY B 73 3.04 -22.88 -11.34
N GLU B 74 3.11 -24.09 -10.76
CA GLU B 74 2.20 -25.23 -11.03
C GLU B 74 2.33 -25.77 -12.47
N GLY B 75 1.61 -25.15 -13.38
CA GLY B 75 1.64 -25.53 -14.78
C GLY B 75 2.20 -24.42 -15.62
N SER B 76 3.01 -23.61 -15.00
CA SER B 76 3.69 -22.50 -15.60
C SER B 76 5.00 -22.33 -14.85
N GLU B 77 5.88 -21.52 -15.36
CA GLU B 77 7.11 -21.22 -14.67
C GLU B 77 6.93 -19.96 -13.86
N ASN B 78 7.76 -19.81 -12.85
CA ASN B 78 7.80 -18.62 -11.99
C ASN B 78 8.32 -17.43 -12.80
N LYS B 79 9.06 -17.72 -13.87
CA LYS B 79 9.56 -16.72 -14.82
C LYS B 79 8.38 -15.93 -15.43
N ASP B 80 7.30 -16.65 -15.75
CA ASP B 80 6.09 -16.08 -16.33
C ASP B 80 5.31 -15.31 -15.28
N VAL B 81 5.39 -15.78 -14.04
CA VAL B 81 4.76 -15.13 -12.89
C VAL B 81 5.47 -13.79 -12.63
N GLN B 82 6.81 -13.82 -12.67
CA GLN B 82 7.67 -12.64 -12.46
C GLN B 82 7.53 -11.62 -13.59
N ASN B 83 7.17 -12.10 -14.79
CA ASN B 83 6.89 -11.23 -15.95
C ASN B 83 5.68 -10.37 -15.65
N LYS B 84 4.66 -11.00 -15.08
CA LYS B 84 3.45 -10.31 -14.68
C LYS B 84 3.69 -9.45 -13.44
N ILE B 85 4.65 -9.85 -12.60
CA ILE B 85 5.10 -9.06 -11.45
C ILE B 85 5.73 -7.74 -11.92
N GLY B 86 6.40 -7.78 -13.06
CA GLY B 86 6.98 -6.60 -13.63
C GLY B 86 5.94 -5.67 -14.16
N GLN B 87 4.84 -6.25 -14.63
CA GLN B 87 3.68 -5.50 -15.12
C GLN B 87 2.90 -4.93 -13.93
N LEU B 88 2.87 -5.70 -12.84
CA LEU B 88 2.20 -5.33 -11.60
C LEU B 88 2.88 -4.13 -10.97
N PHE B 89 4.20 -4.19 -10.85
CA PHE B 89 4.98 -3.08 -10.31
C PHE B 89 5.01 -1.89 -11.24
N ASP B 90 4.92 -2.15 -12.54
CA ASP B 90 4.77 -1.11 -13.56
C ASP B 90 3.50 -0.33 -13.26
N ASP B 91 2.41 -1.08 -13.08
CA ASP B 91 1.07 -0.57 -12.77
C ASP B 91 1.06 0.20 -11.45
N VAL B 92 1.70 -0.37 -10.41
CA VAL B 92 1.90 0.29 -9.10
C VAL B 92 2.57 1.67 -9.28
N ASN B 93 3.62 1.72 -10.08
CA ASN B 93 4.37 2.96 -10.31
C ASN B 93 3.59 3.96 -11.17
N LYS B 94 2.70 3.46 -12.06
CA LYS B 94 1.82 4.32 -12.88
C LYS B 94 0.86 5.07 -11.98
N ALA B 95 0.35 4.36 -10.98
CA ALA B 95 -0.53 4.91 -9.95
C ALA B 95 0.18 6.02 -9.20
N VAL B 96 1.42 5.74 -8.81
CA VAL B 96 2.24 6.69 -8.08
C VAL B 96 2.44 7.97 -8.89
N SER B 97 2.83 7.82 -10.15
CA SER B 97 3.10 8.94 -11.04
C SER B 97 1.84 9.79 -11.30
N ASP B 98 0.70 9.14 -11.39
CA ASP B 98 -0.57 9.82 -11.66
C ASP B 98 -1.11 10.54 -10.43
N LEU B 99 -1.07 9.89 -9.28
CA LEU B 99 -1.67 10.44 -8.08
C LEU B 99 -0.75 11.41 -7.30
N LYS B 100 0.57 11.17 -7.31
CA LYS B 100 1.49 12.00 -6.52
C LYS B 100 1.75 13.36 -7.16
N ASN B 101 1.40 13.46 -8.47
CA ASN B 101 1.56 14.64 -9.34
C ASN B 101 1.01 15.93 -8.70
N SER B 102 -0.02 15.81 -7.88
CA SER B 102 -0.70 16.94 -7.26
C SER B 102 0.10 17.57 -6.08
N GLY B 103 1.22 16.97 -5.72
CA GLY B 103 1.98 17.42 -4.58
C GLY B 103 1.70 16.54 -3.39
N ILE B 104 1.55 15.27 -3.66
CA ILE B 104 1.23 14.28 -2.68
C ILE B 104 2.43 13.34 -2.56
N THR B 105 2.76 12.94 -1.37
CA THR B 105 3.85 12.04 -1.12
C THR B 105 3.36 10.60 -1.34
N THR B 106 3.87 9.97 -2.34
CA THR B 106 3.51 8.60 -2.60
C THR B 106 4.77 7.75 -2.67
N ARG B 107 4.82 6.74 -1.82
CA ARG B 107 6.01 5.91 -1.69
C ARG B 107 5.66 4.47 -2.05
N ILE B 108 6.59 3.77 -2.66
CA ILE B 108 6.43 2.37 -3.04
C ILE B 108 7.28 1.55 -2.11
N LEU B 109 6.66 0.73 -1.34
CA LEU B 109 7.37 -0.14 -0.44
C LEU B 109 7.22 -1.57 -0.89
N ASN B 110 8.26 -2.35 -0.71
CA ASN B 110 8.26 -3.72 -1.18
C ASN B 110 8.44 -4.65 -0.03
N LEU B 111 7.50 -5.54 0.13
CA LEU B 111 7.50 -6.50 1.19
C LEU B 111 7.19 -7.86 0.58
N THR B 112 7.42 -8.90 1.29
CA THR B 112 6.97 -10.19 0.90
C THR B 112 5.77 -10.62 1.79
N LEU B 113 5.18 -11.79 1.52
CA LEU B 113 3.97 -12.24 2.23
C LEU B 113 4.20 -12.43 3.74
N GLU B 114 5.39 -12.84 4.08
CA GLU B 114 5.82 -13.03 5.45
C GLU B 114 5.77 -11.73 6.30
N GLU B 115 5.94 -10.57 5.64
CA GLU B 115 5.79 -9.28 6.32
C GLU B 115 4.33 -8.99 6.57
N ARG B 116 3.47 -9.39 5.61
CA ARG B 116 2.01 -9.25 5.77
C ARG B 116 1.52 -10.07 6.96
N GLU B 117 2.08 -11.26 7.11
CA GLU B 117 1.72 -12.17 8.19
C GLU B 117 2.05 -11.55 9.55
N SER B 118 3.19 -10.85 9.61
CA SER B 118 3.61 -10.16 10.81
C SER B 118 2.70 -8.94 11.09
N SER B 119 2.32 -8.20 10.03
CA SER B 119 1.46 -7.02 10.19
C SER B 119 0.05 -7.41 10.64
N LYS B 120 -0.44 -8.56 10.19
CA LYS B 120 -1.75 -9.06 10.57
C LYS B 120 -1.81 -9.55 12.01
N GLU B 121 -0.67 -9.95 12.55
CA GLU B 121 -0.60 -10.32 13.97
C GLU B 121 -0.58 -9.08 14.85
N GLU B 122 -0.20 -7.95 14.26
CA GLU B 122 -0.22 -6.66 14.93
C GLU B 122 -1.49 -5.87 14.54
N ASN B 123 -2.38 -6.56 13.77
CA ASN B 123 -3.68 -6.08 13.19
C ASN B 123 -3.58 -4.78 12.37
N ILE B 124 -2.43 -4.56 11.78
CA ILE B 124 -2.16 -3.40 10.98
C ILE B 124 -1.93 -3.79 9.53
N SER B 125 -2.00 -2.82 8.68
CA SER B 125 -1.81 -3.01 7.27
C SER B 125 -0.34 -2.93 6.88
N MET B 126 -0.04 -3.51 5.72
CA MET B 126 1.32 -3.61 5.18
C MET B 126 1.96 -2.29 4.89
N GLY B 127 1.16 -1.27 4.56
CA GLY B 127 1.69 0.02 4.25
C GLY B 127 2.36 0.64 5.43
N ARG B 128 1.62 0.81 6.49
CA ARG B 128 2.14 1.40 7.71
C ARG B 128 3.24 0.53 8.36
N TYR B 129 3.13 -0.79 8.20
CA TYR B 129 4.14 -1.75 8.64
C TYR B 129 5.45 -1.60 7.81
N ALA B 130 5.34 -1.14 6.59
CA ALA B 130 6.51 -0.92 5.75
C ALA B 130 7.29 0.32 6.18
N VAL B 131 6.58 1.27 6.81
CA VAL B 131 7.20 2.47 7.39
C VAL B 131 8.00 2.06 8.64
N TYR B 132 7.52 1.00 9.28
CA TYR B 132 8.18 0.36 10.40
C TYR B 132 9.54 -0.22 9.94
N LEU B 133 9.56 -0.83 8.75
CA LEU B 133 10.80 -1.33 8.15
C LEU B 133 11.78 -0.17 7.85
N LYS B 134 11.24 0.93 7.27
CA LYS B 134 12.01 2.15 6.95
C LYS B 134 12.66 2.76 8.20
N ALA B 135 11.90 2.75 9.30
CA ALA B 135 12.35 3.24 10.60
C ALA B 135 13.55 2.47 11.08
N LYS B 136 13.50 1.15 10.98
CA LYS B 136 14.58 0.29 11.44
C LYS B 136 15.84 0.47 10.60
N GLU B 137 15.66 0.74 9.31
CA GLU B 137 16.76 0.95 8.38
C GLU B 137 17.54 2.24 8.65
N GLN B 138 16.86 3.25 9.18
CA GLN B 138 17.50 4.52 9.53
C GLN B 138 17.83 4.55 11.04
N ASN B 139 17.52 3.42 11.71
CA ASN B 139 17.69 3.18 13.17
C ASN B 139 16.90 4.22 13.98
N VAL B 140 15.64 4.34 13.66
CA VAL B 140 14.73 5.21 14.35
C VAL B 140 13.81 4.27 15.11
N ASN B 141 13.62 4.53 16.38
CA ASN B 141 12.83 3.62 17.19
C ASN B 141 11.35 3.91 17.14
N LEU B 142 10.72 3.34 16.15
CA LEU B 142 9.28 3.37 16.04
C LEU B 142 8.76 2.01 16.43
N THR B 143 7.93 2.00 17.42
CA THR B 143 7.34 0.78 17.93
C THR B 143 6.06 0.49 17.16
N ILE B 144 5.51 -0.71 17.33
CA ILE B 144 4.22 -1.06 16.73
C ILE B 144 3.09 -0.18 17.30
N ASP B 145 3.25 0.19 18.59
CA ASP B 145 2.36 1.12 19.30
C ASP B 145 2.24 2.44 18.53
N GLU B 146 3.39 2.95 18.10
CA GLU B 146 3.49 4.15 17.29
C GLU B 146 2.83 3.91 15.92
N ILE B 147 3.27 2.87 15.22
CA ILE B 147 2.82 2.51 13.85
C ILE B 147 1.26 2.36 13.72
N LYS B 148 0.63 1.71 14.70
CA LYS B 148 -0.80 1.47 14.64
C LYS B 148 -1.64 2.73 14.94
N ASP B 149 -1.24 3.53 15.93
CA ASP B 149 -2.07 4.65 16.38
C ASP B 149 -1.65 5.98 15.86
N ALA B 150 -0.49 6.07 15.27
CA ALA B 150 -0.07 7.30 14.70
C ALA B 150 -0.61 7.42 13.32
N ASP B 151 -0.83 8.63 12.98
CA ASP B 151 -1.28 9.07 11.70
C ASP B 151 -0.15 8.74 10.68
N LEU B 152 -0.51 8.26 9.49
CA LEU B 152 0.47 7.82 8.48
C LEU B 152 1.22 9.00 7.88
N LEU B 153 0.52 10.13 7.80
CA LEU B 153 1.09 11.39 7.35
C LEU B 153 2.23 11.72 8.32
N GLU B 154 1.96 11.60 9.65
CA GLU B 154 2.98 11.79 10.71
C GLU B 154 4.12 10.77 10.58
N LEU B 155 3.77 9.49 10.37
CA LEU B 155 4.74 8.39 10.26
C LEU B 155 5.74 8.63 9.13
N ILE B 156 5.24 8.90 7.93
CA ILE B 156 6.11 9.15 6.82
C ILE B 156 6.80 10.51 6.89
N ALA B 157 6.13 11.51 7.45
CA ALA B 157 6.75 12.83 7.67
C ALA B 157 7.98 12.73 8.60
N LYS B 158 7.88 11.95 9.69
CA LYS B 158 9.03 11.80 10.61
C LYS B 158 10.15 10.94 10.01
N LEU B 159 9.83 10.15 9.00
CA LEU B 159 10.83 9.36 8.27
C LEU B 159 11.51 10.18 7.18
N GLU B 160 10.73 10.98 6.45
CA GLU B 160 11.25 11.84 5.37
C GLU B 160 11.98 13.04 5.92
N HIS B 161 11.56 13.49 7.08
CA HIS B 161 12.17 14.65 7.72
C HIS B 161 13.12 14.21 8.82
N HIS B 162 13.49 12.93 8.77
CA HIS B 162 14.48 12.39 9.66
C HIS B 162 15.82 12.93 9.22
N HIS B 163 16.46 13.60 10.12
CA HIS B 163 17.72 14.26 9.82
C HIS B 163 18.84 13.38 10.29
N HIS B 164 19.82 13.14 9.42
CA HIS B 164 20.99 12.37 9.84
C HIS B 164 21.93 13.22 10.68
N HIS B 165 21.84 14.55 10.53
CA HIS B 165 22.53 15.43 11.44
C HIS B 165 21.55 15.70 12.59
N HIS B 166 21.91 15.33 13.77
CA HIS B 166 21.02 15.44 14.89
C HIS B 166 21.35 16.67 15.68
N MET A 1 0.54 -16.31 -1.38
CA MET A 1 -0.50 -16.10 -2.39
C MET A 1 0.15 -15.63 -3.68
N TYR A 2 0.35 -14.35 -3.81
CA TYR A 2 0.97 -13.78 -4.97
C TYR A 2 1.47 -12.43 -4.58
N ALA A 3 0.54 -11.53 -4.28
CA ALA A 3 0.85 -10.20 -3.84
C ALA A 3 -0.31 -9.65 -3.02
N TYR A 4 0.00 -8.72 -2.16
CA TYR A 4 -0.95 -7.98 -1.38
C TYR A 4 -0.52 -6.55 -1.47
N VAL A 5 -1.39 -5.69 -1.91
CA VAL A 5 -1.06 -4.29 -2.05
C VAL A 5 -1.76 -3.50 -0.96
N GLY A 6 -1.00 -2.85 -0.15
CA GLY A 6 -1.56 -2.07 0.90
C GLY A 6 -1.58 -0.64 0.50
N ILE A 7 -2.76 -0.09 0.47
CA ILE A 7 -2.96 1.29 0.18
C ILE A 7 -3.28 1.93 1.48
N ASP A 8 -2.35 2.68 1.94
CA ASP A 8 -2.47 3.34 3.18
C ASP A 8 -2.51 4.82 2.84
N ILE A 9 -3.55 5.47 3.25
CA ILE A 9 -3.77 6.89 2.96
C ILE A 9 -4.13 7.59 4.25
N ASN A 10 -3.45 8.69 4.54
CA ASN A 10 -3.72 9.58 5.70
C ASN A 10 -3.27 8.98 7.01
N PRO B 1 -7.79 6.12 5.01
CA PRO B 1 -8.20 4.82 4.56
C PRO B 1 -7.05 3.82 4.59
N SER B 2 -7.24 2.72 5.25
CA SER B 2 -6.27 1.65 5.29
C SER B 2 -6.92 0.46 4.56
N ILE B 3 -6.40 0.11 3.39
CA ILE B 3 -6.98 -0.94 2.53
C ILE B 3 -5.90 -1.89 2.05
N GLU B 4 -6.22 -3.15 2.05
CA GLU B 4 -5.36 -4.22 1.65
C GLU B 4 -6.01 -4.96 0.47
N LEU B 5 -5.40 -4.85 -0.66
CA LEU B 5 -5.86 -5.49 -1.86
C LEU B 5 -5.17 -6.81 -2.03
N TRP B 6 -5.94 -7.86 -2.00
CA TRP B 6 -5.43 -9.22 -2.18
C TRP B 6 -5.26 -9.45 -3.65
N ILE B 7 -4.05 -9.60 -4.09
CA ILE B 7 -3.78 -9.76 -5.50
C ILE B 7 -3.59 -11.22 -5.82
N ASN B 8 -4.35 -11.67 -6.78
CA ASN B 8 -4.35 -13.03 -7.22
C ASN B 8 -3.39 -13.24 -8.41
N TYR B 9 -3.49 -14.38 -9.07
CA TYR B 9 -2.53 -14.82 -10.07
C TYR B 9 -2.88 -14.22 -11.45
N ASN B 10 -3.98 -13.52 -11.49
CA ASN B 10 -4.48 -12.92 -12.68
C ASN B 10 -4.15 -11.39 -12.66
N ASN B 11 -3.40 -10.95 -11.59
CA ASN B 11 -3.02 -9.52 -11.34
C ASN B 11 -4.22 -8.67 -10.95
N LYS B 12 -5.26 -9.35 -10.54
CA LYS B 12 -6.49 -8.73 -10.17
C LYS B 12 -6.71 -8.86 -8.68
N ILE B 13 -7.66 -8.15 -8.19
CA ILE B 13 -7.96 -8.11 -6.80
C ILE B 13 -8.97 -9.21 -6.42
N ALA B 14 -8.61 -10.05 -5.50
CA ALA B 14 -9.46 -11.10 -5.01
C ALA B 14 -10.52 -10.50 -4.09
N GLU B 15 -10.05 -9.72 -3.12
CA GLU B 15 -10.90 -9.01 -2.21
C GLU B 15 -10.13 -7.86 -1.60
N ALA B 16 -10.84 -6.89 -1.11
CA ALA B 16 -10.24 -5.72 -0.52
C ALA B 16 -10.60 -5.64 0.94
N LYS B 17 -9.63 -5.66 1.78
CA LYS B 17 -9.85 -5.58 3.19
C LYS B 17 -9.67 -4.16 3.62
N ALA B 18 -10.71 -3.59 4.11
CA ALA B 18 -10.60 -2.29 4.68
C ALA B 18 -10.48 -2.46 6.15
N LEU B 19 -9.33 -2.12 6.64
CA LEU B 19 -8.95 -2.32 8.01
C LEU B 19 -9.63 -1.34 8.94
N ASN B 20 -9.95 -0.19 8.42
CA ASN B 20 -10.57 0.84 9.22
C ASN B 20 -11.90 1.30 8.60
N GLY B 21 -12.74 1.90 9.41
CA GLY B 21 -14.13 2.23 9.05
C GLY B 21 -14.32 3.17 7.87
N ASP B 22 -13.48 4.18 7.76
CA ASP B 22 -13.56 5.16 6.69
C ASP B 22 -13.22 4.56 5.33
N ALA B 23 -12.37 3.54 5.34
CA ALA B 23 -11.98 2.84 4.12
C ALA B 23 -13.10 1.94 3.63
N GLU B 24 -13.90 1.42 4.57
CA GLU B 24 -15.07 0.59 4.27
C GLU B 24 -16.08 1.39 3.46
N THR B 25 -16.23 2.66 3.84
CA THR B 25 -17.13 3.59 3.18
C THR B 25 -16.61 3.89 1.74
N VAL B 26 -15.27 3.91 1.58
CA VAL B 26 -14.64 4.11 0.28
C VAL B 26 -14.96 2.91 -0.65
N LEU B 27 -14.79 1.69 -0.11
CA LEU B 27 -15.02 0.44 -0.87
C LEU B 27 -16.47 0.29 -1.36
N GLU B 28 -17.43 0.90 -0.65
CA GLU B 28 -18.84 0.82 -0.98
C GLU B 28 -19.17 1.43 -2.34
N GLY B 29 -19.46 0.55 -3.27
CA GLY B 29 -19.87 0.96 -4.59
C GLY B 29 -18.78 0.73 -5.59
N LEU B 30 -17.59 0.46 -5.12
CA LEU B 30 -16.46 0.27 -5.99
C LEU B 30 -16.27 -1.20 -6.30
N GLU B 31 -16.28 -1.50 -7.57
CA GLU B 31 -15.97 -2.82 -8.01
C GLU B 31 -14.49 -2.83 -8.31
N LEU B 32 -13.74 -3.46 -7.47
CA LEU B 32 -12.30 -3.47 -7.58
C LEU B 32 -11.75 -4.84 -7.98
N LYS B 33 -12.58 -5.88 -7.87
CA LYS B 33 -12.14 -7.28 -8.11
C LYS B 33 -11.49 -7.55 -9.47
N GLU B 34 -12.09 -7.13 -10.54
CA GLU B 34 -11.44 -7.36 -11.81
C GLU B 34 -10.83 -6.09 -12.37
N LYS B 35 -10.28 -5.31 -11.47
CA LYS B 35 -9.60 -4.09 -11.75
C LYS B 35 -8.18 -4.30 -11.25
N THR B 36 -7.22 -3.60 -11.80
CA THR B 36 -5.85 -3.74 -11.40
C THR B 36 -5.52 -2.79 -10.25
N VAL B 37 -4.27 -2.78 -9.82
CA VAL B 37 -3.81 -2.01 -8.68
C VAL B 37 -3.99 -0.51 -8.89
N ALA B 38 -3.45 0.01 -10.01
CA ALA B 38 -3.51 1.46 -10.34
C ALA B 38 -4.92 1.93 -10.51
N GLU B 39 -5.71 1.07 -11.11
CA GLU B 39 -7.08 1.33 -11.36
C GLU B 39 -7.82 1.50 -10.02
N ALA B 40 -7.58 0.56 -9.11
CA ALA B 40 -8.14 0.59 -7.76
C ALA B 40 -7.64 1.78 -6.95
N VAL B 41 -6.36 2.16 -7.11
CA VAL B 41 -5.77 3.33 -6.42
C VAL B 41 -6.54 4.58 -6.77
N ASN B 42 -6.81 4.78 -8.06
CA ASN B 42 -7.58 5.92 -8.53
C ASN B 42 -8.98 5.96 -7.96
N GLU B 43 -9.64 4.80 -7.90
CA GLU B 43 -10.98 4.65 -7.33
C GLU B 43 -11.00 5.07 -5.84
N ILE B 44 -10.06 4.48 -5.07
CA ILE B 44 -9.90 4.74 -3.66
C ILE B 44 -9.56 6.21 -3.37
N VAL B 45 -8.52 6.74 -4.03
CA VAL B 45 -8.04 8.10 -3.80
C VAL B 45 -9.09 9.15 -4.19
N GLN B 46 -9.80 8.94 -5.29
CA GLN B 46 -10.82 9.87 -5.73
C GLN B 46 -12.01 9.92 -4.80
N LYS B 47 -12.44 8.76 -4.29
CA LYS B 47 -13.52 8.76 -3.31
C LYS B 47 -13.08 9.34 -1.98
N SER B 48 -11.84 9.05 -1.61
CA SER B 48 -11.27 9.59 -0.38
C SER B 48 -11.15 11.12 -0.47
N MET B 49 -10.95 11.63 -1.67
CA MET B 49 -10.84 13.06 -1.92
C MET B 49 -12.20 13.72 -1.70
N GLU B 50 -13.25 13.06 -2.18
CA GLU B 50 -14.63 13.54 -2.08
C GLU B 50 -15.15 13.55 -0.64
N LEU B 51 -14.84 12.49 0.09
CA LEU B 51 -15.29 12.36 1.47
C LEU B 51 -14.36 13.04 2.49
N GLY B 52 -13.25 13.59 2.02
CA GLY B 52 -12.34 14.33 2.90
C GLY B 52 -11.42 13.45 3.72
N PHE B 53 -11.10 12.29 3.19
CA PHE B 53 -10.18 11.36 3.81
C PHE B 53 -8.78 11.63 3.26
N ILE B 54 -8.74 12.24 2.09
CA ILE B 54 -7.54 12.75 1.51
C ILE B 54 -7.88 14.09 0.87
N SER B 55 -6.92 14.94 0.78
CA SER B 55 -7.04 16.24 0.22
C SER B 55 -5.88 16.50 -0.71
N ARG B 56 -5.98 17.50 -1.56
CA ARG B 56 -4.83 18.01 -2.31
C ARG B 56 -4.24 19.15 -1.49
N GLU B 57 -5.19 19.93 -1.00
CA GLU B 57 -5.03 21.20 -0.31
C GLU B 57 -4.40 21.02 1.06
N LYS B 58 -4.70 19.91 1.70
CA LYS B 58 -4.14 19.57 2.99
C LYS B 58 -3.03 18.58 2.78
N GLU B 59 -2.35 18.28 3.85
CA GLU B 59 -1.25 17.34 3.91
C GLU B 59 -1.73 15.96 3.52
N ASN B 60 -1.15 15.43 2.49
CA ASN B 60 -1.56 14.21 1.89
C ASN B 60 -0.43 13.26 1.73
N ILE B 61 -0.71 12.01 1.94
CA ILE B 61 0.27 10.99 1.82
C ILE B 61 -0.47 9.70 1.37
N ILE B 62 0.09 9.05 0.40
CA ILE B 62 -0.41 7.80 -0.13
C ILE B 62 0.77 6.84 -0.16
N LEU B 63 0.62 5.74 0.45
CA LEU B 63 1.62 4.75 0.42
C LEU B 63 1.10 3.52 -0.24
N ILE B 64 1.77 3.14 -1.29
CA ILE B 64 1.45 1.97 -2.01
C ILE B 64 2.52 0.95 -1.72
N SER B 65 2.17 -0.02 -0.94
CA SER B 65 3.08 -1.05 -0.57
C SER B 65 2.67 -2.31 -1.26
N THR B 66 3.61 -3.07 -1.70
CA THR B 66 3.32 -4.32 -2.32
C THR B 66 4.15 -5.37 -1.64
N ALA B 67 3.49 -6.41 -1.19
CA ALA B 67 4.12 -7.50 -0.51
C ALA B 67 3.88 -8.72 -1.33
N CYS B 68 4.91 -9.45 -1.63
CA CYS B 68 4.77 -10.55 -2.55
C CYS B 68 5.70 -11.72 -2.22
N ASP B 69 5.17 -12.92 -2.41
CA ASP B 69 5.96 -14.14 -2.30
C ASP B 69 6.04 -14.76 -3.67
N LEU B 70 7.23 -15.04 -4.12
CA LEU B 70 7.37 -15.62 -5.42
C LEU B 70 7.67 -17.09 -5.37
N LYS B 71 6.64 -17.84 -5.02
CA LYS B 71 6.70 -19.29 -5.00
C LYS B 71 5.78 -19.86 -6.07
N ALA B 72 4.99 -18.97 -6.66
CA ALA B 72 4.08 -19.31 -7.74
C ALA B 72 4.90 -19.45 -9.01
N GLY B 73 4.63 -20.49 -9.76
CA GLY B 73 5.36 -20.74 -10.96
C GLY B 73 6.48 -21.74 -10.74
N GLU B 74 6.66 -22.10 -9.45
CA GLU B 74 7.70 -23.04 -8.92
C GLU B 74 9.13 -22.51 -9.11
N GLY B 75 9.53 -22.48 -10.34
CA GLY B 75 10.86 -22.17 -10.76
C GLY B 75 11.06 -22.65 -12.17
N SER B 76 10.17 -23.55 -12.61
CA SER B 76 10.16 -24.06 -13.97
C SER B 76 9.52 -23.02 -14.90
N GLU B 77 8.31 -22.61 -14.55
CA GLU B 77 7.54 -21.65 -15.32
C GLU B 77 7.31 -20.36 -14.52
N ASN B 78 8.33 -19.93 -13.83
CA ASN B 78 8.25 -18.71 -12.99
C ASN B 78 8.62 -17.48 -13.87
N LYS B 79 9.02 -17.73 -15.12
CA LYS B 79 9.39 -16.66 -16.09
C LYS B 79 8.22 -15.71 -16.35
N ASP B 80 7.06 -16.27 -16.67
CA ASP B 80 5.89 -15.46 -16.95
C ASP B 80 5.26 -14.94 -15.66
N VAL B 81 5.57 -15.58 -14.54
CA VAL B 81 5.18 -15.08 -13.22
C VAL B 81 5.90 -13.76 -12.97
N GLN B 82 7.20 -13.72 -13.31
CA GLN B 82 8.00 -12.50 -13.21
C GLN B 82 7.52 -11.45 -14.20
N ASN B 83 7.00 -11.89 -15.36
CA ASN B 83 6.38 -10.96 -16.34
C ASN B 83 5.17 -10.30 -15.73
N LYS B 84 4.31 -11.11 -15.10
CA LYS B 84 3.12 -10.61 -14.40
C LYS B 84 3.50 -9.68 -13.26
N ILE B 85 4.57 -10.00 -12.55
CA ILE B 85 5.09 -9.18 -11.45
C ILE B 85 5.64 -7.83 -11.98
N GLY B 86 6.19 -7.83 -13.19
CA GLY B 86 6.74 -6.62 -13.77
C GLY B 86 5.63 -5.71 -14.20
N GLN B 87 4.56 -6.33 -14.70
CA GLN B 87 3.34 -5.63 -15.11
C GLN B 87 2.59 -5.09 -13.91
N LEU B 88 2.64 -5.85 -12.82
CA LEU B 88 1.99 -5.50 -11.56
C LEU B 88 2.66 -4.28 -10.97
N PHE B 89 3.99 -4.31 -10.90
CA PHE B 89 4.78 -3.18 -10.41
C PHE B 89 4.76 -2.00 -11.34
N ASP B 90 4.59 -2.26 -12.64
CA ASP B 90 4.48 -1.19 -13.65
C ASP B 90 3.22 -0.42 -13.38
N ASP B 91 2.14 -1.17 -13.16
CA ASP B 91 0.80 -0.67 -12.84
C ASP B 91 0.84 0.13 -11.52
N VAL B 92 1.53 -0.43 -10.50
CA VAL B 92 1.80 0.25 -9.20
C VAL B 92 2.45 1.63 -9.43
N ASN B 93 3.49 1.67 -10.26
CA ASN B 93 4.25 2.89 -10.51
C ASN B 93 3.45 3.92 -11.31
N LYS B 94 2.56 3.44 -12.18
CA LYS B 94 1.65 4.31 -12.97
C LYS B 94 0.73 5.08 -12.04
N ALA B 95 0.21 4.36 -11.04
CA ALA B 95 -0.67 4.91 -10.01
C ALA B 95 0.01 6.01 -9.24
N VAL B 96 1.25 5.74 -8.84
CA VAL B 96 2.07 6.69 -8.11
C VAL B 96 2.28 7.96 -8.91
N SER B 97 2.67 7.80 -10.17
CA SER B 97 2.97 8.88 -11.08
C SER B 97 1.74 9.80 -11.32
N ASP B 98 0.57 9.19 -11.48
CA ASP B 98 -0.67 9.93 -11.72
C ASP B 98 -1.15 10.68 -10.48
N LEU B 99 -1.12 10.03 -9.34
CA LEU B 99 -1.62 10.64 -8.12
C LEU B 99 -0.67 11.68 -7.49
N LYS B 100 0.65 11.45 -7.55
CA LYS B 100 1.60 12.41 -6.98
C LYS B 100 1.73 13.69 -7.81
N ASN B 101 1.26 13.60 -9.07
CA ASN B 101 1.24 14.69 -10.06
C ASN B 101 0.51 15.93 -9.54
N SER B 102 -0.53 15.72 -8.72
CA SER B 102 -1.35 16.79 -8.18
C SER B 102 -0.79 17.38 -6.87
N GLY B 103 0.47 17.07 -6.56
CA GLY B 103 1.08 17.60 -5.38
C GLY B 103 0.79 16.74 -4.18
N ILE B 104 0.80 15.45 -4.38
CA ILE B 104 0.53 14.49 -3.34
C ILE B 104 1.79 13.66 -3.08
N THR B 105 2.11 13.37 -1.83
CA THR B 105 3.27 12.55 -1.52
C THR B 105 2.89 11.06 -1.66
N THR B 106 3.30 10.42 -2.74
CA THR B 106 3.03 9.01 -2.94
C THR B 106 4.36 8.24 -2.97
N ARG B 107 4.45 7.19 -2.15
CA ARG B 107 5.68 6.40 -2.01
C ARG B 107 5.37 4.91 -2.29
N ILE B 108 6.41 4.13 -2.64
CA ILE B 108 6.26 2.67 -2.89
C ILE B 108 7.21 1.93 -1.98
N LEU B 109 6.70 1.00 -1.22
CA LEU B 109 7.52 0.13 -0.40
C LEU B 109 7.34 -1.31 -0.83
N ASN B 110 8.44 -2.02 -0.96
CA ASN B 110 8.44 -3.41 -1.44
C ASN B 110 8.69 -4.35 -0.30
N LEU B 111 7.79 -5.26 -0.11
CA LEU B 111 7.75 -6.11 1.06
C LEU B 111 7.56 -7.57 0.66
N THR B 112 7.81 -8.45 1.60
CA THR B 112 7.67 -9.87 1.42
C THR B 112 6.34 -10.36 2.03
N LEU B 113 6.02 -11.63 1.87
CA LEU B 113 4.77 -12.16 2.42
C LEU B 113 4.91 -12.46 3.92
N GLU B 114 6.14 -12.74 4.36
CA GLU B 114 6.43 -13.00 5.78
C GLU B 114 6.21 -11.71 6.62
N GLU B 115 6.42 -10.57 5.97
CA GLU B 115 6.15 -9.26 6.50
C GLU B 115 4.64 -9.14 6.72
N ARG B 116 3.89 -9.46 5.66
CA ARG B 116 2.43 -9.41 5.62
C ARG B 116 1.83 -10.26 6.74
N GLU B 117 2.44 -11.41 7.02
CA GLU B 117 2.03 -12.28 8.11
C GLU B 117 2.08 -11.56 9.46
N SER B 118 3.16 -10.82 9.69
CA SER B 118 3.35 -10.10 10.94
C SER B 118 2.47 -8.84 11.05
N SER B 119 2.19 -8.18 9.91
CA SER B 119 1.34 -7.02 9.91
C SER B 119 -0.12 -7.40 10.15
N LYS B 120 -0.50 -8.61 9.72
CA LYS B 120 -1.83 -9.13 9.99
C LYS B 120 -2.02 -9.49 11.45
N GLU B 121 -0.92 -9.87 12.13
CA GLU B 121 -0.98 -10.20 13.58
C GLU B 121 -1.36 -8.97 14.39
N GLU B 122 -0.84 -7.83 13.99
CA GLU B 122 -1.13 -6.56 14.66
C GLU B 122 -2.30 -5.82 14.01
N ASN B 123 -2.96 -6.49 13.06
CA ASN B 123 -4.08 -5.98 12.24
C ASN B 123 -3.84 -4.59 11.67
N ILE B 124 -2.68 -4.44 11.10
CA ILE B 124 -2.28 -3.21 10.48
C ILE B 124 -1.93 -3.48 9.06
N SER B 125 -1.97 -2.46 8.26
CA SER B 125 -1.70 -2.55 6.88
C SER B 125 -0.19 -2.64 6.65
N MET B 126 0.19 -3.37 5.60
CA MET B 126 1.61 -3.55 5.22
C MET B 126 2.29 -2.22 4.92
N GLY B 127 1.48 -1.20 4.54
CA GLY B 127 1.96 0.15 4.31
C GLY B 127 2.65 0.71 5.54
N ARG B 128 1.94 0.81 6.62
CA ARG B 128 2.51 1.34 7.85
C ARG B 128 3.56 0.41 8.48
N TYR B 129 3.42 -0.90 8.25
CA TYR B 129 4.41 -1.86 8.71
C TYR B 129 5.72 -1.75 7.88
N ALA B 130 5.62 -1.26 6.64
CA ALA B 130 6.77 -0.98 5.78
C ALA B 130 7.59 0.15 6.34
N VAL B 131 6.88 1.10 6.94
CA VAL B 131 7.49 2.25 7.59
C VAL B 131 8.21 1.79 8.88
N TYR B 132 7.74 0.67 9.43
CA TYR B 132 8.36 0.02 10.59
C TYR B 132 9.68 -0.66 10.18
N LEU B 133 9.71 -1.26 8.96
CA LEU B 133 10.96 -1.79 8.38
C LEU B 133 11.97 -0.67 8.25
N LYS B 134 11.49 0.48 7.75
CA LYS B 134 12.30 1.68 7.55
C LYS B 134 12.84 2.21 8.86
N ALA B 135 12.02 2.16 9.92
CA ALA B 135 12.42 2.57 11.27
C ALA B 135 13.58 1.74 11.79
N LYS B 136 13.60 0.48 11.44
CA LYS B 136 14.67 -0.39 11.87
C LYS B 136 15.90 -0.31 10.96
N GLU B 137 15.70 0.20 9.73
CA GLU B 137 16.80 0.42 8.78
C GLU B 137 17.60 1.66 9.17
N GLN B 138 16.89 2.71 9.55
CA GLN B 138 17.52 3.98 9.94
C GLN B 138 17.93 3.92 11.43
N ASN B 139 17.43 2.88 12.11
CA ASN B 139 17.62 2.59 13.55
C ASN B 139 17.01 3.69 14.43
N VAL B 140 15.72 3.87 14.29
CA VAL B 140 14.96 4.82 15.06
C VAL B 140 14.15 3.98 16.04
N ASN B 141 13.91 4.48 17.24
CA ASN B 141 13.21 3.70 18.25
C ASN B 141 11.69 3.84 18.14
N LEU B 142 11.13 3.23 17.11
CA LEU B 142 9.69 3.17 16.92
C LEU B 142 9.22 1.78 17.12
N THR B 143 8.08 1.66 17.73
CA THR B 143 7.48 0.40 18.03
C THR B 143 6.32 0.16 17.08
N ILE B 144 5.63 -0.96 17.24
CA ILE B 144 4.41 -1.21 16.50
C ILE B 144 3.27 -0.36 17.10
N ASP B 145 3.42 -0.02 18.39
CA ASP B 145 2.47 0.86 19.10
C ASP B 145 2.40 2.22 18.40
N GLU B 146 3.59 2.70 18.02
CA GLU B 146 3.76 3.90 17.19
C GLU B 146 3.01 3.77 15.87
N ILE B 147 3.30 2.68 15.17
CA ILE B 147 2.79 2.36 13.83
C ILE B 147 1.23 2.20 13.79
N LYS B 148 0.68 1.53 14.79
CA LYS B 148 -0.74 1.23 14.81
C LYS B 148 -1.59 2.44 15.22
N ASP B 149 -1.04 3.34 16.02
CA ASP B 149 -1.84 4.42 16.57
C ASP B 149 -1.68 5.74 15.82
N ALA B 150 -0.54 5.95 15.19
CA ALA B 150 -0.31 7.19 14.48
C ALA B 150 -0.84 7.11 13.08
N ASP B 151 -0.98 8.24 12.46
CA ASP B 151 -1.43 8.33 11.09
C ASP B 151 -0.24 8.08 10.20
N LEU B 152 -0.50 7.83 8.95
CA LEU B 152 0.56 7.58 7.98
C LEU B 152 1.27 8.89 7.68
N LEU B 153 0.52 10.01 7.79
CA LEU B 153 1.05 11.38 7.72
C LEU B 153 2.18 11.54 8.71
N GLU B 154 1.92 11.08 9.92
CA GLU B 154 2.84 11.17 11.03
C GLU B 154 4.03 10.24 10.83
N LEU B 155 3.73 9.00 10.47
CA LEU B 155 4.74 7.95 10.30
C LEU B 155 5.72 8.26 9.19
N ILE B 156 5.23 8.58 8.00
CA ILE B 156 6.10 8.90 6.88
C ILE B 156 6.82 10.23 7.05
N ALA B 157 6.16 11.23 7.66
CA ALA B 157 6.84 12.49 7.95
C ALA B 157 8.02 12.31 8.89
N LYS B 158 7.86 11.58 10.01
CA LYS B 158 8.96 11.40 10.95
C LYS B 158 10.11 10.54 10.40
N LEU B 159 9.79 9.57 9.54
CA LEU B 159 10.80 8.70 8.92
C LEU B 159 11.53 9.38 7.76
N GLU B 160 10.82 10.14 6.95
CA GLU B 160 11.42 10.80 5.80
C GLU B 160 12.06 12.13 6.16
N HIS B 161 11.81 12.60 7.37
CA HIS B 161 12.53 13.77 7.85
C HIS B 161 13.71 13.32 8.73
N HIS B 162 13.85 12.00 8.86
CA HIS B 162 14.94 11.37 9.58
C HIS B 162 15.86 10.72 8.56
N HIS B 163 16.84 11.41 8.09
CA HIS B 163 17.76 10.77 7.21
C HIS B 163 19.12 10.65 7.81
N HIS B 164 19.46 9.42 8.08
CA HIS B 164 20.67 9.03 8.76
C HIS B 164 21.90 9.28 7.87
N HIS B 165 22.98 9.74 8.48
CA HIS B 165 24.25 9.96 7.79
C HIS B 165 24.79 8.62 7.29
N HIS B 166 24.95 8.50 6.01
CA HIS B 166 25.40 7.27 5.41
C HIS B 166 26.91 7.35 5.26
N MET A 1 0.05 -16.08 -2.38
CA MET A 1 -0.18 -16.74 -3.66
C MET A 1 0.47 -15.99 -4.82
N TYR A 2 0.77 -14.67 -4.63
CA TYR A 2 1.19 -13.81 -5.72
C TYR A 2 1.55 -12.43 -5.15
N ALA A 3 0.53 -11.57 -4.91
CA ALA A 3 0.77 -10.27 -4.34
C ALA A 3 -0.42 -9.79 -3.56
N TYR A 4 -0.15 -8.96 -2.59
CA TYR A 4 -1.12 -8.34 -1.74
C TYR A 4 -0.67 -6.89 -1.61
N VAL A 5 -1.48 -5.98 -2.04
CA VAL A 5 -1.11 -4.57 -2.06
C VAL A 5 -1.81 -3.85 -0.94
N GLY A 6 -1.05 -3.15 -0.15
CA GLY A 6 -1.59 -2.42 0.92
C GLY A 6 -1.66 -0.98 0.58
N ILE A 7 -2.83 -0.45 0.62
CA ILE A 7 -3.04 0.96 0.37
C ILE A 7 -3.27 1.61 1.69
N ASP A 8 -2.37 2.46 2.03
CA ASP A 8 -2.41 3.13 3.27
C ASP A 8 -2.53 4.60 3.01
N ILE A 9 -3.58 5.18 3.49
CA ILE A 9 -3.84 6.60 3.38
C ILE A 9 -4.23 7.08 4.76
N ASN A 10 -3.59 8.16 5.25
CA ASN A 10 -3.90 8.79 6.57
C ASN A 10 -3.69 7.81 7.74
N PRO B 1 -7.71 5.44 5.55
CA PRO B 1 -8.16 4.26 4.87
C PRO B 1 -7.05 3.20 4.79
N SER B 2 -7.28 2.07 5.46
CA SER B 2 -6.35 0.94 5.43
C SER B 2 -7.00 -0.19 4.58
N ILE B 3 -6.43 -0.50 3.40
CA ILE B 3 -7.01 -1.54 2.50
C ILE B 3 -5.92 -2.55 2.09
N GLU B 4 -6.34 -3.77 1.89
CA GLU B 4 -5.52 -4.85 1.40
C GLU B 4 -6.17 -5.42 0.13
N LEU B 5 -5.45 -5.31 -0.96
CA LEU B 5 -5.89 -5.81 -2.24
C LEU B 5 -5.20 -7.11 -2.52
N TRP B 6 -5.95 -8.15 -2.63
CA TRP B 6 -5.42 -9.46 -2.96
C TRP B 6 -5.24 -9.53 -4.44
N ILE B 7 -4.04 -9.66 -4.88
CA ILE B 7 -3.75 -9.67 -6.30
C ILE B 7 -3.59 -11.09 -6.76
N ASN B 8 -4.43 -11.45 -7.72
CA ASN B 8 -4.49 -12.76 -8.30
C ASN B 8 -3.52 -12.87 -9.49
N TYR B 9 -3.57 -13.98 -10.19
CA TYR B 9 -2.61 -14.30 -11.25
C TYR B 9 -2.86 -13.54 -12.57
N ASN B 10 -3.82 -12.65 -12.60
CA ASN B 10 -4.12 -11.88 -13.78
C ASN B 10 -3.75 -10.40 -13.54
N ASN B 11 -3.08 -10.14 -12.39
CA ASN B 11 -2.74 -8.76 -11.89
C ASN B 11 -4.01 -7.99 -11.47
N LYS B 12 -5.12 -8.71 -11.40
CA LYS B 12 -6.38 -8.15 -11.00
C LYS B 12 -6.60 -8.47 -9.54
N ILE B 13 -7.56 -7.86 -8.96
CA ILE B 13 -7.81 -8.02 -7.58
C ILE B 13 -8.81 -9.18 -7.32
N ALA B 14 -8.47 -10.04 -6.43
CA ALA B 14 -9.31 -11.15 -6.06
C ALA B 14 -10.37 -10.65 -5.11
N GLU B 15 -9.93 -9.95 -4.08
CA GLU B 15 -10.80 -9.38 -3.12
C GLU B 15 -10.14 -8.18 -2.46
N ALA B 16 -10.94 -7.19 -2.20
CA ALA B 16 -10.50 -5.97 -1.57
C ALA B 16 -11.06 -5.94 -0.18
N LYS B 17 -10.20 -6.01 0.80
CA LYS B 17 -10.65 -6.00 2.18
C LYS B 17 -10.06 -4.86 2.95
N ALA B 18 -10.88 -4.24 3.75
CA ALA B 18 -10.47 -3.13 4.53
C ALA B 18 -10.17 -3.57 5.94
N LEU B 19 -9.17 -2.96 6.48
CA LEU B 19 -8.70 -3.25 7.82
C LEU B 19 -9.29 -2.26 8.81
N ASN B 20 -9.65 -1.11 8.30
CA ASN B 20 -10.19 -0.06 9.12
C ASN B 20 -11.54 0.32 8.55
N GLY B 21 -12.49 0.64 9.45
CA GLY B 21 -13.88 0.94 9.09
C GLY B 21 -14.06 2.14 8.15
N ASP B 22 -13.08 3.03 8.11
CA ASP B 22 -13.12 4.20 7.26
C ASP B 22 -12.94 3.81 5.78
N ALA B 23 -12.14 2.78 5.57
CA ALA B 23 -11.84 2.26 4.26
C ALA B 23 -12.97 1.39 3.77
N GLU B 24 -13.75 0.86 4.71
CA GLU B 24 -14.97 0.10 4.39
C GLU B 24 -15.95 0.99 3.68
N THR B 25 -16.07 2.22 4.19
CA THR B 25 -16.90 3.26 3.63
C THR B 25 -16.37 3.66 2.23
N VAL B 26 -15.06 3.58 2.04
CA VAL B 26 -14.46 3.87 0.74
C VAL B 26 -14.79 2.75 -0.29
N LEU B 27 -14.63 1.47 0.11
CA LEU B 27 -14.83 0.30 -0.79
C LEU B 27 -16.26 0.19 -1.36
N GLU B 28 -17.24 0.72 -0.61
CA GLU B 28 -18.64 0.70 -1.01
C GLU B 28 -18.89 1.42 -2.33
N GLY B 29 -19.44 0.69 -3.28
CA GLY B 29 -19.81 1.26 -4.55
C GLY B 29 -18.68 1.27 -5.55
N LEU B 30 -17.53 0.81 -5.13
CA LEU B 30 -16.39 0.77 -6.00
C LEU B 30 -16.11 -0.64 -6.41
N GLU B 31 -16.18 -0.89 -7.69
CA GLU B 31 -15.83 -2.17 -8.23
C GLU B 31 -14.34 -2.14 -8.36
N LEU B 32 -13.66 -2.91 -7.58
CA LEU B 32 -12.22 -2.90 -7.57
C LEU B 32 -11.64 -4.27 -7.97
N LYS B 33 -12.48 -5.29 -8.03
CA LYS B 33 -12.00 -6.65 -8.27
C LYS B 33 -11.46 -6.87 -9.68
N GLU B 34 -12.13 -6.37 -10.68
CA GLU B 34 -11.62 -6.59 -12.01
C GLU B 34 -10.75 -5.43 -12.46
N LYS B 35 -10.29 -4.67 -11.52
CA LYS B 35 -9.44 -3.58 -11.78
C LYS B 35 -8.04 -4.00 -11.51
N THR B 36 -7.13 -3.31 -12.10
CA THR B 36 -5.75 -3.55 -11.86
C THR B 36 -5.38 -2.60 -10.67
N VAL B 37 -4.16 -2.70 -10.14
CA VAL B 37 -3.75 -1.94 -8.93
C VAL B 37 -3.95 -0.42 -9.12
N ALA B 38 -3.42 0.12 -10.21
CA ALA B 38 -3.49 1.56 -10.52
C ALA B 38 -4.91 2.11 -10.58
N GLU B 39 -5.81 1.34 -11.16
CA GLU B 39 -7.20 1.72 -11.29
C GLU B 39 -7.86 1.74 -9.92
N ALA B 40 -7.60 0.71 -9.11
CA ALA B 40 -8.14 0.59 -7.78
C ALA B 40 -7.64 1.68 -6.86
N VAL B 41 -6.33 2.01 -6.96
CA VAL B 41 -5.71 3.09 -6.19
C VAL B 41 -6.44 4.40 -6.47
N ASN B 42 -6.69 4.66 -7.75
CA ASN B 42 -7.36 5.87 -8.18
C ASN B 42 -8.79 5.96 -7.61
N GLU B 43 -9.55 4.85 -7.72
CA GLU B 43 -10.94 4.79 -7.20
C GLU B 43 -10.97 5.06 -5.69
N ILE B 44 -10.09 4.36 -4.95
CA ILE B 44 -9.95 4.49 -3.50
C ILE B 44 -9.58 5.93 -3.10
N VAL B 45 -8.50 6.46 -3.69
CA VAL B 45 -7.98 7.80 -3.36
C VAL B 45 -9.00 8.91 -3.67
N GLN B 46 -9.63 8.83 -4.83
CA GLN B 46 -10.59 9.84 -5.25
C GLN B 46 -11.84 9.87 -4.38
N LYS B 47 -12.27 8.70 -3.91
CA LYS B 47 -13.42 8.64 -3.03
C LYS B 47 -13.03 9.09 -1.60
N SER B 48 -11.83 8.68 -1.14
CA SER B 48 -11.31 9.08 0.17
C SER B 48 -11.16 10.60 0.24
N MET B 49 -10.85 11.20 -0.89
CA MET B 49 -10.66 12.61 -1.07
C MET B 49 -11.96 13.36 -0.77
N GLU B 50 -13.06 12.87 -1.34
CA GLU B 50 -14.37 13.49 -1.19
C GLU B 50 -14.92 13.34 0.20
N LEU B 51 -14.73 12.18 0.76
CA LEU B 51 -15.23 11.85 2.07
C LEU B 51 -14.38 12.44 3.22
N GLY B 52 -13.27 13.09 2.87
CA GLY B 52 -12.50 13.83 3.85
C GLY B 52 -11.47 13.00 4.56
N PHE B 53 -10.99 11.99 3.91
CA PHE B 53 -9.95 11.14 4.46
C PHE B 53 -8.57 11.57 3.94
N ILE B 54 -8.56 12.26 2.81
CA ILE B 54 -7.34 12.80 2.26
C ILE B 54 -7.60 14.20 1.66
N SER B 55 -6.64 15.09 1.83
CA SER B 55 -6.68 16.47 1.36
C SER B 55 -6.16 16.57 -0.08
N ARG B 56 -6.61 17.59 -0.84
CA ARG B 56 -6.12 17.79 -2.22
C ARG B 56 -4.93 18.75 -2.26
N GLU B 57 -5.06 19.86 -1.55
CA GLU B 57 -4.11 20.97 -1.63
C GLU B 57 -3.22 21.06 -0.41
N LYS B 58 -3.57 20.33 0.61
CA LYS B 58 -2.81 20.32 1.85
C LYS B 58 -1.85 19.15 1.80
N GLU B 59 -0.97 19.03 2.79
CA GLU B 59 -0.02 17.93 2.81
C GLU B 59 -0.70 16.56 3.01
N ASN B 60 -0.54 15.77 2.00
CA ASN B 60 -1.17 14.49 1.82
C ASN B 60 -0.14 13.43 1.54
N ILE B 61 -0.45 12.20 1.92
CA ILE B 61 0.45 11.11 1.76
C ILE B 61 -0.37 9.83 1.39
N ILE B 62 0.13 9.09 0.44
CA ILE B 62 -0.42 7.82 -0.01
C ILE B 62 0.74 6.86 -0.10
N LEU B 63 0.63 5.74 0.54
CA LEU B 63 1.66 4.76 0.44
C LEU B 63 1.12 3.52 -0.20
N ILE B 64 1.77 3.15 -1.27
CA ILE B 64 1.45 1.96 -1.96
C ILE B 64 2.52 0.94 -1.60
N SER B 65 2.16 0.04 -0.76
CA SER B 65 3.06 -0.99 -0.34
C SER B 65 2.68 -2.28 -1.02
N THR B 66 3.63 -2.92 -1.56
CA THR B 66 3.41 -4.15 -2.21
C THR B 66 4.05 -5.25 -1.41
N ALA B 67 3.30 -6.27 -1.14
CA ALA B 67 3.83 -7.42 -0.49
C ALA B 67 3.61 -8.54 -1.45
N CYS B 68 4.62 -9.28 -1.73
CA CYS B 68 4.49 -10.31 -2.70
C CYS B 68 5.28 -11.53 -2.32
N ASP B 69 4.65 -12.66 -2.47
CA ASP B 69 5.28 -13.92 -2.31
C ASP B 69 5.45 -14.50 -3.67
N LEU B 70 6.66 -14.71 -4.05
CA LEU B 70 6.92 -15.17 -5.39
C LEU B 70 7.11 -16.66 -5.48
N LYS B 71 6.49 -17.35 -4.55
CA LYS B 71 6.47 -18.77 -4.55
C LYS B 71 5.17 -19.17 -5.19
N ALA B 72 5.16 -19.02 -6.47
CA ALA B 72 4.05 -19.29 -7.32
C ALA B 72 4.60 -19.89 -8.60
N GLY B 73 3.74 -20.25 -9.51
CA GLY B 73 4.19 -20.79 -10.75
C GLY B 73 3.59 -22.12 -11.04
N GLU B 74 2.39 -22.09 -11.59
CA GLU B 74 1.68 -23.28 -11.99
C GLU B 74 2.30 -23.83 -13.27
N GLY B 75 3.19 -24.76 -13.07
CA GLY B 75 3.93 -25.34 -14.11
C GLY B 75 5.30 -25.66 -13.59
N SER B 76 6.29 -25.61 -14.44
CA SER B 76 7.65 -25.92 -14.04
C SER B 76 8.55 -24.67 -14.12
N GLU B 77 7.93 -23.51 -14.21
CA GLU B 77 8.66 -22.29 -14.37
C GLU B 77 7.92 -21.20 -13.57
N ASN B 78 8.59 -20.11 -13.24
CA ASN B 78 8.01 -19.00 -12.47
C ASN B 78 7.96 -17.72 -13.35
N LYS B 79 8.56 -17.80 -14.56
CA LYS B 79 8.68 -16.66 -15.52
C LYS B 79 7.36 -15.99 -15.87
N ASP B 80 6.28 -16.75 -16.01
CA ASP B 80 4.94 -16.19 -16.32
C ASP B 80 4.47 -15.26 -15.20
N VAL B 81 4.73 -15.68 -13.97
CA VAL B 81 4.39 -14.90 -12.79
C VAL B 81 5.31 -13.69 -12.69
N GLN B 82 6.63 -13.93 -12.80
CA GLN B 82 7.66 -12.89 -12.67
C GLN B 82 7.55 -11.79 -13.73
N ASN B 83 7.18 -12.18 -14.95
CA ASN B 83 6.95 -11.25 -16.07
C ASN B 83 5.82 -10.31 -15.70
N LYS B 84 4.77 -10.89 -15.11
CA LYS B 84 3.63 -10.13 -14.64
C LYS B 84 3.92 -9.31 -13.41
N ILE B 85 4.91 -9.72 -12.63
CA ILE B 85 5.35 -8.98 -11.45
C ILE B 85 6.02 -7.67 -11.88
N GLY B 86 6.72 -7.70 -13.02
CA GLY B 86 7.34 -6.50 -13.56
C GLY B 86 6.28 -5.55 -14.11
N GLN B 87 5.20 -6.14 -14.60
CA GLN B 87 4.06 -5.40 -15.13
C GLN B 87 3.16 -4.90 -14.00
N LEU B 88 3.19 -5.61 -12.86
CA LEU B 88 2.46 -5.26 -11.67
C LEU B 88 3.08 -4.05 -11.04
N PHE B 89 4.40 -4.09 -10.89
CA PHE B 89 5.16 -2.97 -10.35
C PHE B 89 5.17 -1.78 -11.28
N ASP B 90 5.07 -2.05 -12.58
CA ASP B 90 4.89 -1.00 -13.60
C ASP B 90 3.59 -0.26 -13.32
N ASP B 91 2.53 -1.05 -13.13
CA ASP B 91 1.16 -0.58 -12.87
C ASP B 91 1.10 0.22 -11.55
N VAL B 92 1.80 -0.30 -10.53
CA VAL B 92 1.95 0.35 -9.22
C VAL B 92 2.58 1.75 -9.38
N ASN B 93 3.67 1.83 -10.13
CA ASN B 93 4.37 3.10 -10.33
C ASN B 93 3.59 4.06 -11.24
N LYS B 94 2.71 3.51 -12.10
CA LYS B 94 1.82 4.33 -12.93
C LYS B 94 0.80 5.05 -12.04
N ALA B 95 0.33 4.33 -11.00
CA ALA B 95 -0.60 4.86 -10.01
C ALA B 95 0.06 5.98 -9.21
N VAL B 96 1.31 5.74 -8.85
CA VAL B 96 2.15 6.70 -8.14
C VAL B 96 2.28 7.99 -8.94
N SER B 97 2.62 7.86 -10.21
CA SER B 97 2.79 8.98 -11.11
C SER B 97 1.48 9.78 -11.32
N ASP B 98 0.35 9.09 -11.25
CA ASP B 98 -0.97 9.71 -11.41
C ASP B 98 -1.35 10.52 -10.18
N LEU B 99 -1.09 10.00 -9.00
CA LEU B 99 -1.43 10.69 -7.78
C LEU B 99 -0.42 11.76 -7.38
N LYS B 100 0.86 11.57 -7.71
CA LYS B 100 1.89 12.56 -7.40
C LYS B 100 1.74 13.81 -8.30
N ASN B 101 0.98 13.64 -9.40
CA ASN B 101 0.64 14.69 -10.37
C ASN B 101 -0.20 15.80 -9.68
N SER B 102 -0.94 15.42 -8.63
CA SER B 102 -1.75 16.36 -7.85
C SER B 102 -0.93 17.02 -6.72
N GLY B 103 0.35 16.68 -6.65
CA GLY B 103 1.21 17.21 -5.62
C GLY B 103 1.15 16.37 -4.36
N ILE B 104 0.77 15.12 -4.51
CA ILE B 104 0.63 14.22 -3.39
C ILE B 104 1.92 13.42 -3.19
N THR B 105 2.32 13.25 -1.94
CA THR B 105 3.45 12.43 -1.63
C THR B 105 3.02 10.97 -1.72
N THR B 106 3.41 10.32 -2.79
CA THR B 106 3.08 8.95 -3.01
C THR B 106 4.39 8.18 -3.05
N ARG B 107 4.52 7.19 -2.19
CA ARG B 107 5.74 6.42 -2.08
C ARG B 107 5.43 4.94 -2.36
N ILE B 108 6.46 4.15 -2.63
CA ILE B 108 6.32 2.71 -2.92
C ILE B 108 7.19 1.96 -1.94
N LEU B 109 6.60 1.06 -1.20
CA LEU B 109 7.36 0.24 -0.29
C LEU B 109 7.25 -1.21 -0.68
N ASN B 110 8.33 -1.94 -0.56
CA ASN B 110 8.37 -3.33 -1.01
C ASN B 110 8.55 -4.25 0.16
N LEU B 111 7.63 -5.17 0.30
CA LEU B 111 7.60 -6.15 1.36
C LEU B 111 7.29 -7.50 0.73
N THR B 112 7.50 -8.55 1.45
CA THR B 112 7.07 -9.84 0.99
C THR B 112 5.83 -10.26 1.82
N LEU B 113 5.35 -11.48 1.63
CA LEU B 113 4.14 -11.95 2.30
C LEU B 113 4.28 -12.07 3.83
N GLU B 114 5.48 -12.40 4.32
CA GLU B 114 5.68 -12.58 5.75
C GLU B 114 5.48 -11.27 6.54
N GLU B 115 5.87 -10.12 5.94
CA GLU B 115 5.64 -8.80 6.55
C GLU B 115 4.16 -8.51 6.60
N ARG B 116 3.47 -8.89 5.52
CA ARG B 116 2.02 -8.74 5.39
C ARG B 116 1.29 -9.52 6.49
N GLU B 117 1.78 -10.72 6.80
CA GLU B 117 1.16 -11.54 7.83
C GLU B 117 1.27 -10.88 9.21
N SER B 118 2.41 -10.25 9.49
CA SER B 118 2.64 -9.59 10.76
C SER B 118 1.92 -8.24 10.91
N SER B 119 1.64 -7.55 9.79
CA SER B 119 0.86 -6.33 9.85
C SER B 119 -0.58 -6.67 10.18
N LYS B 120 -1.05 -7.80 9.64
CA LYS B 120 -2.39 -8.30 9.91
C LYS B 120 -2.52 -8.77 11.37
N GLU B 121 -1.38 -9.23 11.95
CA GLU B 121 -1.32 -9.63 13.38
C GLU B 121 -1.57 -8.43 14.29
N GLU B 122 -1.17 -7.25 13.83
CA GLU B 122 -1.35 -6.01 14.60
C GLU B 122 -2.52 -5.18 14.07
N ASN B 123 -3.30 -5.80 13.17
CA ASN B 123 -4.49 -5.25 12.41
C ASN B 123 -4.22 -3.91 11.69
N ILE B 124 -2.99 -3.73 11.29
CA ILE B 124 -2.57 -2.51 10.61
C ILE B 124 -2.23 -2.81 9.18
N SER B 125 -2.30 -1.81 8.36
CA SER B 125 -2.03 -1.97 6.96
C SER B 125 -0.54 -2.10 6.70
N MET B 126 -0.20 -2.77 5.60
CA MET B 126 1.19 -3.01 5.22
C MET B 126 1.96 -1.75 4.93
N GLY B 127 1.23 -0.66 4.64
CA GLY B 127 1.86 0.62 4.42
C GLY B 127 2.60 1.10 5.64
N ARG B 128 1.88 1.30 6.72
CA ARG B 128 2.47 1.72 7.98
C ARG B 128 3.45 0.70 8.56
N TYR B 129 3.21 -0.58 8.31
CA TYR B 129 4.14 -1.63 8.73
C TYR B 129 5.44 -1.58 7.90
N ALA B 130 5.35 -1.10 6.68
CA ALA B 130 6.52 -0.91 5.83
C ALA B 130 7.35 0.24 6.33
N VAL B 131 6.68 1.25 6.91
CA VAL B 131 7.36 2.39 7.50
C VAL B 131 8.02 1.95 8.83
N TYR B 132 7.41 0.93 9.46
CA TYR B 132 7.97 0.27 10.63
C TYR B 132 9.30 -0.40 10.28
N LEU B 133 9.33 -1.04 9.09
CA LEU B 133 10.56 -1.63 8.58
C LEU B 133 11.62 -0.57 8.43
N LYS B 134 11.24 0.57 7.81
CA LYS B 134 12.14 1.69 7.57
C LYS B 134 12.72 2.26 8.86
N ALA B 135 11.89 2.34 9.91
CA ALA B 135 12.29 2.81 11.23
C ALA B 135 13.41 1.95 11.79
N LYS B 136 13.22 0.65 11.72
CA LYS B 136 14.20 -0.27 12.25
C LYS B 136 15.43 -0.42 11.32
N GLU B 137 15.29 -0.02 10.05
CA GLU B 137 16.42 0.01 9.12
C GLU B 137 17.30 1.22 9.43
N GLN B 138 16.65 2.32 9.78
CA GLN B 138 17.33 3.60 10.01
C GLN B 138 17.80 3.80 11.45
N ASN B 139 17.47 2.82 12.32
CA ASN B 139 17.85 2.79 13.77
C ASN B 139 17.04 3.85 14.58
N VAL B 140 15.87 4.15 14.08
CA VAL B 140 14.95 5.07 14.70
C VAL B 140 13.88 4.21 15.40
N ASN B 141 13.73 4.33 16.70
CA ASN B 141 12.85 3.45 17.45
C ASN B 141 11.38 3.83 17.41
N LEU B 142 10.73 3.51 16.32
CA LEU B 142 9.29 3.59 16.25
C LEU B 142 8.78 2.22 16.54
N THR B 143 8.09 2.10 17.63
CA THR B 143 7.56 0.85 18.06
C THR B 143 6.28 0.54 17.29
N ILE B 144 5.79 -0.69 17.39
CA ILE B 144 4.52 -1.09 16.78
C ILE B 144 3.35 -0.26 17.34
N ASP B 145 3.47 0.10 18.62
CA ASP B 145 2.53 0.97 19.35
C ASP B 145 2.44 2.33 18.67
N GLU B 146 3.61 2.86 18.31
CA GLU B 146 3.75 4.15 17.65
C GLU B 146 3.17 4.08 16.23
N ILE B 147 3.52 3.02 15.51
CA ILE B 147 3.09 2.76 14.13
C ILE B 147 1.56 2.64 14.00
N LYS B 148 0.93 1.98 14.96
CA LYS B 148 -0.50 1.76 14.90
C LYS B 148 -1.32 2.93 15.40
N ASP B 149 -0.72 3.80 16.19
CA ASP B 149 -1.50 4.89 16.76
C ASP B 149 -1.26 6.22 16.05
N ALA B 150 -0.11 6.37 15.43
CA ALA B 150 0.19 7.58 14.70
C ALA B 150 -0.26 7.44 13.26
N ASP B 151 -0.43 8.55 12.59
CA ASP B 151 -0.88 8.54 11.21
C ASP B 151 0.29 8.31 10.30
N LEU B 152 0.01 7.91 9.07
CA LEU B 152 1.01 7.67 8.02
C LEU B 152 1.65 9.01 7.64
N LEU B 153 0.89 10.09 7.87
CA LEU B 153 1.34 11.47 7.70
C LEU B 153 2.52 11.75 8.62
N GLU B 154 2.39 11.29 9.88
CA GLU B 154 3.44 11.45 10.90
C GLU B 154 4.62 10.56 10.57
N LEU B 155 4.31 9.29 10.27
CA LEU B 155 5.28 8.23 10.02
C LEU B 155 6.21 8.55 8.84
N ILE B 156 5.64 8.81 7.68
CA ILE B 156 6.43 9.07 6.48
C ILE B 156 7.17 10.42 6.51
N ALA B 157 6.54 11.45 7.07
CA ALA B 157 7.21 12.77 7.23
C ALA B 157 8.50 12.62 8.02
N LYS B 158 8.47 11.92 9.14
CA LYS B 158 9.69 11.77 9.92
C LYS B 158 10.71 10.83 9.25
N LEU B 159 10.26 9.67 8.77
CA LEU B 159 11.15 8.66 8.13
C LEU B 159 11.85 9.13 6.86
N GLU B 160 11.12 9.83 6.01
CA GLU B 160 11.69 10.34 4.78
C GLU B 160 12.58 11.53 5.02
N HIS B 161 12.31 12.26 6.11
CA HIS B 161 13.08 13.47 6.40
C HIS B 161 14.27 13.19 7.30
N HIS B 162 14.53 11.91 7.54
CA HIS B 162 15.71 11.46 8.26
C HIS B 162 16.91 11.41 7.29
N HIS B 163 18.08 11.06 7.79
CA HIS B 163 19.29 11.08 6.96
C HIS B 163 19.60 9.68 6.35
N HIS B 164 18.70 8.74 6.48
CA HIS B 164 18.90 7.43 5.84
C HIS B 164 17.87 7.28 4.73
N HIS B 165 18.24 7.70 3.55
CA HIS B 165 17.31 7.68 2.43
C HIS B 165 17.33 6.40 1.64
N HIS B 166 16.19 5.76 1.65
CA HIS B 166 15.82 4.57 0.88
C HIS B 166 14.39 4.20 1.29
N MET A 1 -2.74 -17.35 -3.27
CA MET A 1 -1.95 -16.46 -2.43
C MET A 1 -0.81 -15.97 -3.29
N TYR A 2 -0.94 -14.78 -3.85
CA TYR A 2 0.03 -14.30 -4.79
C TYR A 2 0.63 -12.97 -4.32
N ALA A 3 -0.07 -11.89 -4.56
CA ALA A 3 0.39 -10.58 -4.18
C ALA A 3 -0.72 -9.86 -3.47
N TYR A 4 -0.36 -9.05 -2.55
CA TYR A 4 -1.30 -8.28 -1.78
C TYR A 4 -0.82 -6.86 -1.74
N VAL A 5 -1.60 -5.96 -2.25
CA VAL A 5 -1.22 -4.56 -2.31
C VAL A 5 -1.91 -3.81 -1.18
N GLY A 6 -1.13 -3.22 -0.33
CA GLY A 6 -1.65 -2.48 0.77
C GLY A 6 -1.62 -1.03 0.48
N ILE A 7 -2.77 -0.43 0.52
CA ILE A 7 -2.93 0.96 0.31
C ILE A 7 -3.18 1.58 1.65
N ASP A 8 -2.29 2.42 2.05
CA ASP A 8 -2.42 3.07 3.30
C ASP A 8 -2.43 4.56 3.03
N ILE A 9 -3.47 5.20 3.47
CA ILE A 9 -3.64 6.64 3.28
C ILE A 9 -4.06 7.21 4.61
N ASN A 10 -3.20 7.97 5.24
CA ASN A 10 -3.49 8.73 6.50
C ASN A 10 -3.85 7.78 7.68
N PRO B 1 -7.54 5.58 5.45
CA PRO B 1 -8.03 4.39 4.80
C PRO B 1 -6.93 3.33 4.67
N SER B 2 -7.14 2.20 5.33
CA SER B 2 -6.22 1.06 5.24
C SER B 2 -6.90 -0.09 4.43
N ILE B 3 -6.39 -0.39 3.23
CA ILE B 3 -7.01 -1.40 2.34
C ILE B 3 -5.96 -2.42 1.87
N GLU B 4 -6.35 -3.67 1.79
CA GLU B 4 -5.53 -4.74 1.25
C GLU B 4 -6.22 -5.28 -0.01
N LEU B 5 -5.55 -5.19 -1.12
CA LEU B 5 -6.05 -5.70 -2.39
C LEU B 5 -5.47 -7.06 -2.65
N TRP B 6 -6.33 -8.03 -2.76
CA TRP B 6 -5.94 -9.41 -3.03
C TRP B 6 -5.70 -9.61 -4.51
N ILE B 7 -4.46 -9.66 -4.89
CA ILE B 7 -4.09 -9.78 -6.29
C ILE B 7 -3.86 -11.24 -6.62
N ASN B 8 -4.57 -11.72 -7.59
CA ASN B 8 -4.50 -13.11 -8.04
C ASN B 8 -3.47 -13.31 -9.15
N TYR B 9 -3.46 -14.50 -9.73
CA TYR B 9 -2.50 -14.92 -10.74
C TYR B 9 -2.82 -14.29 -12.13
N ASN B 10 -3.96 -13.63 -12.21
CA ASN B 10 -4.43 -12.99 -13.44
C ASN B 10 -4.16 -11.45 -13.34
N ASN B 11 -3.45 -11.03 -12.25
CA ASN B 11 -3.10 -9.60 -11.96
C ASN B 11 -4.37 -8.76 -11.71
N LYS B 12 -5.40 -9.42 -11.26
CA LYS B 12 -6.69 -8.83 -10.97
C LYS B 12 -6.94 -8.91 -9.48
N ILE B 13 -7.85 -8.10 -9.02
CA ILE B 13 -8.19 -8.05 -7.63
C ILE B 13 -9.34 -9.04 -7.34
N ALA B 14 -9.11 -9.91 -6.43
CA ALA B 14 -10.08 -10.91 -6.03
C ALA B 14 -11.08 -10.30 -5.04
N GLU B 15 -10.55 -9.62 -4.03
CA GLU B 15 -11.36 -8.95 -3.02
C GLU B 15 -10.53 -7.85 -2.37
N ALA B 16 -11.21 -6.83 -1.86
CA ALA B 16 -10.56 -5.73 -1.18
C ALA B 16 -10.96 -5.72 0.27
N LYS B 17 -10.00 -5.67 1.16
CA LYS B 17 -10.28 -5.69 2.57
C LYS B 17 -10.00 -4.39 3.23
N ALA B 18 -10.92 -3.99 4.05
CA ALA B 18 -10.82 -2.79 4.81
C ALA B 18 -10.39 -3.11 6.22
N LEU B 19 -9.21 -2.69 6.55
CA LEU B 19 -8.61 -2.99 7.84
C LEU B 19 -9.02 -1.98 8.89
N ASN B 20 -9.50 -0.84 8.44
CA ASN B 20 -9.92 0.21 9.34
C ASN B 20 -11.26 0.75 8.84
N GLY B 21 -12.05 1.35 9.74
CA GLY B 21 -13.42 1.81 9.44
C GLY B 21 -13.54 2.87 8.37
N ASP B 22 -12.52 3.68 8.27
CA ASP B 22 -12.40 4.73 7.28
C ASP B 22 -12.36 4.14 5.86
N ALA B 23 -11.68 3.01 5.74
CA ALA B 23 -11.51 2.29 4.49
C ALA B 23 -12.77 1.57 4.11
N GLU B 24 -13.58 1.19 5.10
CA GLU B 24 -14.87 0.52 4.84
C GLU B 24 -15.80 1.50 4.15
N THR B 25 -15.68 2.74 4.59
CA THR B 25 -16.46 3.87 4.09
C THR B 25 -15.92 4.28 2.69
N VAL B 26 -14.70 3.90 2.37
CA VAL B 26 -14.18 4.14 1.04
C VAL B 26 -14.65 3.03 0.09
N LEU B 27 -14.50 1.76 0.51
CA LEU B 27 -14.84 0.57 -0.32
C LEU B 27 -16.30 0.52 -0.73
N GLU B 28 -17.19 1.01 0.13
CA GLU B 28 -18.63 1.03 -0.11
C GLU B 28 -18.98 1.89 -1.35
N GLY B 29 -19.42 1.23 -2.40
CA GLY B 29 -19.81 1.92 -3.61
C GLY B 29 -18.76 1.84 -4.69
N LEU B 30 -17.60 1.30 -4.36
CA LEU B 30 -16.54 1.10 -5.32
C LEU B 30 -16.41 -0.38 -5.63
N GLU B 31 -16.47 -0.75 -6.89
CA GLU B 31 -16.25 -2.12 -7.26
C GLU B 31 -14.81 -2.22 -7.73
N LEU B 32 -14.03 -2.97 -6.99
CA LEU B 32 -12.59 -3.00 -7.19
C LEU B 32 -12.08 -4.35 -7.69
N LYS B 33 -12.94 -5.17 -8.26
CA LYS B 33 -12.52 -6.54 -8.63
C LYS B 33 -11.75 -6.65 -9.95
N GLU B 34 -12.31 -6.18 -11.03
CA GLU B 34 -11.61 -6.25 -12.30
C GLU B 34 -10.97 -4.96 -12.68
N LYS B 35 -10.37 -4.41 -11.70
CA LYS B 35 -9.68 -3.19 -11.75
C LYS B 35 -8.23 -3.56 -11.56
N THR B 36 -7.35 -2.74 -12.03
CA THR B 36 -5.95 -2.95 -11.81
C THR B 36 -5.55 -2.34 -10.47
N VAL B 37 -4.25 -2.39 -10.14
CA VAL B 37 -3.76 -1.81 -8.91
C VAL B 37 -3.91 -0.29 -9.02
N ALA B 38 -3.55 0.24 -10.19
CA ALA B 38 -3.65 1.66 -10.50
C ALA B 38 -5.08 2.16 -10.44
N GLU B 39 -6.03 1.33 -10.90
CA GLU B 39 -7.42 1.68 -10.82
C GLU B 39 -7.93 1.65 -9.40
N ALA B 40 -7.51 0.66 -8.62
CA ALA B 40 -7.88 0.55 -7.21
C ALA B 40 -7.40 1.75 -6.44
N VAL B 41 -6.12 2.14 -6.65
CA VAL B 41 -5.54 3.33 -6.03
C VAL B 41 -6.33 4.56 -6.44
N ASN B 42 -6.64 4.67 -7.72
CA ASN B 42 -7.39 5.80 -8.28
C ASN B 42 -8.77 5.94 -7.63
N GLU B 43 -9.54 4.84 -7.57
CA GLU B 43 -10.90 4.83 -6.97
C GLU B 43 -10.85 5.22 -5.50
N ILE B 44 -9.96 4.54 -4.74
CA ILE B 44 -9.77 4.76 -3.31
C ILE B 44 -9.37 6.21 -3.02
N VAL B 45 -8.33 6.70 -3.70
CA VAL B 45 -7.82 8.06 -3.48
C VAL B 45 -8.84 9.11 -3.88
N GLN B 46 -9.52 8.92 -5.01
CA GLN B 46 -10.50 9.89 -5.47
C GLN B 46 -11.68 10.02 -4.55
N LYS B 47 -12.16 8.89 -4.03
CA LYS B 47 -13.29 8.91 -3.13
C LYS B 47 -12.87 9.46 -1.75
N SER B 48 -11.67 9.08 -1.29
CA SER B 48 -11.12 9.57 -0.03
C SER B 48 -10.91 11.10 -0.09
N MET B 49 -10.65 11.60 -1.28
CA MET B 49 -10.43 13.00 -1.52
C MET B 49 -11.74 13.78 -1.45
N GLU B 50 -12.83 13.16 -1.94
CA GLU B 50 -14.17 13.76 -1.88
C GLU B 50 -14.62 13.94 -0.44
N LEU B 51 -14.40 12.88 0.34
CA LEU B 51 -14.80 12.84 1.74
C LEU B 51 -13.87 13.65 2.67
N GLY B 52 -12.63 13.88 2.23
CA GLY B 52 -11.73 14.73 3.00
C GLY B 52 -10.66 13.99 3.79
N PHE B 53 -10.38 12.76 3.42
CA PHE B 53 -9.32 11.97 4.08
C PHE B 53 -7.97 12.32 3.45
N ILE B 54 -8.01 12.79 2.22
CA ILE B 54 -6.83 13.19 1.52
C ILE B 54 -7.15 14.43 0.65
N SER B 55 -6.18 15.28 0.45
CA SER B 55 -6.31 16.51 -0.27
C SER B 55 -5.33 16.55 -1.46
N ARG B 56 -5.51 17.50 -2.40
CA ARG B 56 -4.54 17.68 -3.50
C ARG B 56 -3.49 18.74 -3.15
N GLU B 57 -3.98 19.85 -2.63
CA GLU B 57 -3.18 21.05 -2.39
C GLU B 57 -2.61 21.07 -1.00
N LYS B 58 -3.33 20.45 -0.10
CA LYS B 58 -2.93 20.42 1.29
C LYS B 58 -2.15 19.13 1.48
N GLU B 59 -1.52 18.95 2.64
CA GLU B 59 -0.70 17.77 2.89
C GLU B 59 -1.47 16.47 2.81
N ASN B 60 -0.88 15.55 2.14
CA ASN B 60 -1.46 14.31 1.74
C ASN B 60 -0.44 13.22 1.77
N ILE B 61 -0.89 11.98 1.87
CA ILE B 61 0.00 10.87 1.91
C ILE B 61 -0.70 9.62 1.31
N ILE B 62 0.01 8.93 0.45
CA ILE B 62 -0.41 7.66 -0.13
C ILE B 62 0.80 6.74 -0.07
N LEU B 63 0.67 5.66 0.61
CA LEU B 63 1.74 4.73 0.68
C LEU B 63 1.29 3.40 0.13
N ILE B 64 1.93 3.00 -0.92
CA ILE B 64 1.63 1.77 -1.57
C ILE B 64 2.72 0.78 -1.22
N SER B 65 2.38 -0.16 -0.42
CA SER B 65 3.30 -1.18 -0.02
C SER B 65 2.69 -2.52 -0.28
N THR B 66 3.39 -3.33 -0.97
CA THR B 66 2.85 -4.59 -1.39
C THR B 66 3.80 -5.71 -1.03
N ALA B 67 3.22 -6.85 -0.69
CA ALA B 67 3.93 -8.04 -0.35
C ALA B 67 3.50 -9.13 -1.29
N CYS B 68 4.45 -9.83 -1.82
CA CYS B 68 4.17 -10.92 -2.71
C CYS B 68 5.11 -12.08 -2.46
N ASP B 69 4.62 -13.29 -2.61
CA ASP B 69 5.49 -14.44 -2.57
C ASP B 69 5.49 -15.03 -3.95
N LEU B 70 6.61 -15.52 -4.37
CA LEU B 70 6.64 -16.15 -5.63
C LEU B 70 6.93 -17.65 -5.55
N LYS B 71 6.06 -18.37 -4.86
CA LYS B 71 6.12 -19.83 -4.93
C LYS B 71 5.13 -20.30 -5.97
N ALA B 72 4.28 -19.36 -6.42
CA ALA B 72 3.29 -19.57 -7.46
C ALA B 72 3.95 -20.07 -8.72
N GLY B 73 3.41 -21.12 -9.23
CA GLY B 73 3.99 -21.80 -10.33
C GLY B 73 4.15 -23.23 -9.93
N GLU B 74 4.77 -23.41 -8.74
CA GLU B 74 5.10 -24.69 -8.06
C GLU B 74 5.84 -25.73 -8.91
N GLY B 75 5.13 -26.41 -9.79
CA GLY B 75 5.76 -27.34 -10.70
C GLY B 75 6.33 -26.57 -11.89
N SER B 76 5.67 -25.49 -12.23
CA SER B 76 6.05 -24.59 -13.29
C SER B 76 7.13 -23.61 -12.80
N GLU B 77 7.88 -23.07 -13.73
CA GLU B 77 8.96 -22.16 -13.43
C GLU B 77 8.42 -20.72 -13.26
N ASN B 78 9.18 -19.89 -12.59
CA ASN B 78 8.80 -18.52 -12.20
C ASN B 78 9.10 -17.44 -13.24
N LYS B 79 9.34 -17.79 -14.49
CA LYS B 79 9.71 -16.75 -15.49
C LYS B 79 8.49 -15.94 -15.91
N ASP B 80 7.40 -16.63 -16.21
CA ASP B 80 6.12 -15.99 -16.58
C ASP B 80 5.56 -15.27 -15.36
N VAL B 81 5.82 -15.85 -14.21
CA VAL B 81 5.40 -15.32 -12.92
C VAL B 81 6.10 -13.96 -12.65
N GLN B 82 7.40 -13.88 -12.95
CA GLN B 82 8.14 -12.63 -12.82
C GLN B 82 7.75 -11.62 -13.88
N ASN B 83 7.31 -12.10 -15.03
CA ASN B 83 6.77 -11.23 -16.08
C ASN B 83 5.50 -10.54 -15.61
N LYS B 84 4.65 -11.28 -14.89
CA LYS B 84 3.43 -10.72 -14.27
C LYS B 84 3.79 -9.67 -13.25
N ILE B 85 4.84 -9.97 -12.47
CA ILE B 85 5.37 -9.07 -11.44
C ILE B 85 5.93 -7.76 -12.05
N GLY B 86 6.48 -7.86 -13.25
CA GLY B 86 7.01 -6.68 -13.93
C GLY B 86 5.88 -5.75 -14.33
N GLN B 87 4.79 -6.34 -14.78
CA GLN B 87 3.60 -5.62 -15.22
C GLN B 87 2.81 -5.10 -14.01
N LEU B 88 2.85 -5.86 -12.91
CA LEU B 88 2.19 -5.52 -11.66
C LEU B 88 2.81 -4.27 -11.08
N PHE B 89 4.14 -4.27 -10.96
CA PHE B 89 4.86 -3.15 -10.42
C PHE B 89 4.90 -1.97 -11.35
N ASP B 90 4.76 -2.22 -12.63
CA ASP B 90 4.63 -1.15 -13.62
C ASP B 90 3.33 -0.39 -13.36
N ASP B 91 2.28 -1.15 -13.08
CA ASP B 91 0.94 -0.62 -12.83
C ASP B 91 0.90 0.10 -11.46
N VAL B 92 1.65 -0.45 -10.48
CA VAL B 92 1.85 0.19 -9.15
C VAL B 92 2.49 1.58 -9.31
N ASN B 93 3.56 1.63 -10.09
CA ASN B 93 4.30 2.87 -10.31
C ASN B 93 3.52 3.85 -11.20
N LYS B 94 2.65 3.33 -12.06
CA LYS B 94 1.74 4.14 -12.86
C LYS B 94 0.71 4.82 -11.99
N ALA B 95 0.25 4.10 -10.95
CA ALA B 95 -0.67 4.63 -9.95
C ALA B 95 -0.04 5.77 -9.22
N VAL B 96 1.21 5.56 -8.82
CA VAL B 96 2.00 6.56 -8.12
C VAL B 96 2.15 7.82 -8.96
N SER B 97 2.57 7.65 -10.22
CA SER B 97 2.79 8.76 -11.15
C SER B 97 1.50 9.55 -11.46
N ASP B 98 0.36 8.86 -11.44
CA ASP B 98 -0.93 9.49 -11.73
C ASP B 98 -1.45 10.27 -10.53
N LEU B 99 -1.34 9.69 -9.35
CA LEU B 99 -1.85 10.32 -8.15
C LEU B 99 -0.93 11.40 -7.57
N LYS B 100 0.41 11.18 -7.60
CA LYS B 100 1.37 12.18 -7.07
C LYS B 100 1.46 13.41 -7.96
N ASN B 101 0.99 13.26 -9.19
CA ASN B 101 0.88 14.31 -10.21
C ASN B 101 0.01 15.49 -9.71
N SER B 102 -0.91 15.19 -8.80
CA SER B 102 -1.82 16.16 -8.23
C SER B 102 -1.22 16.85 -6.97
N GLY B 103 0.09 16.68 -6.76
CA GLY B 103 0.77 17.30 -5.64
C GLY B 103 0.65 16.46 -4.40
N ILE B 104 0.68 15.16 -4.58
CA ILE B 104 0.50 14.24 -3.49
C ILE B 104 1.80 13.51 -3.15
N THR B 105 2.05 13.32 -1.86
CA THR B 105 3.18 12.57 -1.40
C THR B 105 2.86 11.06 -1.50
N THR B 106 3.39 10.40 -2.50
CA THR B 106 3.17 8.99 -2.69
C THR B 106 4.53 8.27 -2.69
N ARG B 107 4.59 7.13 -2.04
CA ARG B 107 5.83 6.38 -1.91
C ARG B 107 5.52 4.88 -2.09
N ILE B 108 6.50 4.11 -2.58
CA ILE B 108 6.34 2.68 -2.81
C ILE B 108 7.30 1.93 -1.89
N LEU B 109 6.82 0.96 -1.18
CA LEU B 109 7.67 0.09 -0.40
C LEU B 109 7.31 -1.34 -0.71
N ASN B 110 8.30 -2.20 -0.80
CA ASN B 110 8.04 -3.59 -1.16
C ASN B 110 8.51 -4.51 -0.09
N LEU B 111 7.64 -5.38 0.30
CA LEU B 111 7.86 -6.33 1.36
C LEU B 111 7.59 -7.72 0.78
N THR B 112 8.02 -8.75 1.45
CA THR B 112 7.66 -10.08 1.03
C THR B 112 6.46 -10.55 1.85
N LEU B 113 5.90 -11.69 1.48
CA LEU B 113 4.66 -12.23 2.08
C LEU B 113 4.72 -12.37 3.60
N GLU B 114 5.88 -12.76 4.14
CA GLU B 114 6.05 -12.95 5.59
C GLU B 114 5.90 -11.64 6.39
N GLU B 115 6.25 -10.49 5.76
CA GLU B 115 6.05 -9.19 6.40
C GLU B 115 4.57 -8.87 6.45
N ARG B 116 3.84 -9.28 5.39
CA ARG B 116 2.38 -9.09 5.35
C ARG B 116 1.74 -9.85 6.48
N GLU B 117 2.15 -11.10 6.66
CA GLU B 117 1.61 -12.00 7.69
C GLU B 117 1.73 -11.38 9.09
N SER B 118 2.83 -10.68 9.33
CA SER B 118 3.09 -10.01 10.59
C SER B 118 2.18 -8.76 10.75
N SER B 119 1.96 -8.00 9.66
CA SER B 119 1.07 -6.84 9.70
C SER B 119 -0.41 -7.26 9.84
N LYS B 120 -0.74 -8.47 9.36
CA LYS B 120 -2.08 -9.04 9.47
C LYS B 120 -2.39 -9.34 10.93
N GLU B 121 -1.38 -9.82 11.67
CA GLU B 121 -1.48 -10.12 13.10
C GLU B 121 -1.84 -8.87 13.89
N GLU B 122 -1.23 -7.75 13.52
CA GLU B 122 -1.46 -6.48 14.20
C GLU B 122 -2.60 -5.68 13.59
N ASN B 123 -3.27 -6.29 12.61
CA ASN B 123 -4.33 -5.70 11.75
C ASN B 123 -4.04 -4.29 11.29
N ILE B 124 -2.91 -4.17 10.63
CA ILE B 124 -2.45 -2.93 10.06
C ILE B 124 -2.09 -3.17 8.63
N SER B 125 -2.08 -2.11 7.85
CA SER B 125 -1.76 -2.22 6.46
C SER B 125 -0.26 -2.34 6.30
N MET B 126 0.14 -2.92 5.19
CA MET B 126 1.56 -3.11 4.86
C MET B 126 2.25 -1.80 4.64
N GLY B 127 1.47 -0.74 4.36
CA GLY B 127 2.02 0.59 4.22
C GLY B 127 2.70 1.05 5.48
N ARG B 128 1.94 1.15 6.55
CA ARG B 128 2.50 1.56 7.84
C ARG B 128 3.51 0.54 8.41
N TYR B 129 3.34 -0.73 8.06
CA TYR B 129 4.29 -1.74 8.46
C TYR B 129 5.64 -1.60 7.69
N ALA B 130 5.59 -1.08 6.47
CA ALA B 130 6.80 -0.88 5.67
C ALA B 130 7.63 0.26 6.24
N VAL B 131 6.96 1.29 6.74
CA VAL B 131 7.65 2.37 7.42
C VAL B 131 8.16 1.96 8.80
N TYR B 132 7.57 0.90 9.37
CA TYR B 132 8.10 0.24 10.58
C TYR B 132 9.49 -0.34 10.29
N LEU B 133 9.62 -1.04 9.15
CA LEU B 133 10.92 -1.58 8.70
C LEU B 133 11.90 -0.45 8.40
N LYS B 134 11.39 0.58 7.69
CA LYS B 134 12.17 1.78 7.29
C LYS B 134 12.76 2.46 8.51
N ALA B 135 11.93 2.60 9.56
CA ALA B 135 12.29 3.24 10.82
C ALA B 135 13.48 2.57 11.46
N LYS B 136 13.44 1.25 11.51
CA LYS B 136 14.50 0.47 12.14
C LYS B 136 15.81 0.56 11.35
N GLU B 137 15.69 0.68 10.01
CA GLU B 137 16.85 0.85 9.12
C GLU B 137 17.46 2.26 9.29
N GLN B 138 16.58 3.24 9.55
CA GLN B 138 16.99 4.64 9.74
C GLN B 138 17.49 4.90 11.16
N ASN B 139 17.37 3.87 12.02
CA ASN B 139 17.80 3.87 13.43
C ASN B 139 16.87 4.69 14.33
N VAL B 140 15.65 4.89 13.86
CA VAL B 140 14.63 5.58 14.64
C VAL B 140 13.75 4.45 15.18
N ASN B 141 13.72 4.23 16.47
CA ASN B 141 13.02 3.05 16.97
C ASN B 141 11.53 3.29 17.16
N LEU B 142 10.76 3.06 16.13
CA LEU B 142 9.31 3.13 16.21
C LEU B 142 8.77 1.77 16.53
N THR B 143 8.10 1.67 17.64
CA THR B 143 7.45 0.48 18.09
C THR B 143 6.13 0.26 17.27
N ILE B 144 5.64 -0.98 17.20
CA ILE B 144 4.36 -1.33 16.52
C ILE B 144 3.16 -0.52 17.09
N ASP B 145 3.20 -0.24 18.41
CA ASP B 145 2.18 0.60 19.11
C ASP B 145 2.06 1.98 18.47
N GLU B 146 3.21 2.56 18.12
CA GLU B 146 3.29 3.83 17.41
C GLU B 146 2.65 3.68 16.03
N ILE B 147 3.18 2.73 15.26
CA ILE B 147 2.81 2.42 13.86
C ILE B 147 1.28 2.24 13.65
N LYS B 148 0.65 1.52 14.56
CA LYS B 148 -0.78 1.23 14.44
C LYS B 148 -1.68 2.39 14.84
N ASP B 149 -1.28 3.15 15.84
CA ASP B 149 -2.15 4.18 16.40
C ASP B 149 -1.94 5.54 15.73
N ALA B 150 -0.76 5.73 15.16
CA ALA B 150 -0.38 6.99 14.55
C ALA B 150 -1.00 7.19 13.18
N ASP B 151 -0.91 8.41 12.75
CA ASP B 151 -1.33 8.85 11.47
C ASP B 151 -0.16 8.60 10.51
N LEU B 152 -0.45 8.14 9.31
CA LEU B 152 0.59 7.80 8.33
C LEU B 152 1.29 9.05 7.78
N LEU B 153 0.61 10.19 7.81
CA LEU B 153 1.20 11.44 7.36
C LEU B 153 2.24 11.86 8.39
N GLU B 154 1.91 11.64 9.67
CA GLU B 154 2.83 11.91 10.77
C GLU B 154 4.01 10.96 10.76
N LEU B 155 3.76 9.69 10.44
CA LEU B 155 4.80 8.66 10.32
C LEU B 155 5.77 9.02 9.19
N ILE B 156 5.25 9.22 7.98
CA ILE B 156 6.07 9.55 6.84
C ILE B 156 6.78 10.90 6.94
N ALA B 157 6.17 11.86 7.60
CA ALA B 157 6.83 13.14 7.86
C ALA B 157 8.12 12.96 8.69
N LYS B 158 8.12 12.05 9.66
CA LYS B 158 9.32 11.84 10.47
C LYS B 158 10.30 10.81 9.85
N LEU B 159 9.81 9.99 8.92
CA LEU B 159 10.65 9.02 8.21
C LEU B 159 11.38 9.68 7.05
N GLU B 160 10.70 10.58 6.39
CA GLU B 160 11.26 11.27 5.26
C GLU B 160 11.98 12.54 5.68
N HIS B 161 11.50 13.22 6.72
CA HIS B 161 12.22 14.38 7.21
C HIS B 161 13.07 13.91 8.36
N HIS B 162 14.13 13.25 8.00
CA HIS B 162 15.03 12.64 8.91
C HIS B 162 16.41 12.69 8.27
N HIS B 163 17.43 13.01 9.06
CA HIS B 163 18.84 12.97 8.63
C HIS B 163 19.13 11.49 8.34
N HIS B 164 19.44 11.19 7.07
CA HIS B 164 19.43 9.83 6.48
C HIS B 164 18.00 9.53 6.09
N HIS B 165 17.71 9.85 4.86
CA HIS B 165 16.41 9.77 4.26
C HIS B 165 16.27 8.38 3.62
N HIS B 166 15.10 7.74 3.81
CA HIS B 166 14.78 6.37 3.30
C HIS B 166 15.55 5.31 4.05
N MET A 1 -0.58 -15.70 -1.60
CA MET A 1 -0.89 -16.00 -2.99
C MET A 1 -0.64 -14.79 -3.85
N TYR A 2 0.48 -14.84 -4.56
CA TYR A 2 0.90 -13.86 -5.57
C TYR A 2 1.29 -12.50 -4.98
N ALA A 3 0.34 -11.58 -4.79
CA ALA A 3 0.65 -10.25 -4.28
C ALA A 3 -0.53 -9.65 -3.57
N TYR A 4 -0.23 -8.78 -2.64
CA TYR A 4 -1.22 -8.06 -1.85
C TYR A 4 -0.75 -6.63 -1.73
N VAL A 5 -1.55 -5.73 -2.22
CA VAL A 5 -1.20 -4.33 -2.23
C VAL A 5 -1.92 -3.61 -1.09
N GLY A 6 -1.16 -3.01 -0.23
CA GLY A 6 -1.70 -2.30 0.86
C GLY A 6 -1.68 -0.82 0.60
N ILE A 7 -2.83 -0.25 0.62
CA ILE A 7 -2.99 1.16 0.41
C ILE A 7 -3.32 1.77 1.73
N ASP A 8 -2.48 2.62 2.19
CA ASP A 8 -2.75 3.32 3.40
C ASP A 8 -2.66 4.79 3.06
N ILE A 9 -3.65 5.52 3.47
CA ILE A 9 -3.76 6.94 3.15
C ILE A 9 -3.93 7.76 4.42
N ASN A 10 -3.03 8.76 4.58
CA ASN A 10 -3.05 9.82 5.62
C ASN A 10 -3.25 9.34 7.04
N PRO B 1 -7.48 5.71 5.22
CA PRO B 1 -8.02 4.49 4.65
C PRO B 1 -6.95 3.43 4.55
N SER B 2 -7.18 2.29 5.17
CA SER B 2 -6.25 1.18 5.12
C SER B 2 -6.94 0.01 4.39
N ILE B 3 -6.44 -0.33 3.20
CA ILE B 3 -7.05 -1.34 2.33
C ILE B 3 -5.98 -2.32 1.82
N GLU B 4 -6.37 -3.56 1.66
CA GLU B 4 -5.54 -4.60 1.11
C GLU B 4 -6.21 -5.17 -0.13
N LEU B 5 -5.55 -5.04 -1.25
CA LEU B 5 -6.02 -5.57 -2.50
C LEU B 5 -5.34 -6.89 -2.75
N TRP B 6 -6.11 -7.93 -2.82
CA TRP B 6 -5.61 -9.27 -3.09
C TRP B 6 -5.42 -9.43 -4.56
N ILE B 7 -4.21 -9.60 -4.99
CA ILE B 7 -3.92 -9.69 -6.39
C ILE B 7 -3.71 -11.15 -6.77
N ASN B 8 -4.45 -11.61 -7.76
CA ASN B 8 -4.34 -12.96 -8.26
C ASN B 8 -3.45 -12.97 -9.52
N TYR B 9 -3.23 -14.16 -10.09
CA TYR B 9 -2.29 -14.37 -11.22
C TYR B 9 -2.80 -13.85 -12.57
N ASN B 10 -3.95 -13.21 -12.60
CA ASN B 10 -4.44 -12.58 -13.83
C ASN B 10 -4.21 -11.07 -13.77
N ASN B 11 -3.46 -10.62 -12.73
CA ASN B 11 -3.16 -9.18 -12.46
C ASN B 11 -4.41 -8.39 -12.14
N LYS B 12 -5.39 -9.10 -11.61
CA LYS B 12 -6.65 -8.53 -11.22
C LYS B 12 -6.77 -8.66 -9.73
N ILE B 13 -7.66 -7.92 -9.19
CA ILE B 13 -7.92 -7.94 -7.80
C ILE B 13 -9.01 -8.97 -7.50
N ALA B 14 -8.77 -9.80 -6.55
CA ALA B 14 -9.68 -10.81 -6.16
C ALA B 14 -10.70 -10.23 -5.20
N GLU B 15 -10.20 -9.67 -4.12
CA GLU B 15 -11.02 -9.14 -3.07
C GLU B 15 -10.27 -8.02 -2.36
N ALA B 16 -11.01 -7.12 -1.76
CA ALA B 16 -10.44 -5.99 -1.08
C ALA B 16 -10.84 -6.01 0.38
N LYS B 17 -9.87 -5.94 1.23
CA LYS B 17 -10.10 -5.98 2.66
C LYS B 17 -9.88 -4.61 3.23
N ALA B 18 -10.75 -4.19 4.09
CA ALA B 18 -10.57 -2.95 4.79
C ALA B 18 -10.03 -3.26 6.16
N LEU B 19 -8.97 -2.59 6.50
CA LEU B 19 -8.30 -2.81 7.76
C LEU B 19 -8.65 -1.73 8.76
N ASN B 20 -9.39 -0.74 8.31
CA ASN B 20 -9.86 0.32 9.17
C ASN B 20 -11.27 0.73 8.69
N GLY B 21 -12.09 1.28 9.61
CA GLY B 21 -13.52 1.60 9.33
C GLY B 21 -13.74 2.64 8.23
N ASP B 22 -12.77 3.51 8.07
CA ASP B 22 -12.78 4.56 7.08
C ASP B 22 -12.70 3.99 5.65
N ALA B 23 -11.98 2.90 5.54
CA ALA B 23 -11.74 2.20 4.32
C ALA B 23 -12.93 1.35 3.93
N GLU B 24 -13.71 0.91 4.94
CA GLU B 24 -14.97 0.17 4.72
C GLU B 24 -15.91 1.02 3.89
N THR B 25 -16.01 2.29 4.28
CA THR B 25 -16.82 3.27 3.59
C THR B 25 -16.29 3.53 2.17
N VAL B 26 -14.96 3.57 2.00
CA VAL B 26 -14.34 3.81 0.69
C VAL B 26 -14.65 2.65 -0.28
N LEU B 27 -14.55 1.40 0.20
CA LEU B 27 -14.80 0.18 -0.61
C LEU B 27 -16.22 0.12 -1.17
N GLU B 28 -17.17 0.66 -0.41
CA GLU B 28 -18.57 0.67 -0.78
C GLU B 28 -18.90 1.40 -2.05
N GLY B 29 -19.25 0.64 -3.06
CA GLY B 29 -19.63 1.21 -4.33
C GLY B 29 -18.50 1.22 -5.32
N LEU B 30 -17.33 0.77 -4.91
CA LEU B 30 -16.19 0.69 -5.81
C LEU B 30 -15.98 -0.72 -6.31
N GLU B 31 -16.15 -0.91 -7.60
CA GLU B 31 -15.85 -2.16 -8.26
C GLU B 31 -14.36 -2.21 -8.50
N LEU B 32 -13.69 -3.00 -7.72
CA LEU B 32 -12.25 -3.04 -7.77
C LEU B 32 -11.70 -4.40 -8.23
N LYS B 33 -12.58 -5.36 -8.51
CA LYS B 33 -12.13 -6.73 -8.86
C LYS B 33 -11.42 -6.79 -10.20
N GLU B 34 -12.06 -6.31 -11.24
CA GLU B 34 -11.43 -6.39 -12.55
C GLU B 34 -10.72 -5.11 -12.93
N LYS B 35 -10.02 -4.60 -11.94
CA LYS B 35 -9.17 -3.47 -12.02
C LYS B 35 -7.77 -3.98 -11.82
N THR B 36 -6.83 -3.19 -12.19
CA THR B 36 -5.48 -3.43 -11.82
C THR B 36 -5.18 -2.54 -10.61
N VAL B 37 -3.94 -2.54 -10.13
CA VAL B 37 -3.55 -1.75 -8.95
C VAL B 37 -3.81 -0.25 -9.16
N ALA B 38 -3.28 0.31 -10.25
CA ALA B 38 -3.37 1.75 -10.55
C ALA B 38 -4.78 2.24 -10.66
N GLU B 39 -5.61 1.46 -11.33
CA GLU B 39 -6.98 1.80 -11.55
C GLU B 39 -7.78 1.75 -10.25
N ALA B 40 -7.42 0.82 -9.38
CA ALA B 40 -8.04 0.69 -8.08
C ALA B 40 -7.60 1.81 -7.13
N VAL B 41 -6.29 2.15 -7.15
CA VAL B 41 -5.71 3.22 -6.32
C VAL B 41 -6.39 4.54 -6.64
N ASN B 42 -6.59 4.81 -7.94
CA ASN B 42 -7.26 6.01 -8.40
C ASN B 42 -8.67 6.12 -7.81
N GLU B 43 -9.42 5.00 -7.84
CA GLU B 43 -10.77 4.95 -7.28
C GLU B 43 -10.77 5.19 -5.76
N ILE B 44 -9.88 4.49 -5.04
CA ILE B 44 -9.73 4.60 -3.59
C ILE B 44 -9.38 6.03 -3.18
N VAL B 45 -8.33 6.59 -3.77
CA VAL B 45 -7.83 7.92 -3.42
C VAL B 45 -8.84 9.02 -3.78
N GLN B 46 -9.48 8.93 -4.95
CA GLN B 46 -10.43 9.95 -5.36
C GLN B 46 -11.70 9.95 -4.54
N LYS B 47 -12.15 8.77 -4.12
CA LYS B 47 -13.31 8.69 -3.27
C LYS B 47 -12.97 9.16 -1.85
N SER B 48 -11.77 8.83 -1.38
CA SER B 48 -11.28 9.27 -0.07
C SER B 48 -11.15 10.80 -0.03
N MET B 49 -10.96 11.41 -1.19
CA MET B 49 -10.80 12.84 -1.33
C MET B 49 -12.15 13.54 -1.23
N GLU B 50 -13.20 12.85 -1.67
CA GLU B 50 -14.58 13.34 -1.58
C GLU B 50 -15.05 13.35 -0.15
N LEU B 51 -14.68 12.31 0.59
CA LEU B 51 -15.05 12.18 1.98
C LEU B 51 -14.14 12.99 2.91
N GLY B 52 -13.05 13.50 2.38
CA GLY B 52 -12.21 14.39 3.14
C GLY B 52 -11.10 13.72 3.90
N PHE B 53 -10.75 12.51 3.53
CA PHE B 53 -9.65 11.81 4.18
C PHE B 53 -8.34 12.31 3.59
N ILE B 54 -8.37 12.61 2.30
CA ILE B 54 -7.24 13.11 1.59
C ILE B 54 -7.65 14.39 0.81
N SER B 55 -6.69 15.20 0.50
CA SER B 55 -6.84 16.47 -0.17
C SER B 55 -5.81 16.61 -1.30
N ARG B 56 -6.00 17.54 -2.20
CA ARG B 56 -4.96 17.87 -3.17
C ARG B 56 -4.11 19.03 -2.69
N GLU B 57 -4.77 20.03 -2.11
CA GLU B 57 -4.14 21.31 -1.75
C GLU B 57 -3.40 21.23 -0.41
N LYS B 58 -3.69 20.21 0.36
CA LYS B 58 -3.04 20.00 1.66
C LYS B 58 -1.84 19.09 1.50
N GLU B 59 -1.12 18.90 2.56
CA GLU B 59 -0.02 17.95 2.58
C GLU B 59 -0.60 16.57 2.85
N ASN B 60 -0.33 15.65 1.97
CA ASN B 60 -0.92 14.33 2.04
C ASN B 60 0.08 13.31 1.68
N ILE B 61 -0.14 12.11 2.15
CA ILE B 61 0.73 11.03 1.89
C ILE B 61 -0.14 9.80 1.49
N ILE B 62 0.26 9.19 0.41
CA ILE B 62 -0.35 7.99 -0.10
C ILE B 62 0.72 6.94 -0.10
N LEU B 63 0.51 5.87 0.56
CA LEU B 63 1.46 4.84 0.56
C LEU B 63 0.94 3.61 -0.10
N ILE B 64 1.65 3.19 -1.10
CA ILE B 64 1.35 2.03 -1.84
C ILE B 64 2.40 0.98 -1.52
N SER B 65 2.02 0.04 -0.73
CA SER B 65 2.90 -1.02 -0.34
C SER B 65 2.50 -2.27 -1.09
N THR B 66 3.44 -3.07 -1.46
CA THR B 66 3.15 -4.29 -2.13
C THR B 66 3.90 -5.39 -1.41
N ALA B 67 3.20 -6.42 -1.05
CA ALA B 67 3.77 -7.56 -0.39
C ALA B 67 3.52 -8.72 -1.30
N CYS B 68 4.53 -9.48 -1.61
CA CYS B 68 4.38 -10.52 -2.58
C CYS B 68 5.11 -11.80 -2.22
N ASP B 69 4.48 -12.92 -2.54
CA ASP B 69 5.05 -14.23 -2.36
C ASP B 69 5.30 -14.88 -3.69
N LEU B 70 6.55 -14.92 -4.08
CA LEU B 70 6.92 -15.58 -5.28
C LEU B 70 7.73 -16.81 -4.95
N LYS B 71 7.07 -17.76 -4.34
CA LYS B 71 7.67 -19.02 -3.95
C LYS B 71 6.80 -20.17 -4.46
N ALA B 72 6.04 -19.87 -5.50
CA ALA B 72 5.15 -20.82 -6.13
C ALA B 72 5.97 -21.85 -6.88
N GLY B 73 5.64 -23.09 -6.69
CA GLY B 73 6.36 -24.15 -7.33
C GLY B 73 5.44 -25.23 -7.76
N GLU B 74 4.40 -24.84 -8.46
CA GLU B 74 3.48 -25.77 -9.02
C GLU B 74 4.05 -26.27 -10.34
N GLY B 75 4.52 -25.34 -11.12
CA GLY B 75 5.20 -25.65 -12.33
C GLY B 75 6.70 -25.59 -12.11
N SER B 76 7.47 -26.04 -13.05
CA SER B 76 8.90 -26.05 -12.92
C SER B 76 9.57 -24.77 -13.46
N GLU B 77 8.77 -23.92 -14.10
CA GLU B 77 9.26 -22.64 -14.56
C GLU B 77 8.31 -21.54 -14.07
N ASN B 78 8.88 -20.41 -13.78
CA ASN B 78 8.22 -19.33 -13.08
C ASN B 78 8.31 -18.00 -13.81
N LYS B 79 8.80 -18.02 -15.04
CA LYS B 79 9.08 -16.79 -15.79
C LYS B 79 7.83 -16.03 -16.18
N ASP B 80 6.73 -16.73 -16.48
CA ASP B 80 5.46 -16.08 -16.84
C ASP B 80 4.90 -15.30 -15.66
N VAL B 81 5.17 -15.80 -14.46
CA VAL B 81 4.76 -15.20 -13.21
C VAL B 81 5.56 -13.92 -13.01
N GLN B 82 6.85 -13.99 -13.31
CA GLN B 82 7.77 -12.86 -13.16
C GLN B 82 7.48 -11.75 -14.18
N ASN B 83 7.03 -12.14 -15.37
CA ASN B 83 6.62 -11.20 -16.43
C ASN B 83 5.43 -10.39 -15.96
N LYS B 84 4.46 -11.10 -15.39
CA LYS B 84 3.26 -10.48 -14.86
C LYS B 84 3.57 -9.62 -13.62
N ILE B 85 4.56 -10.05 -12.81
CA ILE B 85 5.05 -9.28 -11.66
C ILE B 85 5.66 -7.96 -12.11
N GLY B 86 6.32 -7.97 -13.26
CA GLY B 86 6.92 -6.77 -13.79
C GLY B 86 5.86 -5.76 -14.20
N GLN B 87 4.77 -6.27 -14.73
CA GLN B 87 3.62 -5.46 -15.16
C GLN B 87 2.83 -4.97 -13.97
N LEU B 88 2.82 -5.78 -12.93
CA LEU B 88 2.12 -5.49 -11.69
C LEU B 88 2.80 -4.36 -10.95
N PHE B 89 4.12 -4.44 -10.84
CA PHE B 89 4.91 -3.40 -10.21
C PHE B 89 4.96 -2.14 -11.05
N ASP B 90 4.86 -2.33 -12.37
CA ASP B 90 4.74 -1.23 -13.32
C ASP B 90 3.45 -0.47 -13.04
N ASP B 91 2.39 -1.23 -12.83
CA ASP B 91 1.03 -0.74 -12.57
C ASP B 91 0.99 0.01 -11.23
N VAL B 92 1.70 -0.54 -10.23
CA VAL B 92 1.90 0.11 -8.90
C VAL B 92 2.54 1.49 -9.09
N ASN B 93 3.58 1.53 -9.89
CA ASN B 93 4.30 2.75 -10.15
C ASN B 93 3.54 3.75 -11.02
N LYS B 94 2.62 3.25 -11.86
CA LYS B 94 1.72 4.10 -12.66
C LYS B 94 0.79 4.84 -11.74
N ALA B 95 0.27 4.12 -10.74
CA ALA B 95 -0.61 4.66 -9.70
C ALA B 95 0.05 5.81 -8.99
N VAL B 96 1.30 5.60 -8.62
CA VAL B 96 2.14 6.58 -7.95
C VAL B 96 2.27 7.84 -8.79
N SER B 97 2.62 7.66 -10.06
CA SER B 97 2.86 8.74 -11.01
C SER B 97 1.58 9.58 -11.26
N ASP B 98 0.43 8.91 -11.26
CA ASP B 98 -0.88 9.54 -11.49
C ASP B 98 -1.33 10.36 -10.28
N LEU B 99 -1.22 9.80 -9.10
CA LEU B 99 -1.69 10.44 -7.89
C LEU B 99 -0.74 11.52 -7.34
N LYS B 100 0.59 11.29 -7.45
CA LYS B 100 1.60 12.27 -6.94
C LYS B 100 1.62 13.55 -7.78
N ASN B 101 1.05 13.45 -8.98
CA ASN B 101 0.96 14.50 -10.01
C ASN B 101 0.12 15.70 -9.49
N SER B 102 -0.67 15.46 -8.45
CA SER B 102 -1.52 16.46 -7.84
C SER B 102 -0.75 17.29 -6.77
N GLY B 103 0.52 16.94 -6.55
CA GLY B 103 1.34 17.60 -5.53
C GLY B 103 1.27 16.86 -4.22
N ILE B 104 1.12 15.56 -4.30
CA ILE B 104 0.95 14.72 -3.15
C ILE B 104 2.15 13.79 -3.03
N THR B 105 2.58 13.50 -1.82
CA THR B 105 3.65 12.58 -1.60
C THR B 105 3.10 11.14 -1.72
N THR B 106 3.58 10.41 -2.67
CA THR B 106 3.18 9.04 -2.86
C THR B 106 4.43 8.19 -2.92
N ARG B 107 4.54 7.21 -2.04
CA ARG B 107 5.71 6.34 -2.00
C ARG B 107 5.34 4.89 -2.23
N ILE B 108 6.34 4.09 -2.57
CA ILE B 108 6.19 2.66 -2.79
C ILE B 108 7.10 1.95 -1.81
N LEU B 109 6.53 1.06 -1.07
CA LEU B 109 7.29 0.21 -0.19
C LEU B 109 7.00 -1.24 -0.54
N ASN B 110 8.03 -2.03 -0.63
CA ASN B 110 7.88 -3.41 -1.04
C ASN B 110 8.27 -4.33 0.07
N LEU B 111 7.40 -5.24 0.37
CA LEU B 111 7.55 -6.18 1.45
C LEU B 111 7.30 -7.58 0.92
N THR B 112 7.69 -8.56 1.67
CA THR B 112 7.38 -9.93 1.36
C THR B 112 6.02 -10.31 2.00
N LEU B 113 5.50 -11.50 1.68
CA LEU B 113 4.24 -12.00 2.25
C LEU B 113 4.40 -12.23 3.75
N GLU B 114 5.56 -12.67 4.11
CA GLU B 114 5.94 -12.93 5.48
C GLU B 114 5.93 -11.66 6.37
N GLU B 115 6.18 -10.49 5.76
CA GLU B 115 6.03 -9.20 6.47
C GLU B 115 4.55 -8.87 6.63
N ARG B 116 3.75 -9.26 5.62
CA ARG B 116 2.31 -9.05 5.63
C ARG B 116 1.67 -9.85 6.76
N GLU B 117 2.12 -11.08 6.93
CA GLU B 117 1.64 -11.97 7.97
C GLU B 117 1.97 -11.44 9.37
N SER B 118 3.10 -10.74 9.49
CA SER B 118 3.47 -10.09 10.72
C SER B 118 2.67 -8.80 10.97
N SER B 119 2.24 -8.11 9.90
CA SER B 119 1.36 -6.97 10.06
C SER B 119 -0.07 -7.43 10.42
N LYS B 120 -0.38 -8.70 10.10
CA LYS B 120 -1.67 -9.30 10.44
C LYS B 120 -1.70 -9.68 11.91
N GLU B 121 -0.52 -9.99 12.46
CA GLU B 121 -0.36 -10.28 13.88
C GLU B 121 -0.72 -9.05 14.70
N GLU B 122 -0.29 -7.90 14.21
CA GLU B 122 -0.55 -6.63 14.87
C GLU B 122 -1.84 -5.97 14.37
N ASN B 123 -2.51 -6.66 13.43
CA ASN B 123 -3.72 -6.21 12.69
C ASN B 123 -3.64 -4.77 12.16
N ILE B 124 -2.57 -4.50 11.46
CA ILE B 124 -2.29 -3.23 10.84
C ILE B 124 -2.03 -3.45 9.36
N SER B 125 -1.96 -2.39 8.61
CA SER B 125 -1.74 -2.48 7.20
C SER B 125 -0.26 -2.60 6.90
N MET B 126 0.04 -3.17 5.72
CA MET B 126 1.40 -3.31 5.24
C MET B 126 2.02 -1.97 4.94
N GLY B 127 1.17 -0.95 4.73
CA GLY B 127 1.62 0.39 4.51
C GLY B 127 2.36 0.92 5.71
N ARG B 128 1.67 1.02 6.83
CA ARG B 128 2.29 1.54 8.05
C ARG B 128 3.36 0.60 8.61
N TYR B 129 3.19 -0.71 8.37
CA TYR B 129 4.19 -1.70 8.76
C TYR B 129 5.48 -1.54 7.93
N ALA B 130 5.37 -1.04 6.71
CA ALA B 130 6.53 -0.79 5.86
C ALA B 130 7.31 0.42 6.33
N VAL B 131 6.61 1.35 6.98
CA VAL B 131 7.25 2.52 7.58
C VAL B 131 7.98 2.08 8.86
N TYR B 132 7.43 1.04 9.50
CA TYR B 132 8.02 0.38 10.64
C TYR B 132 9.36 -0.27 10.24
N LEU B 133 9.41 -0.85 9.02
CA LEU B 133 10.65 -1.38 8.47
C LEU B 133 11.68 -0.29 8.32
N LYS B 134 11.29 0.84 7.69
CA LYS B 134 12.18 2.00 7.46
C LYS B 134 12.72 2.55 8.76
N ALA B 135 11.86 2.58 9.79
CA ALA B 135 12.20 3.01 11.13
C ALA B 135 13.34 2.20 11.67
N LYS B 136 13.18 0.89 11.66
CA LYS B 136 14.19 0.00 12.21
C LYS B 136 15.46 -0.09 11.30
N GLU B 137 15.34 0.30 10.03
CA GLU B 137 16.51 0.35 9.11
C GLU B 137 17.36 1.59 9.38
N GLN B 138 16.69 2.72 9.62
CA GLN B 138 17.37 3.98 9.97
C GLN B 138 17.70 4.03 11.48
N ASN B 139 17.35 2.92 12.18
CA ASN B 139 17.62 2.68 13.63
C ASN B 139 16.86 3.71 14.51
N VAL B 140 15.66 4.01 14.09
CA VAL B 140 14.77 4.89 14.80
C VAL B 140 13.83 3.99 15.55
N ASN B 141 13.53 4.33 16.76
CA ASN B 141 12.69 3.49 17.54
C ASN B 141 11.24 3.87 17.47
N LEU B 142 10.60 3.42 16.43
CA LEU B 142 9.17 3.54 16.30
C LEU B 142 8.59 2.21 16.67
N THR B 143 7.82 2.18 17.70
CA THR B 143 7.21 0.98 18.16
C THR B 143 5.96 0.69 17.34
N ILE B 144 5.45 -0.53 17.40
CA ILE B 144 4.17 -0.88 16.76
C ILE B 144 3.03 0.05 17.25
N ASP B 145 3.08 0.39 18.54
CA ASP B 145 2.12 1.31 19.21
C ASP B 145 2.08 2.69 18.50
N GLU B 146 3.27 3.18 18.13
CA GLU B 146 3.44 4.43 17.37
C GLU B 146 2.88 4.25 15.95
N ILE B 147 3.31 3.17 15.30
CA ILE B 147 2.95 2.80 13.92
C ILE B 147 1.42 2.66 13.69
N LYS B 148 0.75 2.06 14.64
CA LYS B 148 -0.64 1.75 14.50
C LYS B 148 -1.57 2.96 14.74
N ASP B 149 -1.29 3.76 15.76
CA ASP B 149 -2.23 4.82 16.13
C ASP B 149 -1.85 6.20 15.69
N ALA B 150 -0.63 6.39 15.25
CA ALA B 150 -0.26 7.67 14.70
C ALA B 150 -0.64 7.72 13.24
N ASP B 151 -0.67 8.91 12.71
CA ASP B 151 -1.04 9.13 11.32
C ASP B 151 0.09 8.66 10.44
N LEU B 152 -0.25 8.19 9.25
CA LEU B 152 0.72 7.73 8.27
C LEU B 152 1.50 8.94 7.76
N LEU B 153 0.80 10.10 7.77
CA LEU B 153 1.38 11.43 7.51
C LEU B 153 2.59 11.63 8.38
N GLU B 154 2.38 11.45 9.67
CA GLU B 154 3.37 11.64 10.70
C GLU B 154 4.48 10.60 10.64
N LEU B 155 4.10 9.36 10.37
CA LEU B 155 5.05 8.24 10.27
C LEU B 155 6.04 8.42 9.13
N ILE B 156 5.52 8.68 7.93
CA ILE B 156 6.39 8.89 6.80
C ILE B 156 7.18 10.19 6.92
N ALA B 157 6.54 11.28 7.36
CA ALA B 157 7.24 12.57 7.56
C ALA B 157 8.42 12.47 8.56
N LYS B 158 8.28 11.67 9.63
CA LYS B 158 9.38 11.54 10.61
C LYS B 158 10.52 10.67 10.07
N LEU B 159 10.22 9.84 9.08
CA LEU B 159 11.23 9.00 8.42
C LEU B 159 11.92 9.76 7.29
N GLU B 160 11.15 10.56 6.55
CA GLU B 160 11.67 11.35 5.43
C GLU B 160 12.51 12.50 5.93
N HIS B 161 12.13 13.04 7.08
CA HIS B 161 12.83 14.17 7.65
C HIS B 161 13.80 13.72 8.74
N HIS B 162 14.05 12.40 8.80
CA HIS B 162 14.99 11.82 9.75
C HIS B 162 16.41 11.97 9.21
N HIS B 163 16.99 13.06 9.54
CA HIS B 163 18.34 13.41 9.14
C HIS B 163 19.04 14.11 10.27
N HIS B 164 20.34 14.09 10.26
CA HIS B 164 21.12 14.81 11.26
C HIS B 164 21.10 16.31 10.96
N HIS B 165 21.10 17.13 12.00
CA HIS B 165 21.08 18.59 11.81
C HIS B 165 22.46 19.08 11.38
N HIS B 166 22.50 20.22 10.75
CA HIS B 166 23.75 20.87 10.43
C HIS B 166 23.57 22.36 10.68
N MET A 1 -0.50 -17.91 -3.66
CA MET A 1 0.18 -16.72 -3.14
C MET A 1 0.67 -15.92 -4.31
N TYR A 2 0.27 -14.68 -4.41
CA TYR A 2 0.76 -13.85 -5.48
C TYR A 2 1.25 -12.50 -4.95
N ALA A 3 0.37 -11.51 -4.91
CA ALA A 3 0.73 -10.19 -4.47
C ALA A 3 -0.41 -9.60 -3.70
N TYR A 4 -0.10 -8.72 -2.81
CA TYR A 4 -1.06 -8.08 -1.93
C TYR A 4 -0.61 -6.64 -1.81
N VAL A 5 -1.47 -5.72 -2.14
CA VAL A 5 -1.11 -4.32 -2.14
C VAL A 5 -1.82 -3.57 -1.03
N GLY A 6 -1.05 -2.99 -0.15
CA GLY A 6 -1.60 -2.23 0.93
C GLY A 6 -1.61 -0.78 0.58
N ILE A 7 -2.78 -0.21 0.61
CA ILE A 7 -2.98 1.19 0.33
C ILE A 7 -3.30 1.87 1.62
N ASP A 8 -2.40 2.66 2.06
CA ASP A 8 -2.59 3.43 3.22
C ASP A 8 -2.55 4.86 2.90
N ILE A 9 -3.56 5.53 3.31
CA ILE A 9 -3.71 6.96 3.18
C ILE A 9 -4.21 7.41 4.54
N ASN A 10 -3.68 8.52 5.07
CA ASN A 10 -4.19 9.15 6.35
C ASN A 10 -4.01 8.22 7.58
N PRO B 1 -7.61 5.88 5.56
CA PRO B 1 -8.12 4.55 5.32
C PRO B 1 -6.98 3.54 5.20
N SER B 2 -7.24 2.33 5.63
CA SER B 2 -6.29 1.23 5.54
C SER B 2 -6.95 0.09 4.78
N ILE B 3 -6.43 -0.20 3.58
CA ILE B 3 -7.02 -1.19 2.67
C ILE B 3 -5.91 -2.13 2.14
N GLU B 4 -6.24 -3.39 2.00
CA GLU B 4 -5.33 -4.39 1.47
C GLU B 4 -6.00 -5.10 0.27
N LEU B 5 -5.45 -4.91 -0.90
CA LEU B 5 -5.95 -5.50 -2.13
C LEU B 5 -5.26 -6.83 -2.38
N TRP B 6 -6.03 -7.88 -2.41
CA TRP B 6 -5.52 -9.21 -2.68
C TRP B 6 -5.41 -9.43 -4.18
N ILE B 7 -4.20 -9.49 -4.66
CA ILE B 7 -3.96 -9.61 -6.11
C ILE B 7 -3.76 -11.08 -6.47
N ASN B 8 -4.46 -11.51 -7.49
CA ASN B 8 -4.40 -12.86 -7.99
C ASN B 8 -3.43 -12.94 -9.18
N TYR B 9 -3.29 -14.13 -9.76
CA TYR B 9 -2.31 -14.43 -10.83
C TYR B 9 -2.70 -13.76 -12.19
N ASN B 10 -3.83 -13.07 -12.23
CA ASN B 10 -4.31 -12.41 -13.43
C ASN B 10 -3.97 -10.91 -13.37
N ASN B 11 -3.29 -10.50 -12.28
CA ASN B 11 -2.91 -9.07 -11.99
C ASN B 11 -4.11 -8.25 -11.54
N LYS B 12 -5.21 -8.92 -11.29
CA LYS B 12 -6.40 -8.27 -10.81
C LYS B 12 -6.69 -8.66 -9.38
N ILE B 13 -7.58 -7.98 -8.80
CA ILE B 13 -7.87 -8.10 -7.40
C ILE B 13 -8.97 -9.18 -7.14
N ALA B 14 -8.80 -9.94 -6.09
CA ALA B 14 -9.76 -10.95 -5.70
C ALA B 14 -10.76 -10.34 -4.73
N GLU B 15 -10.24 -9.64 -3.72
CA GLU B 15 -11.04 -8.99 -2.72
C GLU B 15 -10.20 -7.91 -2.03
N ALA B 16 -10.87 -7.02 -1.33
CA ALA B 16 -10.21 -5.96 -0.63
C ALA B 16 -10.55 -6.03 0.84
N LYS B 17 -9.56 -5.88 1.67
CA LYS B 17 -9.73 -5.92 3.11
C LYS B 17 -9.70 -4.51 3.63
N ALA B 18 -10.74 -4.10 4.26
CA ALA B 18 -10.76 -2.83 4.93
C ALA B 18 -10.49 -3.04 6.39
N LEU B 19 -9.37 -2.52 6.82
CA LEU B 19 -8.93 -2.68 8.20
C LEU B 19 -9.44 -1.55 9.08
N ASN B 20 -9.89 -0.52 8.44
CA ASN B 20 -10.46 0.62 9.11
C ASN B 20 -11.93 0.69 8.69
N GLY B 21 -12.80 1.07 9.62
CA GLY B 21 -14.25 1.18 9.36
C GLY B 21 -14.59 2.21 8.29
N ASP B 22 -13.82 3.29 8.25
CA ASP B 22 -13.98 4.35 7.24
C ASP B 22 -13.49 3.87 5.90
N ALA B 23 -12.58 2.90 5.93
CA ALA B 23 -12.04 2.30 4.72
C ALA B 23 -13.04 1.35 4.09
N GLU B 24 -13.96 0.80 4.93
CA GLU B 24 -15.04 -0.05 4.44
C GLU B 24 -15.97 0.80 3.62
N THR B 25 -16.23 2.02 4.12
CA THR B 25 -17.07 2.99 3.46
C THR B 25 -16.44 3.42 2.10
N VAL B 26 -15.10 3.48 2.02
CA VAL B 26 -14.42 3.78 0.77
C VAL B 26 -14.59 2.60 -0.23
N LEU B 27 -14.53 1.36 0.27
CA LEU B 27 -14.72 0.16 -0.58
C LEU B 27 -16.15 0.07 -1.11
N GLU B 28 -17.08 0.55 -0.33
CA GLU B 28 -18.46 0.53 -0.67
C GLU B 28 -18.82 1.57 -1.72
N GLY B 29 -19.22 1.06 -2.86
CA GLY B 29 -19.56 1.88 -4.00
C GLY B 29 -18.50 1.78 -5.09
N LEU B 30 -17.34 1.25 -4.74
CA LEU B 30 -16.27 1.05 -5.69
C LEU B 30 -16.09 -0.44 -5.94
N GLU B 31 -16.27 -0.87 -7.15
CA GLU B 31 -15.96 -2.23 -7.49
C GLU B 31 -14.49 -2.25 -7.87
N LEU B 32 -13.71 -2.93 -7.06
CA LEU B 32 -12.29 -2.92 -7.21
C LEU B 32 -11.73 -4.26 -7.60
N LYS B 33 -12.58 -5.24 -7.84
CA LYS B 33 -12.08 -6.60 -8.05
C LYS B 33 -11.47 -6.84 -9.42
N GLU B 34 -12.17 -6.60 -10.49
CA GLU B 34 -11.62 -6.96 -11.79
C GLU B 34 -10.97 -5.82 -12.53
N LYS B 35 -10.19 -5.08 -11.80
CA LYS B 35 -9.38 -4.04 -12.30
C LYS B 35 -8.02 -4.18 -11.63
N THR B 36 -7.02 -3.54 -12.16
CA THR B 36 -5.69 -3.67 -11.62
C THR B 36 -5.44 -2.67 -10.48
N VAL B 37 -4.22 -2.67 -9.96
CA VAL B 37 -3.83 -1.87 -8.80
C VAL B 37 -3.98 -0.39 -9.09
N ALA B 38 -3.44 0.08 -10.21
CA ALA B 38 -3.49 1.52 -10.61
C ALA B 38 -4.89 2.08 -10.68
N GLU B 39 -5.79 1.30 -11.23
CA GLU B 39 -7.19 1.69 -11.38
C GLU B 39 -7.82 1.75 -9.98
N ALA B 40 -7.56 0.73 -9.15
CA ALA B 40 -8.09 0.66 -7.78
C ALA B 40 -7.53 1.76 -6.88
N VAL B 41 -6.24 2.09 -7.05
CA VAL B 41 -5.58 3.19 -6.32
C VAL B 41 -6.30 4.49 -6.62
N ASN B 42 -6.54 4.72 -7.90
CA ASN B 42 -7.20 5.90 -8.38
C ASN B 42 -8.63 5.99 -7.82
N GLU B 43 -9.36 4.87 -7.84
CA GLU B 43 -10.73 4.75 -7.27
C GLU B 43 -10.73 5.15 -5.78
N ILE B 44 -9.85 4.49 -5.00
CA ILE B 44 -9.72 4.71 -3.55
C ILE B 44 -9.36 6.18 -3.24
N VAL B 45 -8.36 6.72 -3.95
CA VAL B 45 -7.90 8.08 -3.75
C VAL B 45 -9.00 9.12 -4.08
N GLN B 46 -9.74 8.89 -5.17
CA GLN B 46 -10.83 9.78 -5.56
C GLN B 46 -11.97 9.78 -4.58
N LYS B 47 -12.39 8.60 -4.13
CA LYS B 47 -13.49 8.51 -3.20
C LYS B 47 -13.09 9.01 -1.80
N SER B 48 -11.85 8.72 -1.38
CA SER B 48 -11.35 9.19 -0.08
C SER B 48 -11.22 10.74 -0.09
N MET B 49 -11.07 11.30 -1.27
CA MET B 49 -10.93 12.72 -1.45
C MET B 49 -12.27 13.42 -1.26
N GLU B 50 -13.35 12.74 -1.69
CA GLU B 50 -14.72 13.24 -1.52
C GLU B 50 -15.08 13.21 -0.05
N LEU B 51 -14.79 12.06 0.54
CA LEU B 51 -15.02 11.78 1.96
C LEU B 51 -14.15 12.64 2.91
N GLY B 52 -13.07 13.24 2.39
CA GLY B 52 -12.28 14.18 3.18
C GLY B 52 -11.06 13.61 3.87
N PHE B 53 -10.63 12.44 3.45
CA PHE B 53 -9.46 11.81 4.05
C PHE B 53 -8.17 12.25 3.35
N ILE B 54 -8.32 12.67 2.11
CA ILE B 54 -7.22 13.15 1.30
C ILE B 54 -7.71 14.35 0.46
N SER B 55 -6.88 15.35 0.27
CA SER B 55 -7.27 16.54 -0.48
C SER B 55 -6.12 17.00 -1.36
N ARG B 56 -6.37 17.18 -2.66
CA ARG B 56 -5.36 17.66 -3.63
C ARG B 56 -4.83 19.05 -3.31
N GLU B 57 -5.60 19.84 -2.58
CA GLU B 57 -5.19 21.18 -2.16
C GLU B 57 -4.34 21.14 -0.88
N LYS B 58 -4.22 19.96 -0.28
CA LYS B 58 -3.44 19.76 0.92
C LYS B 58 -2.23 18.89 0.61
N GLU B 59 -1.39 18.74 1.60
CA GLU B 59 -0.27 17.82 1.54
C GLU B 59 -0.77 16.49 2.06
N ASN B 60 -0.47 15.42 1.37
CA ASN B 60 -1.01 14.13 1.75
C ASN B 60 0.04 13.13 1.49
N ILE B 61 -0.11 11.98 2.08
CA ILE B 61 0.78 10.92 1.86
C ILE B 61 -0.04 9.68 1.45
N ILE B 62 0.42 9.03 0.43
CA ILE B 62 -0.16 7.81 -0.06
C ILE B 62 0.95 6.80 -0.04
N LEU B 63 0.76 5.76 0.67
CA LEU B 63 1.73 4.75 0.72
C LEU B 63 1.21 3.50 0.06
N ILE B 64 1.89 3.10 -0.98
CA ILE B 64 1.55 1.93 -1.70
C ILE B 64 2.64 0.91 -1.41
N SER B 65 2.28 -0.07 -0.62
CA SER B 65 3.19 -1.11 -0.28
C SER B 65 2.76 -2.38 -0.95
N THR B 66 3.64 -3.00 -1.63
CA THR B 66 3.33 -4.22 -2.29
C THR B 66 4.04 -5.35 -1.58
N ALA B 67 3.33 -6.42 -1.31
CA ALA B 67 3.88 -7.59 -0.72
C ALA B 67 3.67 -8.70 -1.67
N CYS B 68 4.69 -9.44 -1.97
CA CYS B 68 4.60 -10.50 -2.90
C CYS B 68 5.52 -11.62 -2.50
N ASP B 69 5.00 -12.80 -2.46
CA ASP B 69 5.79 -13.99 -2.20
C ASP B 69 5.80 -14.79 -3.44
N LEU B 70 6.94 -14.86 -4.07
CA LEU B 70 7.03 -15.49 -5.36
C LEU B 70 7.60 -16.89 -5.29
N LYS B 71 7.22 -17.63 -4.26
CA LYS B 71 7.64 -19.01 -4.13
C LYS B 71 6.66 -19.90 -4.90
N ALA B 72 6.72 -19.74 -6.19
CA ALA B 72 5.90 -20.46 -7.14
C ALA B 72 6.80 -21.19 -8.13
N GLY B 73 7.18 -22.37 -7.75
CA GLY B 73 8.02 -23.21 -8.57
C GLY B 73 7.31 -24.47 -9.01
N GLU B 74 6.31 -24.85 -8.24
CA GLU B 74 5.52 -26.02 -8.52
C GLU B 74 4.42 -25.66 -9.46
N GLY B 75 4.62 -25.98 -10.69
CA GLY B 75 3.73 -25.60 -11.73
C GLY B 75 4.11 -24.26 -12.30
N SER B 76 3.48 -23.87 -13.42
CA SER B 76 3.74 -22.57 -14.08
C SER B 76 5.24 -22.40 -14.46
N GLU B 77 5.66 -21.20 -14.65
CA GLU B 77 7.03 -20.86 -14.79
C GLU B 77 7.23 -19.65 -13.91
N ASN B 78 8.31 -19.62 -13.13
CA ASN B 78 8.51 -18.49 -12.21
C ASN B 78 8.88 -17.23 -12.98
N LYS B 79 9.56 -17.42 -14.12
CA LYS B 79 9.91 -16.33 -15.05
C LYS B 79 8.63 -15.67 -15.60
N ASP B 80 7.59 -16.51 -15.79
CA ASP B 80 6.26 -16.07 -16.24
C ASP B 80 5.56 -15.25 -15.15
N VAL B 81 5.73 -15.69 -13.90
CA VAL B 81 5.21 -14.98 -12.73
C VAL B 81 5.89 -13.61 -12.64
N GLN B 82 7.23 -13.61 -12.78
CA GLN B 82 8.05 -12.39 -12.72
C GLN B 82 7.71 -11.41 -13.84
N ASN B 83 7.29 -11.92 -15.00
CA ASN B 83 6.87 -11.09 -16.15
C ASN B 83 5.63 -10.29 -15.73
N LYS B 84 4.66 -10.98 -15.15
CA LYS B 84 3.46 -10.36 -14.65
C LYS B 84 3.71 -9.47 -13.44
N ILE B 85 4.69 -9.82 -12.63
CA ILE B 85 5.13 -9.01 -11.50
C ILE B 85 5.77 -7.69 -11.99
N GLY B 86 6.45 -7.74 -13.14
CA GLY B 86 7.03 -6.56 -13.73
C GLY B 86 5.96 -5.65 -14.28
N GLN B 87 4.91 -6.25 -14.83
CA GLN B 87 3.74 -5.53 -15.36
C GLN B 87 2.89 -4.99 -14.20
N LEU B 88 2.96 -5.66 -13.07
CA LEU B 88 2.25 -5.27 -11.87
C LEU B 88 2.95 -4.08 -11.24
N PHE B 89 4.29 -4.11 -11.21
CA PHE B 89 5.08 -2.99 -10.70
C PHE B 89 4.99 -1.79 -11.62
N ASP B 90 4.83 -2.05 -12.93
CA ASP B 90 4.57 -0.99 -13.91
C ASP B 90 3.31 -0.27 -13.51
N ASP B 91 2.25 -1.06 -13.33
CA ASP B 91 0.91 -0.62 -12.93
C ASP B 91 0.95 0.16 -11.59
N VAL B 92 1.66 -0.40 -10.58
CA VAL B 92 1.87 0.25 -9.26
C VAL B 92 2.52 1.64 -9.41
N ASN B 93 3.62 1.71 -10.18
CA ASN B 93 4.36 2.95 -10.36
C ASN B 93 3.64 3.98 -11.24
N LYS B 94 2.79 3.50 -12.16
CA LYS B 94 1.96 4.38 -12.99
C LYS B 94 0.92 5.07 -12.13
N ALA B 95 0.36 4.30 -11.17
CA ALA B 95 -0.60 4.80 -10.18
C ALA B 95 0.02 5.89 -9.35
N VAL B 96 1.25 5.62 -8.89
CA VAL B 96 2.05 6.55 -8.12
C VAL B 96 2.23 7.85 -8.88
N SER B 97 2.77 7.76 -10.08
CA SER B 97 3.08 8.91 -10.90
C SER B 97 1.86 9.75 -11.32
N ASP B 98 0.72 9.10 -11.53
CA ASP B 98 -0.49 9.81 -11.92
C ASP B 98 -1.10 10.55 -10.73
N LEU B 99 -1.25 9.85 -9.61
CA LEU B 99 -1.88 10.40 -8.42
C LEU B 99 -0.99 11.44 -7.68
N LYS B 100 0.33 11.21 -7.66
CA LYS B 100 1.28 12.10 -6.96
C LYS B 100 1.46 13.44 -7.66
N ASN B 101 1.08 13.51 -8.95
CA ASN B 101 1.21 14.68 -9.83
C ASN B 101 0.52 15.92 -9.22
N SER B 102 -0.49 15.70 -8.38
CA SER B 102 -1.24 16.77 -7.72
C SER B 102 -0.51 17.33 -6.47
N GLY B 103 0.80 17.07 -6.35
CA GLY B 103 1.58 17.56 -5.23
C GLY B 103 1.41 16.67 -4.02
N ILE B 104 1.22 15.40 -4.26
CA ILE B 104 0.98 14.45 -3.22
C ILE B 104 2.21 13.57 -3.07
N THR B 105 2.56 13.25 -1.85
CA THR B 105 3.69 12.42 -1.58
C THR B 105 3.25 10.96 -1.67
N THR B 106 3.66 10.29 -2.70
CA THR B 106 3.36 8.89 -2.84
C THR B 106 4.65 8.09 -2.83
N ARG B 107 4.74 7.15 -1.93
CA ARG B 107 5.95 6.37 -1.73
C ARG B 107 5.64 4.90 -2.01
N ILE B 108 6.61 4.18 -2.55
CA ILE B 108 6.46 2.75 -2.81
C ILE B 108 7.35 2.01 -1.84
N LEU B 109 6.77 1.19 -1.03
CA LEU B 109 7.50 0.34 -0.11
C LEU B 109 7.25 -1.09 -0.47
N ASN B 110 8.21 -1.95 -0.25
CA ASN B 110 8.07 -3.33 -0.66
C ASN B 110 8.32 -4.30 0.43
N LEU B 111 7.40 -5.22 0.54
CA LEU B 111 7.36 -6.23 1.54
C LEU B 111 7.13 -7.56 0.84
N THR B 112 7.35 -8.64 1.54
CA THR B 112 6.93 -9.93 1.06
C THR B 112 5.68 -10.40 1.84
N LEU B 113 5.13 -11.57 1.52
CA LEU B 113 3.87 -12.05 2.14
C LEU B 113 3.98 -12.29 3.64
N GLU B 114 5.13 -12.67 4.08
CA GLU B 114 5.37 -12.93 5.49
C GLU B 114 5.32 -11.63 6.34
N GLU B 115 5.57 -10.48 5.70
CA GLU B 115 5.38 -9.17 6.32
C GLU B 115 3.90 -8.82 6.38
N ARG B 116 3.13 -9.31 5.39
CA ARG B 116 1.67 -9.11 5.37
C ARG B 116 1.07 -9.86 6.53
N GLU B 117 1.57 -11.07 6.77
CA GLU B 117 1.11 -11.93 7.86
C GLU B 117 1.41 -11.29 9.20
N SER B 118 2.63 -10.79 9.33
CA SER B 118 3.12 -10.12 10.53
C SER B 118 2.26 -8.85 10.85
N SER B 119 1.86 -8.11 9.81
CA SER B 119 1.05 -6.92 10.01
C SER B 119 -0.39 -7.28 10.38
N LYS B 120 -0.86 -8.46 9.94
CA LYS B 120 -2.21 -8.94 10.27
C LYS B 120 -2.29 -9.35 11.73
N GLU B 121 -1.18 -9.88 12.28
CA GLU B 121 -1.09 -10.25 13.69
C GLU B 121 -1.21 -9.01 14.59
N GLU B 122 -0.73 -7.88 14.11
CA GLU B 122 -0.87 -6.61 14.81
C GLU B 122 -2.07 -5.81 14.37
N ASN B 123 -2.85 -6.41 13.50
CA ASN B 123 -4.00 -5.82 12.80
C ASN B 123 -3.76 -4.41 12.24
N ILE B 124 -2.66 -4.29 11.51
CA ILE B 124 -2.34 -3.09 10.80
C ILE B 124 -2.16 -3.43 9.36
N SER B 125 -2.32 -2.48 8.53
CA SER B 125 -2.16 -2.65 7.14
C SER B 125 -0.70 -2.58 6.77
N MET B 126 -0.39 -2.90 5.54
CA MET B 126 0.98 -3.01 5.11
C MET B 126 1.69 -1.71 4.93
N GLY B 127 0.94 -0.61 4.77
CA GLY B 127 1.56 0.69 4.68
C GLY B 127 2.08 1.11 6.04
N ARG B 128 1.29 0.83 7.07
CA ARG B 128 1.69 1.13 8.45
C ARG B 128 2.96 0.34 8.78
N TYR B 129 2.90 -0.96 8.53
CA TYR B 129 4.01 -1.88 8.72
C TYR B 129 5.25 -1.55 7.80
N ALA B 130 5.03 -0.87 6.69
CA ALA B 130 6.11 -0.51 5.78
C ALA B 130 6.94 0.66 6.29
N VAL B 131 6.34 1.49 7.13
CA VAL B 131 7.08 2.57 7.73
C VAL B 131 7.86 2.00 8.94
N TYR B 132 7.35 0.90 9.49
CA TYR B 132 8.01 0.13 10.56
C TYR B 132 9.26 -0.53 9.97
N LEU B 133 9.13 -0.98 8.71
CA LEU B 133 10.22 -1.57 7.94
C LEU B 133 11.34 -0.53 7.78
N LYS B 134 10.93 0.72 7.49
CA LYS B 134 11.87 1.83 7.35
C LYS B 134 12.50 2.29 8.64
N ALA B 135 11.75 2.22 9.72
CA ALA B 135 12.28 2.54 11.03
C ALA B 135 13.42 1.60 11.38
N LYS B 136 13.24 0.32 11.14
CA LYS B 136 14.29 -0.65 11.45
C LYS B 136 15.43 -0.63 10.41
N GLU B 137 15.10 -0.14 9.22
CA GLU B 137 16.03 0.11 8.11
C GLU B 137 17.07 1.17 8.54
N GLN B 138 16.58 2.27 9.10
CA GLN B 138 17.42 3.40 9.49
C GLN B 138 17.83 3.33 10.96
N ASN B 139 17.52 2.19 11.60
CA ASN B 139 17.80 1.89 13.02
C ASN B 139 17.23 2.97 13.97
N VAL B 140 15.96 3.21 13.78
CA VAL B 140 15.19 4.09 14.60
C VAL B 140 14.24 3.19 15.37
N ASN B 141 14.11 3.38 16.64
CA ASN B 141 13.26 2.50 17.42
C ASN B 141 11.81 2.98 17.44
N LEU B 142 11.10 2.69 16.38
CA LEU B 142 9.68 2.90 16.32
C LEU B 142 9.04 1.58 16.54
N THR B 143 8.26 1.51 17.57
CA THR B 143 7.57 0.31 17.92
C THR B 143 6.28 0.23 17.16
N ILE B 144 5.70 -0.94 17.13
CA ILE B 144 4.41 -1.19 16.50
C ILE B 144 3.29 -0.28 17.10
N ASP B 145 3.40 -0.01 18.41
CA ASP B 145 2.47 0.89 19.13
C ASP B 145 2.50 2.28 18.53
N GLU B 146 3.72 2.79 18.30
CA GLU B 146 3.96 4.10 17.65
C GLU B 146 3.35 4.11 16.23
N ILE B 147 3.67 3.08 15.49
CA ILE B 147 3.25 2.87 14.09
C ILE B 147 1.71 2.88 13.90
N LYS B 148 0.99 2.10 14.69
CA LYS B 148 -0.45 1.95 14.54
C LYS B 148 -1.23 3.17 15.05
N ASP B 149 -0.67 3.86 16.03
CA ASP B 149 -1.35 4.95 16.72
C ASP B 149 -1.12 6.30 16.06
N ALA B 150 -0.03 6.45 15.33
CA ALA B 150 0.29 7.72 14.70
C ALA B 150 -0.31 7.83 13.31
N ASP B 151 -0.44 9.07 12.89
CA ASP B 151 -0.86 9.47 11.57
C ASP B 151 0.18 9.02 10.55
N LEU B 152 -0.26 8.56 9.37
CA LEU B 152 0.66 8.03 8.35
C LEU B 152 1.54 9.11 7.76
N LEU B 153 1.01 10.34 7.71
CA LEU B 153 1.75 11.48 7.21
C LEU B 153 2.90 11.77 8.16
N GLU B 154 2.61 11.72 9.47
CA GLU B 154 3.63 11.85 10.53
C GLU B 154 4.68 10.74 10.43
N LEU B 155 4.22 9.49 10.25
CA LEU B 155 5.09 8.31 10.13
C LEU B 155 6.10 8.46 9.00
N ILE B 156 5.64 8.78 7.81
CA ILE B 156 6.55 8.97 6.69
C ILE B 156 7.39 10.22 6.79
N ALA B 157 6.81 11.35 7.22
CA ALA B 157 7.56 12.60 7.39
C ALA B 157 8.75 12.45 8.35
N LYS B 158 8.55 11.76 9.49
CA LYS B 158 9.64 11.55 10.45
C LYS B 158 10.75 10.64 9.87
N LEU B 159 10.37 9.70 9.01
CA LEU B 159 11.30 8.80 8.35
C LEU B 159 12.07 9.50 7.23
N GLU B 160 11.39 10.33 6.44
CA GLU B 160 12.00 11.08 5.35
C GLU B 160 12.96 12.14 5.89
N HIS B 161 12.63 12.69 7.06
CA HIS B 161 13.47 13.71 7.70
C HIS B 161 14.50 13.08 8.64
N HIS B 162 14.55 11.76 8.68
CA HIS B 162 15.51 11.06 9.50
C HIS B 162 16.88 11.05 8.80
N HIS B 163 16.89 10.72 7.50
CA HIS B 163 18.13 10.75 6.72
C HIS B 163 18.44 12.13 6.18
N HIS B 164 19.31 12.84 6.87
CA HIS B 164 19.83 14.11 6.42
C HIS B 164 21.12 14.36 7.16
N HIS B 165 22.06 14.98 6.51
CA HIS B 165 23.32 15.29 7.15
C HIS B 165 23.26 16.65 7.79
N HIS B 166 24.18 16.92 8.66
CA HIS B 166 24.29 18.21 9.31
C HIS B 166 25.75 18.63 9.37
N MET A 1 -1.39 -17.22 -2.41
CA MET A 1 -1.77 -15.96 -3.05
C MET A 1 -0.56 -15.23 -3.52
N TYR A 2 -0.72 -14.50 -4.60
CA TYR A 2 0.35 -13.90 -5.36
C TYR A 2 0.97 -12.70 -4.60
N ALA A 3 0.16 -11.66 -4.47
CA ALA A 3 0.56 -10.42 -3.88
C ALA A 3 -0.59 -9.82 -3.10
N TYR A 4 -0.29 -8.81 -2.34
CA TYR A 4 -1.26 -8.01 -1.61
C TYR A 4 -0.73 -6.59 -1.66
N VAL A 5 -1.61 -5.63 -1.82
CA VAL A 5 -1.21 -4.24 -1.88
C VAL A 5 -1.89 -3.47 -0.75
N GLY A 6 -1.09 -2.85 0.06
CA GLY A 6 -1.58 -2.09 1.16
C GLY A 6 -1.59 -0.65 0.81
N ILE A 7 -2.75 -0.07 0.87
CA ILE A 7 -2.96 1.31 0.57
C ILE A 7 -3.32 2.01 1.84
N ASP A 8 -2.42 2.78 2.31
CA ASP A 8 -2.67 3.59 3.46
C ASP A 8 -2.64 5.02 3.02
N ILE A 9 -3.65 5.72 3.40
CA ILE A 9 -3.80 7.13 3.14
C ILE A 9 -4.21 7.76 4.44
N ASN A 10 -3.49 8.81 4.87
CA ASN A 10 -3.79 9.62 6.09
C ASN A 10 -3.96 8.74 7.34
N PRO B 1 -7.72 6.03 5.34
CA PRO B 1 -8.08 4.71 4.89
C PRO B 1 -6.92 3.73 4.93
N SER B 2 -7.14 2.58 5.56
CA SER B 2 -6.19 1.46 5.53
C SER B 2 -6.85 0.32 4.77
N ILE B 3 -6.34 0.01 3.59
CA ILE B 3 -6.94 -0.97 2.68
C ILE B 3 -5.87 -1.97 2.20
N GLU B 4 -6.29 -3.18 1.92
CA GLU B 4 -5.45 -4.21 1.41
C GLU B 4 -6.13 -4.87 0.21
N LEU B 5 -5.51 -4.76 -0.93
CA LEU B 5 -6.00 -5.35 -2.16
C LEU B 5 -5.34 -6.69 -2.34
N TRP B 6 -6.13 -7.72 -2.34
CA TRP B 6 -5.64 -9.09 -2.47
C TRP B 6 -5.42 -9.39 -3.93
N ILE B 7 -4.20 -9.67 -4.31
CA ILE B 7 -3.88 -9.85 -5.72
C ILE B 7 -3.76 -11.36 -6.04
N ASN B 8 -4.45 -11.78 -7.09
CA ASN B 8 -4.41 -13.15 -7.56
C ASN B 8 -3.31 -13.32 -8.62
N TYR B 9 -3.21 -14.52 -9.17
CA TYR B 9 -2.14 -14.91 -10.09
C TYR B 9 -2.16 -14.10 -11.42
N ASN B 10 -3.34 -13.61 -11.79
CA ASN B 10 -3.53 -12.85 -13.03
C ASN B 10 -3.46 -11.33 -12.80
N ASN B 11 -2.97 -10.93 -11.62
CA ASN B 11 -2.80 -9.51 -11.20
C ASN B 11 -4.14 -8.81 -10.94
N LYS B 12 -5.21 -9.57 -10.85
CA LYS B 12 -6.52 -9.00 -10.57
C LYS B 12 -6.73 -9.07 -9.08
N ILE B 13 -7.59 -8.26 -8.60
CA ILE B 13 -7.85 -8.19 -7.21
C ILE B 13 -8.99 -9.15 -6.82
N ALA B 14 -8.78 -9.89 -5.76
CA ALA B 14 -9.73 -10.84 -5.25
C ALA B 14 -10.76 -10.14 -4.41
N GLU B 15 -10.27 -9.38 -3.43
CA GLU B 15 -11.12 -8.63 -2.54
C GLU B 15 -10.34 -7.47 -1.97
N ALA B 16 -11.04 -6.48 -1.51
CA ALA B 16 -10.44 -5.35 -0.88
C ALA B 16 -10.80 -5.39 0.58
N LYS B 17 -9.81 -5.47 1.41
CA LYS B 17 -10.01 -5.56 2.81
C LYS B 17 -9.82 -4.18 3.42
N ALA B 18 -10.67 -3.83 4.31
CA ALA B 18 -10.55 -2.59 5.03
C ALA B 18 -10.08 -2.89 6.42
N LEU B 19 -9.04 -2.24 6.80
CA LEU B 19 -8.43 -2.43 8.08
C LEU B 19 -8.74 -1.26 9.00
N ASN B 20 -9.45 -0.30 8.47
CA ASN B 20 -9.87 0.85 9.25
C ASN B 20 -11.28 1.22 8.81
N GLY B 21 -12.08 1.76 9.73
CA GLY B 21 -13.50 2.06 9.48
C GLY B 21 -13.76 3.08 8.38
N ASP B 22 -12.84 4.00 8.21
CA ASP B 22 -12.94 5.04 7.20
C ASP B 22 -12.79 4.45 5.77
N ALA B 23 -12.05 3.36 5.70
CA ALA B 23 -11.78 2.63 4.50
C ALA B 23 -12.95 1.80 4.08
N GLU B 24 -13.72 1.32 5.08
CA GLU B 24 -14.96 0.57 4.84
C GLU B 24 -15.91 1.40 4.01
N THR B 25 -16.05 2.66 4.40
CA THR B 25 -16.89 3.62 3.72
C THR B 25 -16.39 3.91 2.29
N VAL B 26 -15.06 3.92 2.09
CA VAL B 26 -14.48 4.12 0.76
C VAL B 26 -14.79 2.93 -0.18
N LEU B 27 -14.58 1.69 0.32
CA LEU B 27 -14.73 0.45 -0.49
C LEU B 27 -16.13 0.25 -1.06
N GLU B 28 -17.15 0.65 -0.32
CA GLU B 28 -18.53 0.45 -0.72
C GLU B 28 -18.89 1.28 -1.94
N GLY B 29 -19.29 0.60 -3.00
CA GLY B 29 -19.70 1.27 -4.22
C GLY B 29 -18.61 1.28 -5.27
N LEU B 30 -17.42 0.84 -4.90
CA LEU B 30 -16.31 0.84 -5.82
C LEU B 30 -16.05 -0.55 -6.40
N GLU B 31 -15.74 -0.58 -7.68
CA GLU B 31 -15.30 -1.76 -8.38
C GLU B 31 -13.80 -1.81 -8.21
N LEU B 32 -13.35 -2.76 -7.45
CA LEU B 32 -11.96 -2.87 -7.15
C LEU B 32 -11.44 -4.27 -7.45
N LYS B 33 -12.31 -5.19 -7.85
CA LYS B 33 -11.91 -6.58 -8.05
C LYS B 33 -11.23 -6.76 -9.37
N GLU B 34 -11.89 -6.34 -10.39
CA GLU B 34 -11.40 -6.60 -11.71
C GLU B 34 -10.63 -5.40 -12.22
N LYS B 35 -9.83 -4.90 -11.35
CA LYS B 35 -8.96 -3.83 -11.59
C LYS B 35 -7.57 -4.32 -11.38
N THR B 36 -6.64 -3.53 -11.82
CA THR B 36 -5.29 -3.71 -11.47
C THR B 36 -5.04 -2.83 -10.22
N VAL B 37 -3.81 -2.77 -9.75
CA VAL B 37 -3.48 -1.99 -8.56
C VAL B 37 -3.78 -0.50 -8.78
N ALA B 38 -3.35 0.03 -9.93
CA ALA B 38 -3.55 1.44 -10.28
C ALA B 38 -5.00 1.79 -10.43
N GLU B 39 -5.76 0.87 -10.97
CA GLU B 39 -7.18 1.07 -11.14
C GLU B 39 -7.94 1.03 -9.82
N ALA B 40 -7.40 0.31 -8.85
CA ALA B 40 -7.96 0.30 -7.51
C ALA B 40 -7.60 1.58 -6.80
N VAL B 41 -6.31 1.99 -6.91
CA VAL B 41 -5.78 3.23 -6.32
C VAL B 41 -6.58 4.44 -6.80
N ASN B 42 -6.84 4.53 -8.10
CA ASN B 42 -7.64 5.61 -8.65
C ASN B 42 -9.07 5.67 -8.11
N GLU B 43 -9.73 4.52 -7.94
CA GLU B 43 -11.09 4.50 -7.34
C GLU B 43 -11.02 4.99 -5.88
N ILE B 44 -10.12 4.37 -5.10
CA ILE B 44 -9.95 4.63 -3.67
C ILE B 44 -9.59 6.09 -3.39
N VAL B 45 -8.53 6.58 -4.02
CA VAL B 45 -8.01 7.91 -3.78
C VAL B 45 -8.99 9.01 -4.23
N GLN B 46 -9.65 8.81 -5.37
CA GLN B 46 -10.61 9.80 -5.86
C GLN B 46 -11.85 9.86 -5.00
N LYS B 47 -12.29 8.72 -4.45
CA LYS B 47 -13.41 8.73 -3.54
C LYS B 47 -13.00 9.34 -2.18
N SER B 48 -11.78 9.05 -1.74
CA SER B 48 -11.22 9.63 -0.52
C SER B 48 -11.06 11.16 -0.65
N MET B 49 -10.89 11.63 -1.88
CA MET B 49 -10.74 13.04 -2.22
C MET B 49 -12.09 13.75 -2.03
N GLU B 50 -13.17 13.03 -2.32
CA GLU B 50 -14.54 13.55 -2.17
C GLU B 50 -14.92 13.68 -0.72
N LEU B 51 -14.58 12.66 0.06
CA LEU B 51 -14.90 12.63 1.48
C LEU B 51 -13.90 13.42 2.34
N GLY B 52 -12.84 13.92 1.73
CA GLY B 52 -11.89 14.79 2.42
C GLY B 52 -10.85 14.06 3.24
N PHE B 53 -10.54 12.83 2.87
CA PHE B 53 -9.48 12.06 3.53
C PHE B 53 -8.13 12.38 2.89
N ILE B 54 -8.20 12.96 1.71
CA ILE B 54 -7.04 13.36 0.97
C ILE B 54 -7.44 14.59 0.14
N SER B 55 -6.48 15.42 -0.20
CA SER B 55 -6.72 16.63 -0.92
C SER B 55 -5.59 16.84 -1.95
N ARG B 56 -5.93 17.44 -3.07
CA ARG B 56 -4.97 17.83 -4.09
C ARG B 56 -4.45 19.22 -3.81
N GLU B 57 -5.23 19.97 -3.03
CA GLU B 57 -4.86 21.33 -2.64
C GLU B 57 -3.76 21.33 -1.59
N LYS B 58 -3.75 20.28 -0.80
CA LYS B 58 -2.87 20.19 0.35
C LYS B 58 -1.92 19.03 0.15
N GLU B 59 -0.86 19.01 0.91
CA GLU B 59 0.11 17.95 0.83
C GLU B 59 -0.35 16.76 1.62
N ASN B 60 -0.43 15.67 0.93
CA ASN B 60 -0.94 14.43 1.49
C ASN B 60 0.02 13.31 1.28
N ILE B 61 -0.36 12.15 1.75
CA ILE B 61 0.47 11.01 1.64
C ILE B 61 -0.38 9.81 1.15
N ILE B 62 0.19 9.05 0.24
CA ILE B 62 -0.38 7.81 -0.27
C ILE B 62 0.73 6.79 -0.23
N LEU B 63 0.52 5.72 0.44
CA LEU B 63 1.49 4.69 0.49
C LEU B 63 0.98 3.46 -0.16
N ILE B 64 1.72 3.00 -1.12
CA ILE B 64 1.43 1.80 -1.82
C ILE B 64 2.51 0.79 -1.46
N SER B 65 2.18 -0.13 -0.61
CA SER B 65 3.09 -1.16 -0.21
C SER B 65 2.65 -2.45 -0.85
N THR B 66 3.53 -3.10 -1.51
CA THR B 66 3.19 -4.32 -2.18
C THR B 66 4.00 -5.45 -1.56
N ALA B 67 3.31 -6.51 -1.21
CA ALA B 67 3.92 -7.66 -0.63
C ALA B 67 3.65 -8.79 -1.54
N CYS B 68 4.67 -9.49 -1.89
CA CYS B 68 4.53 -10.61 -2.78
C CYS B 68 5.61 -11.60 -2.50
N ASP B 69 5.23 -12.83 -2.48
CA ASP B 69 6.20 -13.91 -2.35
C ASP B 69 6.18 -14.66 -3.63
N LEU B 70 7.32 -14.94 -4.18
CA LEU B 70 7.39 -15.50 -5.52
C LEU B 70 7.96 -16.91 -5.49
N LYS B 71 7.76 -17.61 -4.39
CA LYS B 71 8.30 -18.97 -4.20
C LYS B 71 7.24 -20.03 -4.58
N ALA B 72 6.20 -19.58 -5.28
CA ALA B 72 5.15 -20.45 -5.75
C ALA B 72 5.69 -21.34 -6.85
N GLY B 73 5.57 -22.63 -6.66
CA GLY B 73 6.05 -23.58 -7.61
C GLY B 73 5.03 -23.85 -8.66
N GLU B 74 4.35 -25.01 -8.53
CA GLU B 74 3.24 -25.46 -9.42
C GLU B 74 3.69 -25.55 -10.88
N GLY B 75 4.94 -25.81 -11.01
CA GLY B 75 5.64 -25.84 -12.23
C GLY B 75 7.03 -25.32 -11.97
N SER B 76 7.82 -25.19 -12.99
CA SER B 76 9.15 -24.67 -12.82
C SER B 76 9.49 -23.72 -13.96
N GLU B 77 9.09 -22.49 -13.77
CA GLU B 77 9.36 -21.45 -14.72
C GLU B 77 9.85 -20.26 -13.96
N ASN B 78 8.95 -19.74 -13.07
CA ASN B 78 9.15 -18.55 -12.16
C ASN B 78 9.22 -17.21 -12.94
N LYS B 79 9.84 -17.24 -14.11
CA LYS B 79 9.98 -16.12 -15.03
C LYS B 79 8.62 -15.66 -15.55
N ASP B 80 7.68 -16.58 -15.62
CA ASP B 80 6.28 -16.28 -15.98
C ASP B 80 5.63 -15.40 -14.89
N VAL B 81 5.97 -15.68 -13.64
CA VAL B 81 5.55 -14.91 -12.47
C VAL B 81 6.23 -13.53 -12.53
N GLN B 82 7.54 -13.51 -12.82
CA GLN B 82 8.34 -12.28 -12.90
C GLN B 82 7.86 -11.35 -14.00
N ASN B 83 7.38 -11.96 -15.08
CA ASN B 83 6.80 -11.28 -16.24
C ASN B 83 5.57 -10.47 -15.80
N LYS B 84 4.73 -11.10 -14.98
CA LYS B 84 3.55 -10.43 -14.43
C LYS B 84 3.90 -9.46 -13.32
N ILE B 85 5.00 -9.72 -12.63
CA ILE B 85 5.51 -8.85 -11.57
C ILE B 85 5.99 -7.51 -12.13
N GLY B 86 6.55 -7.53 -13.34
CA GLY B 86 7.01 -6.32 -13.98
C GLY B 86 5.83 -5.48 -14.41
N GLN B 87 4.80 -6.16 -14.88
CA GLN B 87 3.55 -5.52 -15.30
C GLN B 87 2.76 -5.00 -14.08
N LEU B 88 2.87 -5.72 -12.96
CA LEU B 88 2.22 -5.38 -11.70
C LEU B 88 2.83 -4.10 -11.14
N PHE B 89 4.15 -4.09 -11.04
CA PHE B 89 4.87 -2.93 -10.52
C PHE B 89 4.89 -1.75 -11.48
N ASP B 90 4.74 -2.04 -12.77
CA ASP B 90 4.58 -0.99 -13.80
C ASP B 90 3.33 -0.23 -13.50
N ASP B 91 2.27 -0.99 -13.30
CA ASP B 91 0.93 -0.53 -12.97
C ASP B 91 0.92 0.25 -11.64
N VAL B 92 1.58 -0.32 -10.61
CA VAL B 92 1.77 0.33 -9.28
C VAL B 92 2.39 1.75 -9.45
N ASN B 93 3.47 1.82 -10.21
CA ASN B 93 4.19 3.07 -10.41
C ASN B 93 3.44 4.07 -11.31
N LYS B 94 2.54 3.57 -12.19
CA LYS B 94 1.68 4.45 -13.01
C LYS B 94 0.75 5.24 -12.11
N ALA B 95 0.20 4.53 -11.11
CA ALA B 95 -0.69 5.11 -10.10
C ALA B 95 0.03 6.15 -9.29
N VAL B 96 1.28 5.84 -8.94
CA VAL B 96 2.14 6.74 -8.19
C VAL B 96 2.32 8.06 -8.94
N SER B 97 2.72 7.97 -10.20
CA SER B 97 2.98 9.13 -11.05
C SER B 97 1.70 10.01 -11.28
N ASP B 98 0.54 9.36 -11.30
CA ASP B 98 -0.73 10.07 -11.50
C ASP B 98 -1.21 10.76 -10.23
N LEU B 99 -1.05 10.11 -9.10
CA LEU B 99 -1.53 10.64 -7.85
C LEU B 99 -0.55 11.61 -7.14
N LYS B 100 0.76 11.39 -7.29
CA LYS B 100 1.77 12.28 -6.68
C LYS B 100 1.86 13.62 -7.41
N ASN B 101 1.30 13.64 -8.63
CA ASN B 101 1.24 14.77 -9.56
C ASN B 101 0.67 16.05 -8.87
N SER B 102 -0.22 15.87 -7.91
CA SER B 102 -0.87 16.97 -7.23
C SER B 102 -0.08 17.48 -6.00
N GLY B 103 1.17 17.04 -5.86
CA GLY B 103 1.98 17.45 -4.74
C GLY B 103 1.73 16.58 -3.54
N ILE B 104 1.52 15.32 -3.79
CA ILE B 104 1.20 14.35 -2.79
C ILE B 104 2.37 13.37 -2.69
N THR B 105 2.83 13.09 -1.48
CA THR B 105 3.93 12.17 -1.28
C THR B 105 3.42 10.72 -1.45
N THR B 106 3.76 10.11 -2.57
CA THR B 106 3.38 8.75 -2.81
C THR B 106 4.65 7.88 -2.80
N ARG B 107 4.65 6.89 -1.94
CA ARG B 107 5.78 5.98 -1.78
C ARG B 107 5.42 4.56 -2.19
N ILE B 108 6.40 3.83 -2.67
CA ILE B 108 6.25 2.42 -3.03
C ILE B 108 7.17 1.65 -2.10
N LEU B 109 6.61 0.81 -1.28
CA LEU B 109 7.40 -0.02 -0.40
C LEU B 109 7.20 -1.47 -0.75
N ASN B 110 8.24 -2.25 -0.59
CA ASN B 110 8.18 -3.64 -0.95
C ASN B 110 8.36 -4.50 0.24
N LEU B 111 7.54 -5.50 0.33
CA LEU B 111 7.53 -6.46 1.40
C LEU B 111 7.31 -7.82 0.76
N THR B 112 7.56 -8.89 1.47
CA THR B 112 7.18 -10.19 0.97
C THR B 112 5.92 -10.68 1.71
N LEU B 113 5.50 -11.90 1.45
CA LEU B 113 4.25 -12.42 2.03
C LEU B 113 4.35 -12.62 3.54
N GLU B 114 5.53 -12.91 4.03
CA GLU B 114 5.71 -13.12 5.45
C GLU B 114 5.64 -11.79 6.24
N GLU B 115 5.85 -10.66 5.56
CA GLU B 115 5.66 -9.34 6.17
C GLU B 115 4.18 -9.04 6.26
N ARG B 116 3.41 -9.57 5.30
CA ARG B 116 1.96 -9.44 5.30
C ARG B 116 1.41 -10.30 6.45
N GLU B 117 2.06 -11.43 6.73
CA GLU B 117 1.75 -12.28 7.88
C GLU B 117 2.02 -11.54 9.19
N SER B 118 3.19 -10.89 9.25
CA SER B 118 3.64 -10.14 10.44
C SER B 118 2.70 -8.95 10.75
N SER B 119 2.26 -8.24 9.70
CA SER B 119 1.35 -7.14 9.87
C SER B 119 -0.04 -7.64 10.29
N LYS B 120 -0.39 -8.84 9.85
CA LYS B 120 -1.66 -9.44 10.24
C LYS B 120 -1.66 -10.01 11.64
N GLU B 121 -0.47 -10.29 12.20
CA GLU B 121 -0.34 -10.70 13.61
C GLU B 121 -0.79 -9.55 14.50
N GLU B 122 -0.40 -8.35 14.10
CA GLU B 122 -0.77 -7.13 14.81
C GLU B 122 -2.01 -6.48 14.24
N ASN B 123 -2.65 -7.18 13.28
CA ASN B 123 -3.86 -6.75 12.51
C ASN B 123 -3.76 -5.31 11.95
N ILE B 124 -2.59 -4.97 11.47
CA ILE B 124 -2.30 -3.68 10.93
C ILE B 124 -2.08 -3.76 9.46
N SER B 125 -2.16 -2.63 8.83
CA SER B 125 -2.01 -2.55 7.42
C SER B 125 -0.55 -2.55 7.02
N MET B 126 -0.28 -3.09 5.84
CA MET B 126 1.07 -3.19 5.28
C MET B 126 1.72 -1.86 5.07
N GLY B 127 0.93 -0.81 4.86
CA GLY B 127 1.46 0.50 4.68
C GLY B 127 2.18 0.97 5.91
N ARG B 128 1.47 1.00 7.04
CA ARG B 128 2.07 1.45 8.30
C ARG B 128 3.22 0.51 8.77
N TYR B 129 3.10 -0.78 8.43
CA TYR B 129 4.12 -1.78 8.74
C TYR B 129 5.38 -1.57 7.86
N ALA B 130 5.21 -1.05 6.65
CA ALA B 130 6.31 -0.79 5.75
C ALA B 130 7.07 0.46 6.18
N VAL B 131 6.39 1.34 6.89
CA VAL B 131 7.05 2.53 7.44
C VAL B 131 7.88 2.10 8.66
N TYR B 132 7.36 1.09 9.38
CA TYR B 132 8.05 0.46 10.50
C TYR B 132 9.32 -0.25 10.01
N LEU B 133 9.21 -0.88 8.83
CA LEU B 133 10.31 -1.55 8.15
C LEU B 133 11.43 -0.53 7.91
N LYS B 134 11.05 0.63 7.32
CA LYS B 134 11.99 1.72 7.02
C LYS B 134 12.59 2.33 8.26
N ALA B 135 11.78 2.44 9.31
CA ALA B 135 12.20 2.98 10.60
C ALA B 135 13.36 2.20 11.14
N LYS B 136 13.21 0.88 11.13
CA LYS B 136 14.27 0.00 11.62
C LYS B 136 15.48 -0.03 10.68
N GLU B 137 15.27 0.18 9.38
CA GLU B 137 16.37 0.28 8.42
C GLU B 137 17.23 1.52 8.69
N GLN B 138 16.58 2.63 9.06
CA GLN B 138 17.28 3.88 9.39
C GLN B 138 17.72 3.90 10.88
N ASN B 139 17.32 2.85 11.63
CA ASN B 139 17.62 2.64 13.08
C ASN B 139 16.82 3.57 14.02
N VAL B 140 15.67 4.00 13.55
CA VAL B 140 14.77 4.81 14.36
C VAL B 140 13.83 3.80 15.02
N ASN B 141 13.90 3.68 16.32
CA ASN B 141 13.14 2.66 17.00
C ASN B 141 11.75 3.16 17.38
N LEU B 142 10.78 2.80 16.57
CA LEU B 142 9.40 3.01 16.90
C LEU B 142 8.81 1.67 17.24
N THR B 143 8.07 1.61 18.31
CA THR B 143 7.44 0.42 18.77
C THR B 143 6.22 0.11 17.85
N ILE B 144 5.84 -1.17 17.75
CA ILE B 144 4.67 -1.60 16.97
C ILE B 144 3.35 -0.92 17.45
N ASP B 145 3.26 -0.70 18.76
CA ASP B 145 2.11 -0.02 19.41
C ASP B 145 2.02 1.46 18.93
N GLU B 146 3.18 2.05 18.74
CA GLU B 146 3.33 3.42 18.24
C GLU B 146 2.90 3.47 16.75
N ILE B 147 3.38 2.49 15.99
CA ILE B 147 3.11 2.34 14.53
C ILE B 147 1.60 2.16 14.23
N LYS B 148 0.93 1.35 15.04
CA LYS B 148 -0.48 1.03 14.81
C LYS B 148 -1.41 2.20 15.09
N ASP B 149 -1.08 3.01 16.09
CA ASP B 149 -1.95 4.13 16.44
C ASP B 149 -1.54 5.45 15.82
N ALA B 150 -0.46 5.46 15.08
CA ALA B 150 -0.03 6.68 14.45
C ALA B 150 -0.64 6.87 13.09
N ASP B 151 -0.84 8.12 12.76
CA ASP B 151 -1.30 8.58 11.46
C ASP B 151 -0.17 8.32 10.43
N LEU B 152 -0.52 8.01 9.19
CA LEU B 152 0.48 7.64 8.18
C LEU B 152 1.27 8.86 7.72
N LEU B 153 0.66 10.03 7.77
CA LEU B 153 1.33 11.24 7.36
C LEU B 153 2.37 11.58 8.44
N GLU B 154 2.04 11.32 9.72
CA GLU B 154 3.00 11.39 10.80
C GLU B 154 4.17 10.47 10.55
N LEU B 155 3.87 9.20 10.33
CA LEU B 155 4.86 8.15 10.11
C LEU B 155 5.79 8.46 8.92
N ILE B 156 5.23 8.73 7.77
CA ILE B 156 6.04 8.97 6.60
C ILE B 156 6.78 10.30 6.59
N ALA B 157 6.19 11.38 7.10
CA ALA B 157 6.90 12.68 7.16
C ALA B 157 8.16 12.60 8.05
N LYS B 158 8.10 11.86 9.15
CA LYS B 158 9.26 11.74 10.04
C LYS B 158 10.32 10.78 9.45
N LEU B 159 9.90 9.93 8.51
CA LEU B 159 10.79 8.99 7.80
C LEU B 159 11.44 9.64 6.55
N GLU B 160 10.65 10.42 5.80
CA GLU B 160 11.11 11.14 4.58
C GLU B 160 12.06 12.25 4.93
N HIS B 161 11.84 12.86 6.07
CA HIS B 161 12.68 13.94 6.51
C HIS B 161 13.76 13.42 7.44
N HIS B 162 13.93 12.10 7.50
CA HIS B 162 14.96 11.53 8.33
C HIS B 162 16.17 11.19 7.48
N HIS B 163 16.97 12.17 7.28
CA HIS B 163 18.27 11.98 6.69
C HIS B 163 19.25 12.52 7.71
N HIS B 164 18.85 13.65 8.30
CA HIS B 164 19.50 14.34 9.40
C HIS B 164 20.86 14.96 9.05
N HIS B 165 20.82 16.24 8.80
CA HIS B 165 22.02 17.02 8.60
C HIS B 165 22.45 17.57 9.96
N HIS B 166 23.73 17.73 10.15
CA HIS B 166 24.27 18.25 11.38
C HIS B 166 25.63 18.85 11.05
N MET A 1 0.45 -15.96 -1.86
CA MET A 1 0.31 -16.70 -3.11
C MET A 1 0.90 -15.94 -4.28
N TYR A 2 0.46 -14.72 -4.46
CA TYR A 2 0.97 -13.89 -5.52
C TYR A 2 1.40 -12.53 -4.93
N ALA A 3 0.44 -11.61 -4.73
CA ALA A 3 0.76 -10.30 -4.21
C ALA A 3 -0.40 -9.73 -3.44
N TYR A 4 -0.09 -8.92 -2.46
CA TYR A 4 -1.05 -8.25 -1.62
C TYR A 4 -0.60 -6.81 -1.51
N VAL A 5 -1.43 -5.91 -1.94
CA VAL A 5 -1.10 -4.49 -1.98
C VAL A 5 -1.80 -3.77 -0.84
N GLY A 6 -1.03 -3.06 -0.03
CA GLY A 6 -1.58 -2.35 1.08
C GLY A 6 -1.58 -0.88 0.83
N ILE A 7 -2.74 -0.29 0.87
CA ILE A 7 -2.90 1.12 0.61
C ILE A 7 -3.19 1.81 1.92
N ASP A 8 -2.28 2.63 2.33
CA ASP A 8 -2.49 3.46 3.47
C ASP A 8 -2.49 4.88 3.04
N ILE A 9 -3.47 5.58 3.48
CA ILE A 9 -3.63 7.01 3.28
C ILE A 9 -4.27 7.46 4.57
N ASN A 10 -3.51 8.13 5.44
CA ASN A 10 -4.01 8.57 6.78
C ASN A 10 -4.15 7.41 7.77
N PRO B 1 -7.40 5.83 6.24
CA PRO B 1 -7.89 4.53 5.88
C PRO B 1 -6.74 3.55 5.51
N SER B 2 -7.02 2.25 5.72
CA SER B 2 -6.10 1.13 5.46
C SER B 2 -6.81 0.06 4.61
N ILE B 3 -6.36 -0.11 3.38
CA ILE B 3 -6.98 -1.04 2.41
C ILE B 3 -5.94 -2.13 2.00
N GLU B 4 -6.42 -3.29 1.61
CA GLU B 4 -5.62 -4.42 1.19
C GLU B 4 -6.23 -5.04 -0.07
N LEU B 5 -5.48 -5.04 -1.14
CA LEU B 5 -5.90 -5.61 -2.40
C LEU B 5 -5.22 -6.94 -2.61
N TRP B 6 -6.00 -7.98 -2.68
CA TRP B 6 -5.50 -9.33 -2.93
C TRP B 6 -5.32 -9.50 -4.42
N ILE B 7 -4.10 -9.65 -4.87
CA ILE B 7 -3.83 -9.77 -6.29
C ILE B 7 -3.61 -11.24 -6.60
N ASN B 8 -4.29 -11.72 -7.60
CA ASN B 8 -4.22 -13.11 -8.00
C ASN B 8 -3.32 -13.29 -9.24
N TYR B 9 -3.32 -14.50 -9.80
CA TYR B 9 -2.42 -14.86 -10.91
C TYR B 9 -2.93 -14.39 -12.28
N ASN B 10 -4.08 -13.72 -12.29
CA ASN B 10 -4.61 -13.15 -13.51
C ASN B 10 -4.24 -11.64 -13.54
N ASN B 11 -3.56 -11.21 -12.43
CA ASN B 11 -3.09 -9.80 -12.17
C ASN B 11 -4.30 -8.91 -11.79
N LYS B 12 -5.40 -9.58 -11.51
CA LYS B 12 -6.63 -9.00 -11.10
C LYS B 12 -6.72 -9.02 -9.60
N ILE B 13 -7.58 -8.23 -9.08
CA ILE B 13 -7.79 -8.21 -7.69
C ILE B 13 -8.90 -9.22 -7.35
N ALA B 14 -8.62 -10.07 -6.41
CA ALA B 14 -9.55 -11.09 -6.00
C ALA B 14 -10.61 -10.48 -5.11
N GLU B 15 -10.15 -9.73 -4.11
CA GLU B 15 -11.01 -9.08 -3.17
C GLU B 15 -10.29 -7.90 -2.54
N ALA B 16 -11.05 -6.91 -2.13
CA ALA B 16 -10.54 -5.75 -1.48
C ALA B 16 -10.95 -5.78 -0.04
N LYS B 17 -10.01 -5.65 0.84
CA LYS B 17 -10.25 -5.69 2.24
C LYS B 17 -9.88 -4.40 2.88
N ALA B 18 -10.48 -4.14 3.99
CA ALA B 18 -10.20 -2.98 4.77
C ALA B 18 -9.74 -3.38 6.14
N LEU B 19 -8.75 -2.70 6.63
CA LEU B 19 -8.19 -2.96 7.95
C LEU B 19 -8.52 -1.81 8.88
N ASN B 20 -9.26 -0.89 8.36
CA ASN B 20 -9.67 0.28 9.04
C ASN B 20 -11.16 0.53 8.74
N GLY B 21 -11.89 1.05 9.71
CA GLY B 21 -13.33 1.32 9.57
C GLY B 21 -13.67 2.38 8.54
N ASP B 22 -12.80 3.38 8.42
CA ASP B 22 -12.97 4.47 7.43
C ASP B 22 -12.66 3.96 6.04
N ALA B 23 -11.90 2.89 5.98
CA ALA B 23 -11.55 2.25 4.73
C ALA B 23 -12.70 1.40 4.23
N GLU B 24 -13.53 0.91 5.16
CA GLU B 24 -14.73 0.16 4.82
C GLU B 24 -15.69 1.08 4.08
N THR B 25 -15.77 2.33 4.58
CA THR B 25 -16.54 3.39 4.00
C THR B 25 -16.04 3.72 2.57
N VAL B 26 -14.73 3.64 2.36
CA VAL B 26 -14.14 3.88 1.04
C VAL B 26 -14.47 2.73 0.06
N LEU B 27 -14.38 1.47 0.54
CA LEU B 27 -14.64 0.26 -0.31
C LEU B 27 -16.06 0.25 -0.87
N GLU B 28 -17.02 0.69 -0.06
CA GLU B 28 -18.43 0.74 -0.40
C GLU B 28 -18.69 1.63 -1.60
N GLY B 29 -19.35 1.09 -2.59
CA GLY B 29 -19.68 1.86 -3.78
C GLY B 29 -18.66 1.68 -4.87
N LEU B 30 -17.49 1.21 -4.52
CA LEU B 30 -16.43 1.03 -5.48
C LEU B 30 -16.28 -0.43 -5.82
N GLU B 31 -16.07 -0.69 -7.07
CA GLU B 31 -15.71 -2.00 -7.49
C GLU B 31 -14.22 -1.99 -7.60
N LEU B 32 -13.59 -2.90 -6.94
CA LEU B 32 -12.15 -2.93 -6.89
C LEU B 32 -11.59 -4.28 -7.29
N LYS B 33 -12.44 -5.24 -7.64
CA LYS B 33 -11.96 -6.59 -7.97
C LYS B 33 -11.42 -6.67 -9.41
N GLU B 34 -12.22 -6.31 -10.38
CA GLU B 34 -11.76 -6.33 -11.76
C GLU B 34 -11.22 -5.03 -12.26
N LYS B 35 -10.41 -4.47 -11.43
CA LYS B 35 -9.69 -3.28 -11.68
C LYS B 35 -8.24 -3.70 -11.62
N THR B 36 -7.39 -2.94 -12.21
CA THR B 36 -5.97 -3.16 -12.02
C THR B 36 -5.57 -2.45 -10.72
N VAL B 37 -4.33 -2.58 -10.30
CA VAL B 37 -3.89 -1.99 -9.03
C VAL B 37 -3.94 -0.47 -9.12
N ALA B 38 -3.53 0.06 -10.26
CA ALA B 38 -3.55 1.50 -10.53
C ALA B 38 -4.96 2.05 -10.53
N GLU B 39 -5.90 1.28 -11.08
CA GLU B 39 -7.29 1.67 -11.11
C GLU B 39 -7.89 1.63 -9.72
N ALA B 40 -7.50 0.63 -8.92
CA ALA B 40 -7.94 0.50 -7.53
C ALA B 40 -7.45 1.68 -6.72
N VAL B 41 -6.16 2.03 -6.88
CA VAL B 41 -5.56 3.19 -6.22
C VAL B 41 -6.33 4.45 -6.59
N ASN B 42 -6.61 4.60 -7.89
CA ASN B 42 -7.37 5.74 -8.43
C ASN B 42 -8.76 5.85 -7.77
N GLU B 43 -9.52 4.73 -7.72
CA GLU B 43 -10.88 4.70 -7.13
C GLU B 43 -10.82 5.06 -5.63
N ILE B 44 -9.87 4.43 -4.90
CA ILE B 44 -9.68 4.63 -3.46
C ILE B 44 -9.28 6.08 -3.15
N VAL B 45 -8.26 6.60 -3.85
CA VAL B 45 -7.77 7.97 -3.62
C VAL B 45 -8.83 9.00 -3.97
N GLN B 46 -9.54 8.80 -5.08
CA GLN B 46 -10.59 9.72 -5.49
C GLN B 46 -11.76 9.75 -4.53
N LYS B 47 -12.15 8.59 -3.97
CA LYS B 47 -13.25 8.57 -3.04
C LYS B 47 -12.81 9.09 -1.66
N SER B 48 -11.57 8.80 -1.28
CA SER B 48 -11.01 9.32 -0.04
C SER B 48 -10.89 10.86 -0.11
N MET B 49 -10.70 11.37 -1.32
CA MET B 49 -10.62 12.79 -1.59
C MET B 49 -12.02 13.44 -1.50
N GLU B 50 -13.06 12.66 -1.86
CA GLU B 50 -14.46 13.10 -1.74
C GLU B 50 -14.85 13.30 -0.29
N LEU B 51 -14.47 12.33 0.53
CA LEU B 51 -14.79 12.34 1.94
C LEU B 51 -13.88 13.25 2.78
N GLY B 52 -12.70 13.54 2.27
CA GLY B 52 -11.81 14.48 2.97
C GLY B 52 -10.70 13.80 3.75
N PHE B 53 -10.31 12.62 3.34
CA PHE B 53 -9.18 11.92 3.97
C PHE B 53 -7.89 12.30 3.27
N ILE B 54 -8.01 12.81 2.06
CA ILE B 54 -6.90 13.24 1.27
C ILE B 54 -7.36 14.41 0.40
N SER B 55 -6.46 15.30 0.08
CA SER B 55 -6.74 16.46 -0.71
C SER B 55 -5.78 16.50 -1.89
N ARG B 56 -6.25 17.06 -2.98
CA ARG B 56 -5.46 17.21 -4.18
C ARG B 56 -4.76 18.57 -4.16
N GLU B 57 -5.24 19.44 -3.29
CA GLU B 57 -4.73 20.79 -3.16
C GLU B 57 -3.62 20.86 -2.12
N LYS B 58 -3.62 19.92 -1.21
CA LYS B 58 -2.66 19.93 -0.11
C LYS B 58 -1.70 18.78 -0.21
N GLU B 59 -0.61 18.90 0.53
CA GLU B 59 0.42 17.87 0.61
C GLU B 59 -0.11 16.71 1.40
N ASN B 60 -0.23 15.61 0.75
CA ASN B 60 -0.74 14.41 1.35
C ASN B 60 0.19 13.28 1.11
N ILE B 61 -0.12 12.13 1.61
CA ILE B 61 0.74 11.01 1.49
C ILE B 61 -0.14 9.80 1.07
N ILE B 62 0.36 9.05 0.14
CA ILE B 62 -0.26 7.83 -0.35
C ILE B 62 0.81 6.77 -0.30
N LEU B 63 0.58 5.74 0.42
CA LEU B 63 1.53 4.69 0.48
C LEU B 63 0.98 3.43 -0.10
N ILE B 64 1.70 2.90 -1.03
CA ILE B 64 1.38 1.70 -1.69
C ILE B 64 2.45 0.68 -1.36
N SER B 65 2.11 -0.28 -0.57
CA SER B 65 3.02 -1.33 -0.23
C SER B 65 2.64 -2.56 -1.00
N THR B 66 3.60 -3.35 -1.33
CA THR B 66 3.38 -4.55 -2.05
C THR B 66 4.12 -5.68 -1.34
N ALA B 67 3.43 -6.74 -1.07
CA ALA B 67 4.02 -7.91 -0.48
C ALA B 67 3.79 -9.01 -1.44
N CYS B 68 4.81 -9.74 -1.79
CA CYS B 68 4.66 -10.76 -2.76
C CYS B 68 5.57 -11.92 -2.50
N ASP B 69 4.98 -13.08 -2.47
CA ASP B 69 5.69 -14.33 -2.44
C ASP B 69 5.33 -15.03 -3.71
N LEU B 70 6.25 -15.71 -4.32
CA LEU B 70 5.89 -16.40 -5.54
C LEU B 70 5.87 -17.91 -5.35
N LYS B 71 6.97 -18.61 -5.74
CA LYS B 71 7.08 -20.13 -5.69
C LYS B 71 5.97 -20.79 -6.53
N ALA B 72 5.61 -20.13 -7.61
CA ALA B 72 4.52 -20.55 -8.42
C ALA B 72 5.03 -21.30 -9.65
N GLY B 73 5.01 -22.59 -9.54
CA GLY B 73 5.34 -23.46 -10.63
C GLY B 73 4.16 -24.35 -10.88
N GLU B 74 3.01 -23.71 -11.09
CA GLU B 74 1.75 -24.38 -11.21
C GLU B 74 1.57 -24.97 -12.61
N GLY B 75 1.32 -24.12 -13.57
CA GLY B 75 1.13 -24.55 -14.94
C GLY B 75 2.26 -24.08 -15.83
N SER B 76 3.10 -23.23 -15.27
CA SER B 76 4.24 -22.68 -15.92
C SER B 76 5.25 -22.42 -14.82
N GLU B 77 6.39 -21.87 -15.14
CA GLU B 77 7.42 -21.61 -14.17
C GLU B 77 7.19 -20.21 -13.56
N ASN B 78 8.07 -19.81 -12.66
CA ASN B 78 8.06 -18.52 -11.97
C ASN B 78 8.39 -17.38 -12.91
N LYS B 79 8.97 -17.72 -14.04
CA LYS B 79 9.42 -16.76 -15.06
C LYS B 79 8.22 -16.01 -15.67
N ASP B 80 7.15 -16.75 -16.00
CA ASP B 80 5.90 -16.18 -16.54
C ASP B 80 5.18 -15.34 -15.48
N VAL B 81 5.34 -15.77 -14.24
CA VAL B 81 4.78 -15.11 -13.08
C VAL B 81 5.49 -13.75 -12.86
N GLN B 82 6.83 -13.76 -12.97
CA GLN B 82 7.67 -12.56 -12.81
C GLN B 82 7.39 -11.53 -13.91
N ASN B 83 7.03 -12.01 -15.10
CA ASN B 83 6.61 -11.15 -16.22
C ASN B 83 5.37 -10.35 -15.85
N LYS B 84 4.44 -10.98 -15.16
CA LYS B 84 3.25 -10.29 -14.66
C LYS B 84 3.58 -9.41 -13.46
N ILE B 85 4.57 -9.80 -12.66
CA ILE B 85 5.04 -9.01 -11.50
C ILE B 85 5.68 -7.68 -11.95
N GLY B 86 6.33 -7.69 -13.12
CA GLY B 86 6.94 -6.49 -13.65
C GLY B 86 5.89 -5.54 -14.16
N GLN B 87 4.82 -6.11 -14.71
CA GLN B 87 3.69 -5.35 -15.21
C GLN B 87 2.83 -4.85 -14.05
N LEU B 88 2.90 -5.56 -12.93
CA LEU B 88 2.19 -5.23 -11.70
C LEU B 88 2.80 -3.98 -11.09
N PHE B 89 4.14 -3.97 -10.94
CA PHE B 89 4.87 -2.82 -10.40
C PHE B 89 4.79 -1.63 -11.33
N ASP B 90 4.76 -1.91 -12.63
CA ASP B 90 4.60 -0.88 -13.68
C ASP B 90 3.26 -0.17 -13.49
N ASP B 91 2.22 -0.98 -13.30
CA ASP B 91 0.83 -0.54 -13.09
C ASP B 91 0.72 0.28 -11.80
N VAL B 92 1.32 -0.24 -10.72
CA VAL B 92 1.41 0.46 -9.41
C VAL B 92 2.03 1.86 -9.58
N ASN B 93 3.13 1.91 -10.33
CA ASN B 93 3.88 3.16 -10.52
C ASN B 93 3.16 4.16 -11.44
N LYS B 94 2.20 3.67 -12.23
CA LYS B 94 1.37 4.53 -13.07
C LYS B 94 0.49 5.39 -12.19
N ALA B 95 -0.12 4.74 -11.19
CA ALA B 95 -0.99 5.41 -10.22
C ALA B 95 -0.17 6.34 -9.34
N VAL B 96 1.06 5.92 -9.01
CA VAL B 96 1.98 6.72 -8.20
C VAL B 96 2.27 8.05 -8.89
N SER B 97 2.73 7.97 -10.14
CA SER B 97 3.11 9.14 -10.91
C SER B 97 1.92 10.07 -11.19
N ASP B 98 0.76 9.46 -11.43
CA ASP B 98 -0.47 10.20 -11.71
C ASP B 98 -0.91 11.01 -10.48
N LEU B 99 -1.01 10.34 -9.35
CA LEU B 99 -1.49 10.96 -8.12
C LEU B 99 -0.48 11.90 -7.44
N LYS B 100 0.84 11.58 -7.50
CA LYS B 100 1.87 12.37 -6.79
C LYS B 100 2.08 13.78 -7.36
N ASN B 101 1.68 13.98 -8.61
CA ASN B 101 1.83 15.28 -9.28
C ASN B 101 0.84 16.35 -8.80
N SER B 102 0.00 15.99 -7.83
CA SER B 102 -0.92 16.91 -7.21
C SER B 102 -0.25 17.59 -5.97
N GLY B 103 1.04 17.29 -5.76
CA GLY B 103 1.74 17.80 -4.59
C GLY B 103 1.61 16.80 -3.45
N ILE B 104 1.52 15.55 -3.84
CA ILE B 104 1.29 14.47 -2.93
C ILE B 104 2.51 13.56 -2.92
N THR B 105 2.89 13.14 -1.77
CA THR B 105 3.98 12.25 -1.58
C THR B 105 3.46 10.81 -1.74
N THR B 106 3.76 10.17 -2.84
CA THR B 106 3.34 8.81 -3.05
C THR B 106 4.56 7.90 -3.06
N ARG B 107 4.54 6.95 -2.17
CA ARG B 107 5.66 6.10 -1.93
C ARG B 107 5.28 4.63 -2.21
N ILE B 108 6.22 3.84 -2.69
CA ILE B 108 6.01 2.41 -2.91
C ILE B 108 6.94 1.65 -1.97
N LEU B 109 6.41 0.81 -1.14
CA LEU B 109 7.21 0.00 -0.25
C LEU B 109 7.09 -1.46 -0.64
N ASN B 110 8.11 -2.22 -0.34
CA ASN B 110 8.16 -3.63 -0.71
C ASN B 110 8.32 -4.47 0.53
N LEU B 111 7.49 -5.46 0.64
CA LEU B 111 7.47 -6.39 1.75
C LEU B 111 7.40 -7.80 1.20
N THR B 112 7.70 -8.75 2.02
CA THR B 112 7.56 -10.14 1.66
C THR B 112 6.27 -10.69 2.29
N LEU B 113 5.96 -11.98 2.07
CA LEU B 113 4.72 -12.56 2.61
C LEU B 113 4.78 -12.70 4.12
N GLU B 114 5.95 -12.94 4.62
CA GLU B 114 6.20 -13.05 6.03
C GLU B 114 5.99 -11.70 6.76
N GLU B 115 6.20 -10.59 6.04
CA GLU B 115 5.92 -9.25 6.56
C GLU B 115 4.43 -8.96 6.48
N ARG B 116 3.82 -9.54 5.46
CA ARG B 116 2.38 -9.48 5.23
C ARG B 116 1.67 -10.19 6.39
N GLU B 117 2.19 -11.34 6.80
CA GLU B 117 1.66 -12.09 7.92
C GLU B 117 1.80 -11.31 9.20
N SER B 118 2.99 -10.77 9.43
CA SER B 118 3.33 -10.04 10.65
C SER B 118 2.46 -8.77 10.84
N SER B 119 2.07 -8.10 9.73
CA SER B 119 1.23 -6.94 9.84
C SER B 119 -0.20 -7.31 10.23
N LYS B 120 -0.65 -8.49 9.77
CA LYS B 120 -1.98 -9.01 10.09
C LYS B 120 -2.06 -9.47 11.56
N GLU B 121 -0.91 -9.89 12.11
CA GLU B 121 -0.80 -10.28 13.52
C GLU B 121 -0.92 -9.05 14.41
N GLU B 122 -0.36 -7.94 13.93
CA GLU B 122 -0.43 -6.65 14.63
C GLU B 122 -1.73 -5.91 14.28
N ASN B 123 -2.54 -6.57 13.42
CA ASN B 123 -3.86 -6.13 12.89
C ASN B 123 -3.84 -4.75 12.21
N ILE B 124 -2.68 -4.42 11.67
CA ILE B 124 -2.46 -3.20 10.96
C ILE B 124 -2.17 -3.50 9.52
N SER B 125 -2.19 -2.50 8.72
CA SER B 125 -1.99 -2.65 7.34
C SER B 125 -0.52 -2.66 6.97
N MET B 126 -0.27 -3.28 5.83
CA MET B 126 1.06 -3.46 5.27
C MET B 126 1.76 -2.17 4.96
N GLY B 127 0.99 -1.10 4.68
CA GLY B 127 1.55 0.18 4.36
C GLY B 127 2.26 0.77 5.56
N ARG B 128 1.51 0.98 6.62
CA ARG B 128 2.07 1.54 7.85
C ARG B 128 3.13 0.62 8.50
N TYR B 129 2.97 -0.71 8.33
CA TYR B 129 3.94 -1.67 8.81
C TYR B 129 5.26 -1.58 8.01
N ALA B 130 5.16 -1.16 6.76
CA ALA B 130 6.33 -0.98 5.91
C ALA B 130 7.12 0.26 6.33
N VAL B 131 6.44 1.22 6.96
CA VAL B 131 7.09 2.41 7.52
C VAL B 131 7.84 2.00 8.80
N TYR B 132 7.37 0.94 9.44
CA TYR B 132 8.01 0.35 10.59
C TYR B 132 9.29 -0.39 10.16
N LEU B 133 9.26 -0.98 8.94
CA LEU B 133 10.48 -1.54 8.36
C LEU B 133 11.48 -0.44 8.06
N LYS B 134 10.97 0.69 7.50
CA LYS B 134 11.78 1.89 7.22
C LYS B 134 12.45 2.41 8.48
N ALA B 135 11.71 2.38 9.61
CA ALA B 135 12.21 2.78 10.92
C ALA B 135 13.41 1.96 11.33
N LYS B 136 13.29 0.66 11.27
CA LYS B 136 14.37 -0.22 11.67
C LYS B 136 15.57 -0.19 10.69
N GLU B 137 15.30 0.09 9.41
CA GLU B 137 16.37 0.22 8.40
C GLU B 137 17.17 1.52 8.59
N GLN B 138 16.50 2.59 9.03
CA GLN B 138 17.17 3.86 9.29
C GLN B 138 17.66 3.95 10.75
N ASN B 139 17.38 2.89 11.53
CA ASN B 139 17.76 2.74 12.95
C ASN B 139 17.01 3.77 13.86
N VAL B 140 15.73 3.92 13.62
CA VAL B 140 14.85 4.77 14.40
C VAL B 140 13.93 3.83 15.17
N ASN B 141 13.72 4.07 16.44
CA ASN B 141 12.88 3.19 17.24
C ASN B 141 11.46 3.69 17.41
N LEU B 142 10.59 3.23 16.53
CA LEU B 142 9.16 3.45 16.66
C LEU B 142 8.55 2.15 17.12
N THR B 143 7.50 2.21 17.87
CA THR B 143 6.83 1.01 18.33
C THR B 143 5.66 0.70 17.42
N ILE B 144 5.07 -0.48 17.55
CA ILE B 144 3.86 -0.82 16.80
C ILE B 144 2.69 0.04 17.31
N ASP B 145 2.76 0.42 18.60
CA ASP B 145 1.79 1.35 19.22
C ASP B 145 1.78 2.69 18.49
N GLU B 146 2.97 3.14 18.12
CA GLU B 146 3.18 4.37 17.39
C GLU B 146 2.62 4.23 15.96
N ILE B 147 2.98 3.14 15.31
CA ILE B 147 2.60 2.83 13.92
C ILE B 147 1.04 2.68 13.75
N LYS B 148 0.40 2.06 14.73
CA LYS B 148 -1.03 1.80 14.67
C LYS B 148 -1.86 3.07 15.00
N ASP B 149 -1.32 3.96 15.84
CA ASP B 149 -2.11 5.07 16.38
C ASP B 149 -1.87 6.39 15.65
N ALA B 150 -0.72 6.54 15.02
CA ALA B 150 -0.41 7.79 14.33
C ALA B 150 -0.88 7.80 12.88
N ASP B 151 -1.04 9.01 12.35
CA ASP B 151 -1.43 9.26 10.96
C ASP B 151 -0.25 8.89 10.07
N LEU B 152 -0.54 8.38 8.88
CA LEU B 152 0.50 8.01 7.92
C LEU B 152 1.35 9.22 7.48
N LEU B 153 0.75 10.45 7.52
CA LEU B 153 1.49 11.69 7.24
C LEU B 153 2.66 11.78 8.17
N GLU B 154 2.37 11.67 9.46
CA GLU B 154 3.35 11.80 10.52
C GLU B 154 4.36 10.68 10.52
N LEU B 155 3.92 9.47 10.17
CA LEU B 155 4.80 8.31 10.08
C LEU B 155 5.89 8.53 9.02
N ILE B 156 5.48 8.80 7.78
CA ILE B 156 6.43 9.02 6.69
C ILE B 156 7.19 10.36 6.81
N ALA B 157 6.52 11.39 7.34
CA ALA B 157 7.17 12.69 7.61
C ALA B 157 8.39 12.54 8.51
N LYS B 158 8.26 11.90 9.68
CA LYS B 158 9.41 11.77 10.60
C LYS B 158 10.46 10.79 10.09
N LEU B 159 10.06 9.85 9.26
CA LEU B 159 10.97 8.90 8.66
C LEU B 159 11.81 9.55 7.57
N GLU B 160 11.19 10.36 6.77
CA GLU B 160 11.90 11.00 5.68
C GLU B 160 12.57 12.28 6.10
N HIS B 161 12.14 12.86 7.21
CA HIS B 161 12.84 14.04 7.80
C HIS B 161 13.94 13.56 8.75
N HIS B 162 14.07 12.23 8.88
CA HIS B 162 15.19 11.60 9.59
C HIS B 162 16.41 11.65 8.66
N HIS B 163 16.14 11.81 7.36
CA HIS B 163 17.16 12.02 6.35
C HIS B 163 17.56 13.46 6.49
N HIS B 164 18.84 13.69 6.70
CA HIS B 164 19.37 15.06 6.90
C HIS B 164 19.11 15.97 5.70
N HIS B 165 18.46 17.10 5.96
CA HIS B 165 18.09 18.07 4.93
C HIS B 165 19.30 18.82 4.43
N HIS B 166 19.50 18.75 3.11
CA HIS B 166 20.66 19.30 2.40
C HIS B 166 21.92 18.56 2.85
#